data_8YEH
#
_entry.id   8YEH
#
loop_
_entity.id
_entity.type
_entity.pdbx_description
1 polymer 'heavy chain of F5-196'
2 polymer 'light chain of F5-196'
3 polymer 'Major capsid protein L1'
#
loop_
_entity_poly.entity_id
_entity_poly.type
_entity_poly.pdbx_seq_one_letter_code
_entity_poly.pdbx_strand_id
1 'polypeptide(L)'
;QVQLVQSGAEVKKPGSSVKVSCKASGGTFNSYATGWVRQAPGQGLEWMGVIVPIFGTEDYPQRFQGRVTITADESTATAY
MELRSLRSDDTAVYYCARSRLGSSSWFLFEYWGQGTLVTVSS
;
A,C,D,E,G
2 'polypeptide(L)'
;DIQMTQSPSSLSASVGDRVTITCRASDMISNYLNWYQHKPGEAPKLLIYSASSLQTGVPSRFSGSGSGTDFTLTINNLQP
EDFATYYCQQSYITRLSFGGGTKVEIK
;
B,H,I,J,K
3 'polypeptide(L)'
;KVVSTDEYVARTNIYYHAGTSRLLAVGHPYFPIKKPNNNKILVPKVSGLQYRVFRIHLPDPNKFGFPDTSFYNPDTQRLV
WACVGVEVGRGQPLGVGISGHPLLNKLDDTENASAYAANAGVDNRECISMDYKQTQLCLIGCKPPIGEHWGKGSPCTNVA
VNPGDCPPLELINTVIQDGDMVDTGFGAMDFTTLQANKSEVPLDICTSICKYPDYIKMVSEPYGDSLFFYLRREQMFVRH
LFNRAGAVGDNVPDDLYIKGSGSTANLASSNYFPTPSGSMVTSDAQIFNKPYWLQRAQGHNNGICWGNQLFVTVVDTTRS
TNMSLCAAISTSETTYKNTNFKEYLRHGEEYDLQFIFQLCKITLTADVMTYIHSMNSTILEDWNFGLQPPPGGTLEDTYR
FVTSQAIACQKHTPPAPKEDPLKKYTFWEVNLKEKFSADLDQFPLGRKFLLQA
;
F,L,M,N,O
#
# COMPACT_ATOMS: atom_id res chain seq x y z
N GLN A 1 -36.07 34.88 -14.17
CA GLN A 1 -34.79 34.16 -14.15
C GLN A 1 -33.93 34.57 -15.34
N VAL A 2 -33.12 33.63 -15.82
CA VAL A 2 -32.21 33.87 -16.93
C VAL A 2 -32.95 33.71 -18.24
N GLN A 3 -32.67 34.61 -19.19
CA GLN A 3 -33.29 34.58 -20.50
C GLN A 3 -32.20 34.68 -21.57
N LEU A 4 -32.34 33.87 -22.61
CA LEU A 4 -31.41 33.89 -23.74
C LEU A 4 -32.00 34.75 -24.85
N VAL A 5 -31.20 35.69 -25.35
CA VAL A 5 -31.62 36.63 -26.38
C VAL A 5 -30.77 36.39 -27.62
N GLN A 6 -31.42 36.28 -28.77
CA GLN A 6 -30.76 36.01 -30.04
C GLN A 6 -30.80 37.25 -30.93
N SER A 7 -29.96 37.25 -31.95
CA SER A 7 -29.86 38.38 -32.87
C SER A 7 -31.07 38.39 -33.81
N GLY A 8 -31.09 39.37 -34.71
CA GLY A 8 -32.22 39.57 -35.59
C GLY A 8 -32.20 38.71 -36.83
N ALA A 9 -33.24 38.86 -37.63
CA ALA A 9 -33.39 38.09 -38.86
C ALA A 9 -32.32 38.48 -39.88
N GLU A 10 -31.89 37.49 -40.66
CA GLU A 10 -30.81 37.67 -41.63
C GLU A 10 -31.30 37.34 -43.03
N VAL A 11 -30.88 38.16 -43.99
CA VAL A 11 -31.11 37.91 -45.40
C VAL A 11 -29.76 37.90 -46.09
N LYS A 12 -29.42 36.75 -46.68
CA LYS A 12 -28.10 36.55 -47.29
C LYS A 12 -28.28 36.01 -48.71
N LYS A 13 -27.24 36.20 -49.51
CA LYS A 13 -27.15 35.67 -50.86
C LYS A 13 -26.35 34.36 -50.86
N PRO A 14 -26.60 33.48 -51.82
CA PRO A 14 -25.88 32.20 -51.85
C PRO A 14 -24.37 32.41 -51.96
N GLY A 15 -23.63 31.55 -51.28
CA GLY A 15 -22.19 31.61 -51.26
C GLY A 15 -21.59 32.45 -50.14
N SER A 16 -22.41 33.15 -49.37
CA SER A 16 -21.93 33.97 -48.27
C SER A 16 -21.95 33.18 -46.96
N SER A 17 -21.46 33.81 -45.90
CA SER A 17 -21.41 33.22 -44.57
C SER A 17 -22.24 34.07 -43.60
N VAL A 18 -22.82 33.40 -42.61
CA VAL A 18 -23.67 34.06 -41.64
C VAL A 18 -23.20 33.69 -40.23
N LYS A 19 -23.47 34.57 -39.28
CA LYS A 19 -23.07 34.36 -37.89
C LYS A 19 -24.18 34.83 -36.98
N VAL A 20 -24.56 33.99 -36.03
CA VAL A 20 -25.69 34.24 -35.13
C VAL A 20 -25.20 34.19 -33.69
N SER A 21 -25.76 35.06 -32.85
CA SER A 21 -25.34 35.20 -31.46
C SER A 21 -26.47 34.80 -30.52
N CYS A 22 -26.07 34.53 -29.27
CA CYS A 22 -26.98 34.01 -28.24
C CYS A 22 -26.44 34.45 -26.88
N LYS A 23 -27.07 35.44 -26.26
CA LYS A 23 -26.55 36.04 -25.03
C LYS A 23 -27.45 35.73 -23.85
N ALA A 24 -26.85 35.33 -22.73
CA ALA A 24 -27.58 35.13 -21.48
C ALA A 24 -27.59 36.43 -20.69
N SER A 25 -28.78 36.84 -20.26
CA SER A 25 -28.97 38.16 -19.68
C SER A 25 -29.11 38.15 -18.17
N GLY A 26 -30.06 37.41 -17.62
CA GLY A 26 -30.28 37.42 -16.19
C GLY A 26 -29.23 36.65 -15.42
N GLY A 27 -29.02 37.06 -14.17
CA GLY A 27 -28.16 36.36 -13.24
C GLY A 27 -26.77 36.02 -13.74
N THR A 28 -26.13 35.05 -13.10
CA THR A 28 -24.85 34.51 -13.54
C THR A 28 -25.06 33.09 -14.02
N PHE A 29 -24.61 32.79 -15.24
CA PHE A 29 -24.97 31.52 -15.86
C PHE A 29 -23.95 30.41 -15.57
N ASN A 30 -22.70 30.60 -15.96
CA ASN A 30 -21.68 29.55 -15.90
C ASN A 30 -22.10 28.34 -16.72
N SER A 31 -22.14 28.56 -18.03
CA SER A 31 -22.64 27.57 -18.99
C SER A 31 -21.87 26.25 -18.90
N TYR A 32 -22.53 25.18 -19.35
CA TYR A 32 -22.01 23.83 -19.29
C TYR A 32 -21.82 23.22 -20.68
N ALA A 33 -22.87 23.22 -21.51
CA ALA A 33 -22.80 22.71 -22.86
C ALA A 33 -23.67 23.57 -23.76
N THR A 34 -23.21 23.80 -24.98
CA THR A 34 -23.91 24.66 -25.93
C THR A 34 -24.18 23.88 -27.21
N GLY A 35 -25.36 24.07 -27.79
CA GLY A 35 -25.72 23.37 -29.00
C GLY A 35 -26.67 24.20 -29.84
N TRP A 36 -26.74 23.86 -31.12
CA TRP A 36 -27.59 24.60 -32.03
C TRP A 36 -28.52 23.66 -32.79
N VAL A 37 -29.76 24.11 -32.99
CA VAL A 37 -30.79 23.36 -33.67
C VAL A 37 -31.38 24.24 -34.76
N ARG A 38 -32.03 23.63 -35.74
CA ARG A 38 -32.71 24.40 -36.77
C ARG A 38 -33.97 23.69 -37.21
N GLN A 39 -34.90 24.46 -37.78
CA GLN A 39 -36.12 23.93 -38.36
C GLN A 39 -36.36 24.62 -39.69
N ALA A 40 -36.48 23.83 -40.75
CA ALA A 40 -36.80 24.30 -42.08
C ALA A 40 -38.31 24.38 -42.25
N PRO A 41 -38.79 25.21 -43.19
CA PRO A 41 -40.24 25.30 -43.43
C PRO A 41 -40.84 23.96 -43.81
N GLY A 42 -41.74 23.46 -42.97
CA GLY A 42 -42.42 22.22 -43.22
C GLY A 42 -41.67 20.96 -42.83
N GLN A 43 -40.57 21.09 -42.08
CA GLN A 43 -39.77 19.95 -41.66
C GLN A 43 -39.70 19.89 -40.14
N GLY A 44 -38.92 18.95 -39.63
CA GLY A 44 -38.73 18.78 -38.21
C GLY A 44 -37.52 19.52 -37.69
N LEU A 45 -37.01 19.05 -36.56
CA LEU A 45 -35.83 19.64 -35.92
C LEU A 45 -34.58 18.87 -36.35
N GLU A 46 -33.50 19.62 -36.58
CA GLU A 46 -32.21 19.04 -36.97
C GLU A 46 -31.13 19.56 -36.03
N TRP A 47 -30.44 18.63 -35.37
CA TRP A 47 -29.26 19.00 -34.58
C TRP A 47 -28.12 19.39 -35.52
N MET A 48 -27.45 20.50 -35.19
CA MET A 48 -26.38 21.00 -36.04
C MET A 48 -25.01 21.02 -35.39
N GLY A 49 -24.90 20.86 -34.08
CA GLY A 49 -23.60 20.85 -33.45
C GLY A 49 -23.61 21.15 -31.97
N VAL A 50 -22.62 20.62 -31.25
CA VAL A 50 -22.50 20.79 -29.81
C VAL A 50 -21.04 21.06 -29.47
N ILE A 51 -20.83 21.91 -28.47
CA ILE A 51 -19.54 22.12 -27.83
C ILE A 51 -19.71 22.02 -26.33
N VAL A 52 -18.78 21.32 -25.68
CA VAL A 52 -18.70 21.25 -24.23
C VAL A 52 -17.28 21.69 -23.84
N PRO A 53 -17.09 22.96 -23.51
CA PRO A 53 -15.72 23.46 -23.27
C PRO A 53 -14.98 22.73 -22.15
N ILE A 54 -15.67 22.30 -21.12
CA ILE A 54 -15.11 21.34 -20.18
C ILE A 54 -15.18 19.96 -20.82
N PHE A 55 -14.16 19.14 -20.58
CA PHE A 55 -13.91 17.88 -21.29
C PHE A 55 -13.37 18.14 -22.70
N GLY A 56 -13.35 19.40 -23.13
CA GLY A 56 -12.83 19.76 -24.43
C GLY A 56 -13.51 19.12 -25.62
N THR A 57 -14.85 19.13 -25.64
CA THR A 57 -15.62 18.46 -26.68
C THR A 57 -16.13 19.45 -27.71
N GLU A 58 -16.06 19.06 -28.99
CA GLU A 58 -16.56 19.87 -30.09
C GLU A 58 -16.94 18.90 -31.22
N ASP A 59 -18.25 18.72 -31.46
CA ASP A 59 -18.68 17.72 -32.41
C ASP A 59 -19.84 18.22 -33.26
N TYR A 60 -19.77 17.91 -34.55
CA TYR A 60 -20.74 18.29 -35.57
C TYR A 60 -21.16 17.07 -36.35
N PRO A 61 -22.37 17.08 -36.93
CA PRO A 61 -22.79 15.96 -37.78
C PRO A 61 -21.98 15.87 -39.05
N GLN A 62 -22.02 14.69 -39.66
CA GLN A 62 -21.21 14.43 -40.86
C GLN A 62 -21.63 15.33 -42.01
N ARG A 63 -22.94 15.53 -42.19
CA ARG A 63 -23.44 16.37 -43.29
C ARG A 63 -23.12 17.84 -43.10
N PHE A 64 -22.66 18.24 -41.92
CA PHE A 64 -22.39 19.64 -41.63
C PHE A 64 -20.93 19.96 -41.36
N GLN A 65 -20.06 18.95 -41.31
CA GLN A 65 -18.65 19.21 -41.02
C GLN A 65 -18.01 20.02 -42.14
N GLY A 66 -17.25 21.04 -41.75
CA GLY A 66 -16.56 21.92 -42.67
C GLY A 66 -17.27 23.24 -42.91
N ARG A 67 -18.55 23.34 -42.58
CA ARG A 67 -19.32 24.55 -42.79
C ARG A 67 -19.86 25.18 -41.52
N VAL A 68 -19.84 24.46 -40.40
CA VAL A 68 -20.43 24.93 -39.15
C VAL A 68 -19.33 25.10 -38.12
N THR A 69 -19.36 26.23 -37.40
CA THR A 69 -18.43 26.48 -36.30
C THR A 69 -19.22 27.03 -35.13
N ILE A 70 -19.03 26.45 -33.94
CA ILE A 70 -19.72 26.87 -32.74
C ILE A 70 -18.69 27.35 -31.73
N THR A 71 -18.89 28.54 -31.18
CA THR A 71 -17.94 29.16 -30.26
C THR A 71 -18.69 29.70 -29.05
N ALA A 72 -18.01 29.76 -27.91
CA ALA A 72 -18.59 30.32 -26.69
C ALA A 72 -17.58 31.25 -26.03
N ASP A 73 -18.08 32.38 -25.52
CA ASP A 73 -17.27 33.34 -24.78
C ASP A 73 -17.80 33.43 -23.36
N GLU A 74 -16.97 33.04 -22.40
CA GLU A 74 -17.37 32.97 -21.00
C GLU A 74 -17.31 34.32 -20.29
N SER A 75 -16.48 35.24 -20.76
CA SER A 75 -16.39 36.55 -20.13
C SER A 75 -17.71 37.32 -20.26
N THR A 76 -18.33 37.26 -21.44
CA THR A 76 -19.62 37.90 -21.67
C THR A 76 -20.77 36.91 -21.72
N ALA A 77 -20.49 35.61 -21.64
CA ALA A 77 -21.50 34.55 -21.71
C ALA A 77 -22.33 34.67 -22.98
N THR A 78 -21.65 34.54 -24.11
CA THR A 78 -22.28 34.68 -25.42
C THR A 78 -21.84 33.54 -26.33
N ALA A 79 -22.80 32.91 -27.00
CA ALA A 79 -22.53 31.83 -27.93
C ALA A 79 -22.69 32.33 -29.37
N TYR A 80 -21.86 31.79 -30.25
CA TYR A 80 -21.84 32.19 -31.66
C TYR A 80 -21.88 30.95 -32.54
N MET A 81 -22.61 31.05 -33.64
CA MET A 81 -22.70 29.99 -34.64
C MET A 81 -22.40 30.57 -36.01
N GLU A 82 -21.50 29.91 -36.74
CA GLU A 82 -20.99 30.35 -38.03
C GLU A 82 -21.34 29.32 -39.09
N LEU A 83 -22.01 29.77 -40.15
CA LEU A 83 -22.29 28.95 -41.33
C LEU A 83 -21.56 29.52 -42.53
N ARG A 84 -20.87 28.66 -43.27
CA ARG A 84 -20.14 29.04 -44.47
C ARG A 84 -20.74 28.35 -45.68
N SER A 85 -20.61 29.00 -46.84
CA SER A 85 -21.12 28.48 -48.11
C SER A 85 -22.62 28.21 -48.04
N LEU A 86 -23.38 29.29 -47.84
CA LEU A 86 -24.81 29.18 -47.68
C LEU A 86 -25.48 28.73 -48.97
N ARG A 87 -26.53 27.92 -48.82
CA ARG A 87 -27.31 27.41 -49.94
C ARG A 87 -28.78 27.77 -49.73
N SER A 88 -29.57 27.56 -50.79
CA SER A 88 -31.00 27.91 -50.73
C SER A 88 -31.79 27.00 -49.80
N ASP A 89 -31.22 25.88 -49.36
CA ASP A 89 -31.89 25.00 -48.41
C ASP A 89 -31.54 25.32 -46.96
N ASP A 90 -30.78 26.38 -46.72
CA ASP A 90 -30.43 26.81 -45.38
C ASP A 90 -31.39 27.86 -44.82
N THR A 91 -32.40 28.24 -45.60
CA THR A 91 -33.44 29.15 -45.13
C THR A 91 -34.26 28.46 -44.05
N ALA A 92 -34.11 28.90 -42.80
CA ALA A 92 -34.71 28.16 -41.69
C ALA A 92 -34.69 29.05 -40.44
N VAL A 93 -35.24 28.51 -39.35
CA VAL A 93 -35.25 29.16 -38.05
C VAL A 93 -34.28 28.41 -37.15
N TYR A 94 -33.35 29.14 -36.54
CA TYR A 94 -32.27 28.57 -35.75
C TYR A 94 -32.50 28.84 -34.26
N TYR A 95 -32.26 27.82 -33.44
CA TYR A 95 -32.48 27.86 -32.00
C TYR A 95 -31.18 27.54 -31.27
N CYS A 96 -30.97 28.26 -30.17
CA CYS A 96 -29.79 28.13 -29.32
C CYS A 96 -30.19 27.39 -28.05
N ALA A 97 -29.55 26.25 -27.79
CA ALA A 97 -29.84 25.44 -26.61
C ALA A 97 -28.61 25.42 -25.72
N ARG A 98 -28.80 25.61 -24.42
CA ARG A 98 -27.68 25.69 -23.50
C ARG A 98 -28.02 24.97 -22.20
N SER A 99 -26.98 24.45 -21.55
CA SER A 99 -27.08 23.76 -20.29
C SER A 99 -26.21 24.48 -19.26
N ARG A 100 -26.62 24.44 -17.99
CA ARG A 100 -25.96 25.18 -16.93
C ARG A 100 -25.16 24.26 -16.03
N LEU A 101 -24.00 24.73 -15.61
CA LEU A 101 -23.14 23.95 -14.72
C LEU A 101 -23.80 23.79 -13.36
N GLY A 102 -23.68 22.59 -12.80
CA GLY A 102 -24.36 22.23 -11.57
C GLY A 102 -25.53 21.29 -11.78
N SER A 103 -25.92 21.05 -13.02
CA SER A 103 -26.98 20.09 -13.31
C SER A 103 -26.42 18.67 -13.31
N SER A 104 -27.32 17.70 -13.43
CA SER A 104 -26.96 16.29 -13.29
C SER A 104 -26.37 15.68 -14.56
N SER A 105 -26.47 16.36 -15.70
CA SER A 105 -25.92 15.84 -16.94
C SER A 105 -25.62 17.00 -17.87
N TRP A 106 -24.80 16.73 -18.89
CA TRP A 106 -24.47 17.74 -19.87
C TRP A 106 -25.56 17.93 -20.92
N PHE A 107 -26.53 17.02 -21.00
CA PHE A 107 -27.59 17.07 -22.01
C PHE A 107 -28.94 17.49 -21.43
N LEU A 108 -28.93 18.25 -20.33
CA LEU A 108 -30.14 18.85 -19.80
C LEU A 108 -30.29 20.26 -20.36
N PHE A 109 -30.73 20.31 -21.62
CA PHE A 109 -30.89 21.58 -22.33
C PHE A 109 -32.22 22.20 -21.90
N GLU A 110 -32.17 22.93 -20.78
CA GLU A 110 -33.36 23.58 -20.23
C GLU A 110 -33.51 25.02 -20.65
N TYR A 111 -32.52 25.60 -21.33
CA TYR A 111 -32.54 27.00 -21.72
C TYR A 111 -32.47 27.11 -23.23
N TRP A 112 -33.44 27.81 -23.81
CA TRP A 112 -33.60 27.90 -25.26
C TRP A 112 -33.77 29.35 -25.67
N GLY A 113 -33.25 29.69 -26.85
CA GLY A 113 -33.47 31.00 -27.41
C GLY A 113 -34.78 31.11 -28.15
N GLN A 114 -35.12 32.34 -28.54
CA GLN A 114 -36.40 32.58 -29.21
C GLN A 114 -36.38 32.14 -30.68
N GLY A 115 -35.21 32.04 -31.29
CA GLY A 115 -35.10 31.62 -32.67
C GLY A 115 -34.82 32.79 -33.59
N THR A 116 -34.00 32.54 -34.62
CA THR A 116 -33.63 33.56 -35.58
C THR A 116 -33.92 33.04 -36.99
N LEU A 117 -34.59 33.85 -37.79
CA LEU A 117 -34.93 33.48 -39.17
C LEU A 117 -33.82 33.88 -40.11
N VAL A 118 -33.37 32.93 -40.93
CA VAL A 118 -32.31 33.15 -41.91
C VAL A 118 -32.86 32.78 -43.28
N THR A 119 -32.80 33.73 -44.22
CA THR A 119 -33.30 33.54 -45.57
C THR A 119 -32.15 33.70 -46.55
N VAL A 120 -31.88 32.67 -47.32
CA VAL A 120 -30.80 32.65 -48.31
C VAL A 120 -31.45 32.65 -49.68
N SER A 121 -31.46 33.80 -50.35
CA SER A 121 -32.08 33.91 -51.65
C SER A 121 -31.51 35.12 -52.37
N SER A 122 -31.73 35.16 -53.68
CA SER A 122 -31.26 36.27 -54.51
C SER A 122 -32.42 37.08 -55.07
N ASP B 1 -23.42 7.45 -36.75
CA ASP B 1 -24.49 8.02 -35.94
C ASP B 1 -25.59 6.99 -35.72
N ILE B 2 -26.64 7.40 -35.00
CA ILE B 2 -27.76 6.55 -34.65
C ILE B 2 -29.03 7.16 -35.23
N GLN B 3 -29.80 6.35 -35.96
CA GLN B 3 -31.07 6.77 -36.51
C GLN B 3 -32.19 6.35 -35.58
N MET B 4 -33.19 7.21 -35.44
CA MET B 4 -34.31 6.97 -34.53
C MET B 4 -35.62 7.05 -35.30
N THR B 5 -36.56 6.16 -34.95
CA THR B 5 -37.85 6.08 -35.61
C THR B 5 -38.97 6.30 -34.59
N GLN B 6 -39.88 7.23 -34.91
CA GLN B 6 -40.95 7.61 -34.00
C GLN B 6 -42.30 7.26 -34.62
N SER B 7 -43.16 6.62 -33.82
CA SER B 7 -44.47 6.20 -34.30
C SER B 7 -45.56 6.55 -33.31
N PRO B 8 -46.75 6.94 -33.79
CA PRO B 8 -47.03 7.21 -35.21
C PRO B 8 -46.61 8.62 -35.61
N SER B 9 -46.84 9.00 -36.85
CA SER B 9 -46.48 10.34 -37.32
C SER B 9 -47.58 11.36 -37.08
N SER B 10 -48.78 10.93 -36.72
CA SER B 10 -49.90 11.83 -36.48
C SER B 10 -51.03 11.04 -35.85
N LEU B 11 -51.75 11.67 -34.93
CA LEU B 11 -52.88 11.01 -34.28
C LEU B 11 -53.85 12.07 -33.78
N SER B 12 -55.13 11.68 -33.68
CA SER B 12 -56.18 12.55 -33.19
C SER B 12 -56.74 11.99 -31.90
N ALA B 13 -56.97 12.87 -30.92
CA ALA B 13 -57.46 12.46 -29.62
C ALA B 13 -58.44 13.49 -29.10
N SER B 14 -59.16 13.12 -28.04
CA SER B 14 -60.12 13.99 -27.39
C SER B 14 -59.66 14.27 -25.97
N VAL B 15 -60.28 15.29 -25.35
CA VAL B 15 -59.90 15.68 -24.00
C VAL B 15 -60.24 14.57 -23.03
N GLY B 16 -59.26 14.17 -22.22
CA GLY B 16 -59.45 13.11 -21.25
C GLY B 16 -59.01 11.74 -21.68
N ASP B 17 -58.33 11.61 -22.81
CA ASP B 17 -57.90 10.32 -23.33
C ASP B 17 -56.47 10.01 -22.91
N ARG B 18 -56.03 8.80 -23.24
CA ARG B 18 -54.65 8.36 -23.02
C ARG B 18 -53.96 8.21 -24.36
N VAL B 19 -52.77 8.79 -24.47
CA VAL B 19 -52.03 8.81 -25.74
C VAL B 19 -50.64 8.22 -25.49
N THR B 20 -50.24 7.28 -26.34
CA THR B 20 -48.94 6.65 -26.26
C THR B 20 -48.17 6.84 -27.57
N ILE B 21 -46.89 7.16 -27.45
CA ILE B 21 -46.01 7.35 -28.60
C ILE B 21 -44.79 6.44 -28.41
N THR B 22 -44.46 5.67 -29.44
CA THR B 22 -43.39 4.69 -29.38
C THR B 22 -42.16 5.22 -30.12
N CYS B 23 -40.98 4.91 -29.58
CA CYS B 23 -39.73 5.40 -30.14
C CYS B 23 -38.75 4.23 -30.18
N ARG B 24 -38.06 4.09 -31.32
CA ARG B 24 -37.20 2.93 -31.56
C ARG B 24 -35.83 3.40 -32.03
N ALA B 25 -34.78 2.79 -31.47
CA ALA B 25 -33.41 3.16 -31.76
C ALA B 25 -32.75 2.11 -32.65
N SER B 26 -31.78 2.55 -33.44
CA SER B 26 -31.05 1.66 -34.34
C SER B 26 -29.97 0.86 -33.63
N ASP B 27 -29.71 1.15 -32.35
CA ASP B 27 -28.69 0.46 -31.58
C ASP B 27 -29.08 0.52 -30.11
N MET B 28 -28.35 -0.23 -29.28
CA MET B 28 -28.53 -0.17 -27.84
C MET B 28 -27.99 1.15 -27.30
N ILE B 29 -28.86 1.94 -26.67
CA ILE B 29 -28.47 3.25 -26.15
C ILE B 29 -28.81 3.36 -24.67
N SER B 30 -28.93 2.22 -23.99
CA SER B 30 -29.26 2.18 -22.57
C SER B 30 -30.52 2.97 -22.27
N ASN B 31 -30.42 4.00 -21.43
CA ASN B 31 -31.54 4.87 -21.12
C ASN B 31 -31.25 6.31 -21.49
N TYR B 32 -30.48 6.53 -22.55
CA TYR B 32 -30.07 7.87 -22.95
C TYR B 32 -31.06 8.43 -23.98
N LEU B 33 -32.29 8.64 -23.50
CA LEU B 33 -33.36 9.17 -24.34
C LEU B 33 -34.06 10.32 -23.63
N ASN B 34 -34.39 11.36 -24.38
CA ASN B 34 -35.11 12.52 -23.87
C ASN B 34 -36.28 12.84 -24.80
N TRP B 35 -37.32 13.44 -24.22
CA TRP B 35 -38.54 13.79 -24.94
C TRP B 35 -38.73 15.29 -24.90
N TYR B 36 -39.04 15.88 -26.06
CA TYR B 36 -39.20 17.32 -26.20
C TYR B 36 -40.58 17.64 -26.74
N GLN B 37 -41.15 18.75 -26.27
CA GLN B 37 -42.44 19.25 -26.73
C GLN B 37 -42.24 20.58 -27.44
N HIS B 38 -42.87 20.74 -28.60
CA HIS B 38 -42.72 21.94 -29.42
C HIS B 38 -44.08 22.39 -29.90
N LYS B 39 -44.36 23.68 -29.72
CA LYS B 39 -45.57 24.34 -30.18
C LYS B 39 -45.22 25.40 -31.21
N PRO B 40 -46.14 25.72 -32.13
CA PRO B 40 -45.84 26.76 -33.12
C PRO B 40 -45.59 28.11 -32.47
N GLY B 41 -44.57 28.81 -32.96
CA GLY B 41 -44.24 30.13 -32.47
C GLY B 41 -43.44 30.17 -31.19
N GLU B 42 -43.03 29.02 -30.65
CA GLU B 42 -42.28 28.96 -29.40
C GLU B 42 -41.07 28.04 -29.57
N ALA B 43 -40.21 28.05 -28.56
CA ALA B 43 -39.03 27.20 -28.55
C ALA B 43 -39.39 25.81 -28.02
N PRO B 44 -38.59 24.80 -28.37
CA PRO B 44 -38.82 23.46 -27.81
C PRO B 44 -38.63 23.43 -26.30
N LYS B 45 -39.35 22.52 -25.65
CA LYS B 45 -39.42 22.47 -24.20
C LYS B 45 -39.26 21.04 -23.73
N LEU B 46 -38.34 20.83 -22.79
CA LEU B 46 -38.02 19.49 -22.31
C LEU B 46 -39.05 18.98 -21.31
N LEU B 47 -39.43 17.72 -21.45
CA LEU B 47 -40.36 17.05 -20.54
C LEU B 47 -39.72 15.93 -19.75
N ILE B 48 -39.13 14.95 -20.44
CA ILE B 48 -38.59 13.74 -19.82
C ILE B 48 -37.14 13.60 -20.23
N TYR B 49 -36.27 13.29 -19.27
CA TYR B 49 -34.87 12.99 -19.55
C TYR B 49 -34.49 11.67 -18.90
N SER B 50 -33.53 10.98 -19.51
CA SER B 50 -33.08 9.65 -19.10
C SER B 50 -34.21 8.62 -19.16
N ALA B 51 -35.25 8.90 -19.94
CA ALA B 51 -36.32 7.98 -20.28
C ALA B 51 -37.26 7.67 -19.13
N SER B 52 -36.93 8.12 -17.91
CA SER B 52 -37.82 7.89 -16.79
C SER B 52 -38.05 9.14 -15.95
N SER B 53 -37.04 10.00 -15.87
CA SER B 53 -37.08 11.14 -14.96
C SER B 53 -37.98 12.24 -15.50
N LEU B 54 -38.66 12.92 -14.59
CA LEU B 54 -39.62 13.97 -14.93
C LEU B 54 -39.00 15.33 -14.61
N GLN B 55 -39.05 16.23 -15.59
CA GLN B 55 -38.50 17.56 -15.41
C GLN B 55 -39.33 18.36 -14.41
N THR B 56 -38.66 19.22 -13.65
CA THR B 56 -39.35 20.04 -12.65
C THR B 56 -40.34 20.99 -13.32
N GLY B 57 -41.52 21.11 -12.72
CA GLY B 57 -42.56 21.96 -13.26
C GLY B 57 -43.41 21.32 -14.35
N VAL B 58 -43.32 20.01 -14.53
CA VAL B 58 -44.07 19.29 -15.56
C VAL B 58 -45.17 18.50 -14.86
N PRO B 59 -46.40 18.51 -15.36
CA PRO B 59 -47.47 17.75 -14.71
C PRO B 59 -47.15 16.26 -14.68
N SER B 60 -47.61 15.61 -13.62
CA SER B 60 -47.34 14.18 -13.43
C SER B 60 -48.09 13.30 -14.42
N ARG B 61 -49.03 13.86 -15.19
CA ARG B 61 -49.74 13.07 -16.19
C ARG B 61 -48.82 12.59 -17.31
N PHE B 62 -47.65 13.21 -17.47
CA PHE B 62 -46.66 12.72 -18.41
C PHE B 62 -45.81 11.62 -17.77
N SER B 63 -45.52 10.58 -18.54
CA SER B 63 -44.62 9.54 -18.06
C SER B 63 -43.89 8.95 -19.25
N GLY B 64 -42.75 8.33 -18.96
CA GLY B 64 -41.96 7.69 -20.00
C GLY B 64 -41.29 6.45 -19.45
N SER B 65 -41.10 5.46 -20.33
CA SER B 65 -40.49 4.22 -19.88
C SER B 65 -39.86 3.51 -21.07
N GLY B 66 -38.79 2.78 -20.80
CA GLY B 66 -38.15 1.98 -21.83
C GLY B 66 -36.68 1.82 -21.55
N SER B 67 -36.04 1.02 -22.41
CA SER B 67 -34.61 0.75 -22.29
C SER B 67 -34.17 -0.09 -23.47
N GLY B 68 -32.88 0.00 -23.79
CA GLY B 68 -32.32 -0.79 -24.86
C GLY B 68 -32.54 -0.16 -26.22
N THR B 69 -33.54 -0.65 -26.95
CA THR B 69 -33.91 -0.10 -28.24
C THR B 69 -35.35 0.38 -28.31
N ASP B 70 -36.16 0.13 -27.28
CA ASP B 70 -37.58 0.47 -27.29
C ASP B 70 -37.88 1.42 -26.13
N PHE B 71 -38.58 2.51 -26.44
CA PHE B 71 -39.00 3.49 -25.43
C PHE B 71 -40.40 3.97 -25.77
N THR B 72 -41.07 4.55 -24.78
CA THR B 72 -42.44 5.00 -25.00
C THR B 72 -42.76 6.17 -24.06
N LEU B 73 -43.62 7.06 -24.57
CA LEU B 73 -44.14 8.21 -23.83
C LEU B 73 -45.65 8.03 -23.68
N THR B 74 -46.14 8.27 -22.47
CA THR B 74 -47.56 8.15 -22.15
C THR B 74 -48.08 9.46 -21.57
N ILE B 75 -49.25 9.87 -22.04
CA ILE B 75 -49.95 11.05 -21.53
C ILE B 75 -51.34 10.62 -21.13
N ASN B 76 -51.67 10.78 -19.85
CA ASN B 76 -52.98 10.43 -19.30
C ASN B 76 -53.79 11.68 -19.03
N ASN B 77 -55.10 11.60 -19.25
CA ASN B 77 -56.03 12.70 -19.03
C ASN B 77 -55.58 13.94 -19.83
N LEU B 78 -55.63 13.77 -21.15
CA LEU B 78 -55.18 14.83 -22.06
C LEU B 78 -55.96 16.12 -21.83
N GLN B 79 -55.24 17.23 -21.77
CA GLN B 79 -55.80 18.56 -21.57
C GLN B 79 -55.65 19.39 -22.84
N PRO B 80 -56.40 20.49 -22.96
CA PRO B 80 -56.31 21.30 -24.19
C PRO B 80 -54.92 21.87 -24.45
N GLU B 81 -54.07 21.98 -23.43
CA GLU B 81 -52.74 22.53 -23.60
C GLU B 81 -51.69 21.49 -23.96
N ASP B 82 -52.08 20.23 -24.12
CA ASP B 82 -51.15 19.16 -24.44
C ASP B 82 -51.02 18.90 -25.94
N PHE B 83 -51.72 19.65 -26.77
CA PHE B 83 -51.76 19.40 -28.21
C PHE B 83 -50.57 20.10 -28.84
N ALA B 84 -49.53 19.34 -29.17
CA ALA B 84 -48.28 19.90 -29.70
C ALA B 84 -47.56 18.81 -30.47
N THR B 85 -46.30 19.05 -30.81
CA THR B 85 -45.47 18.07 -31.49
C THR B 85 -44.40 17.55 -30.54
N TYR B 86 -44.18 16.24 -30.55
CA TYR B 86 -43.29 15.59 -29.61
C TYR B 86 -42.15 14.90 -30.34
N TYR B 87 -40.93 15.06 -29.82
CA TYR B 87 -39.72 14.56 -30.47
C TYR B 87 -38.91 13.71 -29.51
N CYS B 88 -38.33 12.63 -30.03
CA CYS B 88 -37.29 11.88 -29.35
C CYS B 88 -35.95 12.59 -29.50
N GLN B 89 -35.01 12.24 -28.62
CA GLN B 89 -33.62 12.62 -28.83
C GLN B 89 -32.73 11.64 -28.08
N GLN B 90 -31.76 11.06 -28.79
CA GLN B 90 -30.74 10.24 -28.16
C GLN B 90 -29.54 11.08 -27.79
N SER B 91 -28.94 10.77 -26.65
CA SER B 91 -27.71 11.42 -26.19
C SER B 91 -26.67 10.39 -25.80
N TYR B 92 -26.71 9.21 -26.43
CA TYR B 92 -25.75 8.16 -26.15
C TYR B 92 -24.35 8.57 -26.60
N ILE B 93 -24.26 9.22 -27.76
CA ILE B 93 -23.01 9.75 -28.28
C ILE B 93 -23.13 11.26 -28.38
N THR B 94 -21.99 11.93 -28.54
CA THR B 94 -21.96 13.38 -28.64
C THR B 94 -22.44 13.89 -29.99
N ARG B 95 -22.78 12.99 -30.92
CA ARG B 95 -23.43 13.38 -32.17
C ARG B 95 -24.92 13.07 -32.02
N LEU B 96 -25.63 14.02 -31.41
CA LEU B 96 -27.03 13.82 -31.07
C LEU B 96 -27.90 13.87 -32.31
N SER B 97 -29.12 13.33 -32.18
CA SER B 97 -30.05 13.27 -33.30
C SER B 97 -31.48 13.25 -32.77
N PHE B 98 -32.41 13.67 -33.63
CA PHE B 98 -33.83 13.77 -33.31
C PHE B 98 -34.63 12.73 -34.06
N GLY B 99 -35.85 12.49 -33.59
CA GLY B 99 -36.78 11.62 -34.25
C GLY B 99 -37.61 12.37 -35.30
N GLY B 100 -38.57 11.65 -35.88
CA GLY B 100 -39.40 12.25 -36.91
C GLY B 100 -40.39 13.26 -36.37
N GLY B 101 -40.98 12.98 -35.21
CA GLY B 101 -41.97 13.87 -34.63
C GLY B 101 -43.39 13.38 -34.78
N THR B 102 -44.19 13.53 -33.72
CA THR B 102 -45.59 13.11 -33.72
C THR B 102 -46.47 14.30 -33.38
N LYS B 103 -47.45 14.58 -34.22
CA LYS B 103 -48.35 15.72 -34.03
C LYS B 103 -49.67 15.23 -33.47
N VAL B 104 -50.04 15.72 -32.30
CA VAL B 104 -51.32 15.40 -31.68
C VAL B 104 -52.34 16.45 -32.08
N GLU B 105 -53.53 16.00 -32.49
CA GLU B 105 -54.57 16.89 -33.00
C GLU B 105 -55.88 16.62 -32.27
N ILE B 106 -56.89 17.43 -32.56
CA ILE B 106 -58.19 17.35 -31.90
C ILE B 106 -59.11 16.48 -32.75
N LYS B 107 -59.80 15.55 -32.10
CA LYS B 107 -60.73 14.66 -32.80
C LYS B 107 -61.94 15.44 -33.30
N LYS C 1 43.31 38.34 -21.36
CA LYS C 1 43.63 37.02 -20.82
C LYS C 1 43.58 37.03 -19.29
N VAL C 2 42.99 35.98 -18.72
CA VAL C 2 42.81 35.86 -17.28
C VAL C 2 43.86 34.89 -16.75
N VAL C 3 44.57 35.30 -15.71
CA VAL C 3 45.61 34.49 -15.10
C VAL C 3 45.17 34.09 -13.70
N SER C 4 45.79 33.02 -13.19
CA SER C 4 45.45 32.53 -11.87
C SER C 4 45.99 33.46 -10.79
N THR C 5 45.33 33.44 -9.63
CA THR C 5 45.77 34.26 -8.52
C THR C 5 47.10 33.79 -7.93
N ASP C 6 47.51 32.56 -8.22
CA ASP C 6 48.76 32.03 -7.67
C ASP C 6 49.98 32.77 -8.22
N GLU C 7 49.82 33.54 -9.28
CA GLU C 7 50.97 34.21 -9.90
C GLU C 7 51.29 35.54 -9.23
N TYR C 8 50.27 36.35 -8.95
CA TYR C 8 50.47 37.69 -8.42
C TYR C 8 50.07 37.84 -6.96
N VAL C 9 49.82 36.74 -6.26
CA VAL C 9 49.50 36.75 -4.84
C VAL C 9 50.50 35.87 -4.11
N ALA C 10 51.10 36.41 -3.04
CA ALA C 10 52.06 35.68 -2.23
C ALA C 10 51.43 35.35 -0.88
N ARG C 11 51.57 34.10 -0.46
CA ARG C 11 50.97 33.60 0.77
C ARG C 11 52.02 33.51 1.87
N THR C 12 51.68 34.01 3.05
CA THR C 12 52.54 33.94 4.22
C THR C 12 52.13 32.74 5.08
N ASN C 13 52.80 32.57 6.21
CA ASN C 13 52.57 31.43 7.10
C ASN C 13 51.82 31.84 8.37
N ILE C 14 50.90 32.78 8.25
CA ILE C 14 50.12 33.29 9.37
C ILE C 14 48.67 32.88 9.16
N TYR C 15 48.09 32.24 10.19
CA TYR C 15 46.73 31.72 10.12
C TYR C 15 45.91 32.28 11.27
N TYR C 16 44.61 32.46 11.01
CA TYR C 16 43.68 32.96 12.00
C TYR C 16 42.41 32.12 11.98
N HIS C 17 41.72 32.09 13.11
CA HIS C 17 40.48 31.35 13.27
C HIS C 17 39.34 32.30 13.56
N ALA C 18 38.19 32.06 12.92
CA ALA C 18 37.00 32.86 13.14
C ALA C 18 35.80 31.94 13.31
N GLY C 19 34.80 32.42 14.04
CA GLY C 19 33.60 31.63 14.25
C GLY C 19 32.47 32.35 14.94
N THR C 20 31.24 32.01 14.58
CA THR C 20 30.07 32.50 15.27
C THR C 20 29.73 31.58 16.45
N SER C 21 29.05 32.13 17.45
CA SER C 21 28.72 31.33 18.62
C SER C 21 27.55 30.38 18.33
N ARG C 22 26.38 30.94 18.00
CA ARG C 22 25.22 30.14 17.67
C ARG C 22 24.17 31.06 17.06
N LEU C 23 23.54 30.61 15.99
CA LEU C 23 22.49 31.36 15.31
C LEU C 23 21.18 30.59 15.42
N LEU C 24 20.12 31.28 15.85
CA LEU C 24 18.81 30.66 16.03
C LEU C 24 17.76 31.41 15.24
N ALA C 25 16.77 30.67 14.74
CA ALA C 25 15.64 31.28 14.04
C ALA C 25 14.39 30.47 14.34
N VAL C 26 13.37 31.11 14.92
CA VAL C 26 12.10 30.47 15.24
C VAL C 26 10.99 31.24 14.54
N GLY C 27 10.09 30.50 13.89
CA GLY C 27 9.00 31.17 13.18
C GLY C 27 7.97 30.19 12.69
N HIS C 28 7.02 30.71 11.91
CA HIS C 28 5.94 29.92 11.32
C HIS C 28 6.39 29.30 10.00
N PRO C 29 6.15 28.01 9.80
CA PRO C 29 6.69 27.33 8.60
C PRO C 29 6.01 27.69 7.29
N TYR C 30 4.81 28.28 7.30
CA TYR C 30 4.06 28.48 6.06
C TYR C 30 3.92 29.95 5.66
N PHE C 31 3.40 30.78 6.55
CA PHE C 31 3.17 32.19 6.25
C PHE C 31 3.58 33.03 7.45
N PRO C 32 3.94 34.29 7.23
CA PRO C 32 4.18 35.19 8.35
C PRO C 32 2.89 35.49 9.10
N ILE C 33 3.04 35.81 10.38
CA ILE C 33 1.92 36.22 11.22
C ILE C 33 1.97 37.74 11.34
N LYS C 34 0.90 38.40 10.93
CA LYS C 34 0.84 39.85 10.89
C LYS C 34 -0.39 40.35 11.63
N LYS C 35 -0.26 41.55 12.20
CA LYS C 35 -1.40 42.17 12.88
C LYS C 35 -2.48 42.52 11.87
N PRO C 36 -3.75 42.40 12.23
CA PRO C 36 -4.82 42.70 11.25
C PRO C 36 -4.84 44.15 10.79
N ASN C 37 -4.81 45.10 11.73
CA ASN C 37 -4.86 46.51 11.34
C ASN C 37 -3.53 46.98 10.77
N ASN C 38 -2.41 46.59 11.39
CA ASN C 38 -1.09 47.03 10.95
C ASN C 38 -0.57 46.12 9.84
N ASN C 39 0.62 46.45 9.35
CA ASN C 39 1.32 45.62 8.37
C ASN C 39 2.69 45.17 8.88
N LYS C 40 2.98 45.40 10.16
CA LYS C 40 4.24 44.98 10.75
C LYS C 40 4.17 43.51 11.12
N ILE C 41 5.27 42.80 10.92
CA ILE C 41 5.32 41.35 11.10
C ILE C 41 5.59 41.03 12.56
N LEU C 42 4.76 40.15 13.13
CA LEU C 42 4.96 39.68 14.50
C LEU C 42 5.83 38.42 14.53
N VAL C 43 5.45 37.39 13.78
CA VAL C 43 6.19 36.15 13.69
C VAL C 43 6.67 35.99 12.25
N PRO C 44 7.97 35.94 11.98
CA PRO C 44 8.44 35.74 10.61
C PRO C 44 8.17 34.33 10.13
N LYS C 45 8.51 34.09 8.86
CA LYS C 45 8.35 32.79 8.24
C LYS C 45 9.70 32.08 8.23
N VAL C 46 9.78 30.95 8.93
CA VAL C 46 10.99 30.15 9.01
C VAL C 46 10.63 28.73 8.57
N SER C 47 11.23 28.28 7.47
CA SER C 47 10.92 27.00 6.88
C SER C 47 12.21 26.23 6.62
N GLY C 48 12.08 24.91 6.55
CA GLY C 48 13.22 24.06 6.25
C GLY C 48 13.64 24.05 4.81
N LEU C 49 12.84 24.62 3.91
CA LEU C 49 13.14 24.68 2.49
C LEU C 49 13.36 26.10 2.01
N GLN C 50 14.11 26.88 2.79
CA GLN C 50 14.50 28.23 2.44
C GLN C 50 16.00 28.30 2.20
N TYR C 51 16.41 29.13 1.24
CA TYR C 51 17.81 29.40 1.03
C TYR C 51 18.36 30.20 2.21
N ARG C 52 19.52 29.79 2.73
CA ARG C 52 20.18 30.53 3.79
C ARG C 52 21.46 31.14 3.21
N VAL C 53 21.46 32.46 3.03
CA VAL C 53 22.58 33.17 2.45
C VAL C 53 23.20 34.04 3.53
N PHE C 54 24.41 33.70 3.95
CA PHE C 54 25.16 34.45 4.94
C PHE C 54 26.19 35.32 4.25
N ARG C 55 26.17 36.61 4.57
CA ARG C 55 27.16 37.57 4.08
C ARG C 55 28.07 37.92 5.23
N ILE C 56 29.34 37.56 5.12
CA ILE C 56 30.30 37.60 6.23
C ILE C 56 31.29 38.73 5.97
N HIS C 57 31.46 39.60 6.96
CA HIS C 57 32.35 40.75 6.87
C HIS C 57 33.62 40.50 7.68
N LEU C 58 34.76 40.82 7.07
CA LEU C 58 36.06 40.58 7.68
C LEU C 58 36.77 41.89 7.97
N PRO C 59 37.69 41.90 8.93
CA PRO C 59 38.49 43.10 9.15
C PRO C 59 39.41 43.40 7.98
N ASP C 60 39.71 44.68 7.81
CA ASP C 60 40.68 45.10 6.82
C ASP C 60 42.08 44.77 7.33
N PRO C 61 42.82 43.86 6.67
CA PRO C 61 44.16 43.51 7.17
C PRO C 61 45.14 44.65 7.12
N ASN C 62 44.91 45.66 6.28
CA ASN C 62 45.79 46.81 6.23
C ASN C 62 45.74 47.61 7.53
N LYS C 63 44.55 47.75 8.11
CA LYS C 63 44.38 48.46 9.38
C LYS C 63 44.36 47.53 10.57
N PHE C 64 44.44 46.21 10.36
CA PHE C 64 44.41 45.25 11.45
C PHE C 64 45.68 45.37 12.29
N GLY C 65 45.54 45.08 13.58
CA GLY C 65 46.66 45.17 14.50
C GLY C 65 47.43 43.88 14.64
N PHE C 66 48.58 43.80 13.98
CA PHE C 66 49.43 42.62 14.06
C PHE C 66 50.56 42.84 15.06
N PRO C 67 50.93 41.82 15.84
CA PRO C 67 52.09 41.96 16.72
C PRO C 67 53.38 42.23 15.97
N ASP C 68 53.53 41.69 14.76
CA ASP C 68 54.70 41.90 13.93
C ASP C 68 54.29 42.53 12.60
N THR C 69 55.17 43.39 12.07
CA THR C 69 54.89 44.12 10.86
C THR C 69 56.00 44.00 9.81
N SER C 70 57.19 43.53 10.20
CA SER C 70 58.35 43.53 9.31
C SER C 70 58.20 42.56 8.13
N PHE C 71 57.19 41.70 8.14
CA PHE C 71 57.04 40.72 7.07
C PHE C 71 56.58 41.32 5.75
N TYR C 72 56.15 42.59 5.75
CA TYR C 72 55.70 43.23 4.53
C TYR C 72 56.08 44.71 4.55
N ASN C 73 56.10 45.31 3.37
CA ASN C 73 56.46 46.72 3.20
C ASN C 73 55.22 47.51 2.82
N PRO C 74 54.65 48.32 3.73
CA PRO C 74 53.43 49.07 3.39
C PRO C 74 53.60 50.02 2.23
N ASP C 75 54.83 50.41 1.88
CA ASP C 75 55.03 51.34 0.78
C ASP C 75 54.70 50.72 -0.57
N THR C 76 54.82 49.39 -0.69
CA THR C 76 54.57 48.74 -1.97
C THR C 76 53.80 47.43 -1.85
N GLN C 77 53.36 47.05 -0.66
CA GLN C 77 52.63 45.80 -0.45
C GLN C 77 51.23 46.11 0.06
N ARG C 78 50.28 45.24 -0.28
CA ARG C 78 48.94 45.31 0.25
C ARG C 78 48.51 43.91 0.66
N LEU C 79 47.64 43.83 1.68
CA LEU C 79 47.27 42.58 2.31
C LEU C 79 45.85 42.20 1.96
N VAL C 80 45.56 40.89 2.03
CA VAL C 80 44.23 40.36 1.75
C VAL C 80 44.11 39.02 2.46
N TRP C 81 42.88 38.62 2.74
CA TRP C 81 42.60 37.35 3.41
C TRP C 81 42.30 36.26 2.39
N ALA C 82 42.65 35.02 2.74
CA ALA C 82 42.35 33.86 1.92
C ALA C 82 41.72 32.79 2.79
N CYS C 83 40.73 32.08 2.25
CA CYS C 83 40.03 31.04 2.99
C CYS C 83 40.65 29.68 2.70
N VAL C 84 40.95 28.94 3.77
CA VAL C 84 41.61 27.65 3.64
C VAL C 84 40.86 26.52 4.34
N GLY C 85 39.73 26.81 4.98
CA GLY C 85 38.96 25.79 5.67
C GLY C 85 37.68 26.29 6.27
N VAL C 86 36.58 25.55 6.08
CA VAL C 86 35.25 25.97 6.49
C VAL C 86 34.53 24.78 7.11
N GLU C 87 33.81 25.03 8.21
CA GLU C 87 32.91 24.04 8.78
C GLU C 87 31.57 24.69 9.12
N VAL C 88 30.49 24.00 8.77
CA VAL C 88 29.12 24.45 9.00
C VAL C 88 28.50 23.50 10.01
N GLY C 89 28.48 23.91 11.27
CA GLY C 89 27.85 23.11 12.30
C GLY C 89 26.33 23.26 12.28
N ARG C 90 25.65 22.13 12.47
CA ARG C 90 24.22 22.03 12.22
C ARG C 90 23.58 21.28 13.39
N GLY C 91 22.77 21.99 14.18
CA GLY C 91 22.10 21.40 15.33
C GLY C 91 20.74 20.83 14.98
N GLN C 92 20.04 20.38 16.03
CA GLN C 92 18.69 19.82 16.01
C GLN C 92 18.71 18.37 15.52
N PRO C 93 17.72 17.56 15.86
CA PRO C 93 17.66 16.18 15.35
C PRO C 93 17.19 16.13 13.91
N LEU C 94 17.46 14.98 13.28
CA LEU C 94 16.98 14.75 11.92
C LEU C 94 15.48 14.51 11.91
N GLY C 95 14.82 15.06 10.90
CA GLY C 95 13.37 14.95 10.81
C GLY C 95 12.89 15.31 9.42
N VAL C 96 11.62 15.04 9.17
CA VAL C 96 10.97 15.33 7.90
C VAL C 96 9.72 16.15 8.17
N GLY C 97 9.54 17.23 7.42
CA GLY C 97 8.35 18.05 7.53
C GLY C 97 7.46 17.93 6.32
N ILE C 98 6.17 18.23 6.48
CA ILE C 98 5.18 18.06 5.43
C ILE C 98 4.42 19.38 5.25
N SER C 99 3.82 19.53 4.07
CA SER C 99 3.07 20.74 3.76
C SER C 99 1.94 20.38 2.81
N GLY C 100 0.92 21.24 2.78
CA GLY C 100 -0.22 20.97 1.93
C GLY C 100 -1.09 22.19 1.74
N HIS C 101 -2.22 21.96 1.08
CA HIS C 101 -3.21 22.97 0.78
C HIS C 101 -4.59 22.49 1.20
N PRO C 102 -5.39 23.36 1.83
CA PRO C 102 -6.77 22.98 2.17
C PRO C 102 -7.72 22.99 0.98
N LEU C 103 -7.36 23.62 -0.12
CA LEU C 103 -8.20 23.73 -1.32
C LEU C 103 -7.38 23.44 -2.56
N LEU C 104 -6.65 22.33 -2.56
CA LEU C 104 -5.77 22.00 -3.67
C LEU C 104 -6.56 21.38 -4.81
N ASN C 105 -6.19 21.74 -6.04
CA ASN C 105 -6.91 21.33 -7.24
C ASN C 105 -6.54 19.89 -7.59
N LYS C 106 -7.33 18.95 -7.08
CA LYS C 106 -7.20 17.53 -7.42
C LYS C 106 -8.56 17.03 -7.86
N LEU C 107 -8.61 16.34 -9.00
CA LEU C 107 -9.86 15.79 -9.52
C LEU C 107 -10.06 14.33 -9.13
N ASP C 108 -9.15 13.45 -9.56
CA ASP C 108 -9.31 12.02 -9.35
C ASP C 108 -7.95 11.37 -9.15
N ASP C 109 -7.96 10.16 -8.62
CA ASP C 109 -6.77 9.33 -8.49
C ASP C 109 -6.70 8.40 -9.69
N THR C 110 -5.71 8.60 -10.56
CA THR C 110 -5.61 7.89 -11.82
C THR C 110 -4.65 6.71 -11.78
N GLU C 111 -4.05 6.42 -10.63
CA GLU C 111 -3.17 5.26 -10.52
C GLU C 111 -3.95 3.98 -10.73
N ASN C 112 -5.15 3.88 -10.15
CA ASN C 112 -6.03 2.75 -10.32
C ASN C 112 -7.46 3.25 -10.28
N ALA C 113 -8.24 2.93 -11.32
CA ALA C 113 -9.59 3.46 -11.46
C ALA C 113 -10.53 2.37 -11.94
N SER C 114 -11.78 2.45 -11.49
CA SER C 114 -12.80 1.47 -11.85
C SER C 114 -14.09 2.08 -12.37
N ALA C 115 -14.27 3.40 -12.27
CA ALA C 115 -15.45 4.08 -12.79
C ALA C 115 -15.02 5.34 -13.51
N TYR C 116 -15.86 5.83 -14.41
CA TYR C 116 -15.54 6.97 -15.25
C TYR C 116 -16.25 8.20 -14.73
N ALA C 117 -15.54 9.33 -14.70
CA ALA C 117 -16.09 10.59 -14.20
C ALA C 117 -16.82 11.31 -15.33
N ALA C 118 -18.12 11.06 -15.43
CA ALA C 118 -18.93 11.55 -16.54
C ALA C 118 -19.64 12.86 -16.26
N ASN C 119 -19.51 13.42 -15.06
CA ASN C 119 -20.18 14.66 -14.69
C ASN C 119 -19.19 15.64 -14.09
N ALA C 120 -19.35 16.91 -14.45
CA ALA C 120 -18.51 17.99 -13.96
C ALA C 120 -19.23 18.79 -12.88
N GLY C 121 -18.47 19.28 -11.91
CA GLY C 121 -19.00 20.06 -10.82
C GLY C 121 -18.51 21.50 -10.86
N VAL C 122 -18.85 22.21 -9.79
CA VAL C 122 -18.45 23.62 -9.66
C VAL C 122 -17.12 23.75 -8.92
N ASP C 123 -16.93 22.97 -7.86
CA ASP C 123 -15.73 23.05 -7.03
C ASP C 123 -15.38 21.64 -6.56
N ASN C 124 -14.23 21.13 -7.02
CA ASN C 124 -13.80 19.77 -6.70
C ASN C 124 -12.48 19.77 -5.92
N ARG C 125 -12.20 20.85 -5.19
CA ARG C 125 -10.92 21.01 -4.53
C ARG C 125 -10.89 20.25 -3.22
N GLU C 126 -9.70 19.77 -2.84
CA GLU C 126 -9.52 18.88 -1.71
C GLU C 126 -8.44 19.41 -0.78
N CYS C 127 -8.37 18.80 0.41
CA CYS C 127 -7.35 19.12 1.41
C CYS C 127 -6.26 18.05 1.34
N ILE C 128 -5.13 18.40 0.74
CA ILE C 128 -4.09 17.41 0.42
C ILE C 128 -2.76 17.91 0.96
N SER C 129 -1.99 16.99 1.56
CA SER C 129 -0.65 17.26 2.03
C SER C 129 0.33 16.23 1.47
N MET C 130 1.60 16.61 1.44
CA MET C 130 2.67 15.70 1.03
C MET C 130 3.98 16.17 1.65
N ASP C 131 5.00 15.33 1.50
CA ASP C 131 6.36 15.67 1.87
C ASP C 131 7.20 15.86 0.61
N TYR C 132 8.11 16.82 0.66
CA TYR C 132 8.83 17.27 -0.52
C TYR C 132 10.03 16.37 -0.81
N LYS C 133 10.80 16.75 -1.83
CA LYS C 133 12.01 16.02 -2.15
C LYS C 133 13.12 16.37 -1.17
N GLN C 134 14.15 15.52 -1.15
CA GLN C 134 15.28 15.67 -0.23
C GLN C 134 16.42 16.39 -0.94
N THR C 135 16.97 17.41 -0.28
CA THR C 135 18.01 18.23 -0.88
C THR C 135 18.96 18.76 0.19
N GLN C 136 20.25 18.69 -0.09
CA GLN C 136 21.29 19.36 0.68
C GLN C 136 22.23 20.05 -0.29
N LEU C 137 22.66 21.26 0.05
CA LEU C 137 23.65 21.93 -0.79
C LEU C 137 24.37 23.00 0.01
N CYS C 138 25.65 23.18 -0.32
CA CYS C 138 26.49 24.23 0.25
C CYS C 138 27.31 24.86 -0.85
N LEU C 139 27.32 26.20 -0.91
CA LEU C 139 28.12 26.96 -1.87
C LEU C 139 28.93 28.01 -1.12
N ILE C 140 30.18 28.19 -1.52
CA ILE C 140 31.06 29.18 -0.90
C ILE C 140 31.65 30.07 -2.00
N GLY C 141 31.64 31.37 -1.78
CA GLY C 141 32.21 32.28 -2.75
C GLY C 141 32.49 33.65 -2.16
N CYS C 142 32.91 34.57 -3.02
CA CYS C 142 33.06 35.96 -2.61
C CYS C 142 32.05 36.88 -3.29
N LYS C 143 31.13 36.33 -4.07
CA LYS C 143 30.03 37.08 -4.66
C LYS C 143 28.73 36.31 -4.47
N PRO C 144 27.60 37.01 -4.42
CA PRO C 144 26.33 36.32 -4.15
C PRO C 144 25.99 35.35 -5.25
N PRO C 145 25.26 34.29 -4.94
CA PRO C 145 24.99 33.24 -5.94
C PRO C 145 23.99 33.70 -6.98
N ILE C 146 23.87 32.87 -8.02
CA ILE C 146 22.99 33.12 -9.16
C ILE C 146 22.06 31.94 -9.33
N GLY C 147 20.76 32.23 -9.51
CA GLY C 147 19.76 31.20 -9.69
C GLY C 147 18.96 31.44 -10.97
N GLU C 148 18.20 30.41 -11.35
CA GLU C 148 17.43 30.43 -12.59
C GLU C 148 16.00 29.95 -12.33
N HIS C 149 15.05 30.51 -13.09
CA HIS C 149 13.67 30.05 -12.99
C HIS C 149 12.94 30.36 -14.30
N TRP C 150 11.73 29.83 -14.42
CA TRP C 150 10.87 30.06 -15.57
C TRP C 150 9.87 31.16 -15.25
N GLY C 151 9.76 32.14 -16.16
CA GLY C 151 8.83 33.23 -15.99
C GLY C 151 8.15 33.59 -17.29
N LYS C 152 7.31 34.60 -17.23
CA LYS C 152 6.60 35.07 -18.40
C LYS C 152 7.51 35.92 -19.28
N GLY C 153 7.24 35.90 -20.59
CA GLY C 153 7.97 36.67 -21.56
C GLY C 153 7.11 37.75 -22.19
N SER C 154 7.74 38.51 -23.08
CA SER C 154 7.04 39.56 -23.81
C SER C 154 6.48 39.00 -25.11
N PRO C 155 5.16 38.97 -25.30
CA PRO C 155 4.60 38.40 -26.53
C PRO C 155 4.81 39.32 -27.71
N CYS C 156 4.70 38.74 -28.90
CA CYS C 156 4.77 39.51 -30.13
C CYS C 156 3.52 40.35 -30.31
N THR C 157 3.67 41.51 -30.93
CA THR C 157 2.58 42.44 -31.13
C THR C 157 1.85 42.25 -32.46
N ASN C 158 2.23 41.22 -33.23
CA ASN C 158 1.57 40.99 -34.52
C ASN C 158 0.10 40.65 -34.35
N VAL C 159 -0.22 39.84 -33.35
CA VAL C 159 -1.59 39.39 -33.13
C VAL C 159 -1.98 39.70 -31.68
N ALA C 160 -3.28 39.88 -31.46
CA ALA C 160 -3.79 40.19 -30.13
C ALA C 160 -3.84 38.94 -29.27
N VAL C 161 -3.97 39.15 -27.96
CA VAL C 161 -3.99 38.08 -26.97
C VAL C 161 -5.33 38.10 -26.26
N ASN C 162 -6.05 36.97 -26.30
CA ASN C 162 -7.34 36.84 -25.63
C ASN C 162 -7.16 36.29 -24.22
N PRO C 163 -8.07 36.65 -23.31
CA PRO C 163 -8.04 36.06 -21.97
C PRO C 163 -8.08 34.55 -22.02
N GLY C 164 -7.32 33.91 -21.13
CA GLY C 164 -7.26 32.47 -21.06
C GLY C 164 -6.20 31.81 -21.90
N ASP C 165 -5.38 32.59 -22.60
CA ASP C 165 -4.33 32.04 -23.44
C ASP C 165 -3.13 31.59 -22.60
N CYS C 166 -2.33 30.70 -23.17
CA CYS C 166 -1.15 30.21 -22.47
C CYS C 166 -0.10 31.31 -22.37
N PRO C 167 0.41 31.61 -21.18
CA PRO C 167 1.46 32.61 -21.06
C PRO C 167 2.73 32.13 -21.73
N PRO C 168 3.50 33.04 -22.34
CA PRO C 168 4.79 32.64 -22.90
C PRO C 168 5.82 32.41 -21.80
N LEU C 169 6.80 31.58 -22.11
CA LEU C 169 7.77 31.12 -21.12
C LEU C 169 9.18 31.52 -21.53
N GLU C 170 9.96 31.97 -20.54
CA GLU C 170 11.38 32.27 -20.76
C GLU C 170 12.14 31.94 -19.48
N LEU C 171 13.46 31.81 -19.63
CA LEU C 171 14.35 31.44 -18.53
C LEU C 171 15.07 32.69 -18.03
N ILE C 172 14.99 32.93 -16.71
CA ILE C 172 15.44 34.17 -16.09
C ILE C 172 16.47 33.86 -15.03
N ASN C 173 17.57 34.61 -15.05
CA ASN C 173 18.65 34.49 -14.07
C ASN C 173 18.59 35.67 -13.10
N THR C 174 18.63 35.36 -11.80
CA THR C 174 18.56 36.38 -10.75
C THR C 174 19.60 36.04 -9.68
N VAL C 175 19.63 36.86 -8.62
CA VAL C 175 20.52 36.67 -7.49
C VAL C 175 19.73 36.04 -6.35
N ILE C 176 20.25 34.96 -5.78
CA ILE C 176 19.59 34.28 -4.67
C ILE C 176 19.81 35.09 -3.40
N GLN C 177 18.73 35.34 -2.65
CA GLN C 177 18.78 36.08 -1.41
C GLN C 177 18.30 35.21 -0.26
N ASP C 178 18.52 35.69 0.96
CA ASP C 178 18.12 34.96 2.15
C ASP C 178 16.60 34.89 2.24
N GLY C 179 16.07 33.68 2.40
CA GLY C 179 14.64 33.48 2.50
C GLY C 179 13.96 33.02 1.24
N ASP C 180 14.70 32.83 0.15
CA ASP C 180 14.09 32.33 -1.09
C ASP C 180 13.72 30.86 -0.93
N MET C 181 12.90 30.37 -1.85
CA MET C 181 12.41 29.00 -1.81
C MET C 181 13.19 28.13 -2.79
N VAL C 182 13.52 26.91 -2.35
CA VAL C 182 14.20 25.95 -3.18
C VAL C 182 13.16 25.07 -3.86
N ASP C 183 13.57 24.37 -4.91
CA ASP C 183 12.66 23.47 -5.62
C ASP C 183 12.22 22.32 -4.74
N THR C 184 10.94 22.00 -4.83
CA THR C 184 10.31 20.99 -3.97
C THR C 184 9.78 19.79 -4.73
N GLY C 185 10.02 19.70 -6.03
CA GLY C 185 9.47 18.64 -6.85
C GLY C 185 8.42 19.08 -7.86
N PHE C 186 8.19 20.38 -8.01
CA PHE C 186 7.22 20.89 -8.98
C PHE C 186 7.86 21.73 -10.07
N GLY C 187 9.15 22.01 -9.99
CA GLY C 187 9.85 22.79 -10.99
C GLY C 187 10.29 24.14 -10.44
N ALA C 188 11.12 24.81 -11.24
CA ALA C 188 11.66 26.13 -10.92
C ALA C 188 10.90 27.17 -11.73
N MET C 189 9.78 27.64 -11.19
CA MET C 189 8.93 28.59 -11.90
C MET C 189 8.37 29.60 -10.92
N ASP C 190 7.84 30.69 -11.48
CA ASP C 190 7.14 31.72 -10.71
C ASP C 190 5.67 31.31 -10.61
N PHE C 191 5.27 30.82 -9.44
CA PHE C 191 3.91 30.34 -9.26
C PHE C 191 2.90 31.47 -9.16
N THR C 192 3.34 32.70 -8.88
CA THR C 192 2.41 33.81 -8.76
C THR C 192 1.89 34.26 -10.13
N THR C 193 2.77 34.31 -11.12
CA THR C 193 2.41 34.84 -12.43
C THR C 193 1.97 33.78 -13.42
N LEU C 194 2.42 32.54 -13.26
CA LEU C 194 2.09 31.47 -14.19
C LEU C 194 0.90 30.63 -13.75
N GLN C 195 0.34 30.90 -12.57
CA GLN C 195 -0.83 30.18 -12.07
C GLN C 195 -1.80 31.20 -11.50
N ALA C 196 -3.06 31.13 -11.93
CA ALA C 196 -4.03 32.15 -11.57
C ALA C 196 -5.07 31.69 -10.56
N ASN C 197 -5.29 30.38 -10.42
CA ASN C 197 -6.32 29.90 -9.51
C ASN C 197 -5.84 29.77 -8.08
N LYS C 198 -4.53 29.89 -7.82
CA LYS C 198 -3.94 29.90 -6.49
C LYS C 198 -4.17 28.60 -5.73
N SER C 199 -4.40 27.49 -6.43
CA SER C 199 -4.79 26.25 -5.78
C SER C 199 -4.12 25.03 -6.40
N GLU C 200 -2.90 25.19 -6.92
CA GLU C 200 -2.22 24.09 -7.59
C GLU C 200 -1.00 23.56 -6.84
N VAL C 201 -0.42 24.36 -5.95
CA VAL C 201 0.73 23.94 -5.15
C VAL C 201 0.48 24.35 -3.70
N PRO C 202 1.17 23.72 -2.75
CA PRO C 202 0.92 24.00 -1.32
C PRO C 202 1.14 25.46 -0.95
N LEU C 203 0.78 25.76 0.30
CA LEU C 203 0.62 27.13 0.76
C LEU C 203 1.94 27.89 0.89
N ASP C 204 3.07 27.21 1.05
CA ASP C 204 4.33 27.90 1.25
C ASP C 204 5.06 28.20 -0.06
N ILE C 205 4.53 27.77 -1.21
CA ILE C 205 5.12 28.10 -2.50
C ILE C 205 4.09 28.62 -3.49
N CYS C 206 2.83 28.76 -3.10
CA CYS C 206 1.78 29.13 -4.05
C CYS C 206 1.88 30.58 -4.49
N THR C 207 2.64 31.42 -3.78
CA THR C 207 2.82 32.81 -4.15
C THR C 207 4.29 33.20 -4.13
N SER C 208 5.17 32.26 -4.45
CA SER C 208 6.61 32.46 -4.36
C SER C 208 7.28 32.00 -5.65
N ILE C 209 8.58 32.25 -5.75
CA ILE C 209 9.41 31.78 -6.85
C ILE C 209 10.36 30.71 -6.32
N CYS C 210 10.41 29.57 -6.98
CA CYS C 210 11.39 28.53 -6.68
C CYS C 210 12.55 28.66 -7.66
N LYS C 211 13.76 28.75 -7.13
CA LYS C 211 14.95 28.96 -7.94
C LYS C 211 15.91 27.79 -7.81
N TYR C 212 16.62 27.50 -8.89
CA TYR C 212 17.65 26.48 -8.91
C TYR C 212 19.00 27.13 -9.20
N PRO C 213 20.07 26.70 -8.54
CA PRO C 213 21.39 27.32 -8.80
C PRO C 213 21.82 27.10 -10.24
N ASP C 214 22.45 28.14 -10.80
CA ASP C 214 22.94 28.10 -12.18
C ASP C 214 24.40 27.70 -12.17
N TYR C 215 24.64 26.39 -12.03
CA TYR C 215 26.00 25.87 -11.96
C TYR C 215 26.76 26.11 -13.25
N ILE C 216 26.11 25.89 -14.40
CA ILE C 216 26.79 26.01 -15.69
C ILE C 216 27.26 27.44 -15.92
N LYS C 217 26.42 28.42 -15.59
CA LYS C 217 26.82 29.81 -15.76
C LYS C 217 27.84 30.24 -14.72
N MET C 218 27.74 29.71 -13.50
CA MET C 218 28.68 30.04 -12.44
C MET C 218 30.09 29.53 -12.73
N VAL C 219 30.22 28.32 -13.27
CA VAL C 219 31.54 27.77 -13.51
C VAL C 219 32.17 28.31 -14.78
N SER C 220 31.37 28.89 -15.68
CA SER C 220 31.86 29.46 -16.93
C SER C 220 32.29 30.91 -16.78
N GLU C 221 32.19 31.49 -15.60
CA GLU C 221 32.62 32.86 -15.39
C GLU C 221 34.14 32.96 -15.55
N PRO C 222 34.63 33.96 -16.29
CA PRO C 222 36.08 34.03 -16.56
C PRO C 222 36.94 34.13 -15.31
N TYR C 223 36.48 34.86 -14.28
CA TYR C 223 37.30 35.06 -13.10
C TYR C 223 37.02 34.05 -11.98
N GLY C 224 35.85 33.43 -11.99
CA GLY C 224 35.53 32.42 -10.99
C GLY C 224 35.44 32.93 -9.57
N ASP C 225 34.87 34.13 -9.38
CA ASP C 225 34.72 34.71 -8.05
C ASP C 225 33.45 34.25 -7.35
N SER C 226 32.43 33.82 -8.08
CA SER C 226 31.15 33.48 -7.49
C SER C 226 31.09 32.07 -6.93
N LEU C 227 32.13 31.26 -7.11
CA LEU C 227 32.08 29.88 -6.66
C LEU C 227 33.50 29.37 -6.45
N PHE C 228 33.90 29.19 -5.19
CA PHE C 228 35.13 28.49 -4.85
C PHE C 228 34.92 27.02 -4.60
N PHE C 229 33.76 26.64 -4.06
CA PHE C 229 33.52 25.28 -3.60
C PHE C 229 32.02 25.06 -3.51
N TYR C 230 31.58 23.84 -3.82
CA TYR C 230 30.16 23.54 -3.75
C TYR C 230 29.95 22.03 -3.59
N LEU C 231 28.92 21.68 -2.82
CA LEU C 231 28.45 20.31 -2.68
C LEU C 231 26.94 20.28 -2.83
N ARG C 232 26.43 19.22 -3.44
CA ARG C 232 24.99 19.06 -3.65
C ARG C 232 24.62 17.59 -3.53
N ARG C 233 23.38 17.34 -3.10
CA ARG C 233 22.87 15.97 -3.01
C ARG C 233 21.35 16.03 -2.93
N GLU C 234 20.66 15.46 -3.91
CA GLU C 234 19.20 15.53 -3.96
C GLU C 234 18.61 14.22 -4.45
N GLN C 235 17.38 13.94 -4.01
CA GLN C 235 16.70 12.70 -4.35
C GLN C 235 15.19 12.84 -4.13
N MET C 236 14.43 12.06 -4.91
CA MET C 236 12.97 12.06 -4.82
C MET C 236 12.41 10.85 -5.56
N PHE C 237 11.13 10.57 -5.28
CA PHE C 237 10.37 9.59 -6.06
C PHE C 237 8.90 10.01 -6.05
N VAL C 238 8.06 9.20 -6.69
CA VAL C 238 6.65 9.52 -6.94
C VAL C 238 5.78 8.66 -6.03
N ARG C 239 4.85 9.30 -5.31
CA ARG C 239 3.93 8.58 -4.45
C ARG C 239 2.52 8.46 -5.01
N HIS C 240 1.97 9.52 -5.58
CA HIS C 240 0.57 9.51 -6.03
C HIS C 240 0.47 10.13 -7.42
N LEU C 241 -0.57 9.72 -8.15
CA LEU C 241 -0.82 10.18 -9.50
C LEU C 241 -2.27 10.68 -9.57
N PHE C 242 -2.46 11.95 -9.91
CA PHE C 242 -3.77 12.58 -9.87
C PHE C 242 -4.09 13.26 -11.19
N ASN C 243 -5.30 13.82 -11.26
CA ASN C 243 -5.76 14.70 -12.33
C ASN C 243 -5.90 16.13 -11.83
N ARG C 244 -6.27 17.02 -12.75
CA ARG C 244 -6.60 18.39 -12.42
C ARG C 244 -7.97 18.72 -13.01
N ALA C 245 -8.66 19.67 -12.38
CA ALA C 245 -9.99 20.09 -12.80
C ALA C 245 -9.94 21.50 -13.37
N GLY C 246 -10.71 21.73 -14.41
CA GLY C 246 -10.74 23.02 -15.06
C GLY C 246 -11.21 22.87 -16.49
N ALA C 247 -11.06 23.95 -17.24
CA ALA C 247 -11.34 23.92 -18.67
C ALA C 247 -10.11 23.46 -19.44
N VAL C 248 -10.34 22.83 -20.58
CA VAL C 248 -9.27 22.25 -21.38
C VAL C 248 -8.69 23.31 -22.29
N GLY C 249 -7.42 23.66 -22.07
CA GLY C 249 -6.78 24.66 -22.91
C GLY C 249 -6.50 24.15 -24.32
N ASP C 250 -5.98 22.94 -24.44
CA ASP C 250 -5.62 22.34 -25.73
C ASP C 250 -6.30 20.99 -25.85
N ASN C 251 -7.04 20.79 -26.94
CA ASN C 251 -7.77 19.56 -27.15
C ASN C 251 -6.85 18.45 -27.65
N VAL C 252 -7.16 17.22 -27.25
CA VAL C 252 -6.42 16.05 -27.75
C VAL C 252 -6.74 15.86 -29.23
N PRO C 253 -5.75 15.61 -30.08
CA PRO C 253 -6.04 15.38 -31.50
C PRO C 253 -6.94 14.17 -31.71
N ASP C 254 -7.79 14.25 -32.73
CA ASP C 254 -8.79 13.23 -32.98
C ASP C 254 -8.20 11.93 -33.51
N ASP C 255 -6.93 11.92 -33.90
CA ASP C 255 -6.30 10.73 -34.46
C ASP C 255 -5.52 9.93 -33.43
N LEU C 256 -5.68 10.21 -32.14
CA LEU C 256 -5.00 9.49 -31.09
C LEU C 256 -5.90 8.57 -30.29
N TYR C 257 -7.20 8.53 -30.60
CA TYR C 257 -8.14 7.73 -29.82
C TYR C 257 -9.37 7.45 -30.67
N ILE C 258 -10.18 6.50 -30.20
CA ILE C 258 -11.47 6.17 -30.81
C ILE C 258 -12.57 6.61 -29.84
N LYS C 259 -13.55 7.33 -30.36
CA LYS C 259 -14.58 7.92 -29.53
C LYS C 259 -15.47 6.86 -28.88
N GLY C 260 -15.87 7.11 -27.63
CA GLY C 260 -16.73 6.21 -26.90
C GLY C 260 -18.17 6.68 -26.87
N SER C 261 -18.95 6.01 -26.02
CA SER C 261 -20.38 6.29 -25.91
C SER C 261 -20.84 5.96 -24.50
N GLY C 262 -21.93 6.60 -24.10
CA GLY C 262 -22.49 6.40 -22.77
C GLY C 262 -21.75 7.17 -21.70
N SER C 263 -21.07 6.45 -20.81
CA SER C 263 -20.26 7.12 -19.78
C SER C 263 -19.02 7.75 -20.37
N THR C 264 -18.47 7.18 -21.45
CA THR C 264 -17.24 7.66 -22.07
C THR C 264 -17.50 8.52 -23.29
N ALA C 265 -18.66 9.20 -23.34
CA ALA C 265 -18.95 10.07 -24.46
C ALA C 265 -17.98 11.25 -24.52
N ASN C 266 -17.63 11.80 -23.37
CA ASN C 266 -16.66 12.88 -23.25
C ASN C 266 -15.38 12.35 -22.63
N LEU C 267 -14.32 13.15 -22.73
CA LEU C 267 -12.99 12.75 -22.28
C LEU C 267 -12.69 13.31 -20.91
N ALA C 268 -11.96 12.54 -20.11
CA ALA C 268 -11.50 12.98 -18.81
C ALA C 268 -10.23 13.81 -18.96
N SER C 269 -9.79 14.39 -17.85
CA SER C 269 -8.65 15.31 -17.86
C SER C 269 -7.36 14.57 -18.19
N SER C 270 -6.51 15.21 -19.00
CA SER C 270 -5.20 14.70 -19.35
C SER C 270 -4.09 15.54 -18.74
N ASN C 271 -4.40 16.36 -17.75
CA ASN C 271 -3.40 17.17 -17.06
C ASN C 271 -2.95 16.44 -15.80
N TYR C 272 -2.17 15.39 -16.01
CA TYR C 272 -1.70 14.56 -14.92
C TYR C 272 -0.55 15.24 -14.18
N PHE C 273 -0.54 15.12 -12.85
CA PHE C 273 0.57 15.60 -12.06
C PHE C 273 0.89 14.60 -10.94
N PRO C 274 2.16 14.40 -10.64
CA PRO C 274 2.54 13.47 -9.57
C PRO C 274 2.71 14.17 -8.23
N THR C 275 2.85 13.35 -7.19
CA THR C 275 3.14 13.82 -5.85
C THR C 275 4.56 13.43 -5.47
N PRO C 276 5.43 14.40 -5.18
CA PRO C 276 6.82 14.07 -4.86
C PRO C 276 6.97 13.49 -3.46
N SER C 277 8.11 12.86 -3.25
CA SER C 277 8.44 12.31 -1.93
C SER C 277 9.93 12.12 -1.82
N GLY C 278 10.56 12.84 -0.90
CA GLY C 278 11.89 12.44 -0.45
C GLY C 278 11.80 11.16 0.34
N SER C 279 12.82 10.31 0.21
CA SER C 279 12.69 8.96 0.72
C SER C 279 12.92 8.88 2.22
N MET C 280 14.14 9.18 2.68
CA MET C 280 14.52 8.77 4.01
C MET C 280 15.82 9.47 4.40
N VAL C 281 15.87 9.97 5.63
CA VAL C 281 17.03 10.71 6.13
C VAL C 281 17.87 9.77 6.98
N THR C 282 19.18 9.79 6.75
CA THR C 282 20.11 8.94 7.48
C THR C 282 21.33 9.78 7.89
N SER C 283 22.01 9.32 8.94
CA SER C 283 23.21 10.02 9.40
C SER C 283 24.41 9.80 8.47
N ASP C 284 24.42 8.72 7.71
CA ASP C 284 25.55 8.41 6.85
C ASP C 284 25.58 9.24 5.59
N ALA C 285 24.47 9.87 5.22
CA ALA C 285 24.37 10.65 3.99
C ALA C 285 24.47 12.15 4.23
N GLN C 286 24.91 12.56 5.40
CA GLN C 286 24.97 13.96 5.76
C GLN C 286 26.26 14.59 5.24
N ILE C 287 26.14 15.80 4.69
CA ILE C 287 27.29 16.56 4.21
C ILE C 287 27.71 17.64 5.18
N PHE C 288 26.98 17.84 6.27
CA PHE C 288 27.27 18.88 7.23
C PHE C 288 27.99 18.30 8.44
N ASN C 289 28.44 19.20 9.33
CA ASN C 289 29.23 18.85 10.50
C ASN C 289 30.53 18.17 10.12
N LYS C 290 31.06 18.50 8.94
CA LYS C 290 32.32 17.99 8.43
C LYS C 290 33.17 19.14 7.93
N PRO C 291 34.48 19.12 8.19
CA PRO C 291 35.33 20.20 7.72
C PRO C 291 35.68 20.05 6.24
N TYR C 292 35.74 21.18 5.56
CA TYR C 292 36.12 21.25 4.15
C TYR C 292 37.44 21.98 4.04
N TRP C 293 38.38 21.38 3.32
CA TRP C 293 39.68 22.01 3.07
C TRP C 293 39.72 22.49 1.62
N LEU C 294 40.03 23.77 1.44
CA LEU C 294 40.04 24.40 0.12
C LEU C 294 41.49 24.45 -0.37
N GLN C 295 41.95 23.32 -0.92
CA GLN C 295 43.31 23.22 -1.40
C GLN C 295 43.48 23.93 -2.75
N ARG C 296 42.64 23.59 -3.72
CA ARG C 296 42.77 24.13 -5.06
C ARG C 296 41.39 24.28 -5.67
N ALA C 297 40.95 25.51 -5.89
CA ALA C 297 39.67 25.77 -6.50
C ALA C 297 39.71 25.44 -7.99
N GLN C 298 38.52 25.24 -8.57
CA GLN C 298 38.44 24.90 -9.99
C GLN C 298 38.76 26.10 -10.86
N GLY C 299 38.22 27.27 -10.52
CA GLY C 299 38.42 28.47 -11.31
C GLY C 299 39.77 29.10 -11.07
N HIS C 300 39.94 30.30 -11.63
CA HIS C 300 41.21 31.01 -11.50
C HIS C 300 41.37 31.63 -10.12
N ASN C 301 40.27 31.99 -9.45
CA ASN C 301 40.34 32.51 -8.10
C ASN C 301 40.45 31.34 -7.12
N ASN C 302 41.44 31.40 -6.23
CA ASN C 302 41.78 30.28 -5.36
C ASN C 302 41.54 30.62 -3.89
N GLY C 303 40.39 31.21 -3.60
CA GLY C 303 39.99 31.48 -2.24
C GLY C 303 40.29 32.87 -1.71
N ILE C 304 40.70 33.79 -2.58
CA ILE C 304 41.00 35.15 -2.15
C ILE C 304 39.70 35.92 -1.97
N CYS C 305 39.52 36.51 -0.79
CA CYS C 305 38.29 37.22 -0.45
C CYS C 305 38.50 38.70 -0.71
N TRP C 306 38.28 39.10 -1.97
CA TRP C 306 38.43 40.49 -2.36
C TRP C 306 37.36 41.34 -1.69
N GLY C 307 37.78 42.51 -1.19
CA GLY C 307 36.86 43.41 -0.53
C GLY C 307 36.52 43.05 0.89
N ASN C 308 37.19 42.06 1.48
CA ASN C 308 36.94 41.61 2.84
C ASN C 308 35.48 41.18 3.01
N GLN C 309 35.11 40.15 2.24
CA GLN C 309 33.71 39.78 2.08
C GLN C 309 33.63 38.32 1.69
N LEU C 310 32.67 37.60 2.29
CA LEU C 310 32.48 36.19 1.99
C LEU C 310 30.98 35.91 1.90
N PHE C 311 30.62 34.90 1.10
CA PHE C 311 29.23 34.50 0.92
C PHE C 311 29.12 32.99 1.09
N VAL C 312 28.20 32.56 1.94
CA VAL C 312 27.96 31.13 2.19
C VAL C 312 26.48 30.86 1.99
N THR C 313 26.15 29.92 1.09
CA THR C 313 24.77 29.54 0.81
C THR C 313 24.54 28.11 1.27
N VAL C 314 23.48 27.90 2.04
CA VAL C 314 23.19 26.62 2.68
C VAL C 314 21.73 26.28 2.45
N VAL C 315 21.47 25.03 2.05
CA VAL C 315 20.14 24.43 2.02
C VAL C 315 20.22 23.06 2.66
N ASP C 316 19.32 22.78 3.60
CA ASP C 316 19.31 21.49 4.29
C ASP C 316 17.87 21.18 4.70
N THR C 317 17.23 20.25 4.00
CA THR C 317 15.87 19.84 4.30
C THR C 317 15.81 18.58 5.15
N THR C 318 16.94 18.13 5.68
CA THR C 318 16.99 16.90 6.47
C THR C 318 16.69 17.15 7.95
N ARG C 319 16.51 18.41 8.36
CA ARG C 319 16.06 18.76 9.70
C ARG C 319 14.91 19.76 9.51
N SER C 320 13.70 19.23 9.32
CA SER C 320 12.56 20.09 9.01
C SER C 320 11.32 19.71 9.80
N THR C 321 11.50 19.26 11.05
CA THR C 321 10.37 18.90 11.89
C THR C 321 9.65 20.15 12.39
N ASN C 322 8.34 20.18 12.19
CA ASN C 322 7.50 21.26 12.70
C ASN C 322 6.85 20.81 14.00
N MET C 323 6.90 21.69 15.01
CA MET C 323 6.39 21.39 16.34
C MET C 323 4.96 21.89 16.47
N SER C 324 4.11 21.05 17.04
CA SER C 324 2.71 21.38 17.30
C SER C 324 2.56 21.86 18.75
N LEU C 325 1.91 22.99 18.93
CA LEU C 325 1.70 23.57 20.25
C LEU C 325 0.21 23.71 20.50
N CYS C 326 -0.21 23.52 21.74
CA CYS C 326 -1.62 23.58 22.10
C CYS C 326 -1.79 24.43 23.36
N ALA C 327 -2.77 25.33 23.33
CA ALA C 327 -3.07 26.20 24.45
C ALA C 327 -4.52 26.06 24.86
N ALA C 328 -4.76 25.99 26.17
CA ALA C 328 -6.10 25.77 26.70
C ALA C 328 -6.79 27.09 26.98
N ILE C 329 -8.00 27.25 26.43
CA ILE C 329 -8.76 28.48 26.64
C ILE C 329 -9.38 28.49 28.03
N SER C 330 -10.12 27.44 28.38
CA SER C 330 -10.71 27.29 29.70
C SER C 330 -10.35 25.93 30.25
N THR C 331 -9.91 25.89 31.51
CA THR C 331 -9.49 24.66 32.16
C THR C 331 -10.49 24.17 33.19
N SER C 332 -11.71 24.69 33.19
CA SER C 332 -12.74 24.35 34.18
C SER C 332 -13.72 23.32 33.62
N GLU C 333 -13.24 22.42 32.77
CA GLU C 333 -14.07 21.37 32.20
C GLU C 333 -13.34 20.05 32.31
N THR C 334 -14.08 19.01 32.74
CA THR C 334 -13.52 17.69 32.92
C THR C 334 -13.77 16.77 31.72
N THR C 335 -14.44 17.27 30.68
CA THR C 335 -14.70 16.49 29.47
C THR C 335 -14.11 17.23 28.27
N TYR C 336 -13.50 16.49 27.37
CA TYR C 336 -12.81 17.08 26.24
C TYR C 336 -13.78 17.66 25.22
N LYS C 337 -13.52 18.91 24.81
CA LYS C 337 -14.25 19.56 23.74
C LYS C 337 -13.25 20.16 22.76
N ASN C 338 -13.56 20.09 21.46
CA ASN C 338 -12.65 20.61 20.44
C ASN C 338 -12.46 22.11 20.57
N THR C 339 -13.47 22.82 21.05
CA THR C 339 -13.47 24.28 21.07
C THR C 339 -12.76 24.87 22.29
N ASN C 340 -12.22 24.04 23.17
CA ASN C 340 -11.54 24.50 24.37
C ASN C 340 -10.04 24.59 24.22
N PHE C 341 -9.49 24.30 23.02
CA PHE C 341 -8.06 24.30 22.80
C PHE C 341 -7.74 24.96 21.47
N LYS C 342 -6.56 25.58 21.40
CA LYS C 342 -6.06 26.23 20.20
C LYS C 342 -4.75 25.59 19.77
N GLU C 343 -4.56 25.47 18.46
CA GLU C 343 -3.43 24.75 17.86
C GLU C 343 -2.53 25.72 17.09
N TYR C 344 -1.22 25.51 17.22
CA TYR C 344 -0.22 26.35 16.56
C TYR C 344 0.90 25.48 16.02
N LEU C 345 1.60 25.99 15.02
CA LEU C 345 2.75 25.32 14.42
C LEU C 345 3.97 26.23 14.48
N ARG C 346 5.11 25.66 14.84
CA ARG C 346 6.36 26.42 14.93
C ARG C 346 7.50 25.62 14.33
N HIS C 347 8.55 26.32 13.91
CA HIS C 347 9.77 25.71 13.40
C HIS C 347 10.98 26.48 13.92
N GLY C 348 11.94 25.75 14.43
CA GLY C 348 13.18 26.36 14.93
C GLY C 348 14.39 25.75 14.24
N GLU C 349 15.40 26.59 14.01
CA GLU C 349 16.54 26.21 13.20
C GLU C 349 17.82 26.81 13.79
N GLU C 350 18.87 26.00 13.86
CA GLU C 350 20.11 26.31 14.57
C GLU C 350 21.32 26.18 13.66
N TYR C 351 22.25 27.13 13.77
CA TYR C 351 23.40 27.20 12.87
C TYR C 351 24.66 27.55 13.64
N ASP C 352 25.80 27.15 13.08
CA ASP C 352 27.12 27.50 13.57
C ASP C 352 28.07 27.52 12.38
N LEU C 353 29.01 28.46 12.37
CA LEU C 353 29.98 28.55 11.28
C LEU C 353 31.36 28.80 11.86
N GLN C 354 32.38 28.16 11.26
CA GLN C 354 33.75 28.41 11.68
C GLN C 354 34.70 28.29 10.49
N PHE C 355 35.73 29.14 10.49
CA PHE C 355 36.59 29.37 9.33
C PHE C 355 38.04 29.49 9.75
N ILE C 356 38.93 29.06 8.86
CA ILE C 356 40.37 29.29 8.99
C ILE C 356 40.79 30.18 7.83
N PHE C 357 41.51 31.26 8.14
CA PHE C 357 41.94 32.22 7.14
C PHE C 357 43.46 32.33 7.13
N GLN C 358 44.01 32.60 5.95
CA GLN C 358 45.43 32.82 5.77
C GLN C 358 45.68 34.22 5.24
N LEU C 359 46.78 34.82 5.69
CA LEU C 359 47.15 36.17 5.29
C LEU C 359 48.04 36.12 4.06
N CYS C 360 47.71 36.96 3.07
CA CYS C 360 48.46 37.04 1.82
C CYS C 360 48.84 38.49 1.55
N LYS C 361 49.83 38.67 0.69
CA LYS C 361 50.31 40.01 0.33
C LYS C 361 50.50 40.09 -1.17
N ILE C 362 50.29 41.29 -1.72
CA ILE C 362 50.33 41.53 -3.15
C ILE C 362 51.27 42.71 -3.41
N THR C 363 52.17 42.55 -4.37
CA THR C 363 53.06 43.62 -4.80
C THR C 363 52.40 44.37 -5.95
N LEU C 364 52.24 45.69 -5.79
CA LEU C 364 51.49 46.51 -6.73
C LEU C 364 52.47 47.13 -7.72
N THR C 365 52.72 46.42 -8.82
CA THR C 365 53.48 46.96 -9.94
C THR C 365 52.51 47.50 -10.99
N ALA C 366 53.06 48.13 -12.03
CA ALA C 366 52.21 48.75 -13.05
C ALA C 366 51.34 47.72 -13.75
N ASP C 367 51.92 46.59 -14.15
CA ASP C 367 51.15 45.54 -14.80
C ASP C 367 50.10 44.96 -13.86
N VAL C 368 50.48 44.71 -12.60
CA VAL C 368 49.53 44.18 -11.63
C VAL C 368 48.41 45.19 -11.37
N MET C 369 48.77 46.48 -11.25
CA MET C 369 47.76 47.50 -11.05
C MET C 369 46.78 47.55 -12.21
N THR C 370 47.29 47.50 -13.44
CA THR C 370 46.42 47.52 -14.61
C THR C 370 45.50 46.31 -14.64
N TYR C 371 46.06 45.11 -14.36
CA TYR C 371 45.26 43.90 -14.39
C TYR C 371 44.15 43.94 -13.34
N ILE C 372 44.48 44.37 -12.12
CA ILE C 372 43.48 44.39 -11.05
C ILE C 372 42.42 45.45 -11.33
N HIS C 373 42.83 46.61 -11.87
CA HIS C 373 41.85 47.63 -12.23
C HIS C 373 40.90 47.14 -13.30
N SER C 374 41.42 46.42 -14.30
CA SER C 374 40.55 45.85 -15.32
C SER C 374 39.63 44.79 -14.72
N MET C 375 40.13 44.01 -13.75
CA MET C 375 39.31 42.99 -13.11
C MET C 375 38.20 43.60 -12.26
N ASN C 376 38.54 44.58 -11.42
CA ASN C 376 37.57 45.21 -10.54
C ASN C 376 38.12 46.57 -10.13
N SER C 377 37.37 47.63 -10.43
CA SER C 377 37.87 48.98 -10.19
C SER C 377 37.82 49.36 -8.71
N THR C 378 36.87 48.79 -7.96
CA THR C 378 36.68 49.21 -6.57
C THR C 378 37.80 48.76 -5.65
N ILE C 379 38.57 47.73 -6.04
CA ILE C 379 39.61 47.21 -5.16
C ILE C 379 40.70 48.26 -4.93
N LEU C 380 41.16 48.91 -6.00
CA LEU C 380 42.18 49.93 -5.86
C LEU C 380 41.67 51.13 -5.07
N GLU C 381 40.42 51.52 -5.30
CA GLU C 381 39.86 52.66 -4.57
C GLU C 381 39.72 52.37 -3.09
N ASP C 382 39.35 51.14 -2.74
CA ASP C 382 39.24 50.78 -1.32
C ASP C 382 40.59 50.84 -0.62
N TRP C 383 41.65 50.42 -1.29
CA TRP C 383 42.99 50.44 -0.72
C TRP C 383 43.50 51.87 -0.57
N PRO C 421 26.11 48.95 -3.74
CA PRO C 421 25.95 47.92 -4.77
C PRO C 421 24.93 46.87 -4.37
N LEU C 422 25.25 46.10 -3.34
CA LEU C 422 24.34 45.07 -2.81
C LEU C 422 23.47 45.64 -1.70
N LYS C 423 22.81 46.76 -1.97
CA LYS C 423 21.96 47.42 -0.99
C LYS C 423 20.48 47.11 -1.16
N LYS C 424 20.09 46.52 -2.29
CA LYS C 424 18.70 46.15 -2.54
C LYS C 424 18.45 44.66 -2.35
N TYR C 425 19.40 43.93 -1.78
CA TYR C 425 19.26 42.53 -1.47
C TYR C 425 19.30 42.32 0.04
N THR C 426 18.71 41.22 0.49
CA THR C 426 18.66 40.88 1.91
C THR C 426 19.46 39.61 2.14
N PHE C 427 20.45 39.69 3.03
CA PHE C 427 21.24 38.55 3.44
C PHE C 427 21.26 38.49 4.96
N TRP C 428 21.62 37.32 5.48
CA TRP C 428 21.88 37.17 6.92
C TRP C 428 23.29 37.68 7.17
N GLU C 429 23.41 38.82 7.85
CA GLU C 429 24.69 39.47 8.02
C GLU C 429 25.46 38.87 9.19
N VAL C 430 26.74 38.58 8.96
CA VAL C 430 27.63 38.04 9.98
C VAL C 430 28.83 38.98 10.10
N ASN C 431 29.11 39.41 11.33
CA ASN C 431 30.16 40.38 11.61
C ASN C 431 31.25 39.69 12.41
N LEU C 432 32.37 39.39 11.75
CA LEU C 432 33.51 38.74 12.38
C LEU C 432 34.68 39.69 12.56
N LYS C 433 34.40 41.00 12.60
CA LYS C 433 35.48 41.99 12.75
C LYS C 433 36.11 41.95 14.12
N GLU C 434 35.44 41.34 15.11
CA GLU C 434 35.96 41.26 16.47
C GLU C 434 36.13 39.82 16.94
N LYS C 435 36.13 38.85 16.03
CA LYS C 435 36.34 37.44 16.40
C LYS C 435 37.42 36.84 15.50
N PHE C 436 38.68 37.14 15.81
CA PHE C 436 39.86 36.44 15.32
C PHE C 436 40.77 36.15 16.49
N SER C 437 41.48 35.02 16.42
CA SER C 437 42.50 34.69 17.40
C SER C 437 43.58 33.86 16.74
N ALA C 438 44.84 34.16 17.06
CA ALA C 438 45.95 33.41 16.50
C ALA C 438 46.21 32.11 17.25
N ASP C 439 45.60 31.92 18.42
CA ASP C 439 45.70 30.68 19.18
C ASP C 439 44.84 29.66 18.46
N LEU C 440 45.45 28.96 17.50
CA LEU C 440 44.69 28.12 16.59
C LEU C 440 44.24 26.82 17.23
N ASP C 441 45.01 26.29 18.18
CA ASP C 441 44.70 25.01 18.80
C ASP C 441 43.71 25.11 19.96
N GLN C 442 43.17 26.30 20.23
CA GLN C 442 42.19 26.49 21.29
C GLN C 442 40.76 26.23 20.81
N PHE C 443 40.57 25.81 19.57
CA PHE C 443 39.26 25.64 18.97
C PHE C 443 39.18 24.30 18.25
N PRO C 444 37.97 23.73 18.14
CA PRO C 444 37.84 22.40 17.51
C PRO C 444 38.35 22.33 16.09
N LEU C 445 38.11 23.35 15.27
CA LEU C 445 38.53 23.31 13.87
C LEU C 445 40.03 23.53 13.73
N GLY C 446 40.62 24.36 14.58
CA GLY C 446 42.07 24.56 14.54
C GLY C 446 42.85 23.32 14.88
N ARG C 447 42.34 22.50 15.80
CA ARG C 447 43.00 21.25 16.12
C ARG C 447 43.03 20.32 14.90
N LYS C 448 41.92 20.22 14.18
CA LYS C 448 41.89 19.40 12.97
C LYS C 448 42.82 19.97 11.90
N PHE C 449 42.85 21.30 11.76
CA PHE C 449 43.72 21.92 10.77
C PHE C 449 45.18 21.64 11.08
N LEU C 450 45.58 21.74 12.35
CA LEU C 450 46.96 21.43 12.71
C LEU C 450 47.24 19.93 12.62
N LEU C 451 46.21 19.10 12.78
CA LEU C 451 46.42 17.66 12.71
C LEU C 451 46.64 17.19 11.28
N GLN C 452 45.92 17.77 10.32
CA GLN C 452 46.08 17.34 8.94
C GLN C 452 47.43 17.74 8.35
N ALA C 453 48.14 18.65 9.00
CA ALA C 453 49.44 19.09 8.50
C ALA C 453 50.47 19.12 9.63
N GLN D 1 -34.25 26.12 29.38
CA GLN D 1 -33.00 25.81 28.70
C GLN D 1 -32.08 27.02 28.69
N VAL D 2 -31.27 27.14 27.64
CA VAL D 2 -30.30 28.21 27.51
C VAL D 2 -31.00 29.46 26.96
N GLN D 3 -30.65 30.62 27.51
CA GLN D 3 -31.20 31.89 27.09
C GLN D 3 -30.07 32.88 26.83
N LEU D 4 -30.18 33.63 25.75
CA LEU D 4 -29.20 34.66 25.40
C LEU D 4 -29.71 36.00 25.88
N VAL D 5 -28.86 36.73 26.60
CA VAL D 5 -29.20 38.02 27.18
C VAL D 5 -28.31 39.08 26.56
N GLN D 6 -28.91 40.17 26.11
CA GLN D 6 -28.21 41.26 25.45
C GLN D 6 -28.17 42.49 26.35
N SER D 7 -27.28 43.41 26.02
CA SER D 7 -27.11 44.63 26.81
C SER D 7 -28.27 45.59 26.54
N GLY D 8 -28.22 46.75 27.20
CA GLY D 8 -29.30 47.71 27.14
C GLY D 8 -29.25 48.62 25.94
N ALA D 9 -30.25 49.48 25.85
CA ALA D 9 -30.36 50.42 24.73
C ALA D 9 -29.23 51.44 24.77
N GLU D 10 -28.80 51.86 23.59
CA GLU D 10 -27.68 52.77 23.43
C GLU D 10 -28.12 54.03 22.70
N VAL D 11 -27.63 55.17 23.17
CA VAL D 11 -27.81 56.46 22.51
C VAL D 11 -26.42 57.04 22.25
N LYS D 12 -26.09 57.22 20.97
CA LYS D 12 -24.77 57.68 20.57
C LYS D 12 -24.88 58.86 19.62
N LYS D 13 -23.81 59.62 19.53
CA LYS D 13 -23.67 60.74 18.61
C LYS D 13 -22.92 60.29 17.36
N PRO D 14 -23.15 60.95 16.22
CA PRO D 14 -22.48 60.53 14.98
C PRO D 14 -20.96 60.63 15.13
N GLY D 15 -20.27 59.68 14.50
CA GLY D 15 -18.82 59.61 14.55
C GLY D 15 -18.25 58.76 15.68
N SER D 16 -19.09 58.29 16.60
CA SER D 16 -18.63 57.47 17.71
C SER D 16 -18.74 55.99 17.37
N SER D 17 -18.28 55.16 18.30
CA SER D 17 -18.31 53.70 18.14
C SER D 17 -19.15 53.09 19.25
N VAL D 18 -19.80 51.97 18.94
CA VAL D 18 -20.67 51.29 19.88
C VAL D 18 -20.28 49.82 19.95
N LYS D 19 -20.55 49.20 21.10
CA LYS D 19 -20.22 47.80 21.31
C LYS D 19 -21.37 47.14 22.07
N VAL D 20 -21.82 45.99 21.57
CA VAL D 20 -22.97 45.28 22.10
C VAL D 20 -22.54 43.87 22.49
N SER D 21 -23.11 43.37 23.59
CA SER D 21 -22.76 42.08 24.15
C SER D 21 -23.92 41.10 24.08
N CYS D 22 -23.61 39.82 24.20
CA CYS D 22 -24.57 38.73 24.05
C CYS D 22 -24.08 37.55 24.87
N LYS D 23 -24.70 37.29 26.02
CA LYS D 23 -24.22 36.29 26.96
C LYS D 23 -25.19 35.12 27.05
N ALA D 24 -24.65 33.90 27.01
CA ALA D 24 -25.43 32.69 27.21
C ALA D 24 -25.44 32.34 28.69
N SER D 25 -26.63 32.12 29.24
CA SER D 25 -26.81 32.00 30.69
C SER D 25 -27.01 30.56 31.14
N GLY D 26 -28.02 29.86 30.62
CA GLY D 26 -28.30 28.52 31.08
C GLY D 26 -27.31 27.50 30.56
N GLY D 27 -27.15 26.42 31.34
CA GLY D 27 -26.35 25.28 30.95
C GLY D 27 -24.95 25.57 30.45
N THR D 28 -24.38 24.63 29.71
CA THR D 28 -23.09 24.81 29.05
C THR D 28 -23.33 24.84 27.54
N PHE D 29 -22.83 25.88 26.87
CA PHE D 29 -23.20 26.10 25.48
C PHE D 29 -22.25 25.43 24.50
N ASN D 30 -20.96 25.80 24.54
CA ASN D 30 -19.98 25.35 23.55
C ASN D 30 -20.40 25.79 22.14
N SER D 31 -20.37 27.10 21.94
CA SER D 31 -20.86 27.73 20.72
C SER D 31 -20.14 27.19 19.48
N TYR D 32 -20.81 27.32 18.34
CA TYR D 32 -20.34 26.82 17.06
C TYR D 32 -20.12 27.94 16.05
N ALA D 33 -21.12 28.79 15.81
CA ALA D 33 -21.00 29.92 14.90
C ALA D 33 -21.81 31.08 15.46
N THR D 34 -21.28 32.29 15.28
CA THR D 34 -21.91 33.49 15.82
C THR D 34 -22.15 34.47 14.68
N GLY D 35 -23.30 35.15 14.71
CA GLY D 35 -23.62 36.10 13.67
C GLY D 35 -24.50 37.21 14.21
N TRP D 36 -24.53 38.31 13.49
CA TRP D 36 -25.31 39.46 13.93
C TRP D 36 -26.24 39.94 12.83
N VAL D 37 -27.46 40.34 13.21
CA VAL D 37 -28.48 40.80 12.29
C VAL D 37 -28.99 42.14 12.81
N ARG D 38 -29.61 42.92 11.93
CA ARG D 38 -30.22 44.17 12.36
C ARG D 38 -31.49 44.43 11.57
N GLN D 39 -32.35 45.26 12.13
CA GLN D 39 -33.57 45.71 11.47
C GLN D 39 -33.73 47.20 11.72
N ALA D 40 -33.83 47.97 10.65
CA ALA D 40 -34.08 49.39 10.68
C ALA D 40 -35.57 49.67 10.73
N PRO D 41 -35.98 50.83 11.23
CA PRO D 41 -37.41 51.16 11.28
C PRO D 41 -38.03 51.15 9.89
N GLY D 42 -38.99 50.25 9.69
CA GLY D 42 -39.70 50.14 8.44
C GLY D 42 -39.00 49.33 7.36
N GLN D 43 -37.95 48.60 7.70
CA GLN D 43 -37.19 47.81 6.73
C GLN D 43 -37.19 46.34 7.14
N GLY D 44 -36.47 45.53 6.40
CA GLY D 44 -36.35 44.12 6.66
C GLY D 44 -35.13 43.79 7.51
N LEU D 45 -34.69 42.54 7.41
CA LEU D 45 -33.53 42.05 8.14
C LEU D 45 -32.29 42.16 7.27
N GLU D 46 -31.17 42.55 7.88
CA GLU D 46 -29.89 42.68 7.20
C GLU D 46 -28.84 41.88 7.95
N TRP D 47 -28.20 40.94 7.28
CA TRP D 47 -27.05 40.24 7.84
C TRP D 47 -25.86 41.18 7.91
N MET D 48 -25.16 41.18 9.05
CA MET D 48 -24.04 42.09 9.25
C MET D 48 -22.69 41.41 9.45
N GLY D 49 -22.66 40.10 9.70
CA GLY D 49 -21.38 39.44 9.87
C GLY D 49 -21.46 38.12 10.61
N VAL D 50 -20.51 37.23 10.30
CA VAL D 50 -20.44 35.91 10.91
C VAL D 50 -19.00 35.59 11.25
N ILE D 51 -18.81 34.89 12.38
CA ILE D 51 -17.54 34.29 12.75
C ILE D 51 -17.79 32.84 13.12
N VAL D 52 -16.91 31.96 12.64
CA VAL D 52 -16.89 30.55 13.02
C VAL D 52 -15.48 30.24 13.53
N PRO D 53 -15.26 30.31 14.84
CA PRO D 53 -13.89 30.16 15.36
C PRO D 53 -13.22 28.84 15.01
N ILE D 54 -13.98 27.75 14.92
CA ILE D 54 -13.49 26.54 14.30
C ILE D 54 -13.57 26.73 12.79
N PHE D 55 -12.59 26.18 12.06
CA PHE D 55 -12.35 26.47 10.65
C PHE D 55 -11.74 27.85 10.45
N GLY D 56 -11.66 28.65 11.52
CA GLY D 56 -11.07 29.97 11.44
C GLY D 56 -11.72 30.94 10.48
N THR D 57 -13.05 31.04 10.50
CA THR D 57 -13.80 31.85 9.55
C THR D 57 -14.23 33.17 10.18
N GLU D 58 -14.12 34.25 9.42
CA GLU D 58 -14.54 35.58 9.85
C GLU D 58 -14.91 36.36 8.60
N ASP D 59 -16.19 36.60 8.37
CA ASP D 59 -16.62 37.22 7.12
C ASP D 59 -17.73 38.24 7.35
N TYR D 60 -17.61 39.37 6.66
CA TYR D 60 -18.53 40.51 6.72
C TYR D 60 -18.95 40.90 5.32
N PRO D 61 -20.12 41.51 5.18
CA PRO D 61 -20.54 42.00 3.86
C PRO D 61 -19.68 43.14 3.37
N GLN D 62 -19.72 43.35 2.05
CA GLN D 62 -18.88 44.36 1.43
C GLN D 62 -19.22 45.76 1.93
N ARG D 63 -20.51 46.06 2.08
CA ARG D 63 -20.93 47.39 2.54
C ARG D 63 -20.57 47.64 4.00
N PHE D 64 -20.15 46.62 4.75
CA PHE D 64 -19.85 46.76 6.17
C PHE D 64 -18.39 46.53 6.52
N GLN D 65 -17.56 46.12 5.57
CA GLN D 65 -16.16 45.86 5.87
C GLN D 65 -15.44 47.13 6.28
N GLY D 66 -14.67 47.04 7.37
CA GLY D 66 -13.91 48.15 7.91
C GLY D 66 -14.56 48.83 9.10
N ARG D 67 -15.85 48.60 9.31
CA ARG D 67 -16.57 49.23 10.41
C ARG D 67 -17.15 48.24 11.41
N VAL D 68 -17.20 46.95 11.08
CA VAL D 68 -17.83 45.94 11.92
C VAL D 68 -16.78 44.96 12.39
N THR D 69 -16.80 44.64 13.68
CA THR D 69 -15.92 43.61 14.25
C THR D 69 -16.74 42.71 15.15
N ILE D 70 -16.62 41.40 14.96
CA ILE D 70 -17.35 40.41 15.75
C ILE D 70 -16.35 39.55 16.49
N THR D 71 -16.54 39.41 17.81
CA THR D 71 -15.61 38.68 18.66
C THR D 71 -16.41 37.73 19.56
N ALA D 72 -15.77 36.64 19.96
CA ALA D 72 -16.39 35.69 20.88
C ALA D 72 -15.38 35.28 21.95
N ASP D 73 -15.86 35.17 23.19
CA ASP D 73 -15.05 34.73 24.32
C ASP D 73 -15.65 33.44 24.85
N GLU D 74 -14.87 32.36 24.77
CA GLU D 74 -15.35 31.03 25.14
C GLU D 74 -15.27 30.76 26.64
N SER D 75 -14.38 31.45 27.35
CA SER D 75 -14.29 31.25 28.80
C SER D 75 -15.57 31.69 29.51
N THR D 76 -16.15 32.82 29.09
CA THR D 76 -17.40 33.31 29.65
C THR D 76 -18.57 33.10 28.72
N ALA D 77 -18.34 32.61 27.49
CA ALA D 77 -19.37 32.40 26.49
C ALA D 77 -20.15 33.69 26.22
N THR D 78 -19.42 34.70 25.74
CA THR D 78 -19.99 36.01 25.47
C THR D 78 -19.54 36.49 24.10
N ALA D 79 -20.49 37.00 23.32
CA ALA D 79 -20.21 37.53 21.99
C ALA D 79 -20.29 39.05 22.03
N TYR D 80 -19.45 39.69 21.22
CA TYR D 80 -19.34 41.14 21.17
C TYR D 80 -19.39 41.60 19.71
N MET D 81 -20.07 42.72 19.48
CA MET D 81 -20.14 43.33 18.17
C MET D 81 -19.76 44.81 18.28
N GLU D 82 -18.86 45.25 17.41
CA GLU D 82 -18.27 46.58 17.43
C GLU D 82 -18.61 47.29 16.12
N LEU D 83 -19.22 48.48 16.23
CA LEU D 83 -19.47 49.35 15.09
C LEU D 83 -18.67 50.64 15.25
N ARG D 84 -17.97 51.03 14.20
CA ARG D 84 -17.17 52.25 14.17
C ARG D 84 -17.75 53.22 13.15
N SER D 85 -17.55 54.52 13.41
CA SER D 85 -18.00 55.59 12.52
C SER D 85 -19.51 55.52 12.32
N LEU D 86 -20.24 55.70 13.42
CA LEU D 86 -21.70 55.58 13.40
C LEU D 86 -22.32 56.71 12.57
N ARG D 87 -23.39 56.37 11.87
CA ARG D 87 -24.14 57.32 11.05
C ARG D 87 -25.60 57.31 11.48
N SER D 88 -26.36 58.28 10.97
CA SER D 88 -27.76 58.42 11.33
C SER D 88 -28.63 57.29 10.78
N ASP D 89 -28.13 56.50 9.84
CA ASP D 89 -28.87 55.36 9.31
C ASP D 89 -28.56 54.07 10.06
N ASP D 90 -27.78 54.13 11.12
CA ASP D 90 -27.47 52.97 11.94
C ASP D 90 -28.43 52.81 13.12
N THR D 91 -29.40 53.72 13.27
CA THR D 91 -30.42 53.61 14.30
C THR D 91 -31.31 52.41 13.98
N ALA D 92 -31.20 51.35 14.79
CA ALA D 92 -31.88 50.10 14.45
C ALA D 92 -31.89 49.19 15.67
N VAL D 93 -32.50 48.02 15.51
CA VAL D 93 -32.55 46.99 16.53
C VAL D 93 -31.64 45.84 16.09
N TYR D 94 -30.72 45.44 16.95
CA TYR D 94 -29.70 44.46 16.63
C TYR D 94 -29.98 43.14 17.36
N TYR D 95 -29.81 42.05 16.63
CA TYR D 95 -30.09 40.69 17.12
C TYR D 95 -28.83 39.83 17.03
N CYS D 96 -28.65 39.01 18.04
CA CYS D 96 -27.53 38.09 18.16
C CYS D 96 -28.00 36.68 17.86
N ALA D 97 -27.41 36.04 16.85
CA ALA D 97 -27.77 34.69 16.46
C ALA D 97 -26.58 33.77 16.69
N ARG D 98 -26.83 32.60 17.28
CA ARG D 98 -25.76 31.70 17.61
C ARG D 98 -26.17 30.26 17.34
N SER D 99 -25.19 29.43 17.02
CA SER D 99 -25.36 28.02 16.76
C SER D 99 -24.52 27.22 17.75
N ARG D 100 -24.99 26.03 18.11
CA ARG D 100 -24.35 25.22 19.14
C ARG D 100 -23.62 24.03 18.53
N LEU D 101 -22.45 23.71 19.09
CA LEU D 101 -21.67 22.59 18.61
C LEU D 101 -22.39 21.27 18.90
N GLY D 102 -22.33 20.36 17.93
CA GLY D 102 -23.09 19.13 17.97
C GLY D 102 -24.27 19.09 17.04
N SER D 103 -24.62 20.22 16.42
CA SER D 103 -25.70 20.25 15.44
C SER D 103 -25.19 19.78 14.07
N SER D 104 -26.11 19.65 13.13
CA SER D 104 -25.79 19.06 11.84
C SER D 104 -25.17 20.05 10.85
N SER D 105 -25.20 21.35 11.14
CA SER D 105 -24.61 22.34 10.25
C SER D 105 -24.23 23.56 11.07
N TRP D 106 -23.37 24.40 10.48
CA TRP D 106 -22.96 25.63 11.13
C TRP D 106 -24.00 26.74 11.01
N PHE D 107 -25.00 26.58 10.13
CA PHE D 107 -25.99 27.62 9.89
C PHE D 107 -27.36 27.26 10.48
N LEU D 108 -27.38 26.46 11.55
CA LEU D 108 -28.60 26.19 12.30
C LEU D 108 -28.67 27.18 13.46
N PHE D 109 -29.05 28.41 13.13
CA PHE D 109 -29.14 29.49 14.12
C PHE D 109 -30.47 29.34 14.87
N GLU D 110 -30.46 28.49 15.90
CA GLU D 110 -31.64 28.23 16.71
C GLU D 110 -31.72 29.10 17.97
N TYR D 111 -30.68 29.86 18.28
CA TYR D 111 -30.65 30.66 19.49
C TYR D 111 -30.51 32.13 19.13
N TRP D 112 -31.43 32.95 19.62
CA TRP D 112 -31.50 34.36 19.27
C TRP D 112 -31.63 35.21 20.52
N GLY D 113 -31.03 36.40 20.48
CA GLY D 113 -31.18 37.35 21.56
C GLY D 113 -32.46 38.16 21.44
N GLN D 114 -32.75 38.94 22.50
CA GLN D 114 -33.98 39.70 22.53
C GLN D 114 -33.91 40.96 21.67
N GLY D 115 -32.71 41.45 21.37
CA GLY D 115 -32.55 42.62 20.53
C GLY D 115 -32.20 43.85 21.35
N THR D 116 -31.35 44.70 20.78
CA THR D 116 -30.89 45.92 21.44
C THR D 116 -31.14 47.10 20.53
N LEU D 117 -31.75 48.16 21.06
CA LEU D 117 -32.05 49.36 20.28
C LEU D 117 -30.87 50.33 20.35
N VAL D 118 -30.41 50.78 19.19
CA VAL D 118 -29.30 51.73 19.08
C VAL D 118 -29.81 52.94 18.31
N THR D 119 -29.69 54.12 18.93
CA THR D 119 -30.13 55.38 18.33
C THR D 119 -28.92 56.29 18.17
N VAL D 120 -28.65 56.70 16.93
CA VAL D 120 -27.53 57.57 16.61
C VAL D 120 -28.12 58.91 16.17
N SER D 121 -28.07 59.89 17.06
CA SER D 121 -28.62 61.21 16.77
C SER D 121 -27.98 62.23 17.69
N SER D 122 -28.13 63.50 17.34
CA SER D 122 -27.59 64.59 18.12
C SER D 122 -28.70 65.44 18.74
N ASP E 1 -21.51 38.43 -3.91
CA ASP E 1 -22.59 37.89 -3.09
C ASP E 1 -23.74 37.41 -3.98
N ILE E 2 -24.80 36.92 -3.35
CA ILE E 2 -25.96 36.38 -4.04
C ILE E 2 -27.19 37.17 -3.61
N GLN E 3 -27.94 37.67 -4.60
CA GLN E 3 -29.18 38.39 -4.35
C GLN E 3 -30.35 37.43 -4.44
N MET E 4 -31.34 37.62 -3.55
CA MET E 4 -32.50 36.74 -3.48
C MET E 4 -33.78 37.56 -3.62
N THR E 5 -34.75 37.01 -4.34
CA THR E 5 -36.02 37.68 -4.60
C THR E 5 -37.16 36.84 -4.05
N GLN E 6 -38.03 37.46 -3.26
CA GLN E 6 -39.13 36.78 -2.59
C GLN E 6 -40.46 37.32 -3.10
N SER E 7 -41.37 36.42 -3.43
CA SER E 7 -42.67 36.82 -3.97
C SER E 7 -43.80 36.03 -3.31
N PRO E 8 -44.95 36.68 -3.06
CA PRO E 8 -45.16 38.12 -3.24
C PRO E 8 -44.67 38.91 -2.03
N SER E 9 -44.84 40.23 -2.06
CA SER E 9 -44.41 41.06 -0.93
C SER E 9 -45.48 41.22 0.14
N SER E 10 -46.72 40.81 -0.14
CA SER E 10 -47.82 40.91 0.81
C SER E 10 -48.99 40.13 0.27
N LEU E 11 -49.73 39.48 1.16
CA LEU E 11 -50.91 38.72 0.77
C LEU E 11 -51.87 38.63 1.94
N SER E 12 -53.16 38.47 1.63
CA SER E 12 -54.21 38.34 2.62
C SER E 12 -54.85 36.96 2.50
N ALA E 13 -55.08 36.32 3.64
CA ALA E 13 -55.64 34.98 3.67
C ALA E 13 -56.61 34.86 4.83
N SER E 14 -57.39 33.78 4.81
CA SER E 14 -58.35 33.48 5.87
C SER E 14 -57.94 32.18 6.56
N VAL E 15 -58.56 31.95 7.73
CA VAL E 15 -58.23 30.78 8.52
C VAL E 15 -58.65 29.52 7.78
N GLY E 16 -57.72 28.59 7.61
CA GLY E 16 -57.99 27.35 6.93
C GLY E 16 -57.57 27.30 5.47
N ASP E 17 -56.85 28.30 4.98
CA ASP E 17 -56.44 28.37 3.59
C ASP E 17 -55.03 27.80 3.41
N ARG E 18 -54.62 27.73 2.15
CA ARG E 18 -53.28 27.30 1.77
C ARG E 18 -52.53 28.49 1.20
N VAL E 19 -51.31 28.72 1.70
CA VAL E 19 -50.51 29.88 1.32
C VAL E 19 -49.16 29.40 0.81
N THR E 20 -48.76 29.89 -0.36
CA THR E 20 -47.48 29.55 -0.96
C THR E 20 -46.66 30.81 -1.19
N ILE E 21 -45.36 30.73 -0.87
CA ILE E 21 -44.43 31.83 -1.08
C ILE E 21 -43.26 31.31 -1.90
N THR E 22 -42.91 32.03 -2.96
CA THR E 22 -41.86 31.61 -3.89
C THR E 22 -40.59 32.41 -3.63
N CYS E 23 -39.44 31.75 -3.79
CA CYS E 23 -38.15 32.38 -3.52
C CYS E 23 -37.22 32.00 -4.65
N ARG E 24 -36.47 32.98 -5.16
CA ARG E 24 -35.64 32.81 -6.35
C ARG E 24 -34.24 33.33 -6.08
N ALA E 25 -33.24 32.57 -6.49
CA ALA E 25 -31.84 32.88 -6.26
C ALA E 25 -31.18 33.37 -7.55
N SER E 26 -30.16 34.21 -7.39
CA SER E 26 -29.43 34.74 -8.53
C SER E 26 -28.40 33.76 -9.08
N ASP E 27 -28.19 32.63 -8.41
CA ASP E 27 -27.23 31.63 -8.85
C ASP E 27 -27.68 30.27 -8.33
N MET E 28 -27.01 29.22 -8.80
CA MET E 28 -27.26 27.87 -8.29
C MET E 28 -26.71 27.74 -6.88
N ILE E 29 -27.57 27.43 -5.92
CA ILE E 29 -27.16 27.32 -4.52
C ILE E 29 -27.56 25.96 -3.95
N SER E 30 -27.75 24.97 -4.82
CA SER E 30 -28.14 23.63 -4.41
C SER E 30 -29.40 23.66 -3.55
N ASN E 31 -29.29 23.17 -2.32
CA ASN E 31 -30.40 23.21 -1.36
C ASN E 31 -30.04 23.98 -0.11
N TYR E 32 -29.22 25.02 -0.25
CA TYR E 32 -28.75 25.81 0.90
C TYR E 32 -29.67 27.00 1.12
N LEU E 33 -30.91 26.68 1.49
CA LEU E 33 -31.92 27.69 1.76
C LEU E 33 -32.62 27.41 3.08
N ASN E 34 -32.88 28.47 3.85
CA ASN E 34 -33.59 28.38 5.11
C ASN E 34 -34.70 29.41 5.16
N TRP E 35 -35.74 29.11 5.92
CA TRP E 35 -36.92 29.96 6.05
C TRP E 35 -37.06 30.40 7.49
N TYR E 36 -37.30 31.69 7.69
CA TYR E 36 -37.41 32.27 9.02
C TYR E 36 -38.75 32.97 9.19
N GLN E 37 -39.30 32.90 10.40
CA GLN E 37 -40.56 33.55 10.75
C GLN E 37 -40.28 34.62 11.80
N HIS E 38 -40.85 35.81 11.60
CA HIS E 38 -40.62 36.94 12.47
C HIS E 38 -41.95 37.62 12.78
N LYS E 39 -42.20 37.87 14.06
CA LYS E 39 -43.36 38.56 14.58
C LYS E 39 -42.93 39.86 15.26
N PRO E 40 -43.79 40.87 15.30
CA PRO E 40 -43.42 42.13 15.97
C PRO E 40 -43.15 41.91 17.44
N GLY E 41 -42.09 42.54 17.94
CA GLY E 41 -41.74 42.46 19.34
C GLY E 41 -41.00 41.21 19.77
N GLU E 42 -40.65 40.33 18.83
CA GLU E 42 -39.95 39.08 19.15
C GLU E 42 -38.78 38.89 18.20
N ALA E 43 -37.95 37.90 18.51
CA ALA E 43 -36.82 37.55 17.69
C ALA E 43 -37.23 36.64 16.54
N PRO E 44 -36.46 36.62 15.45
CA PRO E 44 -36.75 35.69 14.35
C PRO E 44 -36.63 34.24 14.80
N LYS E 45 -37.40 33.38 14.14
CA LYS E 45 -37.55 31.99 14.55
C LYS E 45 -37.45 31.09 13.33
N LEU E 46 -36.58 30.08 13.40
CA LEU E 46 -36.33 29.20 12.27
C LEU E 46 -37.42 28.14 12.12
N LEU E 47 -37.83 27.90 10.89
CA LEU E 47 -38.83 26.88 10.56
C LEU E 47 -38.26 25.75 9.71
N ILE E 48 -37.68 26.08 8.56
CA ILE E 48 -37.20 25.10 7.59
C ILE E 48 -35.73 25.36 7.31
N TYR E 49 -34.92 24.31 7.30
CA TYR E 49 -33.52 24.41 6.90
C TYR E 49 -33.21 23.36 5.84
N SER E 50 -32.25 23.68 4.98
CA SER E 50 -31.86 22.85 3.83
C SER E 50 -33.02 22.64 2.85
N ALA E 51 -34.01 23.52 2.90
CA ALA E 51 -35.10 23.63 1.93
C ALA E 51 -36.10 22.48 2.02
N SER E 52 -35.81 21.45 2.82
CA SER E 52 -36.76 20.35 2.96
C SER E 52 -36.98 19.96 4.41
N SER E 53 -35.95 20.10 5.24
CA SER E 53 -36.00 19.59 6.60
C SER E 53 -36.83 20.49 7.49
N LEU E 54 -37.53 19.87 8.44
CA LEU E 54 -38.43 20.56 9.35
C LEU E 54 -37.79 20.66 10.73
N GLN E 55 -37.78 21.86 11.28
CA GLN E 55 -37.17 22.07 12.60
C GLN E 55 -38.03 21.42 13.68
N THR E 56 -37.36 20.92 14.72
CA THR E 56 -38.07 20.27 15.82
C THR E 56 -38.99 21.25 16.53
N GLY E 57 -40.19 20.78 16.85
CA GLY E 57 -41.18 21.61 17.50
C GLY E 57 -42.00 22.49 16.58
N VAL E 58 -41.95 22.26 15.28
CA VAL E 58 -42.68 23.04 14.29
C VAL E 58 -43.84 22.18 13.78
N PRO E 59 -45.05 22.74 13.65
CA PRO E 59 -46.16 21.94 13.14
C PRO E 59 -45.89 21.44 11.74
N SER E 60 -46.42 20.25 11.45
CA SER E 60 -46.21 19.61 10.16
C SER E 60 -46.94 20.31 9.02
N ARG E 61 -47.82 21.27 9.32
CA ARG E 61 -48.51 22.01 8.28
C ARG E 61 -47.57 22.89 7.46
N PHE E 62 -46.37 23.16 7.98
CA PHE E 62 -45.35 23.86 7.20
C PHE E 62 -44.57 22.87 6.35
N SER E 63 -44.28 23.26 5.11
CA SER E 63 -43.44 22.43 4.26
C SER E 63 -42.67 23.33 3.31
N GLY E 64 -41.57 22.81 2.79
CA GLY E 64 -40.75 23.56 1.84
C GLY E 64 -40.15 22.62 0.82
N SER E 65 -39.95 23.13 -0.38
CA SER E 65 -39.40 22.29 -1.44
C SER E 65 -38.75 23.18 -2.50
N GLY E 66 -37.71 22.64 -3.13
CA GLY E 66 -37.07 23.34 -4.22
C GLY E 66 -35.61 22.95 -4.31
N SER E 67 -34.96 23.48 -5.34
CA SER E 67 -33.55 23.20 -5.58
C SER E 67 -33.08 24.04 -6.77
N GLY E 68 -31.78 24.31 -6.80
CA GLY E 68 -31.19 25.06 -7.90
C GLY E 68 -31.32 26.55 -7.71
N THR E 69 -32.31 27.14 -8.38
CA THR E 69 -32.60 28.56 -8.26
C THR E 69 -34.03 28.85 -7.80
N ASP E 70 -34.89 27.83 -7.70
CA ASP E 70 -36.29 28.02 -7.35
C ASP E 70 -36.62 27.23 -6.08
N PHE E 71 -37.27 27.89 -5.13
CA PHE E 71 -37.69 27.27 -3.88
C PHE E 71 -39.06 27.81 -3.51
N THR E 72 -39.77 27.09 -2.65
CA THR E 72 -41.11 27.50 -2.24
C THR E 72 -41.42 26.99 -0.85
N LEU E 73 -42.23 27.78 -0.14
CA LEU E 73 -42.75 27.49 1.18
C LEU E 73 -44.26 27.35 1.10
N THR E 74 -44.80 26.29 1.70
CA THR E 74 -46.24 26.04 1.71
C THR E 74 -46.73 25.92 3.15
N ILE E 75 -47.87 26.56 3.42
CA ILE E 75 -48.55 26.47 4.71
C ILE E 75 -49.98 26.02 4.44
N ASN E 76 -50.36 24.88 5.01
CA ASN E 76 -51.69 24.32 4.86
C ASN E 76 -52.48 24.50 6.15
N ASN E 77 -53.78 24.75 6.02
CA ASN E 77 -54.68 24.94 7.16
C ASN E 77 -54.16 26.05 8.08
N LEU E 78 -54.15 27.26 7.52
CA LEU E 78 -53.63 28.42 8.23
C LEU E 78 -54.38 28.63 9.54
N GLN E 79 -53.63 28.89 10.59
CA GLN E 79 -54.14 29.14 11.93
C GLN E 79 -53.91 30.59 12.32
N PRO E 80 -54.62 31.09 13.34
CA PRO E 80 -54.44 32.50 13.73
C PRO E 80 -53.03 32.85 14.17
N GLU E 81 -52.22 31.87 14.57
CA GLU E 81 -50.87 32.13 15.03
C GLU E 81 -49.84 32.10 13.90
N ASP E 82 -50.27 31.88 12.66
CA ASP E 82 -49.36 31.80 11.53
C ASP E 82 -49.17 33.13 10.81
N PHE E 83 -49.80 34.20 11.29
CA PHE E 83 -49.79 35.49 10.60
C PHE E 83 -48.54 36.25 11.06
N ALA E 84 -47.52 36.26 10.21
CA ALA E 84 -46.24 36.88 10.55
C ALA E 84 -45.52 37.24 9.25
N THR E 85 -44.24 37.57 9.37
CA THR E 85 -43.40 37.87 8.21
C THR E 85 -42.40 36.75 7.99
N TYR E 86 -42.22 36.34 6.73
CA TYR E 86 -41.39 35.20 6.39
C TYR E 86 -40.24 35.63 5.49
N TYR E 87 -39.06 35.11 5.79
CA TYR E 87 -37.83 35.51 5.09
C TYR E 87 -37.09 34.28 4.57
N CYS E 88 -36.52 34.43 3.36
CA CYS E 88 -35.54 33.49 2.84
C CYS E 88 -34.17 33.79 3.44
N GLN E 89 -33.29 32.79 3.38
CA GLN E 89 -31.87 33.03 3.64
C GLN E 89 -31.05 31.97 2.93
N GLN E 90 -30.07 32.42 2.14
CA GLN E 90 -29.11 31.51 1.54
C GLN E 90 -27.90 31.36 2.44
N SER E 91 -27.35 30.14 2.48
CA SER E 91 -26.13 29.85 3.22
C SER E 91 -25.14 29.10 2.34
N TYR E 92 -25.20 29.34 1.03
CA TYR E 92 -24.28 28.70 0.11
C TYR E 92 -22.85 29.19 0.33
N ILE E 93 -22.69 30.48 0.58
CA ILE E 93 -21.39 31.07 0.91
C ILE E 93 -21.46 31.65 2.31
N THR E 94 -20.29 31.93 2.87
CA THR E 94 -20.21 32.47 4.22
C THR E 94 -20.62 33.95 4.30
N ARG E 95 -20.94 34.57 3.16
CA ARG E 95 -21.52 35.91 3.15
C ARG E 95 -23.03 35.74 2.94
N LEU E 96 -23.73 35.50 4.03
CA LEU E 96 -25.16 35.18 3.98
C LEU E 96 -25.97 36.44 3.65
N SER E 97 -27.20 36.20 3.19
CA SER E 97 -28.10 37.29 2.81
C SER E 97 -29.54 36.86 2.98
N PHE E 98 -30.42 37.85 3.13
CA PHE E 98 -31.84 37.65 3.36
C PHE E 98 -32.64 38.08 2.13
N GLY E 99 -33.89 37.63 2.08
CA GLY E 99 -34.83 38.05 1.07
C GLY E 99 -35.58 39.30 1.47
N GLY E 100 -36.54 39.69 0.63
CA GLY E 100 -37.30 40.89 0.88
C GLY E 100 -38.27 40.75 2.03
N GLY E 101 -38.94 39.59 2.14
CA GLY E 101 -39.91 39.37 3.18
C GLY E 101 -41.35 39.42 2.69
N THR E 102 -42.19 38.52 3.18
CA THR E 102 -43.60 38.46 2.80
C THR E 102 -44.44 38.53 4.06
N LYS E 103 -45.38 39.48 4.08
CA LYS E 103 -46.24 39.70 5.23
C LYS E 103 -47.62 39.09 4.97
N VAL E 104 -48.01 38.14 5.81
CA VAL E 104 -49.33 37.53 5.71
C VAL E 104 -50.31 38.29 6.60
N GLU E 105 -51.48 38.60 6.08
CA GLU E 105 -52.47 39.41 6.78
C GLU E 105 -53.82 38.70 6.76
N ILE E 106 -54.78 39.28 7.47
CA ILE E 106 -56.11 38.71 7.61
C ILE E 106 -57.02 39.28 6.55
N LYS E 107 -57.78 38.43 5.87
CA LYS E 107 -58.70 38.85 4.84
C LYS E 107 -59.86 39.63 5.42
N LYS F 1 45.46 29.86 29.06
CA LYS F 1 45.70 28.92 27.96
C LYS F 1 45.59 27.48 28.45
N VAL F 2 44.94 26.65 27.65
CA VAL F 2 44.69 25.25 27.98
C VAL F 2 45.69 24.38 27.20
N VAL F 3 46.37 23.49 27.91
CA VAL F 3 47.35 22.61 27.31
C VAL F 3 46.83 21.18 27.36
N SER F 4 47.39 20.34 26.49
CA SER F 4 46.98 18.94 26.44
C SER F 4 47.50 18.17 27.66
N THR F 5 46.79 17.09 28.01
CA THR F 5 47.21 16.27 29.13
C THR F 5 48.50 15.50 28.84
N ASP F 6 48.88 15.38 27.57
CA ASP F 6 50.08 14.63 27.22
C ASP F 6 51.35 15.30 27.72
N GLU F 7 51.26 16.58 28.14
CA GLU F 7 52.45 17.30 28.55
C GLU F 7 52.79 17.05 30.02
N TYR F 8 51.79 17.09 30.91
CA TYR F 8 52.02 17.00 32.34
C TYR F 8 51.55 15.68 32.93
N VAL F 9 51.23 14.69 32.11
CA VAL F 9 50.85 13.35 32.57
C VAL F 9 51.78 12.34 31.94
N ALA F 10 52.35 11.47 32.77
CA ALA F 10 53.26 10.42 32.33
C ALA F 10 52.55 9.07 32.43
N ARG F 11 52.64 8.28 31.37
CA ARG F 11 51.96 6.98 31.29
C ARG F 11 52.97 5.86 31.53
N THR F 12 52.58 4.91 32.38
CA THR F 12 53.40 3.73 32.65
C THR F 12 52.90 2.57 31.79
N ASN F 13 53.51 1.40 31.97
CA ASN F 13 53.21 0.21 31.17
C ASN F 13 52.42 -0.82 31.96
N ILE F 14 51.53 -0.37 32.84
CA ILE F 14 50.72 -1.24 33.68
C ILE F 14 49.27 -1.10 33.25
N TYR F 15 48.63 -2.23 32.96
CA TYR F 15 47.26 -2.25 32.47
C TYR F 15 46.40 -3.14 33.37
N TYR F 16 45.13 -2.77 33.50
CA TYR F 16 44.17 -3.51 34.30
C TYR F 16 42.88 -3.67 33.51
N HIS F 17 42.13 -4.72 33.85
CA HIS F 17 40.86 -5.04 33.21
C HIS F 17 39.74 -4.95 34.23
N ALA F 18 38.62 -4.36 33.82
CA ALA F 18 37.44 -4.27 34.67
C ALA F 18 36.20 -4.65 33.87
N GLY F 19 35.19 -5.13 34.58
CA GLY F 19 33.96 -5.52 33.91
C GLY F 19 32.82 -5.90 34.83
N THR F 20 31.60 -5.59 34.41
CA THR F 20 30.41 -6.04 35.12
C THR F 20 30.00 -7.41 34.60
N SER F 21 29.30 -8.16 35.45
CA SER F 21 28.88 -9.51 35.06
C SER F 21 27.70 -9.46 34.10
N ARG F 22 26.57 -8.92 34.54
CA ARG F 22 25.38 -8.78 33.70
C ARG F 22 24.40 -7.86 34.41
N LEU F 23 23.80 -6.96 33.65
CA LEU F 23 22.80 -6.04 34.18
C LEU F 23 21.47 -6.30 33.50
N LEU F 24 20.41 -6.44 34.30
CA LEU F 24 19.08 -6.74 33.79
C LEU F 24 18.09 -5.69 34.28
N ALA F 25 17.10 -5.40 33.44
CA ALA F 25 16.02 -4.50 33.83
C ALA F 25 14.73 -4.96 33.16
N VAL F 26 13.71 -5.25 33.97
CA VAL F 26 12.40 -5.69 33.48
C VAL F 26 11.35 -4.73 34.01
N GLY F 27 10.47 -4.28 33.13
CA GLY F 27 9.43 -3.36 33.57
C GLY F 27 8.38 -3.14 32.51
N HIS F 28 7.49 -2.19 32.77
CA HIS F 28 6.42 -1.82 31.85
C HIS F 28 6.90 -0.77 30.85
N PRO F 29 6.63 -0.97 29.56
CA PRO F 29 7.20 -0.07 28.54
C PRO F 29 6.58 1.33 28.49
N TYR F 30 5.41 1.56 29.06
CA TYR F 30 4.73 2.84 28.89
C TYR F 30 4.65 3.66 30.16
N PHE F 31 4.12 3.12 31.24
CA PHE F 31 3.96 3.85 32.48
C PHE F 31 4.33 2.95 33.65
N PRO F 32 4.74 3.52 34.77
CA PRO F 32 4.96 2.73 35.98
C PRO F 32 3.65 2.18 36.53
N ILE F 33 3.75 1.04 37.22
CA ILE F 33 2.61 0.44 37.89
C ILE F 33 2.70 0.79 39.36
N LYS F 34 1.67 1.45 39.89
CA LYS F 34 1.67 1.93 41.25
C LYS F 34 0.42 1.45 41.99
N LYS F 35 0.56 1.27 43.29
CA LYS F 35 -0.57 0.87 44.11
C LYS F 35 -1.60 2.00 44.16
N PRO F 36 -2.90 1.69 44.18
CA PRO F 36 -3.90 2.76 44.17
C PRO F 36 -3.86 3.65 45.41
N ASN F 37 -3.84 3.05 46.60
CA ASN F 37 -3.82 3.86 47.82
C ASN F 37 -2.45 4.48 48.07
N ASN F 38 -1.38 3.71 47.87
CA ASN F 38 -0.03 4.19 48.12
C ASN F 38 0.51 4.94 46.91
N ASN F 39 1.74 5.45 47.04
CA ASN F 39 2.45 6.08 45.95
C ASN F 39 3.78 5.39 45.65
N LYS F 40 4.02 4.23 46.27
CA LYS F 40 5.24 3.47 46.03
C LYS F 40 5.10 2.66 44.74
N ILE F 41 6.19 2.58 43.98
CA ILE F 41 6.19 1.96 42.66
C ILE F 41 6.37 0.46 42.81
N LEU F 42 5.49 -0.31 42.16
CA LEU F 42 5.62 -1.76 42.14
C LEU F 42 6.44 -2.24 40.94
N VAL F 43 6.06 -1.81 39.74
CA VAL F 43 6.77 -2.16 38.51
C VAL F 43 7.30 -0.86 37.91
N PRO F 44 8.61 -0.69 37.74
CA PRO F 44 9.13 0.53 37.13
C PRO F 44 8.84 0.56 35.64
N LYS F 45 9.22 1.67 35.02
CA LYS F 45 9.06 1.87 33.59
C LYS F 45 10.38 1.58 32.88
N VAL F 46 10.39 0.58 32.03
CA VAL F 46 11.57 0.18 31.26
C VAL F 46 11.19 0.17 29.79
N SER F 47 11.81 1.06 29.02
CA SER F 47 11.49 1.23 27.62
C SER F 47 12.76 1.17 26.79
N GLY F 48 12.59 0.84 25.50
CA GLY F 48 13.71 0.80 24.59
C GLY F 48 14.20 2.15 24.12
N LEU F 49 13.45 3.22 24.41
CA LEU F 49 13.82 4.57 24.00
C LEU F 49 14.11 5.45 25.21
N GLN F 50 14.86 4.91 26.17
CA GLN F 50 15.29 5.65 27.34
C GLN F 50 16.81 5.82 27.31
N TYR F 51 17.28 6.97 27.79
CA TYR F 51 18.72 7.18 27.97
C TYR F 51 19.23 6.27 29.07
N ARG F 52 20.34 5.59 28.83
CA ARG F 52 20.99 4.77 29.85
C ARG F 52 22.31 5.45 30.23
N VAL F 53 22.36 6.02 31.43
CA VAL F 53 23.53 6.74 31.90
C VAL F 53 24.12 5.95 33.06
N PHE F 54 25.31 5.38 32.85
CA PHE F 54 26.03 4.63 33.85
C PHE F 54 27.12 5.50 34.44
N ARG F 55 27.13 5.60 35.76
CA ARG F 55 28.17 6.31 36.51
C ARG F 55 29.04 5.28 37.19
N ILE F 56 30.31 5.20 36.78
CA ILE F 56 31.21 4.12 37.16
C ILE F 56 32.25 4.66 38.12
N HIS F 57 32.40 3.98 39.25
CA HIS F 57 33.34 4.38 40.30
C HIS F 57 34.55 3.47 40.30
N LEU F 58 35.74 4.08 40.39
CA LEU F 58 37.00 3.36 40.33
C LEU F 58 37.74 3.45 41.65
N PRO F 59 38.61 2.50 41.95
CA PRO F 59 39.45 2.61 43.15
C PRO F 59 40.42 3.78 43.05
N ASP F 60 40.78 4.31 44.21
CA ASP F 60 41.81 5.34 44.28
C ASP F 60 43.17 4.67 44.09
N PRO F 61 43.90 4.97 43.02
CA PRO F 61 45.20 4.32 42.81
C PRO F 61 46.23 4.67 43.87
N ASN F 62 46.06 5.80 44.57
CA ASN F 62 47.00 6.15 45.64
C ASN F 62 46.90 5.17 46.80
N LYS F 63 45.69 4.72 47.13
CA LYS F 63 45.48 3.75 48.20
C LYS F 63 45.39 2.32 47.69
N PHE F 64 45.43 2.12 46.37
CA PHE F 64 45.33 0.79 45.79
C PHE F 64 46.56 -0.04 46.15
N GLY F 65 46.35 -1.35 46.28
CA GLY F 65 47.43 -2.25 46.63
C GLY F 65 48.15 -2.83 45.43
N PHE F 66 49.34 -2.28 45.12
CA PHE F 66 50.13 -2.77 44.01
C PHE F 66 51.23 -3.70 44.51
N PRO F 67 51.52 -4.78 43.78
CA PRO F 67 52.65 -5.64 44.16
C PRO F 67 53.98 -4.90 44.16
N ASP F 68 54.16 -3.93 43.28
CA ASP F 68 55.38 -3.14 43.19
C ASP F 68 55.04 -1.68 43.40
N THR F 69 55.97 -0.95 44.03
CA THR F 69 55.78 0.46 44.36
C THR F 69 56.92 1.35 43.88
N SER F 70 58.08 0.77 43.56
CA SER F 70 59.28 1.56 43.25
C SER F 70 59.15 2.38 41.98
N PHE F 71 58.12 2.16 41.16
CA PHE F 71 57.98 2.87 39.90
C PHE F 71 57.59 4.34 40.09
N TYR F 72 57.21 4.76 41.29
CA TYR F 72 56.84 6.14 41.52
C TYR F 72 57.26 6.56 42.93
N ASN F 73 57.36 7.87 43.13
CA ASN F 73 57.77 8.44 44.41
C ASN F 73 56.57 9.11 45.08
N PRO F 74 56.00 8.53 46.13
CA PRO F 74 54.81 9.15 46.75
C PRO F 74 55.06 10.54 47.31
N ASP F 75 56.32 10.92 47.54
CA ASP F 75 56.60 12.24 48.08
C ASP F 75 56.31 13.34 47.07
N THR F 76 56.39 13.05 45.78
CA THR F 76 56.18 14.08 44.77
C THR F 76 55.36 13.60 43.57
N GLN F 77 54.85 12.37 43.59
CA GLN F 77 54.07 11.83 42.49
C GLN F 77 52.67 11.50 42.96
N ARG F 78 51.71 11.61 42.04
CA ARG F 78 50.34 11.19 42.30
C ARG F 78 49.85 10.40 41.10
N LEU F 79 48.93 9.46 41.36
CA LEU F 79 48.50 8.49 40.37
C LEU F 79 47.08 8.78 39.91
N VAL F 80 46.75 8.32 38.70
CA VAL F 80 45.41 8.49 38.14
C VAL F 80 45.22 7.41 37.08
N TRP F 81 43.96 7.08 36.81
CA TRP F 81 43.61 6.07 35.82
C TRP F 81 43.32 6.72 34.47
N ALA F 82 43.61 5.99 33.41
CA ALA F 82 43.32 6.41 32.05
C ALA F 82 42.61 5.29 31.31
N CYS F 83 41.62 5.65 30.49
CA CYS F 83 40.86 4.65 29.75
C CYS F 83 41.44 4.47 28.35
N VAL F 84 41.68 3.23 27.96
CA VAL F 84 42.29 2.91 26.68
C VAL F 84 41.47 1.93 25.85
N GLY F 85 40.33 1.47 26.34
CA GLY F 85 39.50 0.54 25.59
C GLY F 85 38.20 0.19 26.28
N VAL F 86 37.10 0.20 25.54
CA VAL F 86 35.76 0.01 26.09
C VAL F 86 34.97 -0.90 25.17
N GLU F 87 34.22 -1.84 25.76
CA GLU F 87 33.26 -2.64 25.00
C GLU F 87 31.93 -2.69 25.75
N VAL F 88 30.84 -2.51 25.01
CA VAL F 88 29.48 -2.51 25.54
C VAL F 88 28.79 -3.74 24.95
N GLY F 89 28.72 -4.81 25.74
CA GLY F 89 28.02 -6.01 25.30
C GLY F 89 26.51 -5.86 25.47
N ARG F 90 25.79 -6.34 24.47
CA ARG F 90 24.36 -6.07 24.32
C ARG F 90 23.65 -7.38 23.99
N GLY F 91 22.83 -7.87 24.92
CA GLY F 91 22.10 -9.10 24.71
C GLY F 91 20.73 -8.88 24.09
N GLN F 92 19.97 -9.98 24.01
CA GLN F 92 18.60 -10.06 23.48
C GLN F 92 18.60 -10.04 21.96
N PRO F 93 17.57 -10.57 21.32
CA PRO F 93 17.48 -10.51 19.85
C PRO F 93 17.08 -9.12 19.35
N LEU F 94 17.33 -8.89 18.07
CA LEU F 94 16.92 -7.66 17.43
C LEU F 94 15.41 -7.64 17.23
N GLY F 95 14.81 -6.47 17.46
CA GLY F 95 13.36 -6.34 17.34
C GLY F 95 12.96 -4.89 17.26
N VAL F 96 11.69 -4.68 16.95
CA VAL F 96 11.11 -3.34 16.84
C VAL F 96 9.87 -3.28 17.73
N GLY F 97 9.76 -2.23 18.52
CA GLY F 97 8.60 -2.02 19.36
C GLY F 97 7.75 -0.85 18.88
N ILE F 98 6.48 -0.85 19.25
CA ILE F 98 5.53 0.16 18.77
C ILE F 98 4.82 0.77 19.97
N SER F 99 4.28 1.96 19.77
CA SER F 99 3.58 2.68 20.83
C SER F 99 2.48 3.53 20.22
N GLY F 100 1.49 3.87 21.04
CA GLY F 100 0.39 4.66 20.54
C GLY F 100 -0.43 5.26 21.66
N HIS F 101 -1.55 5.87 21.26
CA HIS F 101 -2.49 6.53 22.15
C HIS F 101 -3.90 6.05 21.84
N PRO F 102 -4.70 5.76 22.88
CA PRO F 102 -6.10 5.40 22.65
C PRO F 102 -7.00 6.57 22.29
N LEU F 103 -6.57 7.80 22.56
CA LEU F 103 -7.35 9.01 22.30
C LEU F 103 -6.49 10.06 21.62
N LEU F 104 -5.79 9.68 20.56
CA LEU F 104 -4.87 10.58 19.88
C LEU F 104 -5.63 11.51 18.95
N ASN F 105 -5.20 12.78 18.90
CA ASN F 105 -5.88 13.83 18.15
C ASN F 105 -5.53 13.69 16.67
N LYS F 106 -6.38 12.96 15.95
CA LYS F 106 -6.29 12.84 14.50
C LYS F 106 -7.64 13.17 13.90
N LEU F 107 -7.66 14.04 12.90
CA LEU F 107 -8.91 14.42 12.23
C LEU F 107 -9.17 13.62 10.96
N ASP F 108 -8.27 13.71 9.98
CA ASP F 108 -8.48 13.08 8.69
C ASP F 108 -7.16 12.62 8.12
N ASP F 109 -7.23 11.74 7.12
CA ASP F 109 -6.07 11.30 6.36
C ASP F 109 -5.99 12.15 5.10
N THR F 110 -4.95 12.98 5.01
CA THR F 110 -4.81 13.96 3.94
C THR F 110 -3.90 13.50 2.81
N GLU F 111 -3.36 12.28 2.89
CA GLU F 111 -2.53 11.77 1.81
C GLU F 111 -3.34 11.63 0.53
N ASN F 112 -4.56 11.10 0.64
CA ASN F 112 -5.47 10.96 -0.48
C ASN F 112 -6.89 11.16 0.04
N ALA F 113 -7.62 12.08 -0.57
CA ALA F 113 -8.95 12.46 -0.09
C ALA F 113 -9.91 12.61 -1.25
N SER F 114 -11.17 12.28 -1.02
CA SER F 114 -12.21 12.38 -2.04
C SER F 114 -13.45 13.13 -1.60
N ALA F 115 -13.59 13.45 -0.32
CA ALA F 115 -14.73 14.22 0.18
C ALA F 115 -14.22 15.26 1.16
N TYR F 116 -15.01 16.31 1.35
CA TYR F 116 -14.61 17.44 2.18
C TYR F 116 -15.31 17.37 3.53
N ALA F 117 -14.56 17.66 4.59
CA ALA F 117 -15.08 17.59 5.95
C ALA F 117 -15.74 18.92 6.29
N ALA F 118 -17.04 19.01 6.05
CA ALA F 118 -17.79 20.26 6.18
C ALA F 118 -18.46 20.43 7.54
N ASN F 119 -18.37 19.46 8.43
CA ASN F 119 -19.02 19.53 9.73
C ASN F 119 -18.02 19.22 10.84
N ALA F 120 -18.12 19.96 11.94
CA ALA F 120 -17.27 19.78 13.10
C ALA F 120 -18.01 19.05 14.21
N GLY F 121 -17.28 18.24 14.96
CA GLY F 121 -17.83 17.46 16.05
C GLY F 121 -17.30 17.92 17.40
N VAL F 122 -17.65 17.15 18.42
CA VAL F 122 -17.22 17.44 19.78
C VAL F 122 -15.92 16.70 20.12
N ASP F 123 -15.80 15.44 19.69
CA ASP F 123 -14.63 14.62 20.01
C ASP F 123 -14.35 13.73 18.81
N ASN F 124 -13.20 13.94 18.16
CA ASN F 124 -12.83 13.19 16.97
C ASN F 124 -11.55 12.38 17.18
N ARG F 125 -11.27 12.02 18.43
CA ARG F 125 -10.01 11.36 18.76
C ARG F 125 -10.06 9.87 18.45
N GLU F 126 -8.91 9.32 18.09
CA GLU F 126 -8.81 7.96 17.58
C GLU F 126 -7.75 7.18 18.36
N CYS F 127 -7.75 5.87 18.15
CA CYS F 127 -6.78 4.95 18.75
C CYS F 127 -5.72 4.64 17.69
N ILE F 128 -4.55 5.25 17.80
CA ILE F 128 -3.53 5.20 16.76
C ILE F 128 -2.21 4.76 17.38
N SER F 129 -1.50 3.88 16.68
CA SER F 129 -0.17 3.45 17.06
C SER F 129 0.79 3.60 15.89
N MET F 130 2.08 3.68 16.22
CA MET F 130 3.14 3.72 15.20
C MET F 130 4.43 3.22 15.81
N ASP F 131 5.43 3.04 14.96
CA ASP F 131 6.79 2.73 15.37
C ASP F 131 7.68 3.93 15.15
N TYR F 132 8.62 4.14 16.06
CA TYR F 132 9.41 5.37 16.12
C TYR F 132 10.59 5.30 15.15
N LYS F 133 11.41 6.34 15.17
CA LYS F 133 12.62 6.36 14.36
C LYS F 133 13.69 5.47 14.97
N GLN F 134 14.69 5.15 14.16
CA GLN F 134 15.78 4.26 14.57
C GLN F 134 16.97 5.09 15.00
N THR F 135 17.53 4.75 16.17
CA THR F 135 18.62 5.53 16.75
C THR F 135 19.53 4.61 17.57
N GLN F 136 20.84 4.80 17.39
CA GLN F 136 21.87 4.22 18.25
C GLN F 136 22.86 5.31 18.59
N LEU F 137 23.32 5.34 19.84
CA LEU F 137 24.37 6.28 20.19
C LEU F 137 25.09 5.81 21.45
N CYS F 138 26.39 6.12 21.49
CA CYS F 138 27.24 5.86 22.65
C CYS F 138 28.14 7.06 22.90
N LEU F 139 28.18 7.52 24.15
CA LEU F 139 29.05 8.62 24.56
C LEU F 139 29.85 8.20 25.77
N ILE F 140 31.13 8.58 25.80
CA ILE F 140 32.02 8.25 26.91
C ILE F 140 32.68 9.53 27.41
N GLY F 141 32.70 9.72 28.72
CA GLY F 141 33.35 10.91 29.27
C GLY F 141 33.64 10.74 30.74
N CYS F 142 34.13 11.82 31.35
CA CYS F 142 34.31 11.86 32.80
C CYS F 142 33.36 12.83 33.49
N LYS F 143 32.45 13.46 32.74
CA LYS F 143 31.41 14.31 33.28
C LYS F 143 30.07 13.95 32.63
N PRO F 144 28.97 14.19 33.32
CA PRO F 144 27.67 13.79 32.79
C PRO F 144 27.35 14.56 31.52
N PRO F 145 26.57 13.96 30.62
CA PRO F 145 26.32 14.59 29.33
C PRO F 145 25.37 15.79 29.44
N ILE F 146 25.27 16.51 28.34
CA ILE F 146 24.46 17.73 28.25
C ILE F 146 23.49 17.57 27.08
N GLY F 147 22.21 17.90 27.32
CA GLY F 147 21.19 17.81 26.31
C GLY F 147 20.46 19.13 26.15
N GLU F 148 19.68 19.23 25.07
CA GLU F 148 18.96 20.44 24.73
C GLU F 148 17.51 20.13 24.37
N HIS F 149 16.61 21.07 24.68
CA HIS F 149 15.21 20.91 24.30
C HIS F 149 14.56 22.28 24.20
N TRP F 150 13.33 22.29 23.69
CA TRP F 150 12.53 23.50 23.55
C TRP F 150 11.56 23.60 24.71
N GLY F 151 11.52 24.76 25.37
CA GLY F 151 10.62 24.99 26.48
C GLY F 151 10.01 26.37 26.42
N LYS F 152 9.20 26.67 27.42
CA LYS F 152 8.56 27.97 27.52
C LYS F 152 9.54 29.02 28.04
N GLY F 153 9.33 30.26 27.60
CA GLY F 153 10.12 31.39 28.03
C GLY F 153 9.32 32.36 28.88
N SER F 154 10.02 33.41 29.31
CA SER F 154 9.39 34.46 30.09
C SER F 154 8.87 35.55 29.17
N PRO F 155 7.56 35.79 29.11
CA PRO F 155 7.03 36.81 28.20
C PRO F 155 7.33 38.22 28.70
N CYS F 156 7.25 39.16 27.78
CA CYS F 156 7.40 40.57 28.12
C CYS F 156 6.18 41.07 28.88
N THR F 157 6.41 42.01 29.79
CA THR F 157 5.35 42.54 30.64
C THR F 157 4.68 43.79 30.06
N ASN F 158 5.05 44.18 28.83
CA ASN F 158 4.45 45.36 28.24
C ASN F 158 2.97 45.18 27.98
N VAL F 159 2.57 43.99 27.53
CA VAL F 159 1.18 43.71 27.19
C VAL F 159 0.74 42.46 27.94
N ALA F 160 -0.57 42.36 28.21
CA ALA F 160 -1.12 41.23 28.92
C ALA F 160 -1.25 40.03 28.01
N VAL F 161 -1.44 38.86 28.62
CA VAL F 161 -1.53 37.59 27.91
C VAL F 161 -2.91 36.99 28.17
N ASN F 162 -3.66 36.71 27.08
CA ASN F 162 -4.97 36.10 27.19
C ASN F 162 -4.88 34.58 27.11
N PRO F 163 -5.81 33.88 27.75
CA PRO F 163 -5.87 32.42 27.61
C PRO F 163 -5.95 32.01 26.14
N GLY F 164 -5.25 30.92 25.81
CA GLY F 164 -5.25 30.40 24.46
C GLY F 164 -4.17 30.95 23.56
N ASP F 165 -3.29 31.81 24.06
CA ASP F 165 -2.23 32.38 23.26
C ASP F 165 -1.08 31.39 23.07
N CYS F 166 -0.28 31.61 22.05
CA CYS F 166 0.84 30.73 21.76
C CYS F 166 1.92 30.93 22.83
N PRO F 167 2.39 29.85 23.47
CA PRO F 167 3.47 30.00 24.45
C PRO F 167 4.75 30.43 23.76
N PRO F 168 5.57 31.24 24.41
CA PRO F 168 6.87 31.58 23.84
C PRO F 168 7.84 30.41 23.95
N LEU F 169 8.81 30.40 23.05
CA LEU F 169 9.72 29.27 22.89
C LEU F 169 11.16 29.70 23.13
N GLU F 170 11.91 28.86 23.84
CA GLU F 170 13.34 29.08 24.04
C GLU F 170 14.04 27.73 24.10
N LEU F 171 15.36 27.76 23.92
CA LEU F 171 16.19 26.55 23.90
C LEU F 171 16.92 26.42 25.22
N ILE F 172 16.80 25.26 25.86
CA ILE F 172 17.25 25.04 27.22
C ILE F 172 18.23 23.88 27.24
N ASN F 173 19.35 24.06 27.92
CA ASN F 173 20.38 23.03 28.10
C ASN F 173 20.32 22.48 29.52
N THR F 174 20.29 21.16 29.64
CA THR F 174 20.22 20.48 30.92
C THR F 174 21.18 19.30 30.92
N VAL F 175 21.19 18.55 32.02
CA VAL F 175 22.03 17.37 32.17
C VAL F 175 21.16 16.14 31.95
N ILE F 176 21.62 15.24 31.08
CA ILE F 176 20.89 14.01 30.80
C ILE F 176 21.08 13.03 31.95
N GLN F 177 19.98 12.46 32.44
CA GLN F 177 20.00 11.51 33.54
C GLN F 177 19.44 10.17 33.07
N ASP F 178 19.62 9.15 33.91
CA ASP F 178 19.15 7.82 33.59
C ASP F 178 17.63 7.79 33.58
N GLY F 179 17.05 7.29 32.49
CA GLY F 179 15.61 7.20 32.35
C GLY F 179 14.97 8.30 31.54
N ASP F 180 15.75 9.24 31.00
CA ASP F 180 15.19 10.28 30.16
C ASP F 180 14.76 9.70 28.81
N MET F 181 13.96 10.46 28.07
CA MET F 181 13.43 10.03 26.80
C MET F 181 14.22 10.65 25.64
N VAL F 182 14.49 9.84 24.63
CA VAL F 182 15.18 10.29 23.43
C VAL F 182 14.13 10.72 22.41
N ASP F 183 14.57 11.48 21.41
CA ASP F 183 13.67 11.93 20.36
C ASP F 183 13.14 10.76 19.55
N THR F 184 11.86 10.82 19.22
CA THR F 184 11.16 9.72 18.56
C THR F 184 10.63 10.10 17.18
N GLY F 185 10.92 11.29 16.69
CA GLY F 185 10.37 11.77 15.44
C GLY F 185 9.38 12.91 15.55
N PHE F 186 9.20 13.47 16.75
CA PHE F 186 8.30 14.60 16.96
C PHE F 186 9.02 15.87 17.40
N GLY F 187 10.31 15.81 17.67
CA GLY F 187 11.07 16.96 18.10
C GLY F 187 11.54 16.83 19.53
N ALA F 188 12.42 17.76 19.91
CA ALA F 188 12.99 17.83 21.25
C ALA F 188 12.30 18.96 22.01
N MET F 189 11.17 18.66 22.63
CA MET F 189 10.39 19.66 23.33
C MET F 189 9.81 19.08 24.61
N ASP F 190 9.35 19.97 25.48
CA ASP F 190 8.64 19.60 26.71
C ASP F 190 7.17 19.45 26.38
N PHE F 191 6.69 18.21 26.29
CA PHE F 191 5.31 17.96 25.90
C PHE F 191 4.34 18.27 27.02
N THR F 192 4.80 18.36 28.27
CA THR F 192 3.91 18.64 29.38
C THR F 192 3.47 20.10 29.40
N THR F 193 4.39 21.02 29.12
CA THR F 193 4.10 22.44 29.22
C THR F 193 3.67 23.08 27.91
N LEU F 194 4.07 22.52 26.77
CA LEU F 194 3.75 23.09 25.48
C LEU F 194 2.52 22.47 24.84
N GLN F 195 1.92 21.46 25.47
CA GLN F 195 0.71 20.82 24.96
C GLN F 195 -0.26 20.64 26.13
N ALA F 196 -1.50 21.11 25.95
CA ALA F 196 -2.45 21.14 27.05
C ALA F 196 -3.55 20.09 26.95
N ASN F 197 -3.82 19.57 25.76
CA ASN F 197 -4.90 18.60 25.58
C ASN F 197 -4.49 17.17 25.90
N LYS F 198 -3.19 16.90 26.07
CA LYS F 198 -2.66 15.61 26.49
C LYS F 198 -2.97 14.50 25.48
N SER F 199 -3.21 14.84 24.21
CA SER F 199 -3.67 13.85 23.24
C SER F 199 -3.00 14.02 21.88
N GLU F 200 -1.76 14.51 21.84
CA GLU F 200 -1.09 14.76 20.59
C GLU F 200 0.08 13.83 20.31
N VAL F 201 0.64 13.19 21.32
CA VAL F 201 1.74 12.24 21.15
C VAL F 201 1.44 11.01 21.99
N PRO F 202 2.07 9.87 21.68
CA PRO F 202 1.78 8.63 22.39
C PRO F 202 2.02 8.71 23.89
N LEU F 203 1.61 7.63 24.58
CA LEU F 203 1.48 7.62 26.03
C LEU F 203 2.81 7.68 26.76
N ASP F 204 3.91 7.25 26.14
CA ASP F 204 5.18 7.21 26.84
C ASP F 204 5.98 8.50 26.71
N ILE F 205 5.49 9.49 25.95
CA ILE F 205 6.15 10.79 25.86
C ILE F 205 5.18 11.95 26.06
N CYS F 206 3.91 11.68 26.33
CA CYS F 206 2.92 12.75 26.41
C CYS F 206 3.09 13.62 27.64
N THR F 207 3.84 13.16 28.65
CA THR F 207 4.08 13.93 29.86
C THR F 207 5.57 13.95 30.21
N SER F 208 6.43 13.91 29.20
CA SER F 208 7.87 13.83 29.39
C SER F 208 8.57 14.88 28.54
N ILE F 209 9.89 14.97 28.72
CA ILE F 209 10.75 15.83 27.92
C ILE F 209 11.64 14.94 27.06
N CYS F 210 11.67 15.22 25.77
CA CYS F 210 12.61 14.57 24.86
C CYS F 210 13.81 15.48 24.66
N LYS F 211 15.00 14.93 24.88
CA LYS F 211 16.23 15.71 24.80
C LYS F 211 17.15 15.16 23.72
N TYR F 212 17.89 16.06 23.10
CA TYR F 212 18.89 15.73 22.11
C TYR F 212 20.27 16.13 22.61
N PRO F 213 21.29 15.31 22.39
CA PRO F 213 22.64 15.68 22.86
C PRO F 213 23.13 16.95 22.21
N ASP F 214 23.82 17.78 23.01
CA ASP F 214 24.37 19.04 22.53
C ASP F 214 25.82 18.83 22.13
N TYR F 215 26.01 18.28 20.92
CA TYR F 215 27.34 17.99 20.44
C TYR F 215 28.17 19.25 20.25
N ILE F 216 27.56 20.31 19.70
CA ILE F 216 28.31 21.53 19.39
C ILE F 216 28.83 22.17 20.67
N LYS F 217 28.01 22.21 21.72
CA LYS F 217 28.46 22.77 22.99
C LYS F 217 29.44 21.86 23.70
N MET F 218 29.27 20.54 23.57
CA MET F 218 30.18 19.59 24.19
C MET F 218 31.58 19.63 23.60
N VAL F 219 31.69 19.76 22.28
CA VAL F 219 33.01 19.76 21.65
C VAL F 219 33.71 21.11 21.76
N SER F 220 32.97 22.17 22.05
CA SER F 220 33.54 23.50 22.20
C SER F 220 34.00 23.80 23.62
N GLU F 221 33.87 22.85 24.53
CA GLU F 221 34.34 23.06 25.89
C GLU F 221 35.86 23.17 25.91
N PRO F 222 36.42 24.16 26.62
CA PRO F 222 37.88 24.34 26.58
C PRO F 222 38.68 23.15 27.04
N TYR F 223 38.21 22.43 28.06
CA TYR F 223 38.98 21.32 28.61
C TYR F 223 38.61 19.97 28.01
N GLY F 224 37.42 19.84 27.43
CA GLY F 224 37.03 18.60 26.79
C GLY F 224 36.89 17.41 27.73
N ASP F 225 36.36 17.62 28.92
CA ASP F 225 36.16 16.56 29.89
C ASP F 225 34.85 15.80 29.70
N SER F 226 33.85 16.42 29.08
CA SER F 226 32.54 15.83 28.96
C SER F 226 32.40 14.86 27.79
N LEU F 227 33.42 14.73 26.95
CA LEU F 227 33.31 13.87 25.77
C LEU F 227 34.70 13.44 25.34
N PHE F 228 35.04 12.17 25.55
CA PHE F 228 36.23 11.57 24.98
C PHE F 228 35.96 10.88 23.64
N PHE F 229 34.77 10.32 23.47
CA PHE F 229 34.46 9.47 22.33
C PHE F 229 32.95 9.40 22.18
N TYR F 230 32.49 9.34 20.94
CA TYR F 230 31.05 9.25 20.68
C TYR F 230 30.79 8.65 19.31
N LEU F 231 29.72 7.86 19.23
CA LEU F 231 29.19 7.33 17.98
C LEU F 231 27.69 7.54 17.94
N ARG F 232 27.17 7.82 16.74
CA ARG F 232 25.74 8.04 16.55
C ARG F 232 25.32 7.50 15.21
N ARG F 233 24.05 7.07 15.12
CA ARG F 233 23.49 6.59 13.86
C ARG F 233 21.97 6.61 13.97
N GLU F 234 21.31 7.40 13.13
CA GLU F 234 19.86 7.54 13.21
C GLU F 234 19.25 7.64 11.81
N GLN F 235 17.99 7.21 11.71
CA GLN F 235 17.29 7.17 10.43
C GLN F 235 15.78 7.09 10.66
N MET F 236 15.02 7.62 9.69
CA MET F 236 13.56 7.61 9.75
C MET F 236 12.99 7.99 8.38
N PHE F 237 11.70 7.70 8.21
CA PHE F 237 10.93 8.17 7.06
C PHE F 237 9.48 8.36 7.49
N VAL F 238 8.65 8.77 6.54
CA VAL F 238 7.26 9.17 6.79
C VAL F 238 6.32 8.09 6.28
N ARG F 239 5.38 7.66 7.12
CA ARG F 239 4.40 6.66 6.71
C ARG F 239 3.01 7.23 6.44
N HIS F 240 2.52 8.14 7.29
CA HIS F 240 1.15 8.63 7.17
C HIS F 240 1.13 10.14 7.32
N LEU F 241 0.11 10.76 6.72
CA LEU F 241 -0.06 12.21 6.75
C LEU F 241 -1.49 12.50 7.22
N PHE F 242 -1.62 13.23 8.33
CA PHE F 242 -2.91 13.45 8.97
C PHE F 242 -3.15 14.93 9.21
N ASN F 243 -4.33 15.25 9.75
CA ASN F 243 -4.72 16.55 10.25
C ASN F 243 -4.83 16.52 11.77
N ARG F 244 -5.13 17.68 12.34
CA ARG F 244 -5.44 17.83 13.75
C ARG F 244 -6.76 18.55 13.90
N ALA F 245 -7.45 18.29 15.01
CA ALA F 245 -8.75 18.88 15.31
C ALA F 245 -8.62 19.85 16.47
N GLY F 246 -9.34 20.96 16.38
CA GLY F 246 -9.30 21.98 17.40
C GLY F 246 -9.71 23.32 16.82
N ALA F 247 -9.49 24.35 17.62
CA ALA F 247 -9.71 25.72 17.15
C ALA F 247 -8.46 26.23 16.45
N VAL F 248 -8.66 27.14 15.50
CA VAL F 248 -7.58 27.65 14.68
C VAL F 248 -6.93 28.82 15.40
N GLY F 249 -5.65 28.65 15.77
CA GLY F 249 -4.95 29.74 16.45
C GLY F 249 -4.61 30.89 15.53
N ASP F 250 -4.13 30.61 14.33
CA ASP F 250 -3.74 31.62 13.36
C ASP F 250 -4.45 31.36 12.04
N ASN F 251 -5.15 32.37 11.53
CA ASN F 251 -5.91 32.23 10.30
C ASN F 251 -5.00 32.31 9.08
N VAL F 252 -5.37 31.56 8.05
CA VAL F 252 -4.65 31.64 6.77
C VAL F 252 -4.91 33.01 6.13
N PRO F 253 -3.90 33.68 5.61
CA PRO F 253 -4.14 34.98 4.96
C PRO F 253 -5.05 34.84 3.76
N ASP F 254 -5.85 35.90 3.54
CA ASP F 254 -6.88 35.87 2.50
C ASP F 254 -6.31 35.94 1.09
N ASP F 255 -5.02 36.23 0.94
CA ASP F 255 -4.41 36.36 -0.37
C ASP F 255 -3.69 35.10 -0.84
N LEU F 256 -3.91 33.98 -0.16
CA LEU F 256 -3.29 32.71 -0.53
C LEU F 256 -4.28 31.71 -1.14
N TYR F 257 -5.55 32.07 -1.26
CA TYR F 257 -6.55 31.13 -1.76
C TYR F 257 -7.75 31.92 -2.27
N ILE F 258 -8.61 31.22 -3.00
CA ILE F 258 -9.88 31.75 -3.49
C ILE F 258 -11.01 31.04 -2.76
N LYS F 259 -11.94 31.81 -2.22
CA LYS F 259 -12.99 31.24 -1.37
C LYS F 259 -13.93 30.35 -2.18
N GLY F 260 -14.38 29.26 -1.53
CA GLY F 260 -15.30 28.33 -2.14
C GLY F 260 -16.73 28.52 -1.66
N SER F 261 -17.57 27.55 -2.02
CA SER F 261 -18.99 27.61 -1.70
C SER F 261 -19.52 26.19 -1.56
N GLY F 262 -20.62 26.07 -0.81
CA GLY F 262 -21.23 24.77 -0.59
C GLY F 262 -20.51 23.95 0.47
N SER F 263 -19.90 22.85 0.05
CA SER F 263 -19.12 22.03 0.98
C SER F 263 -17.83 22.72 1.39
N THR F 264 -17.25 23.54 0.51
CA THR F 264 -15.98 24.21 0.75
C THR F 264 -16.16 25.66 1.19
N ALA F 265 -17.29 25.97 1.84
CA ALA F 265 -17.51 27.34 2.32
C ALA F 265 -16.49 27.69 3.41
N ASN F 266 -16.18 26.75 4.29
CA ASN F 266 -15.18 26.93 5.32
C ASN F 266 -13.94 26.11 4.99
N LEU F 267 -12.85 26.40 5.70
CA LEU F 267 -11.56 25.77 5.43
C LEU F 267 -11.31 24.62 6.40
N ALA F 268 -10.63 23.59 5.89
CA ALA F 268 -10.22 22.48 6.71
C ALA F 268 -8.91 22.80 7.43
N SER F 269 -8.51 21.90 8.33
CA SER F 269 -7.34 22.14 9.17
C SER F 269 -6.06 22.15 8.34
N SER F 270 -5.16 23.09 8.68
CA SER F 270 -3.84 23.18 8.07
C SER F 270 -2.73 22.82 9.03
N ASN F 271 -3.07 22.14 10.14
CA ASN F 271 -2.07 21.68 11.09
C ASN F 271 -1.70 20.23 10.78
N TYR F 272 -0.95 20.08 9.71
CA TYR F 272 -0.55 18.75 9.25
C TYR F 272 0.58 18.20 10.10
N PHE F 273 0.53 16.90 10.39
CA PHE F 273 1.62 16.23 11.09
C PHE F 273 1.85 14.85 10.48
N PRO F 274 3.10 14.43 10.35
CA PRO F 274 3.41 13.12 9.80
C PRO F 274 3.54 12.05 10.87
N THR F 275 3.60 10.80 10.41
CA THR F 275 3.85 9.66 11.27
C THR F 275 5.24 9.10 11.00
N PRO F 276 6.12 9.08 11.99
CA PRO F 276 7.49 8.60 11.76
C PRO F 276 7.56 7.09 11.64
N SER F 277 8.67 6.63 11.08
CA SER F 277 8.91 5.19 10.97
C SER F 277 10.40 4.95 10.80
N GLY F 278 11.01 4.26 11.76
CA GLY F 278 12.30 3.64 11.49
C GLY F 278 12.13 2.50 10.51
N SER F 279 13.13 2.31 9.65
CA SER F 279 12.94 1.42 8.53
C SER F 279 13.09 -0.05 8.90
N MET F 280 14.30 -0.45 9.32
CA MET F 280 14.61 -1.87 9.34
C MET F 280 15.91 -2.08 10.09
N VAL F 281 15.92 -3.09 10.96
CA VAL F 281 17.08 -3.41 11.79
C VAL F 281 17.85 -4.55 11.14
N THR F 282 19.17 -4.40 11.06
CA THR F 282 20.05 -5.40 10.48
C THR F 282 21.26 -5.59 11.38
N SER F 283 21.88 -6.77 11.26
CA SER F 283 23.09 -7.05 12.04
C SER F 283 24.31 -6.30 11.53
N ASP F 284 24.32 -5.91 10.26
CA ASP F 284 25.49 -5.26 9.67
C ASP F 284 25.60 -3.80 10.07
N ALA F 285 24.53 -3.19 10.59
CA ALA F 285 24.50 -1.78 10.93
C ALA F 285 24.64 -1.55 12.44
N GLN F 286 25.05 -2.57 13.19
CA GLN F 286 25.14 -2.46 14.64
C GLN F 286 26.47 -1.84 15.05
N ILE F 287 26.41 -0.94 16.02
CA ILE F 287 27.61 -0.32 16.57
C ILE F 287 28.02 -0.92 17.91
N PHE F 288 27.25 -1.85 18.44
CA PHE F 288 27.53 -2.47 19.73
C PHE F 288 28.17 -3.84 19.53
N ASN F 289 28.62 -4.42 20.66
CA ASN F 289 29.34 -5.69 20.67
C ASN F 289 30.65 -5.60 19.88
N LYS F 290 31.22 -4.41 19.82
CA LYS F 290 32.49 -4.15 19.16
C LYS F 290 33.40 -3.36 20.08
N PRO F 291 34.69 -3.68 20.12
CA PRO F 291 35.60 -2.94 20.99
C PRO F 291 36.02 -1.61 20.38
N TYR F 292 36.13 -0.61 21.24
CA TYR F 292 36.58 0.73 20.86
C TYR F 292 37.93 1.00 21.50
N TRP F 293 38.88 1.44 20.70
CA TRP F 293 40.21 1.81 21.18
C TRP F 293 40.33 3.32 21.19
N LEU F 294 40.68 3.87 22.35
CA LEU F 294 40.77 5.32 22.53
C LEU F 294 42.24 5.73 22.40
N GLN F 295 42.69 5.87 21.16
CA GLN F 295 44.07 6.24 20.89
C GLN F 295 44.33 7.71 21.14
N ARG F 296 43.52 8.59 20.52
CA ARG F 296 43.73 10.02 20.63
C ARG F 296 42.37 10.71 20.60
N ALA F 297 41.99 11.33 21.71
CA ALA F 297 40.74 12.06 21.79
C ALA F 297 40.84 13.37 21.01
N GLN F 298 39.67 13.92 20.67
CA GLN F 298 39.64 15.16 19.90
C GLN F 298 40.04 16.35 20.77
N GLY F 299 39.52 16.42 22.00
CA GLY F 299 39.80 17.53 22.89
C GLY F 299 41.16 17.42 23.54
N HIS F 300 41.39 18.32 24.49
CA HIS F 300 42.68 18.34 25.19
C HIS F 300 42.80 17.21 26.21
N ASN F 301 41.68 16.76 26.78
CA ASN F 301 41.71 15.62 27.69
C ASN F 301 41.73 14.32 26.87
N ASN F 302 42.69 13.45 27.20
CA ASN F 302 42.96 12.25 26.40
C ASN F 302 42.65 10.97 27.17
N GLY F 303 41.51 10.95 27.85
CA GLY F 303 41.06 9.76 28.54
C GLY F 303 41.40 9.67 30.01
N ILE F 304 41.86 10.76 30.61
CA ILE F 304 42.20 10.75 32.04
C ILE F 304 40.91 10.88 32.85
N CYS F 305 40.69 9.96 33.78
CA CYS F 305 39.47 9.92 34.58
C CYS F 305 39.74 10.62 35.90
N TRP F 306 39.59 11.94 35.89
CA TRP F 306 39.81 12.74 37.09
C TRP F 306 38.75 12.42 38.13
N GLY F 307 39.17 12.29 39.38
CA GLY F 307 38.27 11.99 40.46
C GLY F 307 37.84 10.54 40.56
N ASN F 308 38.45 9.64 39.79
CA ASN F 308 38.12 8.22 39.80
C ASN F 308 36.64 8.02 39.46
N GLN F 309 36.28 8.44 38.25
CA GLN F 309 34.88 8.55 37.87
C GLN F 309 34.76 8.47 36.36
N LEU F 310 33.76 7.73 35.89
CA LEU F 310 33.53 7.60 34.46
C LEU F 310 32.03 7.67 34.19
N PHE F 311 31.67 8.13 32.99
CA PHE F 311 30.28 8.25 32.57
C PHE F 311 30.12 7.64 31.20
N VAL F 312 29.14 6.74 31.06
CA VAL F 312 28.84 6.07 29.79
C VAL F 312 27.36 6.26 29.49
N THR F 313 27.05 6.83 28.34
CA THR F 313 25.67 7.06 27.91
C THR F 313 25.37 6.19 26.69
N VAL F 314 24.27 5.45 26.76
CA VAL F 314 23.91 4.47 25.74
C VAL F 314 22.45 4.65 25.36
N VAL F 315 22.17 4.67 24.06
CA VAL F 315 20.82 4.57 23.51
C VAL F 315 20.84 3.54 22.39
N ASP F 316 19.87 2.61 22.43
CA ASP F 316 19.79 1.55 21.44
C ASP F 316 18.33 1.15 21.29
N THR F 317 17.70 1.56 20.20
CA THR F 317 16.31 1.21 19.92
C THR F 317 16.17 0.03 18.98
N THR F 318 17.26 -0.68 18.70
CA THR F 318 17.23 -1.82 17.79
C THR F 318 16.87 -3.13 18.48
N ARG F 319 16.72 -3.12 19.80
CA ARG F 319 16.22 -4.25 20.57
C ARG F 319 15.12 -3.71 21.47
N SER F 320 13.89 -3.63 20.94
CA SER F 320 12.80 -3.00 21.68
C SER F 320 11.53 -3.82 21.59
N THR F 321 11.64 -5.14 21.55
CA THR F 321 10.45 -5.99 21.49
C THR F 321 9.75 -6.04 22.83
N ASN F 322 8.45 -5.77 22.83
CA ASN F 322 7.62 -5.89 24.03
C ASN F 322 6.91 -7.23 24.02
N MET F 323 6.93 -7.91 25.16
CA MET F 323 6.36 -9.24 25.31
C MET F 323 4.94 -9.14 25.84
N SER F 324 4.04 -9.90 25.24
CA SER F 324 2.64 -9.96 25.66
C SER F 324 2.45 -11.19 26.55
N LEU F 325 1.83 -10.97 27.71
CA LEU F 325 1.58 -12.03 28.68
C LEU F 325 0.07 -12.15 28.91
N CYS F 326 -0.40 -13.37 29.12
CA CYS F 326 -1.82 -13.62 29.30
C CYS F 326 -2.02 -14.54 30.51
N ALA F 327 -2.97 -14.19 31.37
CA ALA F 327 -3.28 -14.97 32.56
C ALA F 327 -4.76 -15.32 32.57
N ALA F 328 -5.06 -16.57 32.93
CA ALA F 328 -6.43 -17.07 32.89
C ALA F 328 -7.09 -16.89 34.26
N ILE F 329 -8.26 -16.26 34.26
CA ILE F 329 -9.00 -16.04 35.50
C ILE F 329 -9.67 -17.31 35.96
N SER F 330 -10.45 -17.94 35.07
CA SER F 330 -11.12 -19.20 35.36
C SER F 330 -10.82 -20.16 34.22
N THR F 331 -10.44 -21.39 34.57
CA THR F 331 -10.09 -22.42 33.60
C THR F 331 -11.15 -23.50 33.47
N SER F 332 -12.36 -23.27 33.99
CA SER F 332 -13.43 -24.26 33.99
C SER F 332 -14.42 -24.00 32.85
N GLU F 333 -13.94 -23.50 31.72
CA GLU F 333 -14.78 -23.23 30.56
C GLU F 333 -14.10 -23.79 29.32
N THR F 334 -14.88 -24.48 28.49
CA THR F 334 -14.37 -25.08 27.27
C THR F 334 -14.60 -24.22 26.04
N THR F 335 -15.21 -23.04 26.19
CA THR F 335 -15.44 -22.12 25.09
C THR F 335 -14.78 -20.79 25.41
N TYR F 336 -14.16 -20.19 24.41
CA TYR F 336 -13.39 -18.97 24.62
C TYR F 336 -14.30 -17.77 24.87
N LYS F 337 -13.98 -17.01 25.91
CA LYS F 337 -14.64 -15.75 26.22
C LYS F 337 -13.58 -14.68 26.48
N ASN F 338 -13.83 -13.46 26.00
CA ASN F 338 -12.86 -12.39 26.17
C ASN F 338 -12.63 -12.04 27.63
N THR F 339 -13.63 -12.23 28.48
CA THR F 339 -13.58 -11.80 29.86
C THR F 339 -12.92 -12.82 30.79
N ASN F 340 -12.43 -13.94 30.26
CA ASN F 340 -11.80 -14.97 31.07
C ASN F 340 -10.28 -14.87 31.08
N PHE F 341 -9.70 -13.86 30.43
CA PHE F 341 -8.25 -13.73 30.32
C PHE F 341 -7.86 -12.27 30.54
N LYS F 342 -6.66 -12.07 31.07
CA LYS F 342 -6.09 -10.76 31.32
C LYS F 342 -4.78 -10.62 30.55
N GLU F 343 -4.53 -9.42 30.03
CA GLU F 343 -3.41 -9.13 29.14
C GLU F 343 -2.44 -8.16 29.80
N TYR F 344 -1.14 -8.40 29.63
CA TYR F 344 -0.09 -7.57 30.20
C TYR F 344 1.02 -7.39 29.18
N LEU F 345 1.79 -6.31 29.35
CA LEU F 345 2.94 -6.01 28.51
C LEU F 345 4.18 -5.85 29.37
N ARG F 346 5.30 -6.43 28.92
CA ARG F 346 6.56 -6.34 29.65
C ARG F 346 7.71 -6.09 28.68
N HIS F 347 8.79 -5.52 29.20
CA HIS F 347 10.00 -5.29 28.44
C HIS F 347 11.22 -5.60 29.31
N GLY F 348 12.14 -6.37 28.76
CA GLY F 348 13.37 -6.71 29.46
C GLY F 348 14.58 -6.32 28.66
N GLU F 349 15.63 -5.90 29.36
CA GLU F 349 16.79 -5.31 28.73
C GLU F 349 18.06 -5.75 29.46
N GLU F 350 19.09 -6.11 28.69
CA GLU F 350 20.30 -6.76 29.19
C GLU F 350 21.54 -6.00 28.76
N TYR F 351 22.49 -5.86 29.67
CA TYR F 351 23.69 -5.04 29.46
C TYR F 351 24.93 -5.74 30.00
N ASP F 352 26.07 -5.38 29.41
CA ASP F 352 27.38 -5.81 29.88
C ASP F 352 28.38 -4.72 29.52
N LEU F 353 29.35 -4.48 30.39
CA LEU F 353 30.38 -3.47 30.13
C LEU F 353 31.75 -4.01 30.51
N GLN F 354 32.76 -3.70 29.70
CA GLN F 354 34.13 -4.08 30.05
C GLN F 354 35.11 -3.04 29.55
N PHE F 355 36.17 -2.83 30.34
CA PHE F 355 37.08 -1.71 30.18
C PHE F 355 38.52 -2.14 30.39
N ILE F 356 39.43 -1.49 29.69
CA ILE F 356 40.87 -1.60 29.92
C ILE F 356 41.38 -0.24 30.41
N PHE F 357 42.12 -0.24 31.52
CA PHE F 357 42.62 0.98 32.13
C PHE F 357 44.14 0.95 32.20
N GLN F 358 44.75 2.12 32.06
CA GLN F 358 46.19 2.28 32.19
C GLN F 358 46.50 3.20 33.36
N LEU F 359 47.60 2.90 34.05
CA LEU F 359 48.03 3.68 35.21
C LEU F 359 48.97 4.79 34.76
N CYS F 360 48.72 6.01 35.25
CA CYS F 360 49.52 7.18 34.93
C CYS F 360 49.96 7.86 36.21
N LYS F 361 51.01 8.68 36.11
CA LYS F 361 51.53 9.41 37.25
C LYS F 361 51.79 10.86 36.87
N ILE F 362 51.65 11.75 37.84
CA ILE F 362 51.77 13.19 37.63
C ILE F 362 52.75 13.75 38.65
N THR F 363 53.69 14.57 38.18
CA THR F 363 54.63 15.26 39.05
C THR F 363 54.04 16.62 39.42
N LEU F 364 53.92 16.88 40.72
CA LEU F 364 53.24 18.07 41.22
C LEU F 364 54.28 19.16 41.48
N THR F 365 54.56 19.96 40.46
CA THR F 365 55.38 21.15 40.61
C THR F 365 54.48 22.36 40.83
N ALA F 366 55.10 23.52 41.08
CA ALA F 366 54.32 24.72 41.38
C ALA F 366 53.44 25.12 40.19
N ASP F 367 54.00 25.11 38.99
CA ASP F 367 53.22 25.45 37.80
C ASP F 367 52.12 24.43 37.56
N VAL F 368 52.44 23.14 37.70
CA VAL F 368 51.42 22.10 37.53
C VAL F 368 50.33 22.23 38.58
N MET F 369 50.72 22.49 39.84
CA MET F 369 49.74 22.67 40.90
C MET F 369 48.81 23.83 40.59
N THR F 370 49.38 24.97 40.15
CA THR F 370 48.56 26.12 39.83
C THR F 370 47.60 25.83 38.67
N TYR F 371 48.11 25.17 37.63
CA TYR F 371 47.27 24.86 36.48
C TYR F 371 46.12 23.93 36.86
N ILE F 372 46.41 22.89 37.64
CA ILE F 372 45.37 21.94 38.01
C ILE F 372 44.37 22.58 38.95
N HIS F 373 44.83 23.43 39.86
CA HIS F 373 43.91 24.14 40.75
C HIS F 373 42.99 25.06 39.97
N SER F 374 43.52 25.75 38.96
CA SER F 374 42.67 26.58 38.11
C SER F 374 41.69 25.74 37.31
N MET F 375 42.13 24.56 36.87
CA MET F 375 41.25 23.67 36.11
C MET F 375 40.12 23.11 36.97
N ASN F 376 40.46 22.60 38.16
CA ASN F 376 39.47 22.02 39.06
C ASN F 376 40.04 22.02 40.46
N SER F 377 39.34 22.68 41.38
CA SER F 377 39.87 22.83 42.73
C SER F 377 39.77 21.55 43.54
N THR F 378 38.78 20.71 43.26
CA THR F 378 38.54 19.53 44.10
C THR F 378 39.61 18.46 43.94
N ILE F 379 40.35 18.47 42.83
CA ILE F 379 41.33 17.42 42.59
C ILE F 379 42.44 17.46 43.64
N LEU F 380 42.97 18.66 43.91
CA LEU F 380 44.02 18.78 44.91
C LEU F 380 43.52 18.43 46.30
N GLU F 381 42.28 18.83 46.62
CA GLU F 381 41.74 18.53 47.95
C GLU F 381 41.53 17.04 48.13
N ASP F 382 41.09 16.34 47.07
CA ASP F 382 40.91 14.90 47.17
C ASP F 382 42.23 14.17 47.42
N TRP F 383 43.30 14.63 46.80
CA TRP F 383 44.61 14.02 46.97
C TRP F 383 45.16 14.29 48.36
N PRO F 421 27.85 17.31 44.91
CA PRO F 421 27.70 17.98 43.62
C PRO F 421 26.62 17.33 42.75
N LEU F 422 26.88 16.09 42.34
CA LEU F 422 25.91 15.32 41.55
C LEU F 422 25.01 14.49 42.44
N LYS F 423 24.40 15.13 43.44
CA LYS F 423 23.53 14.45 44.39
C LYS F 423 22.05 14.59 44.06
N LYS F 424 21.69 15.50 43.16
CA LYS F 424 20.30 15.70 42.76
C LYS F 424 19.99 15.07 41.40
N TYR F 425 20.90 14.25 40.87
CA TYR F 425 20.69 13.53 39.63
C TYR F 425 20.66 12.03 39.91
N THR F 426 20.01 11.29 39.01
CA THR F 426 19.89 9.84 39.13
C THR F 426 20.64 9.18 37.98
N PHE F 427 21.59 8.32 38.31
CA PHE F 427 22.33 7.53 37.34
C PHE F 427 22.27 6.06 37.76
N TRP F 428 22.57 5.19 36.80
CA TRP F 428 22.76 3.78 37.10
C TRP F 428 24.19 3.62 37.64
N GLU F 429 24.30 3.30 38.93
CA GLU F 429 25.60 3.28 39.59
C GLU F 429 26.29 1.95 39.35
N VAL F 430 27.57 2.01 39.00
CA VAL F 430 28.40 0.83 38.78
C VAL F 430 29.62 0.95 39.69
N ASN F 431 29.86 -0.11 40.47
CA ASN F 431 30.93 -0.12 41.46
C ASN F 431 31.96 -1.15 41.04
N LEU F 432 33.10 -0.68 40.53
CA LEU F 432 34.18 -1.54 40.08
C LEU F 432 35.38 -1.48 41.03
N LYS F 433 35.14 -1.09 42.29
CA LYS F 433 36.24 -0.99 43.25
C LYS F 433 36.80 -2.34 43.64
N GLU F 434 36.09 -3.43 43.37
CA GLU F 434 36.53 -4.77 43.71
C GLU F 434 36.64 -5.68 42.49
N LYS F 435 36.64 -5.11 41.28
CA LYS F 435 36.78 -5.91 40.06
C LYS F 435 37.88 -5.30 39.18
N PHE F 436 39.14 -5.56 39.53
CA PHE F 436 40.31 -5.37 38.70
C PHE F 436 41.16 -6.64 38.78
N SER F 437 41.84 -6.94 37.67
CA SER F 437 42.80 -8.03 37.64
C SER F 437 43.88 -7.71 36.62
N ALA F 438 45.14 -7.99 36.99
CA ALA F 438 46.25 -7.76 36.08
C ALA F 438 46.43 -8.88 35.07
N ASP F 439 45.76 -10.02 35.27
CA ASP F 439 45.78 -11.13 34.32
C ASP F 439 44.92 -10.71 33.14
N LEU F 440 45.55 -10.05 32.17
CA LEU F 440 44.81 -9.40 31.10
C LEU F 440 44.29 -10.40 30.07
N ASP F 441 45.00 -11.51 29.86
CA ASP F 441 44.62 -12.46 28.83
C ASP F 441 43.59 -13.49 29.31
N GLN F 442 43.07 -13.34 30.53
CA GLN F 442 42.05 -14.23 31.05
C GLN F 442 40.64 -13.80 30.69
N PHE F 443 40.50 -12.74 29.90
CA PHE F 443 39.20 -12.15 29.58
C PHE F 443 39.10 -11.87 28.09
N PRO F 444 37.89 -11.88 27.53
CA PRO F 444 37.75 -11.70 26.08
C PRO F 444 38.31 -10.39 25.54
N LEU F 445 38.14 -9.28 26.27
CA LEU F 445 38.63 -7.99 25.79
C LEU F 445 40.15 -7.86 25.93
N GLY F 446 40.71 -8.45 26.98
CA GLY F 446 42.16 -8.42 27.13
C GLY F 446 42.90 -9.17 26.04
N ARG F 447 42.32 -10.28 25.57
CA ARG F 447 42.92 -11.00 24.45
C ARG F 447 42.97 -10.13 23.20
N LYS F 448 41.89 -9.42 22.90
CA LYS F 448 41.89 -8.52 21.74
C LYS F 448 42.89 -7.38 21.94
N PHE F 449 42.96 -6.83 23.16
CA PHE F 449 43.90 -5.75 23.42
C PHE F 449 45.33 -6.21 23.22
N LEU F 450 45.68 -7.40 23.71
CA LEU F 450 47.02 -7.92 23.51
C LEU F 450 47.26 -8.30 22.05
N LEU F 451 46.21 -8.67 21.32
CA LEU F 451 46.37 -9.05 19.92
C LEU F 451 46.63 -7.84 19.04
N GLN F 452 45.97 -6.72 19.30
CA GLN F 452 46.18 -5.54 18.46
C GLN F 452 47.57 -4.94 18.63
N ALA F 453 48.28 -5.30 19.69
CA ALA F 453 49.61 -4.77 19.93
C ALA F 453 50.59 -5.88 20.29
N GLN G 1 -34.64 -18.01 34.55
CA GLN G 1 -33.38 -17.53 34.02
C GLN G 1 -32.40 -17.20 35.15
N VAL G 2 -31.56 -16.21 34.92
CA VAL G 2 -30.55 -15.81 35.89
C VAL G 2 -31.17 -14.86 36.91
N GLN G 3 -30.81 -15.04 38.18
CA GLN G 3 -31.31 -14.22 39.27
C GLN G 3 -30.13 -13.74 40.11
N LEU G 4 -30.16 -12.47 40.48
CA LEU G 4 -29.15 -11.87 41.34
C LEU G 4 -29.62 -11.88 42.78
N VAL G 5 -28.79 -12.39 43.67
CA VAL G 5 -29.12 -12.52 45.09
C VAL G 5 -28.15 -11.65 45.89
N GLN G 6 -28.70 -10.85 46.79
CA GLN G 6 -27.93 -9.93 47.61
C GLN G 6 -27.90 -10.41 49.06
N SER G 7 -26.96 -9.85 49.82
CA SER G 7 -26.79 -10.23 51.22
C SER G 7 -27.89 -9.62 52.07
N GLY G 8 -27.84 -9.89 53.37
CA GLY G 8 -28.89 -9.48 54.28
C GLY G 8 -28.75 -8.05 54.78
N ALA G 9 -29.72 -7.66 55.59
CA ALA G 9 -29.75 -6.30 56.13
C ALA G 9 -28.59 -6.08 57.10
N GLU G 10 -28.09 -4.84 57.11
CA GLU G 10 -26.94 -4.48 57.91
C GLU G 10 -27.29 -3.36 58.89
N VAL G 11 -26.79 -3.49 60.12
CA VAL G 11 -26.89 -2.45 61.13
C VAL G 11 -25.49 -2.10 61.58
N LYS G 12 -25.09 -0.85 61.35
CA LYS G 12 -23.74 -0.40 61.63
C LYS G 12 -23.77 0.87 62.47
N LYS G 13 -22.67 1.14 63.15
CA LYS G 13 -22.44 2.35 63.92
C LYS G 13 -21.67 3.36 63.10
N PRO G 14 -21.83 4.66 63.37
CA PRO G 14 -21.10 5.67 62.59
C PRO G 14 -19.59 5.48 62.68
N GLY G 15 -18.91 5.75 61.57
CA GLY G 15 -17.47 5.60 61.50
C GLY G 15 -16.98 4.24 61.05
N SER G 16 -17.87 3.27 60.89
CA SER G 16 -17.49 1.94 60.45
C SER G 16 -17.63 1.80 58.93
N SER G 17 -17.24 0.64 58.42
CA SER G 17 -17.31 0.34 57.00
C SER G 17 -18.22 -0.86 56.77
N VAL G 18 -18.89 -0.87 55.62
CA VAL G 18 -19.82 -1.94 55.29
C VAL G 18 -19.49 -2.48 53.91
N LYS G 19 -19.83 -3.74 53.67
CA LYS G 19 -19.55 -4.39 52.40
C LYS G 19 -20.75 -5.26 52.03
N VAL G 20 -21.22 -5.12 50.79
CA VAL G 20 -22.42 -5.78 50.30
C VAL G 20 -22.07 -6.61 49.08
N SER G 21 -22.69 -7.77 48.95
CA SER G 21 -22.40 -8.72 47.89
C SER G 21 -23.61 -8.90 46.97
N CYS G 22 -23.33 -9.43 45.77
CA CYS G 22 -24.32 -9.56 44.71
C CYS G 22 -23.90 -10.74 43.84
N LYS G 23 -24.59 -11.87 43.96
CA LYS G 23 -24.18 -13.10 43.29
C LYS G 23 -25.20 -13.50 42.22
N ALA G 24 -24.69 -13.87 41.04
CA ALA G 24 -25.53 -14.39 39.97
C ALA G 24 -25.62 -15.91 40.09
N SER G 25 -26.84 -16.43 40.07
CA SER G 25 -27.08 -17.83 40.41
C SER G 25 -27.35 -18.71 39.18
N GLY G 26 -28.35 -18.36 38.38
CA GLY G 26 -28.69 -19.21 37.26
C GLY G 26 -27.72 -19.08 36.09
N GLY G 27 -27.62 -20.16 35.32
CA GLY G 27 -26.85 -20.18 34.09
C GLY G 27 -25.42 -19.69 34.20
N THR G 28 -24.84 -19.32 33.06
CA THR G 28 -23.52 -18.70 33.01
C THR G 28 -23.70 -17.24 32.58
N PHE G 29 -23.14 -16.31 33.34
CA PHE G 29 -23.44 -14.91 33.12
C PHE G 29 -22.45 -14.23 32.17
N ASN G 30 -21.17 -14.22 32.51
CA ASN G 30 -20.16 -13.47 31.76
C ASN G 30 -20.51 -11.97 31.74
N SER G 31 -20.43 -11.39 32.93
CA SER G 31 -20.83 -10.00 33.16
C SER G 31 -20.07 -9.03 32.24
N TYR G 32 -20.70 -7.87 32.03
CA TYR G 32 -20.18 -6.82 31.14
C TYR G 32 -19.87 -5.54 31.89
N ALA G 33 -20.84 -5.01 32.64
CA ALA G 33 -20.65 -3.80 33.43
C ALA G 33 -21.43 -3.92 34.73
N THR G 34 -20.87 -3.41 35.81
CA THR G 34 -21.47 -3.51 37.13
C THR G 34 -21.63 -2.12 37.71
N GLY G 35 -22.75 -1.88 38.38
CA GLY G 35 -23.00 -0.58 38.97
C GLY G 35 -23.86 -0.71 40.20
N TRP G 36 -23.82 0.32 41.04
CA TRP G 36 -24.59 0.30 42.28
C TRP G 36 -25.44 1.55 42.40
N VAL G 37 -26.67 1.37 42.92
CA VAL G 37 -27.63 2.44 43.10
C VAL G 37 -28.12 2.39 44.54
N ARG G 38 -28.68 3.50 45.02
CA ARG G 38 -29.26 3.50 46.35
C ARG G 38 -30.48 4.41 46.38
N GLN G 39 -31.34 4.17 47.35
CA GLN G 39 -32.52 5.01 47.60
C GLN G 39 -32.64 5.24 49.09
N ALA G 40 -32.66 6.51 49.49
CA ALA G 40 -32.87 6.92 50.86
C ALA G 40 -34.35 7.03 51.17
N PRO G 41 -34.74 6.94 52.44
CA PRO G 41 -36.16 7.08 52.79
C PRO G 41 -36.72 8.42 52.36
N GLY G 42 -37.70 8.38 51.46
CA GLY G 42 -38.35 9.57 50.97
C GLY G 42 -37.64 10.31 49.86
N GLN G 43 -36.62 9.71 49.26
CA GLN G 43 -35.85 10.35 48.19
C GLN G 43 -35.92 9.50 46.92
N GLY G 44 -35.19 9.93 45.90
CA GLY G 44 -35.13 9.22 44.63
C GLY G 44 -33.96 8.26 44.57
N LEU G 45 -33.56 7.93 43.35
CA LEU G 45 -32.44 7.03 43.09
C LEU G 45 -31.16 7.84 42.90
N GLU G 46 -30.06 7.31 43.44
CA GLU G 46 -28.76 7.93 43.32
C GLU G 46 -27.76 6.91 42.79
N TRP G 47 -27.12 7.23 41.66
CA TRP G 47 -26.03 6.42 41.17
C TRP G 47 -24.81 6.58 42.06
N MET G 48 -24.16 5.46 42.40
CA MET G 48 -23.02 5.49 43.30
C MET G 48 -21.71 5.02 42.68
N GLY G 49 -21.73 4.38 41.52
CA GLY G 49 -20.48 3.95 40.93
C GLY G 49 -20.63 2.84 39.91
N VAL G 50 -19.71 2.81 38.94
CA VAL G 50 -19.72 1.81 37.88
C VAL G 50 -18.29 1.31 37.65
N ILE G 51 -18.19 0.03 37.33
CA ILE G 51 -16.94 -0.58 36.85
C ILE G 51 -17.25 -1.37 35.59
N VAL G 52 -16.39 -1.24 34.60
CA VAL G 52 -16.43 -2.03 33.38
C VAL G 52 -15.07 -2.68 33.22
N PRO G 53 -14.89 -3.92 33.68
CA PRO G 53 -13.55 -4.53 33.68
C PRO G 53 -12.92 -4.64 32.31
N ILE G 54 -13.70 -4.86 31.27
CA ILE G 54 -13.23 -4.66 29.90
C ILE G 54 -13.23 -3.16 29.62
N PHE G 55 -12.25 -2.69 28.86
CA PHE G 55 -11.93 -1.27 28.67
C PHE G 55 -11.26 -0.69 29.92
N GLY G 56 -11.20 -1.46 31.01
CA GLY G 56 -10.57 -1.02 32.24
C GLY G 56 -11.16 0.24 32.86
N THR G 57 -12.47 0.31 32.98
CA THR G 57 -13.15 1.50 33.48
C THR G 57 -13.56 1.33 34.94
N GLU G 58 -13.38 2.39 35.73
CA GLU G 58 -13.79 2.41 37.13
C GLU G 58 -14.06 3.87 37.50
N ASP G 59 -15.33 4.22 37.67
CA ASP G 59 -15.68 5.62 37.88
C ASP G 59 -16.76 5.77 38.94
N TYR G 60 -16.58 6.77 39.80
CA TYR G 60 -17.45 7.11 40.91
C TYR G 60 -17.81 8.59 40.86
N PRO G 61 -18.95 8.97 41.42
CA PRO G 61 -19.29 10.40 41.47
C PRO G 61 -18.37 11.18 42.39
N GLN G 62 -18.35 12.49 42.19
CA GLN G 62 -17.44 13.35 42.94
C GLN G 62 -17.76 13.33 44.44
N ARG G 63 -19.04 13.34 44.79
CA ARG G 63 -19.44 13.34 46.20
C ARG G 63 -19.14 12.01 46.88
N PHE G 64 -18.79 10.97 46.14
CA PHE G 64 -18.55 9.65 46.71
C PHE G 64 -17.11 9.17 46.58
N GLN G 65 -16.25 9.90 45.88
CA GLN G 65 -14.87 9.46 45.69
C GLN G 65 -14.13 9.42 47.03
N GLY G 66 -13.42 8.31 47.26
CA GLY G 66 -12.65 8.11 48.46
C GLY G 66 -13.32 7.22 49.49
N ARG G 67 -14.63 7.02 49.36
CA ARG G 67 -15.38 6.21 50.31
C ARG G 67 -16.04 4.98 49.69
N VAL G 68 -16.11 4.90 48.36
CA VAL G 68 -16.82 3.82 47.68
C VAL G 68 -15.81 3.02 46.87
N THR G 69 -15.91 1.69 46.97
CA THR G 69 -15.10 0.79 46.15
C THR G 69 -15.98 -0.30 45.59
N ILE G 70 -15.89 -0.53 44.28
CA ILE G 70 -16.68 -1.55 43.61
C ILE G 70 -15.75 -2.58 42.99
N THR G 71 -16.00 -3.85 43.27
CA THR G 71 -15.15 -4.93 42.82
C THR G 71 -16.00 -6.04 42.22
N ALA G 72 -15.42 -6.79 41.30
CA ALA G 72 -16.11 -7.93 40.69
C ALA G 72 -15.16 -9.12 40.62
N ASP G 73 -15.70 -10.31 40.90
CA ASP G 73 -14.97 -11.56 40.83
C ASP G 73 -15.63 -12.43 39.76
N GLU G 74 -14.88 -12.73 38.70
CA GLU G 74 -15.41 -13.47 37.57
C GLU G 74 -15.42 -14.98 37.78
N SER G 75 -14.54 -15.49 38.64
CA SER G 75 -14.51 -16.93 38.90
C SER G 75 -15.81 -17.40 39.55
N THR G 76 -16.33 -16.63 40.51
CA THR G 76 -17.59 -16.95 41.17
C THR G 76 -18.73 -16.05 40.70
N ALA G 77 -18.46 -15.07 39.85
CA ALA G 77 -19.46 -14.11 39.36
C ALA G 77 -20.17 -13.42 40.51
N THR G 78 -19.39 -12.69 41.31
CA THR G 78 -19.91 -12.00 42.48
C THR G 78 -19.38 -10.58 42.51
N ALA G 79 -20.27 -9.62 42.76
CA ALA G 79 -19.92 -8.22 42.85
C ALA G 79 -19.96 -7.77 44.31
N TYR G 80 -19.05 -6.86 44.65
CA TYR G 80 -18.90 -6.36 46.02
C TYR G 80 -18.86 -4.85 46.00
N MET G 81 -19.49 -4.23 47.01
CA MET G 81 -19.49 -2.80 47.18
C MET G 81 -19.07 -2.47 48.62
N GLU G 82 -18.11 -1.56 48.74
CA GLU G 82 -17.47 -1.19 50.01
C GLU G 82 -17.73 0.29 50.29
N LEU G 83 -18.30 0.58 51.45
CA LEU G 83 -18.47 1.95 51.93
C LEU G 83 -17.64 2.15 53.20
N ARG G 84 -16.89 3.24 53.23
CA ARG G 84 -16.05 3.60 54.36
C ARG G 84 -16.54 4.90 54.98
N SER G 85 -16.30 5.05 56.28
CA SER G 85 -16.69 6.24 57.04
C SER G 85 -18.19 6.49 56.93
N LEU G 86 -18.97 5.54 57.47
CA LEU G 86 -20.41 5.61 57.37
C LEU G 86 -20.97 6.77 58.19
N ARG G 87 -22.02 7.39 57.68
CA ARG G 87 -22.70 8.50 58.33
C ARG G 87 -24.18 8.17 58.49
N SER G 88 -24.87 8.99 59.27
CA SER G 88 -26.30 8.76 59.53
C SER G 88 -27.17 8.98 58.30
N ASP G 89 -26.65 9.61 57.25
CA ASP G 89 -27.40 9.79 56.02
C ASP G 89 -27.18 8.67 55.02
N ASP G 90 -26.44 7.64 55.38
CA ASP G 90 -26.21 6.48 54.53
C ASP G 90 -27.22 5.37 54.77
N THR G 91 -28.15 5.56 55.70
CA THR G 91 -29.24 4.60 55.92
C THR G 91 -30.14 4.58 54.71
N ALA G 92 -30.11 3.48 53.95
CA ALA G 92 -30.81 3.45 52.66
C ALA G 92 -30.91 2.01 52.18
N VAL G 93 -31.55 1.84 51.03
CA VAL G 93 -31.68 0.55 50.36
C VAL G 93 -30.79 0.56 49.12
N TYR G 94 -29.92 -0.43 49.00
CA TYR G 94 -28.93 -0.49 47.94
C TYR G 94 -29.29 -1.56 46.92
N TYR G 95 -29.12 -1.22 45.65
CA TYR G 95 -29.46 -2.09 44.52
C TYR G 95 -28.24 -2.34 43.66
N CYS G 96 -28.12 -3.57 43.18
CA CYS G 96 -27.03 -4.03 42.33
C CYS G 96 -27.55 -4.14 40.90
N ALA G 97 -26.93 -3.42 39.97
CA ALA G 97 -27.32 -3.44 38.56
C ALA G 97 -26.17 -4.00 37.75
N ARG G 98 -26.49 -4.91 36.83
CA ARG G 98 -25.45 -5.57 36.05
C ARG G 98 -25.90 -5.73 34.60
N SER G 99 -24.93 -5.74 33.70
CA SER G 99 -25.14 -5.93 32.28
C SER G 99 -24.36 -7.15 31.81
N ARG G 100 -24.89 -7.83 30.80
CA ARG G 100 -24.33 -9.10 30.34
C ARG G 100 -23.61 -8.92 29.01
N LEU G 101 -22.49 -9.61 28.86
CA LEU G 101 -21.72 -9.54 27.62
C LEU G 101 -22.49 -10.18 26.48
N GLY G 102 -22.43 -9.55 25.31
CA GLY G 102 -23.22 -9.93 24.17
C GLY G 102 -24.36 -9.00 23.86
N SER G 103 -24.65 -8.04 24.75
CA SER G 103 -25.67 -7.04 24.50
C SER G 103 -25.11 -5.92 23.62
N SER G 104 -26.00 -5.02 23.22
CA SER G 104 -25.65 -3.98 22.25
C SER G 104 -24.95 -2.78 22.87
N SER G 105 -24.95 -2.65 24.19
CA SER G 105 -24.28 -1.53 24.85
C SER G 105 -23.91 -1.94 26.26
N TRP G 106 -23.00 -1.17 26.86
CA TRP G 106 -22.58 -1.43 28.22
C TRP G 106 -23.58 -0.92 29.25
N PHE G 107 -24.53 -0.08 28.85
CA PHE G 107 -25.49 0.52 29.78
C PHE G 107 -26.88 -0.09 29.65
N LEU G 108 -26.97 -1.34 29.22
CA LEU G 108 -28.24 -2.08 29.22
C LEU G 108 -28.33 -2.88 30.51
N PHE G 109 -28.65 -2.16 31.59
CA PHE G 109 -28.75 -2.76 32.92
C PHE G 109 -30.11 -3.44 33.04
N GLU G 110 -30.17 -4.68 32.56
CA GLU G 110 -31.40 -5.48 32.58
C GLU G 110 -31.51 -6.40 33.79
N TYR G 111 -30.46 -6.51 34.60
CA TYR G 111 -30.45 -7.42 35.74
C TYR G 111 -30.25 -6.62 37.02
N TRP G 112 -31.16 -6.79 37.97
CA TRP G 112 -31.18 -6.02 39.20
C TRP G 112 -31.32 -6.94 40.40
N GLY G 113 -30.70 -6.55 41.51
CA GLY G 113 -30.86 -7.27 42.75
C GLY G 113 -32.10 -6.85 43.50
N GLN G 114 -32.41 -7.60 44.56
CA GLN G 114 -33.62 -7.33 45.33
C GLN G 114 -33.46 -6.13 46.26
N GLY G 115 -32.25 -5.76 46.60
CA GLY G 115 -32.01 -4.61 47.46
C GLY G 115 -31.64 -5.03 48.87
N THR G 116 -30.74 -4.27 49.49
CA THR G 116 -30.29 -4.54 50.85
C THR G 116 -30.44 -3.29 51.69
N LEU G 117 -31.04 -3.44 52.87
CA LEU G 117 -31.27 -2.31 53.77
C LEU G 117 -30.06 -2.15 54.69
N VAL G 118 -29.54 -0.92 54.76
CA VAL G 118 -28.40 -0.58 55.61
C VAL G 118 -28.83 0.55 56.53
N THR G 119 -28.68 0.32 57.84
CA THR G 119 -29.06 1.30 58.86
C THR G 119 -27.82 1.68 59.65
N VAL G 120 -27.47 2.96 59.65
CA VAL G 120 -26.32 3.49 60.36
C VAL G 120 -26.85 4.33 61.51
N SER G 121 -26.80 3.79 62.72
CA SER G 121 -27.29 4.50 63.89
C SER G 121 -26.66 3.91 65.14
N SER G 122 -26.76 4.65 66.23
CA SER G 122 -26.21 4.21 67.51
C SER G 122 -27.33 3.95 68.52
N ASP H 1 -20.03 16.72 35.69
CA ASP H 1 -21.16 15.84 35.45
C ASP H 1 -22.28 16.59 34.75
N ILE H 2 -23.39 15.90 34.48
CA ILE H 2 -24.54 16.45 33.78
C ILE H 2 -25.75 16.36 34.69
N GLN H 3 -26.45 17.48 34.87
CA GLN H 3 -27.67 17.54 35.66
C GLN H 3 -28.87 17.38 34.74
N MET H 4 -29.89 16.65 35.20
CA MET H 4 -31.08 16.37 34.41
C MET H 4 -32.32 16.83 35.17
N THR H 5 -33.28 17.39 34.43
CA THR H 5 -34.51 17.91 35.01
C THR H 5 -35.71 17.19 34.41
N GLN H 6 -36.58 16.68 35.27
CA GLN H 6 -37.73 15.89 34.84
C GLN H 6 -39.02 16.61 35.22
N SER H 7 -39.96 16.70 34.27
CA SER H 7 -41.21 17.40 34.51
C SER H 7 -42.39 16.58 33.99
N PRO H 8 -43.54 16.61 34.70
CA PRO H 8 -43.68 17.24 36.02
C PRO H 8 -43.22 16.31 37.14
N SER H 9 -43.34 16.75 38.39
CA SER H 9 -42.94 15.93 39.52
C SER H 9 -44.05 15.01 40.02
N SER H 10 -45.29 15.21 39.56
CA SER H 10 -46.42 14.40 39.98
C SER H 10 -47.60 14.73 39.08
N LEU H 11 -48.40 13.72 38.76
CA LEU H 11 -49.59 13.92 37.93
C LEU H 11 -50.60 12.82 38.23
N SER H 12 -51.88 13.15 38.01
CA SER H 12 -52.97 12.21 38.21
C SER H 12 -53.65 11.94 36.87
N ALA H 13 -53.96 10.67 36.63
CA ALA H 13 -54.56 10.26 35.36
C ALA H 13 -55.58 9.17 35.63
N SER H 14 -56.39 8.90 34.61
CA SER H 14 -57.41 7.86 34.67
C SER H 14 -57.09 6.77 33.65
N VAL H 15 -57.76 5.62 33.80
CA VAL H 15 -57.49 4.49 32.92
C VAL H 15 -57.93 4.83 31.51
N GLY H 16 -57.03 4.64 30.56
CA GLY H 16 -57.30 4.93 29.16
C GLY H 16 -56.83 6.27 28.66
N ASP H 17 -56.04 7.01 29.45
CA ASP H 17 -55.57 8.33 29.07
C ASP H 17 -54.19 8.26 28.45
N ARG H 18 -53.71 9.41 27.98
CA ARG H 18 -52.37 9.56 27.44
C ARG H 18 -51.56 10.44 28.39
N VAL H 19 -50.36 9.97 28.73
CA VAL H 19 -49.50 10.65 29.70
C VAL H 19 -48.16 10.92 29.06
N THR H 20 -47.67 12.15 29.16
CA THR H 20 -46.38 12.55 28.62
C THR H 20 -45.51 13.12 29.74
N ILE H 21 -44.24 12.72 29.74
CA ILE H 21 -43.25 13.21 30.70
C ILE H 21 -42.07 13.77 29.93
N THR H 22 -41.65 14.97 30.28
CA THR H 22 -40.58 15.67 29.58
C THR H 22 -39.29 15.61 30.39
N CYS H 23 -38.16 15.48 29.70
CA CYS H 23 -36.87 15.35 30.35
C CYS H 23 -35.89 16.27 29.63
N ARG H 24 -35.09 17.02 30.39
CA ARG H 24 -34.22 18.04 29.85
C ARG H 24 -32.81 17.89 30.40
N ALA H 25 -31.82 17.98 29.52
CA ALA H 25 -30.42 17.79 29.87
C ALA H 25 -29.69 19.12 29.92
N SER H 26 -28.65 19.17 30.75
CA SER H 26 -27.86 20.39 30.89
C SER H 26 -26.84 20.55 29.77
N ASP H 27 -26.69 19.56 28.90
CA ASP H 27 -25.75 19.62 27.79
C ASP H 27 -26.26 18.73 26.67
N MET H 28 -25.61 18.81 25.51
CA MET H 28 -25.93 17.92 24.40
C MET H 28 -25.44 16.51 24.70
N ILE H 29 -26.36 15.55 24.72
CA ILE H 29 -26.01 14.17 25.04
C ILE H 29 -26.48 13.24 23.94
N SER H 30 -26.67 13.76 22.73
CA SER H 30 -27.12 12.98 21.59
C SER H 30 -28.41 12.23 21.91
N ASN H 31 -28.38 10.90 21.82
CA ASN H 31 -29.53 10.07 22.17
C ASN H 31 -29.20 9.10 23.30
N TYR H 32 -28.33 9.51 24.22
CA TYR H 32 -27.88 8.64 25.31
C TYR H 32 -28.78 8.85 26.53
N LEU H 33 -30.04 8.46 26.36
CA LEU H 33 -31.04 8.57 27.43
C LEU H 33 -31.81 7.26 27.58
N ASN H 34 -32.07 6.88 28.83
CA ASN H 34 -32.83 5.68 29.15
C ASN H 34 -33.90 6.03 30.17
N TRP H 35 -34.99 5.26 30.13
CA TRP H 35 -36.14 5.47 31.01
C TRP H 35 -36.34 4.24 31.88
N TYR H 36 -36.54 4.46 33.17
CA TYR H 36 -36.68 3.38 34.14
C TYR H 36 -38.02 3.51 34.87
N GLN H 37 -38.61 2.37 35.19
CA GLN H 37 -39.86 2.30 35.95
C GLN H 37 -39.59 1.62 37.29
N HIS H 38 -40.11 2.20 38.35
CA HIS H 38 -39.89 1.71 39.71
C HIS H 38 -41.21 1.70 40.46
N LYS H 39 -41.50 0.58 41.10
CA LYS H 39 -42.66 0.36 41.94
C LYS H 39 -42.22 0.10 43.38
N PRO H 40 -43.05 0.42 44.36
CA PRO H 40 -42.67 0.15 45.76
C PRO H 40 -42.47 -1.34 46.01
N GLY H 41 -41.41 -1.67 46.73
CA GLY H 41 -41.13 -3.05 47.10
C GLY H 41 -40.45 -3.88 46.03
N GLU H 42 -40.09 -3.28 44.89
CA GLU H 42 -39.46 -3.99 43.80
C GLU H 42 -38.25 -3.22 43.30
N ALA H 43 -37.46 -3.86 42.44
CA ALA H 43 -36.30 -3.24 41.84
C ALA H 43 -36.69 -2.41 40.62
N PRO H 44 -35.88 -1.43 40.25
CA PRO H 44 -36.15 -0.67 39.03
C PRO H 44 -36.11 -1.54 37.78
N LYS H 45 -36.88 -1.14 36.78
CA LYS H 45 -37.08 -1.95 35.58
C LYS H 45 -36.96 -1.07 34.35
N LEU H 46 -36.13 -1.50 33.39
CA LEU H 46 -35.85 -0.71 32.20
C LEU H 46 -36.97 -0.84 31.17
N LEU H 47 -37.34 0.29 30.56
CA LEU H 47 -38.34 0.34 29.51
C LEU H 47 -37.79 0.76 28.16
N ILE H 48 -37.13 1.91 28.10
CA ILE H 48 -36.65 2.51 26.87
C ILE H 48 -35.16 2.78 27.01
N TYR H 49 -34.39 2.42 25.98
CA TYR H 49 -32.97 2.76 25.93
C TYR H 49 -32.65 3.42 24.60
N SER H 50 -31.64 4.29 24.62
CA SER H 50 -31.23 5.10 23.47
C SER H 50 -32.35 6.02 22.98
N ALA H 51 -33.32 6.31 23.86
CA ALA H 51 -34.35 7.32 23.67
C ALA H 51 -35.40 6.94 22.63
N SER H 52 -35.17 5.85 21.89
CA SER H 52 -36.17 5.42 20.92
C SER H 52 -36.46 3.92 20.99
N SER H 53 -35.47 3.13 21.36
CA SER H 53 -35.59 1.68 21.30
C SER H 53 -36.44 1.16 22.45
N LEU H 54 -37.20 0.11 22.16
CA LEU H 54 -38.10 -0.50 23.13
C LEU H 54 -37.52 -1.81 23.62
N GLN H 55 -37.49 -1.96 24.95
CA GLN H 55 -36.95 -3.18 25.54
C GLN H 55 -37.87 -4.36 25.27
N THR H 56 -37.27 -5.55 25.12
CA THR H 56 -38.04 -6.75 24.85
C THR H 56 -38.97 -7.08 26.01
N GLY H 57 -40.20 -7.46 25.69
CA GLY H 57 -41.19 -7.77 26.70
C GLY H 57 -41.94 -6.58 27.25
N VAL H 58 -41.83 -5.42 26.63
CA VAL H 58 -42.48 -4.20 27.08
C VAL H 58 -43.64 -3.92 26.14
N PRO H 59 -44.83 -3.56 26.65
CA PRO H 59 -45.95 -3.26 25.75
C PRO H 59 -45.64 -2.10 24.83
N SER H 60 -46.19 -2.17 23.62
CA SER H 60 -45.93 -1.14 22.60
C SER H 60 -46.60 0.19 22.93
N ARG H 61 -47.46 0.23 23.95
CA ARG H 61 -48.08 1.49 24.34
C ARG H 61 -47.07 2.49 24.91
N PHE H 62 -45.89 2.03 25.31
CA PHE H 62 -44.82 2.93 25.71
C PHE H 62 -44.03 3.39 24.49
N SER H 63 -43.67 4.67 24.47
CA SER H 63 -42.82 5.18 23.41
C SER H 63 -41.97 6.32 23.96
N GLY H 64 -40.87 6.59 23.28
CA GLY H 64 -39.99 7.67 23.68
C GLY H 64 -39.38 8.32 22.46
N SER H 65 -39.10 9.63 22.58
CA SER H 65 -38.53 10.34 21.44
C SER H 65 -37.80 11.58 21.93
N GLY H 66 -36.77 11.96 21.22
CA GLY H 66 -36.05 13.18 21.53
C GLY H 66 -34.60 13.06 21.11
N SER H 67 -33.88 14.17 21.28
CA SER H 67 -32.48 14.24 20.90
C SER H 67 -31.93 15.59 21.33
N GLY H 68 -30.63 15.64 21.55
CA GLY H 68 -29.97 16.88 21.91
C GLY H 68 -30.05 17.18 23.39
N THR H 69 -30.99 18.05 23.76
CA THR H 69 -31.25 18.38 25.16
C THR H 69 -32.67 18.12 25.59
N ASP H 70 -33.57 17.76 24.69
CA ASP H 70 -34.98 17.55 24.99
C ASP H 70 -35.39 16.13 24.63
N PHE H 71 -36.05 15.46 25.58
CA PHE H 71 -36.55 14.11 25.37
C PHE H 71 -37.93 13.98 26.03
N THR H 72 -38.69 12.97 25.62
CA THR H 72 -40.03 12.80 26.16
C THR H 72 -40.42 11.33 26.13
N LEU H 73 -41.23 10.95 27.11
CA LEU H 73 -41.82 9.63 27.24
C LEU H 73 -43.33 9.74 27.12
N THR H 74 -43.93 8.87 26.31
CA THR H 74 -45.37 8.86 26.10
C THR H 74 -45.94 7.49 26.44
N ILE H 75 -47.07 7.49 27.14
CA ILE H 75 -47.80 6.27 27.47
C ILE H 75 -49.24 6.45 27.00
N ASN H 76 -49.68 5.59 26.09
CA ASN H 76 -51.02 5.64 25.54
C ASN H 76 -51.85 4.50 26.13
N ASN H 77 -53.14 4.76 26.34
CA ASN H 77 -54.08 3.78 26.89
C ASN H 77 -53.57 3.23 28.23
N LEU H 78 -53.49 4.14 29.19
CA LEU H 78 -52.97 3.80 30.51
C LEU H 78 -53.77 2.66 31.14
N GLN H 79 -53.05 1.69 31.70
CA GLN H 79 -53.62 0.53 32.35
C GLN H 79 -53.37 0.60 33.86
N PRO H 80 -54.10 -0.18 34.66
CA PRO H 80 -53.89 -0.13 36.11
C PRO H 80 -52.50 -0.51 36.55
N GLU H 81 -51.74 -1.24 35.74
CA GLU H 81 -50.39 -1.65 36.10
C GLU H 81 -49.32 -0.65 35.70
N ASP H 82 -49.70 0.49 35.12
CA ASP H 82 -48.75 1.49 34.68
C ASP H 82 -48.48 2.56 35.72
N PHE H 83 -49.10 2.48 36.89
CA PHE H 83 -49.00 3.53 37.90
C PHE H 83 -47.76 3.26 38.74
N ALA H 84 -46.70 4.01 38.48
CA ALA H 84 -45.42 3.82 39.14
C ALA H 84 -44.62 5.12 39.07
N THR H 85 -43.34 5.05 39.39
CA THR H 85 -42.45 6.20 39.31
C THR H 85 -41.48 6.01 38.15
N TYR H 86 -41.25 7.07 37.37
CA TYR H 86 -40.45 6.99 36.17
C TYR H 86 -39.24 7.92 36.28
N TYR H 87 -38.09 7.42 35.85
CA TYR H 87 -36.82 8.13 35.99
C TYR H 87 -36.10 8.22 34.66
N CYS H 88 -35.47 9.37 34.41
CA CYS H 88 -34.50 9.52 33.33
C CYS H 88 -33.15 8.97 33.78
N GLN H 89 -32.30 8.68 32.80
CA GLN H 89 -30.89 8.43 33.08
C GLN H 89 -30.07 8.74 31.84
N GLN H 90 -29.05 9.57 32.00
CA GLN H 90 -28.09 9.82 30.94
C GLN H 90 -26.92 8.85 31.05
N SER H 91 -26.42 8.41 29.90
CA SER H 91 -25.25 7.54 29.83
C SER H 91 -24.24 8.09 28.83
N TYR H 92 -24.24 9.42 28.65
CA TYR H 92 -23.29 10.04 27.74
C TYR H 92 -21.87 9.92 28.24
N ILE H 93 -21.67 10.07 29.55
CA ILE H 93 -20.37 9.88 30.19
C ILE H 93 -20.49 8.72 31.17
N THR H 94 -19.33 8.21 31.60
CA THR H 94 -19.29 7.09 32.53
C THR H 94 -19.65 7.50 33.96
N ARG H 95 -19.90 8.79 34.21
CA ARG H 95 -20.44 9.25 35.49
C ARG H 95 -21.94 9.48 35.29
N LEU H 96 -22.70 8.40 35.41
CA LEU H 96 -24.13 8.43 35.12
C LEU H 96 -24.89 9.17 36.21
N SER H 97 -26.10 9.59 35.88
CA SER H 97 -26.94 10.33 36.81
C SER H 97 -28.41 10.11 36.48
N PHE H 98 -29.25 10.33 37.48
CA PHE H 98 -30.69 10.13 37.39
C PHE H 98 -31.42 11.46 37.43
N GLY H 99 -32.68 11.44 37.01
CA GLY H 99 -33.56 12.59 37.11
C GLY H 99 -34.29 12.63 38.44
N GLY H 100 -35.20 13.59 38.55
CA GLY H 100 -35.93 13.76 39.80
C GLY H 100 -36.97 12.68 40.03
N GLY H 101 -37.66 12.26 38.98
CA GLY H 101 -38.69 11.26 39.11
C GLY H 101 -40.10 11.81 39.04
N THR H 102 -40.99 11.11 38.34
CA THR H 102 -42.38 11.53 38.19
C THR H 102 -43.28 10.40 38.67
N LYS H 103 -44.18 10.72 39.59
CA LYS H 103 -45.09 9.73 40.18
C LYS H 103 -46.47 9.88 39.54
N VAL H 104 -46.93 8.81 38.90
CA VAL H 104 -48.27 8.78 38.32
C VAL H 104 -49.25 8.21 39.33
N GLU H 105 -50.39 8.88 39.48
CA GLU H 105 -51.38 8.51 40.49
C GLU H 105 -52.75 8.38 39.83
N ILE H 106 -53.73 7.93 40.62
CA ILE H 106 -55.09 7.69 40.15
C ILE H 106 -55.92 8.93 40.38
N LYS H 107 -56.68 9.35 39.36
CA LYS H 107 -57.54 10.51 39.46
C LYS H 107 -58.70 10.25 40.41
N LYS I 1 45.08 -20.75 36.59
CA LYS I 1 45.34 -20.02 35.36
C LYS I 1 45.15 -20.92 34.15
N VAL I 2 44.51 -20.38 33.11
CA VAL I 2 44.22 -21.11 31.88
C VAL I 2 45.21 -20.69 30.81
N VAL I 3 45.83 -21.68 30.17
CA VAL I 3 46.81 -21.43 29.12
C VAL I 3 46.24 -21.90 27.79
N SER I 4 46.81 -21.37 26.72
CA SER I 4 46.35 -21.73 25.38
C SER I 4 46.80 -23.14 25.03
N THR I 5 46.04 -23.77 24.11
CA THR I 5 46.38 -25.12 23.67
C THR I 5 47.65 -25.14 22.83
N ASP I 6 48.08 -23.99 22.30
CA ASP I 6 49.28 -23.96 21.47
C ASP I 6 50.54 -24.29 22.24
N GLU I 7 50.48 -24.29 23.58
CA GLU I 7 51.67 -24.53 24.38
C GLU I 7 51.93 -26.02 24.60
N TYR I 8 50.89 -26.79 24.92
CA TYR I 8 51.06 -28.19 25.28
C TYR I 8 50.52 -29.14 24.21
N VAL I 9 50.21 -28.64 23.02
CA VAL I 9 49.76 -29.48 21.90
C VAL I 9 50.69 -29.24 20.72
N ALA I 10 51.19 -30.33 20.14
CA ALA I 10 52.08 -30.27 18.99
C ALA I 10 51.33 -30.76 17.75
N ARG I 11 51.43 -30.00 16.67
CA ARG I 11 50.72 -30.29 15.44
C ARG I 11 51.67 -30.92 14.42
N THR I 12 51.22 -31.99 13.78
CA THR I 12 51.98 -32.66 12.73
C THR I 12 51.48 -32.18 11.37
N ASN I 13 52.06 -32.73 10.31
CA ASN I 13 51.75 -32.32 8.94
C ASN I 13 50.89 -33.36 8.21
N ILE I 14 49.98 -34.00 8.94
CA ILE I 14 49.10 -35.03 8.39
C ILE I 14 47.67 -34.51 8.41
N TYR I 15 47.01 -34.55 7.26
CA TYR I 15 45.67 -34.02 7.10
C TYR I 15 44.74 -35.11 6.57
N TYR I 16 43.47 -35.04 6.98
CA TYR I 16 42.45 -35.98 6.53
C TYR I 16 41.19 -35.21 6.15
N HIS I 17 40.40 -35.82 5.28
CA HIS I 17 39.15 -35.24 4.80
C HIS I 17 37.98 -36.12 5.22
N ALA I 18 36.90 -35.49 5.67
CA ALA I 18 35.70 -36.21 6.04
C ALA I 18 34.48 -35.51 5.46
N GLY I 19 33.42 -36.28 5.23
CA GLY I 19 32.21 -35.69 4.68
C GLY I 19 31.02 -36.62 4.62
N THR I 20 29.84 -36.06 4.81
CA THR I 20 28.60 -36.81 4.62
C THR I 20 28.16 -36.72 3.16
N SER I 21 27.40 -37.73 2.72
CA SER I 21 26.95 -37.75 1.34
C SER I 21 25.83 -36.76 1.10
N ARG I 22 24.69 -36.95 1.78
CA ARG I 22 23.56 -36.05 1.67
C ARG I 22 22.57 -36.39 2.77
N LEU I 23 22.03 -35.36 3.41
CA LEU I 23 21.05 -35.52 4.47
C LEU I 23 19.74 -34.89 4.03
N LEU I 24 18.64 -35.63 4.17
CA LEU I 24 17.33 -35.18 3.76
C LEU I 24 16.35 -35.26 4.91
N ALA I 25 15.41 -34.33 4.95
CA ALA I 25 14.33 -34.35 5.94
C ALA I 25 13.06 -33.80 5.32
N VAL I 26 12.00 -34.60 5.31
CA VAL I 26 10.71 -34.21 4.76
C VAL I 26 9.67 -34.36 5.86
N GLY I 27 8.83 -33.34 6.03
CA GLY I 27 7.81 -33.41 7.06
C GLY I 27 6.81 -32.28 6.95
N HIS I 28 5.94 -32.19 7.96
CA HIS I 28 4.92 -31.14 8.04
C HIS I 28 5.49 -29.90 8.72
N PRO I 29 5.27 -28.72 8.13
CA PRO I 29 5.91 -27.50 8.66
C PRO I 29 5.35 -26.99 9.98
N TYR I 30 4.16 -27.40 10.41
CA TYR I 30 3.52 -26.80 11.58
C TYR I 30 3.42 -27.75 12.76
N PHE I 31 2.82 -28.92 12.59
CA PHE I 31 2.62 -29.87 13.68
C PHE I 31 2.91 -31.27 13.17
N PRO I 32 3.31 -32.18 14.06
CA PRO I 32 3.44 -33.58 13.67
C PRO I 32 2.09 -34.19 13.34
N ILE I 33 2.12 -35.20 12.49
CA ILE I 33 0.93 -35.98 12.13
C ILE I 33 0.97 -37.27 12.92
N LYS I 34 -0.07 -37.51 13.72
CA LYS I 34 -0.10 -38.66 14.62
C LYS I 34 -1.41 -39.44 14.40
N LYS I 35 -1.32 -40.75 14.64
CA LYS I 35 -2.51 -41.59 14.53
C LYS I 35 -3.50 -41.22 15.63
N PRO I 36 -4.80 -41.27 15.37
CA PRO I 36 -5.77 -40.88 16.41
C PRO I 36 -5.75 -41.78 17.63
N ASN I 37 -5.81 -43.10 17.44
CA ASN I 37 -5.82 -44.01 18.58
C ASN I 37 -4.44 -44.13 19.22
N ASN I 38 -3.40 -44.23 18.41
CA ASN I 38 -2.04 -44.40 18.92
C ASN I 38 -1.42 -43.04 19.25
N ASN I 39 -0.19 -43.08 19.74
CA ASN I 39 0.60 -41.87 20.00
C ASN I 39 1.91 -41.89 19.22
N LYS I 40 2.10 -42.84 18.31
CA LYS I 40 3.30 -42.91 17.50
C LYS I 40 3.19 -41.93 16.33
N ILE I 41 4.31 -41.29 16.00
CA ILE I 41 4.34 -40.23 15.00
C ILE I 41 4.47 -40.84 13.61
N LEU I 42 3.60 -40.42 12.70
CA LEU I 42 3.67 -40.85 11.31
C LEU I 42 4.53 -39.90 10.46
N VAL I 43 4.22 -38.62 10.50
CA VAL I 43 4.97 -37.59 9.79
C VAL I 43 5.57 -36.64 10.82
N PRO I 44 6.89 -36.51 10.91
CA PRO I 44 7.49 -35.58 11.86
C PRO I 44 7.26 -34.13 11.44
N LYS I 45 7.71 -33.22 12.30
CA LYS I 45 7.61 -31.79 12.04
C LYS I 45 8.95 -31.29 11.54
N VAL I 46 8.96 -30.78 10.30
CA VAL I 46 10.17 -30.24 9.67
C VAL I 46 9.85 -28.83 9.22
N SER I 47 10.53 -27.85 9.81
CA SER I 47 10.27 -26.44 9.55
C SER I 47 11.58 -25.74 9.20
N GLY I 48 11.46 -24.63 8.49
CA GLY I 48 12.62 -23.82 8.15
C GLY I 48 13.17 -22.98 9.28
N LEU I 49 12.46 -22.88 10.40
CA LEU I 49 12.88 -22.10 11.55
C LEU I 49 13.15 -23.00 12.76
N GLN I 50 13.83 -24.11 12.53
CA GLN I 50 14.24 -25.02 13.58
C GLN I 50 15.76 -25.02 13.71
N TYR I 51 16.24 -25.15 14.94
CA TYR I 51 17.67 -25.32 15.17
C TYR I 51 18.11 -26.68 14.64
N ARG I 52 19.21 -26.72 13.90
CA ARG I 52 19.79 -27.97 13.43
C ARG I 52 21.10 -28.20 14.17
N VAL I 53 21.12 -29.15 15.08
CA VAL I 53 22.30 -29.44 15.90
C VAL I 53 22.81 -30.81 15.49
N PHE I 54 23.98 -30.85 14.86
CA PHE I 54 24.63 -32.08 14.45
C PHE I 54 25.73 -32.43 15.45
N ARG I 55 25.69 -33.66 15.95
CA ARG I 55 26.71 -34.19 16.84
C ARG I 55 27.52 -35.21 16.05
N ILE I 56 28.80 -34.91 15.83
CA ILE I 56 29.65 -35.65 14.90
C ILE I 56 30.65 -36.45 15.70
N HIS I 57 30.74 -37.75 15.39
CA HIS I 57 31.63 -38.67 16.08
C HIS I 57 32.82 -39.01 15.19
N LEU I 58 34.01 -38.98 15.78
CA LEU I 58 35.25 -39.19 15.05
C LEU I 58 35.94 -40.47 15.55
N PRO I 59 36.76 -41.09 14.71
CA PRO I 59 37.55 -42.24 15.18
C PRO I 59 38.56 -41.84 16.24
N ASP I 60 38.88 -42.80 17.10
CA ASP I 60 39.94 -42.59 18.08
C ASP I 60 41.29 -42.70 17.37
N PRO I 61 42.08 -41.62 17.31
CA PRO I 61 43.36 -41.70 16.59
C PRO I 61 44.36 -42.64 17.24
N ASN I 62 44.19 -42.96 18.53
CA ASN I 62 45.09 -43.91 19.18
C ASN I 62 44.91 -45.31 18.61
N LYS I 63 43.68 -45.70 18.31
CA LYS I 63 43.40 -47.00 17.72
C LYS I 63 43.27 -46.95 16.20
N PHE I 64 43.37 -45.77 15.61
CA PHE I 64 43.25 -45.63 14.17
C PHE I 64 44.43 -46.28 13.46
N GLY I 65 44.17 -46.80 12.26
CA GLY I 65 45.20 -47.46 11.50
C GLY I 65 45.96 -46.55 10.56
N PHE I 66 47.17 -46.15 10.96
CA PHE I 66 48.01 -45.28 10.15
C PHE I 66 49.04 -46.11 9.39
N PRO I 67 49.34 -45.76 8.13
CA PRO I 67 50.42 -46.45 7.42
C PRO I 67 51.77 -46.29 8.09
N ASP I 68 52.02 -45.16 8.74
CA ASP I 68 53.27 -44.90 9.44
C ASP I 68 52.97 -44.63 10.90
N THR I 69 53.90 -45.05 11.78
CA THR I 69 53.74 -44.91 13.22
C THR I 69 54.93 -44.25 13.90
N SER I 70 56.08 -44.18 13.23
CA SER I 70 57.31 -43.71 13.87
C SER I 70 57.26 -42.23 14.25
N PHE I 71 56.26 -41.48 13.80
CA PHE I 71 56.21 -40.05 14.10
C PHE I 71 55.87 -39.75 15.55
N TYR I 72 55.45 -40.74 16.33
CA TYR I 72 55.10 -40.53 17.73
C TYR I 72 55.48 -41.76 18.54
N ASN I 73 55.61 -41.55 19.85
CA ASN I 73 55.98 -42.60 20.79
C ASN I 73 54.78 -42.97 21.65
N PRO I 74 54.14 -44.12 21.44
CA PRO I 74 52.95 -44.45 22.24
C PRO I 74 53.22 -44.56 23.72
N ASP I 75 54.48 -44.73 24.14
CA ASP I 75 54.78 -44.85 25.56
C ASP I 75 54.57 -43.54 26.30
N THR I 76 54.70 -42.40 25.61
CA THR I 76 54.57 -41.11 26.28
C THR I 76 53.78 -40.09 25.47
N GLN I 77 53.24 -40.46 24.31
CA GLN I 77 52.49 -39.54 23.47
C GLN I 77 51.06 -40.00 23.33
N ARG I 78 50.14 -39.05 23.17
CA ARG I 78 48.75 -39.34 22.88
C ARG I 78 48.28 -38.43 21.76
N LEU I 79 47.33 -38.93 20.97
CA LEU I 79 46.90 -38.26 19.74
C LEU I 79 45.51 -37.66 19.90
N VAL I 80 45.23 -36.65 19.10
CA VAL I 80 43.93 -35.98 19.11
C VAL I 80 43.73 -35.29 17.76
N TRP I 81 42.48 -35.07 17.39
CA TRP I 81 42.14 -34.43 16.12
C TRP I 81 41.93 -32.93 16.32
N ALA I 82 42.26 -32.16 15.28
CA ALA I 82 42.04 -30.73 15.29
C ALA I 82 41.32 -30.34 13.99
N CYS I 83 40.39 -29.39 14.09
CA CYS I 83 39.62 -28.95 12.94
C CYS I 83 40.26 -27.71 12.33
N VAL I 84 40.47 -27.75 11.01
CA VAL I 84 41.14 -26.67 10.29
C VAL I 84 40.32 -26.13 9.13
N GLY I 85 39.14 -26.69 8.86
CA GLY I 85 38.32 -26.22 7.76
C GLY I 85 36.97 -26.90 7.66
N VAL I 86 35.91 -26.14 7.47
CA VAL I 86 34.55 -26.65 7.48
C VAL I 86 33.76 -26.02 6.33
N GLU I 87 32.95 -26.83 5.65
CA GLU I 87 32.01 -26.31 4.67
C GLU I 87 30.65 -26.96 4.87
N VAL I 88 29.60 -26.14 4.83
CA VAL I 88 28.22 -26.58 5.01
C VAL I 88 27.50 -26.37 3.69
N GLY I 89 27.36 -27.44 2.91
CA GLY I 89 26.65 -27.36 1.65
C GLY I 89 25.14 -27.39 1.87
N ARG I 90 24.45 -26.55 1.11
CA ARG I 90 23.04 -26.25 1.35
C ARG I 90 22.30 -26.31 0.02
N GLY I 91 21.43 -27.30 -0.14
CA GLY I 91 20.66 -27.45 -1.37
C GLY I 91 19.33 -26.72 -1.33
N GLN I 92 18.53 -26.93 -2.38
CA GLN I 92 17.19 -26.39 -2.60
C GLN I 92 17.26 -24.93 -3.06
N PRO I 93 16.23 -24.42 -3.74
CA PRO I 93 16.23 -23.01 -4.13
C PRO I 93 15.89 -22.10 -2.96
N LEU I 94 16.20 -20.82 -3.15
CA LEU I 94 15.86 -19.80 -2.17
C LEU I 94 14.36 -19.54 -2.19
N GLY I 95 13.79 -19.36 -1.00
CA GLY I 95 12.36 -19.12 -0.89
C GLY I 95 12.01 -18.59 0.48
N VAL I 96 10.76 -18.16 0.61
CA VAL I 96 10.23 -17.61 1.85
C VAL I 96 8.96 -18.37 2.20
N GLY I 97 8.85 -18.79 3.46
CA GLY I 97 7.66 -19.46 3.94
C GLY I 97 6.87 -18.60 4.91
N ILE I 98 5.57 -18.88 5.06
CA ILE I 98 4.68 -18.07 5.87
C ILE I 98 3.94 -18.98 6.85
N SER I 99 3.46 -18.39 7.93
CA SER I 99 2.73 -19.15 8.94
C SER I 99 1.69 -18.24 9.59
N GLY I 100 0.68 -18.86 10.18
CA GLY I 100 -0.37 -18.08 10.79
C GLY I 100 -1.22 -18.92 11.74
N HIS I 101 -2.29 -18.29 12.21
CA HIS I 101 -3.25 -18.88 13.12
C HIS I 101 -4.67 -18.66 12.60
N PRO I 102 -5.52 -19.69 12.66
CA PRO I 102 -6.92 -19.52 12.27
C PRO I 102 -7.77 -18.76 13.29
N LEU I 103 -7.30 -18.65 14.53
CA LEU I 103 -8.03 -18.00 15.62
C LEU I 103 -7.10 -17.08 16.40
N LEU I 104 -6.37 -16.23 15.68
CA LEU I 104 -5.40 -15.35 16.31
C LEU I 104 -6.09 -14.14 16.93
N ASN I 105 -5.61 -13.72 18.10
CA ASN I 105 -6.21 -12.66 18.88
C ASN I 105 -5.82 -11.30 18.29
N LYS I 106 -6.65 -10.80 17.38
CA LYS I 106 -6.50 -9.47 16.81
C LYS I 106 -7.81 -8.73 16.97
N LEU I 107 -7.76 -7.50 17.48
CA LEU I 107 -8.96 -6.69 17.66
C LEU I 107 -9.19 -5.72 16.51
N ASP I 108 -8.25 -4.80 16.28
CA ASP I 108 -8.43 -3.76 15.28
C ASP I 108 -7.09 -3.43 14.64
N ASP I 109 -7.15 -2.76 13.49
CA ASP I 109 -5.97 -2.23 12.82
C ASP I 109 -5.80 -0.77 13.23
N THR I 110 -4.74 -0.49 13.98
CA THR I 110 -4.52 0.83 14.58
C THR I 110 -3.57 1.71 13.77
N GLU I 111 -3.08 1.23 12.63
CA GLU I 111 -2.22 2.06 11.79
C GLU I 111 -2.97 3.27 11.28
N ASN I 112 -4.22 3.06 10.83
CA ASN I 112 -5.08 4.14 10.37
C ASN I 112 -6.51 3.77 10.74
N ALA I 113 -7.19 4.67 11.43
CA ALA I 113 -8.52 4.40 11.97
C ALA I 113 -9.41 5.61 11.78
N SER I 114 -10.71 5.35 11.55
CA SER I 114 -11.68 6.41 11.34
C SER I 114 -12.93 6.29 12.21
N ALA I 115 -13.11 5.17 12.93
CA ALA I 115 -14.24 5.00 13.83
C ALA I 115 -13.75 4.36 15.12
N TYR I 116 -14.51 4.55 16.19
CA TYR I 116 -14.10 4.10 17.51
C TYR I 116 -14.87 2.83 17.87
N ALA I 117 -14.16 1.87 18.46
CA ALA I 117 -14.74 0.58 18.83
C ALA I 117 -15.37 0.70 20.22
N ALA I 118 -16.66 1.03 20.25
CA ALA I 118 -17.36 1.33 21.48
C ALA I 118 -18.10 0.14 22.08
N ASN I 119 -18.07 -1.02 21.44
CA ASN I 119 -18.77 -2.20 21.92
C ASN I 119 -17.83 -3.40 21.95
N ALA I 120 -17.97 -4.21 22.99
CA ALA I 120 -17.17 -5.41 23.17
C ALA I 120 -17.99 -6.65 22.83
N GLY I 121 -17.31 -7.66 22.28
CA GLY I 121 -17.94 -8.90 21.89
C GLY I 121 -17.44 -10.06 22.73
N VAL I 122 -17.87 -11.26 22.33
CA VAL I 122 -17.48 -12.48 23.02
C VAL I 122 -16.24 -13.11 22.40
N ASP I 123 -16.14 -13.10 21.07
CA ASP I 123 -15.02 -13.71 20.36
C ASP I 123 -14.71 -12.87 19.13
N ASN I 124 -13.53 -12.23 19.11
CA ASN I 124 -13.13 -11.35 18.03
C ASN I 124 -11.89 -11.88 17.30
N ARG I 125 -11.67 -13.19 17.34
CA ARG I 125 -10.45 -13.77 16.80
C ARG I 125 -10.54 -13.93 15.29
N GLU I 126 -9.39 -13.83 14.63
CA GLU I 126 -9.31 -13.77 13.18
C GLU I 126 -8.32 -14.81 12.66
N CYS I 127 -8.35 -15.01 11.34
CA CYS I 127 -7.44 -15.91 10.65
C CYS I 127 -6.35 -15.07 9.99
N ILE I 128 -5.16 -15.05 10.60
CA ILE I 128 -4.10 -14.12 10.21
C ILE I 128 -2.82 -14.91 9.96
N SER I 129 -2.11 -14.56 8.88
CA SER I 129 -0.81 -15.12 8.57
C SER I 129 0.21 -14.01 8.35
N MET I 130 1.48 -14.37 8.49
CA MET I 130 2.57 -13.45 8.20
C MET I 130 3.83 -14.26 7.90
N ASP I 131 4.86 -13.55 7.44
CA ASP I 131 6.18 -14.11 7.24
C ASP I 131 7.13 -13.57 8.31
N TYR I 132 8.03 -14.42 8.77
CA TYR I 132 8.85 -14.13 9.94
C TYR I 132 10.07 -13.30 9.56
N LYS I 133 10.93 -13.04 10.54
CA LYS I 133 12.17 -12.33 10.28
C LYS I 133 13.19 -13.24 9.61
N GLN I 134 14.21 -12.63 9.03
CA GLN I 134 15.25 -13.34 8.29
C GLN I 134 16.45 -13.57 9.20
N THR I 135 16.94 -14.80 9.23
CA THR I 135 18.03 -15.18 10.13
C THR I 135 18.88 -16.28 9.49
N GLN I 136 20.19 -16.13 9.58
CA GLN I 136 21.16 -17.18 9.29
C GLN I 136 22.18 -17.21 10.41
N LEU I 137 22.58 -18.42 10.83
CA LEU I 137 23.64 -18.51 11.81
C LEU I 137 24.29 -19.89 11.74
N CYS I 138 25.60 -19.91 12.03
CA CYS I 138 26.37 -21.13 12.12
C CYS I 138 27.30 -21.04 13.32
N LEU I 139 27.31 -22.09 14.15
CA LEU I 139 28.19 -22.17 15.31
C LEU I 139 28.93 -23.50 15.26
N ILE I 140 30.22 -23.48 15.61
CA ILE I 140 31.04 -24.69 15.64
C ILE I 140 31.73 -24.80 16.99
N GLY I 141 31.69 -25.99 17.58
CA GLY I 141 32.35 -26.17 18.85
C GLY I 141 32.57 -27.64 19.16
N CYS I 142 33.07 -27.92 20.36
CA CYS I 142 33.19 -29.28 20.85
C CYS I 142 32.24 -29.58 22.00
N LYS I 143 31.39 -28.63 22.38
CA LYS I 143 30.35 -28.83 23.37
C LYS I 143 29.04 -28.25 22.86
N PRO I 144 27.91 -28.79 23.32
CA PRO I 144 26.62 -28.33 22.79
C PRO I 144 26.39 -26.87 23.13
N PRO I 145 25.63 -26.16 22.30
CA PRO I 145 25.46 -24.71 22.51
C PRO I 145 24.54 -24.41 23.70
N ILE I 146 24.52 -23.13 24.05
CA ILE I 146 23.75 -22.62 25.19
C ILE I 146 22.83 -21.52 24.69
N GLY I 147 21.55 -21.58 25.09
CA GLY I 147 20.57 -20.59 24.72
C GLY I 147 19.89 -19.99 25.94
N GLU I 148 19.17 -18.90 25.70
CA GLU I 148 18.50 -18.16 26.77
C GLU I 148 17.06 -17.84 26.39
N HIS I 149 16.18 -17.80 27.39
CA HIS I 149 14.80 -17.40 27.15
C HIS I 149 14.19 -16.86 28.44
N TRP I 150 12.99 -16.30 28.30
CA TRP I 150 12.25 -15.76 29.43
C TRP I 150 11.22 -16.79 29.90
N GLY I 151 11.19 -17.04 31.20
CA GLY I 151 10.25 -17.98 31.78
C GLY I 151 9.70 -17.46 33.09
N LYS I 152 8.84 -18.28 33.70
CA LYS I 152 8.24 -17.94 34.98
C LYS I 152 9.24 -18.14 36.11
N GLY I 153 9.08 -17.35 37.17
CA GLY I 153 9.90 -17.45 38.35
C GLY I 153 9.09 -17.91 39.55
N SER I 154 9.80 -18.03 40.68
CA SER I 154 9.17 -18.42 41.94
C SER I 154 8.73 -17.17 42.69
N PRO I 155 7.44 -16.97 42.93
CA PRO I 155 6.99 -15.76 43.61
C PRO I 155 7.30 -15.83 45.10
N CYS I 156 7.30 -14.65 45.72
CA CYS I 156 7.49 -14.56 47.16
C CYS I 156 6.24 -15.06 47.89
N THR I 157 6.47 -15.64 49.06
CA THR I 157 5.38 -16.22 49.85
C THR I 157 4.79 -15.25 50.86
N ASN I 158 5.23 -13.99 50.85
CA ASN I 158 4.69 -13.01 51.80
C ASN I 158 3.22 -12.76 51.57
N VAL I 159 2.79 -12.68 50.31
CA VAL I 159 1.41 -12.37 49.96
C VAL I 159 0.90 -13.44 49.01
N ALA I 160 -0.41 -13.66 49.04
CA ALA I 160 -1.04 -14.66 48.19
C ALA I 160 -1.17 -14.15 46.75
N VAL I 161 -1.43 -15.08 45.84
CA VAL I 161 -1.53 -14.80 44.41
C VAL I 161 -2.94 -15.15 43.95
N ASN I 162 -3.64 -14.17 43.37
CA ASN I 162 -4.98 -14.40 42.84
C ASN I 162 -4.93 -14.80 41.38
N PRO I 163 -5.92 -15.57 40.92
CA PRO I 163 -6.01 -15.88 39.50
C PRO I 163 -6.05 -14.62 38.64
N GLY I 164 -5.37 -14.67 37.50
CA GLY I 164 -5.33 -13.55 36.58
C GLY I 164 -4.18 -12.58 36.80
N ASP I 165 -3.30 -12.84 37.76
CA ASP I 165 -2.19 -11.95 38.03
C ASP I 165 -1.07 -12.15 37.01
N CYS I 166 -0.22 -11.14 36.90
CA CYS I 166 0.88 -11.21 35.95
C CYS I 166 1.92 -12.21 36.44
N PRO I 167 2.32 -13.18 35.62
CA PRO I 167 3.36 -14.11 36.04
C PRO I 167 4.69 -13.41 36.20
N PRO I 168 5.51 -13.81 37.16
CA PRO I 168 6.85 -13.24 37.30
C PRO I 168 7.77 -13.75 36.20
N LEU I 169 8.79 -12.95 35.89
CA LEU I 169 9.66 -13.20 34.75
C LEU I 169 11.10 -13.37 35.20
N GLU I 170 11.79 -14.34 34.62
CA GLU I 170 13.21 -14.54 34.86
C GLU I 170 13.87 -15.06 33.59
N LEU I 171 15.19 -14.93 33.53
CA LEU I 171 15.97 -15.33 32.37
C LEU I 171 16.65 -16.67 32.65
N ILE I 172 16.45 -17.63 31.74
CA ILE I 172 16.84 -19.01 31.94
C ILE I 172 17.78 -19.44 30.83
N ASN I 173 18.88 -20.09 31.19
CA ASN I 173 19.86 -20.64 30.25
C ASN I 173 19.71 -22.15 30.17
N THR I 174 19.65 -22.67 28.95
CA THR I 174 19.49 -24.10 28.70
C THR I 174 20.41 -24.50 27.56
N VAL I 175 20.35 -25.78 27.20
CA VAL I 175 21.14 -26.33 26.10
C VAL I 175 20.24 -26.46 24.87
N ILE I 176 20.71 -25.94 23.74
CA ILE I 176 19.95 -26.02 22.50
C ILE I 176 20.06 -27.42 21.93
N GLN I 177 18.92 -28.00 21.56
CA GLN I 177 18.86 -29.34 21.00
C GLN I 177 18.27 -29.28 19.59
N ASP I 178 18.39 -30.40 18.88
CA ASP I 178 17.88 -30.48 17.52
C ASP I 178 16.36 -30.40 17.52
N GLY I 179 15.82 -29.49 16.71
CA GLY I 179 14.38 -29.31 16.61
C GLY I 179 13.82 -28.17 17.41
N ASP I 180 14.64 -27.41 18.12
CA ASP I 180 14.16 -26.25 18.87
C ASP I 180 13.77 -25.14 17.90
N MET I 181 13.04 -24.15 18.42
CA MET I 181 12.55 -23.05 17.61
C MET I 181 13.40 -21.81 17.82
N VAL I 182 13.70 -21.11 16.74
CA VAL I 182 14.45 -19.87 16.79
C VAL I 182 13.47 -18.70 16.90
N ASP I 183 13.97 -17.55 17.31
CA ASP I 183 13.13 -16.36 17.42
C ASP I 183 12.61 -15.93 16.05
N THR I 184 11.34 -15.53 16.03
CA THR I 184 10.64 -15.20 14.80
C THR I 184 10.18 -13.75 14.73
N GLY I 185 10.53 -12.93 15.72
CA GLY I 185 10.05 -11.57 15.79
C GLY I 185 9.10 -11.27 16.93
N PHE I 186 8.89 -12.23 17.85
CA PHE I 186 8.01 -12.02 18.99
C PHE I 186 8.75 -12.09 20.32
N GLY I 187 10.03 -12.43 20.33
CA GLY I 187 10.81 -12.52 21.53
C GLY I 187 11.20 -13.96 21.86
N ALA I 188 12.10 -14.07 22.84
CA ALA I 188 12.61 -15.36 23.31
C ALA I 188 11.93 -15.68 24.63
N MET I 189 10.76 -16.31 24.56
CA MET I 189 9.98 -16.62 25.75
C MET I 189 9.33 -17.98 25.60
N ASP I 190 8.86 -18.51 26.72
CA ASP I 190 8.10 -19.75 26.76
C ASP I 190 6.63 -19.41 26.55
N PHE I 191 6.11 -19.69 25.34
CA PHE I 191 4.74 -19.32 25.02
C PHE I 191 3.73 -20.24 25.68
N THR I 192 4.14 -21.42 26.14
CA THR I 192 3.21 -22.34 26.76
C THR I 192 2.82 -21.88 28.16
N THR I 193 3.78 -21.39 28.94
CA THR I 193 3.54 -21.03 30.33
C THR I 193 3.19 -19.56 30.54
N LEU I 194 3.63 -18.68 29.64
CA LEU I 194 3.38 -17.24 29.79
C LEU I 194 2.15 -16.77 29.02
N GLN I 195 1.49 -17.65 28.26
CA GLN I 195 0.28 -17.30 27.53
C GLN I 195 -0.74 -18.41 27.73
N ALA I 196 -1.95 -18.04 28.15
CA ALA I 196 -2.95 -19.02 28.53
C ALA I 196 -4.07 -19.19 27.52
N ASN I 197 -4.32 -18.21 26.65
CA ASN I 197 -5.41 -18.29 25.71
C ASN I 197 -5.07 -19.05 24.43
N LYS I 198 -3.78 -19.36 24.21
CA LYS I 198 -3.32 -20.18 23.10
C LYS I 198 -3.62 -19.56 21.74
N SER I 199 -3.79 -18.23 21.68
CA SER I 199 -4.24 -17.60 20.45
C SER I 199 -3.51 -16.28 20.18
N GLU I 200 -2.25 -16.17 20.61
CA GLU I 200 -1.52 -14.93 20.45
C GLU I 200 -0.37 -15.00 19.44
N VAL I 201 0.13 -16.20 19.15
CA VAL I 201 1.20 -16.40 18.17
C VAL I 201 0.83 -17.56 17.26
N PRO I 202 1.43 -17.64 16.08
CA PRO I 202 1.05 -18.69 15.12
C PRO I 202 1.24 -20.10 15.66
N LEU I 203 0.77 -21.06 14.85
CA LEU I 203 0.57 -22.44 15.30
C LEU I 203 1.87 -23.19 15.56
N ASP I 204 2.97 -22.79 14.94
CA ASP I 204 4.22 -23.53 15.09
C ASP I 204 5.07 -23.05 16.27
N ILE I 205 4.64 -22.00 16.98
CA ILE I 205 5.35 -21.54 18.17
C ILE I 205 4.41 -21.32 19.35
N CYS I 206 3.12 -21.59 19.21
CA CYS I 206 2.16 -21.29 20.26
C CYS I 206 2.30 -22.21 21.47
N THR I 207 2.99 -23.34 21.33
CA THR I 207 3.21 -24.27 22.43
C THR I 207 4.67 -24.66 22.54
N SER I 208 5.57 -23.77 22.18
CA SER I 208 7.00 -24.05 22.13
C SER I 208 7.78 -22.95 22.84
N ILE I 209 9.09 -23.17 22.97
CA ILE I 209 10.01 -22.18 23.53
C ILE I 209 10.91 -21.69 22.40
N CYS I 210 11.01 -20.37 22.26
CA CYS I 210 11.96 -19.76 21.34
C CYS I 210 13.20 -19.35 22.12
N LYS I 211 14.37 -19.80 21.65
CA LYS I 211 15.62 -19.56 22.35
C LYS I 211 16.57 -18.74 21.47
N TYR I 212 17.37 -17.91 22.13
CA TYR I 212 18.40 -17.12 21.48
C TYR I 212 19.77 -17.55 21.99
N PRO I 213 20.77 -17.65 21.12
CA PRO I 213 22.11 -18.06 21.59
C PRO I 213 22.67 -17.07 22.60
N ASP I 214 23.35 -17.60 23.62
CA ASP I 214 23.95 -16.78 24.66
C ASP I 214 25.41 -16.55 24.31
N TYR I 215 25.64 -15.58 23.41
CA TYR I 215 26.99 -15.28 22.95
C TYR I 215 27.86 -14.75 24.08
N ILE I 216 27.31 -13.88 24.93
CA ILE I 216 28.11 -13.25 25.98
C ILE I 216 28.60 -14.29 26.97
N LYS I 217 27.73 -15.23 27.35
CA LYS I 217 28.15 -16.27 28.28
C LYS I 217 29.08 -17.29 27.62
N MET I 218 28.85 -17.57 26.32
CA MET I 218 29.70 -18.51 25.60
C MET I 218 31.13 -18.01 25.42
N VAL I 219 31.30 -16.71 25.14
CA VAL I 219 32.65 -16.19 24.91
C VAL I 219 33.39 -15.92 26.21
N SER I 220 32.67 -15.82 27.34
CA SER I 220 33.27 -15.57 28.64
C SER I 220 33.68 -16.85 29.35
N GLU I 221 33.48 -18.01 28.74
CA GLU I 221 33.89 -19.26 29.34
C GLU I 221 35.41 -19.32 29.42
N PRO I 222 35.97 -19.73 30.58
CA PRO I 222 37.44 -19.71 30.73
C PRO I 222 38.18 -20.57 29.71
N TYR I 223 37.64 -21.72 29.35
CA TYR I 223 38.35 -22.63 28.45
C TYR I 223 37.96 -22.45 26.99
N GLY I 224 36.80 -21.89 26.70
CA GLY I 224 36.40 -21.64 25.34
C GLY I 224 36.17 -22.89 24.50
N ASP I 225 35.60 -23.93 25.09
CA ASP I 225 35.32 -25.17 24.37
C ASP I 225 34.00 -25.15 23.62
N SER I 226 33.05 -24.31 24.04
CA SER I 226 31.72 -24.32 23.46
C SER I 226 31.61 -23.50 22.18
N LEU I 227 32.66 -22.80 21.77
CA LEU I 227 32.57 -21.93 20.60
C LEU I 227 33.97 -21.73 20.03
N PHE I 228 34.25 -22.34 18.88
CA PHE I 228 35.45 -22.05 18.11
C PHE I 228 35.22 -20.98 17.05
N PHE I 229 34.01 -20.93 16.48
CA PHE I 229 33.73 -20.09 15.32
C PHE I 229 32.23 -19.89 15.23
N TYR I 230 31.81 -18.70 14.80
CA TYR I 230 30.39 -18.42 14.66
C TYR I 230 30.17 -17.29 13.67
N LEU I 231 29.07 -17.39 12.92
CA LEU I 231 28.59 -16.35 12.03
C LEU I 231 27.10 -16.16 12.25
N ARG I 232 26.64 -14.91 12.15
CA ARG I 232 25.23 -14.58 12.33
C ARG I 232 24.85 -13.46 11.39
N ARG I 233 23.58 -13.44 10.99
CA ARG I 233 23.06 -12.36 10.16
C ARG I 233 21.54 -12.38 10.22
N GLU I 234 20.93 -11.30 10.73
CA GLU I 234 19.49 -11.26 10.92
C GLU I 234 18.95 -9.87 10.59
N GLN I 235 17.68 -9.84 10.17
CA GLN I 235 17.03 -8.59 9.75
C GLN I 235 15.51 -8.75 9.78
N MET I 236 14.82 -7.64 9.98
CA MET I 236 13.36 -7.62 10.03
C MET I 236 12.86 -6.18 9.96
N PHE I 237 11.57 -6.04 9.66
CA PHE I 237 10.87 -4.76 9.76
C PHE I 237 9.41 -5.02 10.11
N VAL I 238 8.63 -3.95 10.21
CA VAL I 238 7.25 -3.99 10.70
C VAL I 238 6.30 -3.79 9.53
N ARG I 239 5.31 -4.67 9.40
CA ARG I 239 4.31 -4.55 8.33
C ARG I 239 2.96 -4.04 8.82
N HIS I 240 2.46 -4.55 9.95
CA HIS I 240 1.13 -4.20 10.41
C HIS I 240 1.14 -3.87 11.89
N LEU I 241 0.18 -3.06 12.31
CA LEU I 241 0.04 -2.63 13.70
C LEU I 241 -1.39 -2.92 14.15
N PHE I 242 -1.55 -3.74 15.19
CA PHE I 242 -2.86 -4.21 15.61
C PHE I 242 -3.05 -3.97 17.12
N ASN I 243 -4.25 -4.31 17.58
CA ASN I 243 -4.63 -4.38 18.99
C ASN I 243 -4.80 -5.82 19.44
N ARG I 244 -5.09 -5.98 20.72
CA ARG I 244 -5.44 -7.26 21.30
C ARG I 244 -6.76 -7.11 22.07
N ALA I 245 -7.50 -8.21 22.17
CA ALA I 245 -8.78 -8.24 22.85
C ALA I 245 -8.69 -9.05 24.13
N GLY I 246 -9.36 -8.59 25.17
CA GLY I 246 -9.33 -9.25 26.45
C GLY I 246 -9.67 -8.26 27.55
N ALA I 247 -9.45 -8.70 28.79
CA ALA I 247 -9.61 -7.83 29.93
C ALA I 247 -8.32 -7.07 30.19
N VAL I 248 -8.44 -5.87 30.76
CA VAL I 248 -7.30 -4.99 30.98
C VAL I 248 -6.64 -5.35 32.30
N GLY I 249 -5.40 -5.82 32.24
CA GLY I 249 -4.68 -6.16 33.45
C GLY I 249 -4.28 -4.95 34.27
N ASP I 250 -3.74 -3.93 33.61
CA ASP I 250 -3.29 -2.72 34.27
C ASP I 250 -3.94 -1.50 33.63
N ASN I 251 -4.58 -0.67 34.44
CA ASN I 251 -5.29 0.49 33.94
C ASN I 251 -4.32 1.63 33.62
N VAL I 252 -4.67 2.40 32.59
CA VAL I 252 -3.91 3.60 32.25
C VAL I 252 -4.09 4.64 33.36
N PRO I 253 -3.02 5.29 33.82
CA PRO I 253 -3.19 6.32 34.86
C PRO I 253 -4.07 7.47 34.38
N ASP I 254 -4.81 8.05 35.32
CA ASP I 254 -5.79 9.07 34.99
C ASP I 254 -5.16 10.40 34.60
N ASP I 255 -3.85 10.58 34.81
CA ASP I 255 -3.18 11.83 34.52
C ASP I 255 -2.49 11.84 33.16
N LEU I 256 -2.77 10.86 32.31
CA LEU I 256 -2.18 10.79 30.98
C LEU I 256 -3.17 11.11 29.87
N TYR I 257 -4.43 11.39 30.18
CA TYR I 257 -5.43 11.64 29.15
C TYR I 257 -6.58 12.43 29.77
N ILE I 258 -7.43 12.96 28.89
CA ILE I 258 -8.65 13.65 29.28
C ILE I 258 -9.84 12.80 28.83
N LYS I 259 -10.77 12.57 29.75
CA LYS I 259 -11.88 11.65 29.50
C LYS I 259 -12.81 12.17 28.41
N GLY I 260 -13.32 11.26 27.59
CA GLY I 260 -14.24 11.60 26.53
C GLY I 260 -15.68 11.28 26.88
N SER I 261 -16.54 11.36 25.87
CA SER I 261 -17.96 11.15 26.04
C SER I 261 -18.55 10.61 24.75
N GLY I 262 -19.69 9.92 24.88
CA GLY I 262 -20.36 9.34 23.74
C GLY I 262 -19.71 8.04 23.27
N SER I 263 -19.11 8.07 22.09
CA SER I 263 -18.41 6.89 21.58
C SER I 263 -17.10 6.65 22.34
N THR I 264 -16.48 7.71 22.83
CA THR I 264 -15.19 7.63 23.52
C THR I 264 -15.35 7.66 25.04
N ALA I 265 -16.48 7.20 25.56
CA ALA I 265 -16.68 7.16 27.01
C ALA I 265 -15.71 6.19 27.67
N ASN I 266 -15.46 5.05 27.04
CA ASN I 266 -14.50 4.07 27.52
C ASN I 266 -13.27 4.07 26.62
N LEU I 267 -12.21 3.42 27.09
CA LEU I 267 -10.93 3.42 26.39
C LEU I 267 -10.75 2.13 25.59
N ALA I 268 -10.10 2.27 24.45
CA ALA I 268 -9.76 1.11 23.63
C ALA I 268 -8.47 0.46 24.13
N SER I 269 -8.14 -0.69 23.55
CA SER I 269 -7.00 -1.47 24.01
C SER I 269 -5.68 -0.75 23.75
N SER I 270 -4.78 -0.83 24.72
CA SER I 270 -3.43 -0.29 24.60
C SER I 270 -2.37 -1.38 24.54
N ASN I 271 -2.77 -2.62 24.24
CA ASN I 271 -1.83 -3.72 24.09
C ASN I 271 -1.51 -3.90 22.60
N TYR I 272 -0.72 -2.96 22.10
CA TYR I 272 -0.34 -2.95 20.70
C TYR I 272 0.73 -4.00 20.43
N PHE I 273 0.62 -4.68 19.29
CA PHE I 273 1.66 -5.59 18.84
C PHE I 273 1.87 -5.45 17.34
N PRO I 274 3.11 -5.54 16.88
CA PRO I 274 3.40 -5.42 15.45
C PRO I 274 3.45 -6.79 14.77
N THR I 275 3.49 -6.74 13.44
CA THR I 275 3.66 -7.92 12.61
C THR I 275 5.04 -7.90 11.97
N PRO I 276 5.88 -8.90 12.25
CA PRO I 276 7.24 -8.90 11.70
C PRO I 276 7.26 -9.26 10.21
N SER I 277 8.38 -8.92 9.59
CA SER I 277 8.58 -9.28 8.18
C SER I 277 10.06 -9.27 7.87
N GLY I 278 10.61 -10.42 7.51
CA GLY I 278 11.89 -10.43 6.81
C GLY I 278 11.73 -9.85 5.43
N SER I 279 12.76 -9.15 4.97
CA SER I 279 12.58 -8.34 3.76
C SER I 279 12.68 -9.16 2.49
N MET I 280 13.85 -9.74 2.22
CA MET I 280 14.11 -10.22 0.87
C MET I 280 15.37 -11.07 0.87
N VAL I 281 15.31 -12.20 0.17
CA VAL I 281 16.42 -13.15 0.12
C VAL I 281 17.18 -12.93 -1.18
N THR I 282 18.51 -12.87 -1.08
CA THR I 282 19.37 -12.68 -2.23
C THR I 282 20.53 -13.65 -2.16
N SER I 283 21.13 -13.94 -3.32
CA SER I 283 22.28 -14.83 -3.37
C SER I 283 23.55 -14.17 -2.84
N ASP I 284 23.63 -12.85 -2.86
CA ASP I 284 24.84 -12.15 -2.44
C ASP I 284 24.98 -12.09 -0.93
N ALA I 285 23.91 -12.33 -0.18
CA ALA I 285 23.92 -12.22 1.27
C ALA I 285 24.00 -13.59 1.96
N GLN I 286 24.33 -14.64 1.21
CA GLN I 286 24.37 -15.98 1.75
C GLN I 286 25.70 -16.25 2.45
N ILE I 287 25.63 -16.89 3.61
CA ILE I 287 26.82 -17.29 4.35
C ILE I 287 27.15 -18.76 4.19
N PHE I 288 26.32 -19.52 3.48
CA PHE I 288 26.53 -20.94 3.29
C PHE I 288 27.13 -21.22 1.92
N ASN I 289 27.50 -22.48 1.70
CA ASN I 289 28.19 -22.93 0.49
C ASN I 289 29.52 -22.22 0.30
N LYS I 290 30.15 -21.83 1.41
CA LYS I 290 31.45 -21.18 1.43
C LYS I 290 32.35 -21.87 2.45
N PRO I 291 33.62 -22.07 2.14
CA PRO I 291 34.51 -22.71 3.10
C PRO I 291 35.00 -21.75 4.16
N TYR I 292 35.11 -22.27 5.38
CA TYR I 292 35.61 -21.51 6.53
C TYR I 292 36.94 -22.10 6.95
N TRP I 293 37.95 -21.25 7.10
CA TRP I 293 39.27 -21.68 7.58
C TRP I 293 39.44 -21.22 9.02
N LEU I 294 39.75 -22.17 9.91
CA LEU I 294 39.88 -21.90 11.33
C LEU I 294 41.37 -21.73 11.65
N GLN I 295 41.88 -20.52 11.40
CA GLN I 295 43.28 -20.22 11.63
C GLN I 295 43.57 -20.02 13.12
N ARG I 296 42.82 -19.13 13.76
CA ARG I 296 43.07 -18.79 15.16
C ARG I 296 41.74 -18.48 15.82
N ALA I 297 41.33 -19.32 16.77
CA ALA I 297 40.11 -19.10 17.51
C ALA I 297 40.28 -17.97 18.51
N GLN I 298 39.15 -17.41 18.94
CA GLN I 298 39.19 -16.30 19.89
C GLN I 298 39.59 -16.77 21.28
N GLY I 299 39.03 -17.89 21.73
CA GLY I 299 39.30 -18.40 23.06
C GLY I 299 40.62 -19.13 23.14
N HIS I 300 40.84 -19.78 24.28
CA HIS I 300 42.09 -20.50 24.49
C HIS I 300 42.13 -21.81 23.73
N ASN I 301 40.98 -22.44 23.50
CA ASN I 301 40.93 -23.65 22.70
C ASN I 301 40.95 -23.29 21.21
N ASN I 302 41.85 -23.91 20.46
CA ASN I 302 42.12 -23.55 19.09
C ASN I 302 41.74 -24.66 18.11
N GLY I 303 40.57 -25.24 18.31
CA GLY I 303 40.05 -26.25 17.40
C GLY I 303 40.31 -27.69 17.77
N ILE I 304 40.79 -27.95 18.99
CA ILE I 304 41.05 -29.32 19.42
C ILE I 304 39.75 -29.97 19.82
N CYS I 305 39.45 -31.13 19.24
CA CYS I 305 38.19 -31.84 19.46
C CYS I 305 38.43 -32.89 20.54
N TRP I 306 38.33 -32.47 21.80
CA TRP I 306 38.52 -33.37 22.92
C TRP I 306 37.39 -34.40 22.95
N GLY I 307 37.77 -35.66 23.21
CA GLY I 307 36.79 -36.73 23.27
C GLY I 307 36.33 -37.25 21.95
N ASN I 308 36.94 -36.83 20.84
CA ASN I 308 36.56 -37.25 19.49
C ASN I 308 35.09 -36.92 19.21
N GLN I 309 34.80 -35.63 19.26
CA GLN I 309 33.41 -35.16 19.26
C GLN I 309 33.37 -33.74 18.72
N LEU I 310 32.36 -33.46 17.89
CA LEU I 310 32.19 -32.14 17.32
C LEU I 310 30.71 -31.77 17.34
N PHE I 311 30.42 -30.48 17.41
CA PHE I 311 29.06 -29.97 17.42
C PHE I 311 28.93 -28.84 16.41
N VAL I 312 27.94 -28.94 15.53
CA VAL I 312 27.68 -27.92 14.52
C VAL I 312 26.21 -27.51 14.62
N THR I 313 25.97 -26.22 14.81
CA THR I 313 24.62 -25.67 14.91
C THR I 313 24.35 -24.77 13.73
N VAL I 314 23.23 -25.00 13.05
CA VAL I 314 22.88 -24.32 11.81
C VAL I 314 21.44 -23.83 11.90
N VAL I 315 21.22 -22.57 11.51
CA VAL I 315 19.90 -22.01 11.28
C VAL I 315 19.92 -21.27 9.95
N ASP I 316 18.93 -21.54 9.10
CA ASP I 316 18.86 -20.91 7.78
C ASP I 316 17.39 -20.82 7.37
N THR I 317 16.82 -19.62 7.44
CA THR I 317 15.44 -19.41 7.05
C THR I 317 15.30 -18.87 5.63
N THR I 318 16.38 -18.87 4.85
CA THR I 318 16.35 -18.36 3.49
C THR I 318 15.91 -19.40 2.47
N ARG I 319 15.71 -20.65 2.88
CA ARG I 319 15.13 -21.70 2.05
C ARG I 319 14.02 -22.33 2.87
N SER I 320 12.82 -21.74 2.80
CA SER I 320 11.72 -22.19 3.64
C SER I 320 10.41 -22.28 2.87
N THR I 321 10.48 -22.66 1.60
CA THR I 321 9.28 -22.81 0.79
C THR I 321 8.52 -24.06 1.18
N ASN I 322 7.22 -23.91 1.46
CA ASN I 322 6.34 -25.03 1.73
C ASN I 322 5.59 -25.40 0.46
N MET I 323 5.54 -26.70 0.17
CA MET I 323 4.92 -27.21 -1.04
C MET I 323 3.49 -27.62 -0.75
N SER I 324 2.57 -27.24 -1.64
CA SER I 324 1.17 -27.59 -1.56
C SER I 324 0.89 -28.79 -2.44
N LEU I 325 0.22 -29.80 -1.87
CA LEU I 325 -0.11 -31.03 -2.56
C LEU I 325 -1.61 -31.21 -2.58
N CYS I 326 -2.14 -31.76 -3.66
CA CYS I 326 -3.58 -31.95 -3.83
C CYS I 326 -3.85 -33.36 -4.32
N ALA I 327 -4.83 -34.01 -3.70
CA ALA I 327 -5.22 -35.37 -4.06
C ALA I 327 -6.72 -35.41 -4.36
N ALA I 328 -7.07 -36.11 -5.43
CA ALA I 328 -8.45 -36.17 -5.90
C ALA I 328 -9.16 -37.38 -5.29
N ILE I 329 -10.32 -37.12 -4.68
CA ILE I 329 -11.09 -38.19 -4.06
C ILE I 329 -11.84 -38.99 -5.12
N SER I 330 -12.60 -38.30 -5.97
CA SER I 330 -13.31 -38.92 -7.08
C SER I 330 -13.00 -38.15 -8.36
N THR I 331 -12.68 -38.89 -9.42
CA THR I 331 -12.32 -38.30 -10.70
C THR I 331 -13.41 -38.45 -11.75
N SER I 332 -14.62 -38.82 -11.34
CA SER I 332 -15.72 -39.07 -12.26
C SER I 332 -16.66 -37.86 -12.36
N GLU I 333 -16.11 -36.66 -12.25
CA GLU I 333 -16.88 -35.43 -12.33
C GLU I 333 -16.17 -34.46 -13.25
N THR I 334 -16.93 -33.85 -14.16
CA THR I 334 -16.39 -32.89 -15.12
C THR I 334 -16.54 -31.44 -14.68
N THR I 335 -17.12 -31.19 -13.51
CA THR I 335 -17.26 -29.85 -12.96
C THR I 335 -16.58 -29.78 -11.61
N TYR I 336 -15.89 -28.66 -11.37
CA TYR I 336 -15.10 -28.53 -10.16
C TYR I 336 -15.97 -28.35 -8.93
N LYS I 337 -15.68 -29.13 -7.87
CA LYS I 337 -16.31 -29.00 -6.56
C LYS I 337 -15.22 -28.96 -5.50
N ASN I 338 -15.42 -28.13 -4.48
CA ASN I 338 -14.41 -28.00 -3.43
C ASN I 338 -14.23 -29.29 -2.64
N THR I 339 -15.28 -30.10 -2.54
CA THR I 339 -15.28 -31.29 -1.70
C THR I 339 -14.69 -32.52 -2.39
N ASN I 340 -14.23 -32.39 -3.63
CA ASN I 340 -13.67 -33.50 -4.37
C ASN I 340 -12.14 -33.57 -4.30
N PHE I 341 -11.51 -32.66 -3.56
CA PHE I 341 -10.05 -32.60 -3.48
C PHE I 341 -9.62 -32.38 -2.05
N LYS I 342 -8.43 -32.89 -1.71
CA LYS I 342 -7.83 -32.74 -0.39
C LYS I 342 -6.49 -32.04 -0.52
N GLU I 343 -6.17 -31.18 0.45
CA GLU I 343 -5.01 -30.32 0.43
C GLU I 343 -4.04 -30.69 1.54
N TYR I 344 -2.74 -30.67 1.23
CA TYR I 344 -1.68 -31.01 2.17
C TYR I 344 -0.53 -30.04 2.02
N LEU I 345 0.27 -29.93 3.08
CA LEU I 345 1.47 -29.08 3.09
C LEU I 345 2.67 -29.92 3.48
N ARG I 346 3.79 -29.73 2.77
CA ARG I 346 5.02 -30.46 3.05
C ARG I 346 6.21 -29.52 2.98
N HIS I 347 7.29 -29.89 3.66
CA HIS I 347 8.55 -29.17 3.62
C HIS I 347 9.70 -30.16 3.58
N GLY I 348 10.63 -29.92 2.65
CA GLY I 348 11.81 -30.76 2.52
C GLY I 348 13.07 -29.93 2.63
N GLU I 349 14.10 -30.53 3.24
CA GLU I 349 15.31 -29.80 3.57
C GLU I 349 16.52 -30.71 3.36
N GLU I 350 17.58 -30.13 2.76
CA GLU I 350 18.73 -30.88 2.28
C GLU I 350 20.03 -30.29 2.85
N TYR I 351 20.95 -31.17 3.25
CA TYR I 351 22.17 -30.77 3.93
C TYR I 351 23.36 -31.57 3.41
N ASP I 352 24.54 -30.97 3.56
CA ASP I 352 25.82 -31.61 3.27
C ASP I 352 26.87 -30.98 4.17
N LEU I 353 27.81 -31.78 4.66
CA LEU I 353 28.88 -31.28 5.52
C LEU I 353 30.20 -31.87 5.10
N GLN I 354 31.26 -31.07 5.13
CA GLN I 354 32.60 -31.59 4.85
C GLN I 354 33.64 -30.84 5.67
N PHE I 355 34.66 -31.59 6.09
CA PHE I 355 35.63 -31.14 7.10
C PHE I 355 37.03 -31.55 6.71
N ILE I 356 38.00 -30.73 7.11
CA ILE I 356 39.43 -31.06 7.04
C ILE I 356 39.95 -31.13 8.48
N PHE I 357 40.63 -32.22 8.81
CA PHE I 357 41.15 -32.44 10.15
C PHE I 357 42.67 -32.61 10.11
N GLN I 358 43.32 -32.15 11.17
CA GLN I 358 44.76 -32.29 11.35
C GLN I 358 45.05 -33.14 12.57
N LEU I 359 46.11 -33.94 12.49
CA LEU I 359 46.52 -34.83 13.58
C LEU I 359 47.51 -34.10 14.48
N CYS I 360 47.28 -34.18 15.79
CA CYS I 360 48.13 -33.55 16.79
C CYS I 360 48.53 -34.58 17.83
N LYS I 361 49.60 -34.29 18.56
CA LYS I 361 50.11 -35.17 19.59
C LYS I 361 50.43 -34.37 20.85
N ILE I 362 50.27 -35.02 22.00
CA ILE I 362 50.44 -34.38 23.30
C ILE I 362 51.40 -35.23 24.14
N THR I 363 52.39 -34.58 24.75
CA THR I 363 53.31 -35.24 25.66
C THR I 363 52.75 -35.14 27.07
N LEU I 364 52.58 -36.29 27.73
CA LEU I 364 51.92 -36.36 29.04
C LEU I 364 52.98 -36.33 30.12
N THR I 365 53.33 -35.12 30.57
CA THR I 365 54.19 -34.94 31.73
C THR I 365 53.31 -34.73 32.96
N ALA I 366 53.96 -34.64 34.13
CA ALA I 366 53.21 -34.51 35.38
C ALA I 366 52.39 -33.21 35.40
N ASP I 367 53.01 -32.10 35.01
CA ASP I 367 52.30 -30.83 34.97
C ASP I 367 51.17 -30.86 33.95
N VAL I 368 51.44 -31.41 32.77
CA VAL I 368 50.40 -31.51 31.74
C VAL I 368 49.27 -32.41 32.21
N MET I 369 49.61 -33.53 32.85
CA MET I 369 48.59 -34.44 33.36
C MET I 369 47.72 -33.74 34.39
N THR I 370 48.34 -33.01 35.32
CA THR I 370 47.57 -32.30 36.34
C THR I 370 46.67 -31.25 35.71
N TYR I 371 47.19 -30.48 34.75
CA TYR I 371 46.39 -29.43 34.11
C TYR I 371 45.20 -30.03 33.38
N ILE I 372 45.42 -31.11 32.62
CA ILE I 372 44.33 -31.69 31.85
C ILE I 372 43.31 -32.34 32.77
N HIS I 373 43.76 -32.97 33.85
CA HIS I 373 42.82 -33.55 34.81
C HIS I 373 41.97 -32.47 35.46
N SER I 374 42.57 -31.33 35.80
CA SER I 374 41.79 -30.22 36.35
C SER I 374 40.82 -29.66 35.31
N MET I 375 41.23 -29.64 34.04
CA MET I 375 40.36 -29.14 32.98
C MET I 375 39.17 -30.08 32.73
N ASN I 376 39.44 -31.37 32.61
CA ASN I 376 38.39 -32.36 32.34
C ASN I 376 38.90 -33.72 32.77
N SER I 377 38.19 -34.35 33.70
CA SER I 377 38.66 -35.62 34.27
C SER I 377 38.48 -36.79 33.29
N THR I 378 37.47 -36.72 32.42
CA THR I 378 37.16 -37.86 31.57
C THR I 378 38.19 -38.10 30.48
N ILE I 379 38.99 -37.09 30.14
CA ILE I 379 39.95 -37.23 29.04
C ILE I 379 41.01 -38.27 29.39
N LEU I 380 41.57 -38.19 30.60
CA LEU I 380 42.57 -39.15 31.01
C LEU I 380 42.00 -40.56 31.13
N GLU I 381 40.77 -40.68 31.63
CA GLU I 381 40.14 -41.99 31.76
C GLU I 381 39.87 -42.62 30.40
N ASP I 382 39.47 -41.81 29.42
CA ASP I 382 39.23 -42.34 28.07
C ASP I 382 40.52 -42.87 27.45
N TRP I 383 41.64 -42.19 27.66
CA TRP I 383 42.92 -42.61 27.11
C TRP I 383 43.41 -43.88 27.80
N PRO I 421 26.38 -38.76 29.91
CA PRO I 421 26.31 -37.32 30.14
C PRO I 421 25.25 -36.65 29.27
N LEU I 422 25.48 -36.64 27.95
CA LEU I 422 24.53 -36.08 27.01
C LEU I 422 23.56 -37.14 26.50
N LYS I 423 22.93 -37.85 27.43
CA LYS I 423 22.00 -38.92 27.09
C LYS I 423 20.53 -38.49 27.16
N LYS I 424 20.25 -37.34 27.74
CA LYS I 424 18.89 -36.83 27.82
C LYS I 424 18.62 -35.71 26.82
N TYR I 425 19.52 -35.50 25.86
CA TYR I 425 19.34 -34.55 24.79
C TYR I 425 19.25 -35.26 23.45
N THR I 426 18.62 -34.61 22.49
CA THR I 426 18.44 -35.16 21.15
C THR I 426 19.22 -34.31 20.15
N PHE I 427 20.13 -34.95 19.42
CA PHE I 427 20.87 -34.30 18.35
C PHE I 427 20.76 -35.15 17.09
N TRP I 428 21.06 -34.53 15.96
CA TRP I 428 21.20 -35.26 14.71
C TRP I 428 22.58 -35.89 14.69
N GLU I 429 22.64 -37.22 14.80
CA GLU I 429 23.90 -37.93 14.95
C GLU I 429 24.57 -38.15 13.60
N VAL I 430 25.86 -37.86 13.52
CA VAL I 430 26.65 -38.06 12.32
C VAL I 430 27.83 -38.95 12.69
N ASN I 431 28.00 -40.03 11.94
CA ASN I 431 29.03 -41.04 12.22
C ASN I 431 30.05 -41.00 11.08
N LEU I 432 31.22 -40.44 11.35
CA LEU I 432 32.30 -40.34 10.38
C LEU I 432 33.45 -41.28 10.71
N LYS I 433 33.17 -42.34 11.46
CA LYS I 433 34.22 -43.28 11.85
C LYS I 433 34.73 -44.09 10.67
N GLU I 434 33.98 -44.15 9.57
CA GLU I 434 34.37 -44.90 8.39
C GLU I 434 34.50 -44.03 7.14
N LYS I 435 34.57 -42.70 7.31
CA LYS I 435 34.74 -41.80 6.17
C LYS I 435 35.90 -40.83 6.46
N PHE I 436 37.13 -41.33 6.30
CA PHE I 436 38.36 -40.53 6.19
C PHE I 436 39.16 -41.03 5.01
N SER I 437 39.87 -40.12 4.35
CA SER I 437 40.79 -40.48 3.29
C SER I 437 41.92 -39.46 3.25
N ALA I 438 43.15 -39.97 3.09
CA ALA I 438 44.32 -39.09 3.00
C ALA I 438 44.50 -38.49 1.63
N ASP I 439 43.78 -39.00 0.62
CA ASP I 439 43.81 -38.44 -0.72
C ASP I 439 43.02 -37.14 -0.69
N LEU I 440 43.72 -36.05 -0.37
CA LEU I 440 43.04 -34.79 -0.07
C LEU I 440 42.53 -34.10 -1.33
N ASP I 441 43.22 -34.28 -2.46
CA ASP I 441 42.85 -33.57 -3.69
C ASP I 441 41.77 -34.29 -4.49
N GLN I 442 41.21 -35.38 -3.97
CA GLN I 442 40.13 -36.10 -4.63
C GLN I 442 38.76 -35.54 -4.31
N PHE I 443 38.68 -34.47 -3.53
CA PHE I 443 37.42 -33.91 -3.06
C PHE I 443 37.40 -32.40 -3.25
N PRO I 444 36.21 -31.81 -3.42
CA PRO I 444 36.14 -30.36 -3.69
C PRO I 444 36.77 -29.49 -2.62
N LEU I 445 36.61 -29.82 -1.34
CA LEU I 445 37.16 -29.00 -0.27
C LEU I 445 38.66 -29.17 -0.14
N GLY I 446 39.18 -30.37 -0.37
CA GLY I 446 40.61 -30.59 -0.33
C GLY I 446 41.36 -29.83 -1.39
N ARG I 447 40.77 -29.68 -2.58
CA ARG I 447 41.40 -28.88 -3.62
C ARG I 447 41.54 -27.42 -3.19
N LYS I 448 40.50 -26.85 -2.58
CA LYS I 448 40.58 -25.49 -2.08
C LYS I 448 41.59 -25.37 -0.95
N PHE I 449 41.63 -26.36 -0.06
CA PHE I 449 42.60 -26.33 1.03
C PHE I 449 44.03 -26.36 0.51
N LEU I 450 44.30 -27.20 -0.49
CA LEU I 450 45.65 -27.23 -1.06
C LEU I 450 45.94 -25.99 -1.88
N LEU I 451 44.90 -25.35 -2.43
CA LEU I 451 45.10 -24.15 -3.24
C LEU I 451 45.45 -22.95 -2.37
N GLN I 452 44.82 -22.83 -1.20
CA GLN I 452 45.10 -21.67 -0.35
C GLN I 452 46.49 -21.72 0.25
N ALA I 453 47.16 -22.88 0.21
CA ALA I 453 48.49 -23.01 0.78
C ALA I 453 49.41 -23.74 -0.19
N GLN J 1 -36.71 -36.56 -5.77
CA GLN J 1 -35.41 -35.97 -5.50
C GLN J 1 -34.47 -36.99 -4.86
N VAL J 2 -33.58 -36.51 -3.99
CA VAL J 2 -32.61 -37.36 -3.33
C VAL J 2 -33.24 -38.01 -2.10
N GLN J 3 -32.94 -39.28 -1.89
CA GLN J 3 -33.46 -40.04 -0.77
C GLN J 3 -32.31 -40.75 -0.06
N LEU J 4 -32.33 -40.71 1.26
CA LEU J 4 -31.32 -41.38 2.08
C LEU J 4 -31.86 -42.73 2.52
N VAL J 5 -31.08 -43.78 2.30
CA VAL J 5 -31.48 -45.16 2.62
C VAL J 5 -30.52 -45.69 3.68
N GLN J 6 -31.08 -46.27 4.73
CA GLN J 6 -30.32 -46.81 5.85
C GLN J 6 -30.37 -48.33 5.85
N SER J 7 -29.44 -48.93 6.59
CA SER J 7 -29.35 -50.38 6.66
C SER J 7 -30.47 -50.95 7.52
N GLY J 8 -30.48 -52.27 7.67
CA GLY J 8 -31.56 -52.96 8.37
C GLY J 8 -31.39 -52.99 9.87
N ALA J 9 -32.38 -53.59 10.52
CA ALA J 9 -32.40 -53.68 11.98
C ALA J 9 -31.28 -54.59 12.47
N GLU J 10 -30.73 -54.24 13.64
CA GLU J 10 -29.60 -54.97 14.21
C GLU J 10 -29.97 -55.53 15.58
N VAL J 11 -29.53 -56.75 15.83
CA VAL J 11 -29.65 -57.39 17.14
C VAL J 11 -28.24 -57.78 17.59
N LYS J 12 -27.79 -57.19 18.70
CA LYS J 12 -26.44 -57.39 19.19
C LYS J 12 -26.47 -57.79 20.65
N LYS J 13 -25.39 -58.42 21.10
CA LYS J 13 -25.17 -58.79 22.48
C LYS J 13 -24.32 -57.72 23.18
N PRO J 14 -24.44 -57.58 24.50
CA PRO J 14 -23.66 -56.56 25.21
C PRO J 14 -22.16 -56.79 25.04
N GLY J 15 -21.42 -55.69 24.93
CA GLY J 15 -19.98 -55.74 24.73
C GLY J 15 -19.52 -55.75 23.30
N SER J 16 -20.43 -55.86 22.34
CA SER J 16 -20.08 -55.87 20.93
C SER J 16 -20.15 -54.47 20.34
N SER J 17 -19.78 -54.36 19.06
CA SER J 17 -19.79 -53.10 18.34
C SER J 17 -20.73 -53.21 17.14
N VAL J 18 -21.35 -52.09 16.78
CA VAL J 18 -22.31 -52.05 15.69
C VAL J 18 -21.93 -50.93 14.75
N LYS J 19 -22.30 -51.08 13.47
CA LYS J 19 -22.00 -50.09 12.45
C LYS J 19 -23.20 -49.94 11.53
N VAL J 20 -23.60 -48.70 11.29
CA VAL J 20 -24.80 -48.37 10.53
C VAL J 20 -24.42 -47.48 9.36
N SER J 21 -25.09 -47.69 8.22
CA SER J 21 -24.77 -46.99 6.98
C SER J 21 -25.94 -46.11 6.56
N CYS J 22 -25.62 -45.15 5.68
CA CYS J 22 -26.57 -44.14 5.23
C CYS J 22 -26.16 -43.68 3.83
N LYS J 23 -26.89 -44.12 2.81
CA LYS J 23 -26.49 -43.88 1.43
C LYS J 23 -27.47 -42.93 0.73
N ALA J 24 -26.92 -41.95 0.01
CA ALA J 24 -27.73 -41.06 -0.80
C ALA J 24 -27.87 -41.64 -2.20
N SER J 25 -29.10 -41.72 -2.69
CA SER J 25 -29.41 -42.46 -3.91
C SER J 25 -29.65 -41.55 -5.11
N GLY J 26 -30.62 -40.63 -5.03
CA GLY J 26 -30.94 -39.80 -6.17
C GLY J 26 -29.90 -38.72 -6.43
N GLY J 27 -29.80 -38.32 -7.70
CA GLY J 27 -28.98 -37.20 -8.11
C GLY J 27 -27.54 -37.22 -7.64
N THR J 28 -26.89 -36.06 -7.65
CA THR J 28 -25.57 -35.88 -7.09
C THR J 28 -25.67 -35.02 -5.85
N PHE J 29 -25.11 -35.49 -4.73
CA PHE J 29 -25.36 -34.83 -3.46
C PHE J 29 -24.31 -33.76 -3.13
N ASN J 30 -23.04 -34.15 -3.04
CA ASN J 30 -21.97 -33.26 -2.58
C ASN J 30 -22.27 -32.77 -1.16
N SER J 31 -22.22 -33.71 -0.23
CA SER J 31 -22.59 -33.48 1.16
C SER J 31 -21.76 -32.36 1.80
N TYR J 32 -22.34 -31.76 2.84
CA TYR J 32 -21.75 -30.63 3.55
C TYR J 32 -21.43 -30.95 5.00
N ALA J 33 -22.41 -31.44 5.76
CA ALA J 33 -22.22 -31.83 7.15
C ALA J 33 -23.06 -33.05 7.44
N THR J 34 -22.53 -33.96 8.25
CA THR J 34 -23.20 -35.21 8.58
C THR J 34 -23.33 -35.33 10.08
N GLY J 35 -24.47 -35.82 10.55
CA GLY J 35 -24.70 -35.98 11.96
C GLY J 35 -25.63 -37.14 12.24
N TRP J 36 -25.59 -37.62 13.48
CA TRP J 36 -26.42 -38.75 13.85
C TRP J 36 -27.23 -38.44 15.10
N VAL J 37 -28.48 -38.93 15.11
CA VAL J 37 -29.42 -38.72 16.20
C VAL J 37 -29.97 -40.07 16.60
N ARG J 38 -30.51 -40.15 17.82
CA ARG J 38 -31.15 -41.39 18.26
C ARG J 38 -32.34 -41.06 19.14
N GLN J 39 -33.25 -42.02 19.23
CA GLN J 39 -34.41 -41.94 20.12
C GLN J 39 -34.59 -43.27 20.81
N ALA J 40 -34.59 -43.26 22.13
CA ALA J 40 -34.84 -44.43 22.97
C ALA J 40 -36.33 -44.60 23.18
N PRO J 41 -36.78 -45.82 23.51
CA PRO J 41 -38.21 -46.04 23.77
C PRO J 41 -38.71 -45.17 24.92
N GLY J 42 -39.64 -44.28 24.61
CA GLY J 42 -40.23 -43.41 25.61
C GLY J 42 -39.45 -42.17 25.96
N GLN J 43 -38.43 -41.83 25.18
CA GLN J 43 -37.60 -40.67 25.44
C GLN J 43 -37.63 -39.72 24.24
N GLY J 44 -36.84 -38.66 24.32
CA GLY J 44 -36.74 -37.68 23.25
C GLY J 44 -35.61 -37.97 22.29
N LEU J 45 -35.16 -36.94 21.60
CA LEU J 45 -34.08 -37.04 20.64
C LEU J 45 -32.76 -36.67 21.33
N GLU J 46 -31.69 -37.40 20.98
CA GLU J 46 -30.37 -37.17 21.50
C GLU J 46 -29.39 -37.03 20.35
N TRP J 47 -28.68 -35.90 20.30
CA TRP J 47 -27.60 -35.73 19.35
C TRP J 47 -26.41 -36.58 19.76
N MET J 48 -25.81 -37.29 18.79
CA MET J 48 -24.71 -38.20 19.08
C MET J 48 -23.40 -37.84 18.42
N GLY J 49 -23.39 -36.93 17.44
CA GLY J 49 -22.14 -36.56 16.83
C GLY J 49 -22.27 -35.92 15.47
N VAL J 50 -21.30 -35.07 15.11
CA VAL J 50 -21.30 -34.37 13.84
C VAL J 50 -19.88 -34.38 13.27
N ILE J 51 -19.81 -34.48 11.94
CA ILE J 51 -18.56 -34.27 11.20
C ILE J 51 -18.85 -33.31 10.06
N VAL J 52 -17.94 -32.36 9.87
CA VAL J 52 -17.94 -31.46 8.73
C VAL J 52 -16.60 -31.57 8.05
N PRO J 53 -16.48 -32.41 7.01
CA PRO J 53 -15.16 -32.67 6.39
C PRO J 53 -14.48 -31.42 5.86
N ILE J 54 -15.22 -30.46 5.34
CA ILE J 54 -14.68 -29.13 5.09
C ILE J 54 -14.63 -28.40 6.43
N PHE J 55 -13.58 -27.58 6.62
CA PHE J 55 -13.21 -26.99 7.91
C PHE J 55 -12.59 -28.03 8.84
N GLY J 56 -12.61 -29.30 8.45
CA GLY J 56 -12.01 -30.36 9.24
C GLY J 56 -12.57 -30.54 10.63
N THR J 57 -13.90 -30.56 10.77
CA THR J 57 -14.56 -30.63 12.07
C THR J 57 -15.04 -32.05 12.36
N GLU J 58 -14.86 -32.48 13.61
CA GLU J 58 -15.33 -33.78 14.07
C GLU J 58 -15.57 -33.66 15.58
N ASP J 59 -16.84 -33.65 15.99
CA ASP J 59 -17.14 -33.40 17.39
C ASP J 59 -18.26 -34.31 17.88
N TYR J 60 -18.09 -34.82 19.10
CA TYR J 60 -19.00 -35.73 19.78
C TYR J 60 -19.30 -35.21 21.17
N PRO J 61 -20.45 -35.55 21.74
CA PRO J 61 -20.76 -35.14 23.11
C PRO J 61 -19.85 -35.83 24.12
N GLN J 62 -19.77 -35.23 25.30
CA GLN J 62 -18.88 -35.73 26.34
C GLN J 62 -19.26 -37.13 26.78
N ARG J 63 -20.56 -37.39 26.94
CA ARG J 63 -21.01 -38.71 27.37
C ARG J 63 -20.79 -39.79 26.32
N PHE J 64 -20.44 -39.43 25.10
CA PHE J 64 -20.27 -40.39 24.01
C PHE J 64 -18.84 -40.49 23.49
N GLN J 65 -17.93 -39.64 23.96
CA GLN J 65 -16.56 -39.67 23.45
C GLN J 65 -15.88 -40.99 23.81
N GLY J 66 -15.21 -41.59 22.83
CA GLY J 66 -14.50 -42.85 22.99
C GLY J 66 -15.25 -44.05 22.48
N ARG J 67 -16.56 -43.93 22.27
CA ARG J 67 -17.38 -45.04 21.80
C ARG J 67 -18.05 -44.80 20.46
N VAL J 68 -18.06 -43.56 19.97
CA VAL J 68 -18.77 -43.20 18.75
C VAL J 68 -17.76 -42.74 17.71
N THR J 69 -17.90 -43.22 16.49
CA THR J 69 -17.09 -42.78 15.37
C THR J 69 -17.98 -42.54 14.16
N ILE J 70 -17.84 -41.38 13.53
CA ILE J 70 -18.65 -41.00 12.38
C ILE J 70 -17.71 -40.79 11.19
N THR J 71 -18.02 -41.44 10.07
CA THR J 71 -17.18 -41.39 8.89
C THR J 71 -18.04 -41.12 7.66
N ALA J 72 -17.45 -40.50 6.64
CA ALA J 72 -18.14 -40.23 5.39
C ALA J 72 -17.24 -40.59 4.22
N ASP J 73 -17.82 -41.19 3.19
CA ASP J 73 -17.13 -41.55 1.97
C ASP J 73 -17.77 -40.78 0.82
N GLU J 74 -16.99 -39.90 0.19
CA GLU J 74 -17.49 -39.03 -0.85
C GLU J 74 -17.55 -39.70 -2.22
N SER J 75 -16.74 -40.72 -2.46
CA SER J 75 -16.77 -41.41 -3.75
C SER J 75 -18.11 -42.10 -3.97
N THR J 76 -18.64 -42.75 -2.93
CA THR J 76 -19.94 -43.40 -3.00
C THR J 76 -21.03 -42.63 -2.27
N ALA J 77 -20.68 -41.53 -1.61
CA ALA J 77 -21.63 -40.71 -0.84
C ALA J 77 -22.38 -41.56 0.20
N THR J 78 -21.60 -42.13 1.12
CA THR J 78 -22.15 -43.00 2.14
C THR J 78 -21.58 -42.62 3.50
N ALA J 79 -22.45 -42.51 4.50
CA ALA J 79 -22.05 -42.18 5.86
C ALA J 79 -22.14 -43.43 6.73
N TYR J 80 -21.22 -43.52 7.69
CA TYR J 80 -21.11 -44.66 8.59
C TYR J 80 -21.02 -44.19 10.02
N MET J 81 -21.68 -44.92 10.93
CA MET J 81 -21.64 -44.64 12.35
C MET J 81 -21.27 -45.91 13.09
N GLU J 82 -20.28 -45.81 13.99
CA GLU J 82 -19.70 -46.93 14.72
C GLU J 82 -19.92 -46.72 16.21
N LEU J 83 -20.53 -47.71 16.87
CA LEU J 83 -20.68 -47.74 18.32
C LEU J 83 -19.90 -48.92 18.88
N ARG J 84 -19.11 -48.65 19.91
CA ARG J 84 -18.31 -49.65 20.60
C ARG J 84 -18.79 -49.81 22.04
N SER J 85 -18.61 -51.02 22.57
CA SER J 85 -18.99 -51.35 23.95
C SER J 85 -20.47 -51.10 24.19
N LEU J 86 -21.30 -51.84 23.46
CA LEU J 86 -22.74 -51.67 23.52
C LEU J 86 -23.29 -52.05 24.89
N ARG J 87 -24.30 -51.32 25.33
CA ARG J 87 -24.97 -51.57 26.60
C ARG J 87 -26.46 -51.74 26.36
N SER J 88 -27.16 -52.19 27.39
CA SER J 88 -28.60 -52.43 27.29
C SER J 88 -29.41 -51.15 27.13
N ASP J 89 -28.82 -49.99 27.39
CA ASP J 89 -29.52 -48.72 27.20
C ASP J 89 -29.29 -48.13 25.81
N ASP J 90 -28.60 -48.84 24.94
CA ASP J 90 -28.37 -48.39 23.57
C ASP J 90 -29.43 -48.92 22.60
N THR J 91 -30.40 -49.68 23.09
CA THR J 91 -31.52 -50.14 22.27
C THR J 91 -32.37 -48.94 21.88
N ALA J 92 -32.34 -48.57 20.60
CA ALA J 92 -32.98 -47.32 20.19
C ALA J 92 -33.10 -47.30 18.66
N VAL J 93 -33.70 -46.22 18.16
CA VAL J 93 -33.84 -45.98 16.72
C VAL J 93 -32.90 -44.85 16.34
N TYR J 94 -32.06 -45.09 15.34
CA TYR J 94 -31.02 -44.15 14.94
C TYR J 94 -31.37 -43.49 13.61
N TYR J 95 -31.14 -42.19 13.54
CA TYR J 95 -31.45 -41.37 12.37
C TYR J 95 -30.20 -40.68 11.84
N CYS J 96 -30.11 -40.62 10.52
CA CYS J 96 -28.99 -40.01 9.80
C CYS J 96 -29.45 -38.67 9.26
N ALA J 97 -28.76 -37.59 9.65
CA ALA J 97 -29.09 -36.25 9.20
C ALA J 97 -27.93 -35.70 8.38
N ARG J 98 -28.23 -35.09 7.24
CA ARG J 98 -27.19 -34.61 6.36
C ARG J 98 -27.58 -33.27 5.76
N SER J 99 -26.57 -32.47 5.46
CA SER J 99 -26.72 -31.16 4.84
C SER J 99 -25.96 -31.13 3.53
N ARG J 100 -26.46 -30.35 2.57
CA ARG J 100 -25.93 -30.34 1.21
C ARG J 100 -25.15 -29.06 0.95
N LEU J 101 -24.04 -29.19 0.23
CA LEU J 101 -23.22 -28.04 -0.11
C LEU J 101 -23.96 -27.11 -1.05
N GLY J 102 -23.82 -25.81 -0.81
CA GLY J 102 -24.58 -24.80 -1.52
C GLY J 102 -25.67 -24.16 -0.70
N SER J 103 -25.97 -24.68 0.48
CA SER J 103 -26.94 -24.08 1.37
C SER J 103 -26.32 -22.94 2.15
N SER J 104 -27.16 -22.22 2.90
CA SER J 104 -26.72 -21.00 3.58
C SER J 104 -26.01 -21.26 4.91
N SER J 105 -26.06 -22.47 5.44
CA SER J 105 -25.39 -22.79 6.70
C SER J 105 -25.09 -24.28 6.73
N TRP J 106 -24.18 -24.65 7.64
CA TRP J 106 -23.84 -26.06 7.81
C TRP J 106 -24.86 -26.82 8.63
N PHE J 107 -25.77 -26.13 9.32
CA PHE J 107 -26.74 -26.77 10.20
C PHE J 107 -28.15 -26.77 9.61
N LEU J 108 -28.26 -26.73 8.28
CA LEU J 108 -29.55 -26.90 7.61
C LEU J 108 -29.73 -28.37 7.26
N PHE J 109 -30.07 -29.16 8.27
CA PHE J 109 -30.25 -30.60 8.11
C PHE J 109 -31.64 -30.85 7.52
N GLU J 110 -31.71 -30.78 6.19
CA GLU J 110 -32.97 -30.98 5.47
C GLU J 110 -33.16 -32.41 4.98
N TYR J 111 -32.16 -33.27 5.10
CA TYR J 111 -32.22 -34.63 4.59
C TYR J 111 -32.05 -35.61 5.74
N TRP J 112 -33.01 -36.51 5.89
CA TRP J 112 -33.06 -37.44 7.01
C TRP J 112 -33.30 -38.85 6.52
N GLY J 113 -32.70 -39.82 7.21
CA GLY J 113 -32.94 -41.21 6.91
C GLY J 113 -34.20 -41.73 7.57
N GLN J 114 -34.58 -42.96 7.19
CA GLN J 114 -35.81 -43.55 7.71
C GLN J 114 -35.66 -44.06 9.14
N GLY J 115 -34.45 -44.33 9.58
CA GLY J 115 -34.21 -44.81 10.93
C GLY J 115 -33.92 -46.30 10.97
N THR J 116 -33.03 -46.70 11.86
CA THR J 116 -32.64 -48.09 12.01
C THR J 116 -32.79 -48.49 13.47
N LEU J 117 -33.45 -49.62 13.71
CA LEU J 117 -33.67 -50.13 15.06
C LEU J 117 -32.50 -51.01 15.49
N VAL J 118 -31.95 -50.73 16.66
CA VAL J 118 -30.84 -51.48 17.22
C VAL J 118 -31.27 -51.99 18.59
N THR J 119 -31.20 -53.31 18.78
CA THR J 119 -31.58 -53.95 20.03
C THR J 119 -30.36 -54.65 20.62
N VAL J 120 -29.98 -54.27 21.83
CA VAL J 120 -28.84 -54.85 22.53
C VAL J 120 -29.39 -55.65 23.71
N SER J 121 -29.41 -56.97 23.56
CA SER J 121 -29.94 -57.83 24.61
C SER J 121 -29.38 -59.23 24.42
N SER J 122 -29.50 -60.03 25.48
CA SER J 122 -29.03 -61.42 25.44
C SER J 122 -30.19 -62.40 25.52
N ASP K 1 -21.03 -27.66 27.33
CA ASP K 1 -22.17 -27.65 26.44
C ASP K 1 -23.24 -26.68 26.96
N ILE K 2 -24.36 -26.59 26.24
CA ILE K 2 -25.45 -25.69 26.57
C ILE K 2 -26.70 -26.53 26.79
N GLN K 3 -27.37 -26.31 27.92
CA GLN K 3 -28.63 -26.97 28.24
C GLN K 3 -29.79 -26.09 27.82
N MET K 4 -30.85 -26.70 27.29
CA MET K 4 -32.01 -25.97 26.81
C MET K 4 -33.27 -26.49 27.49
N THR K 5 -34.18 -25.56 27.81
CA THR K 5 -35.42 -25.89 28.52
C THR K 5 -36.60 -25.48 27.66
N GLN K 6 -37.53 -26.40 27.46
CA GLN K 6 -38.69 -26.18 26.59
C GLN K 6 -39.97 -26.25 27.42
N SER K 7 -40.86 -25.27 27.22
CA SER K 7 -42.10 -25.22 27.98
C SER K 7 -43.28 -24.92 27.08
N PRO K 8 -44.46 -25.52 27.34
CA PRO K 8 -44.65 -26.57 28.34
C PRO K 8 -44.26 -27.94 27.80
N SER K 9 -44.43 -28.99 28.61
CA SER K 9 -44.10 -30.34 28.17
C SER K 9 -45.26 -31.04 27.47
N SER K 10 -46.47 -30.47 27.54
CA SER K 10 -47.65 -31.06 26.93
C SER K 10 -48.77 -30.05 26.98
N LEU K 11 -49.60 -30.01 25.93
CA LEU K 11 -50.73 -29.11 25.89
C LEU K 11 -51.79 -29.68 24.96
N SER K 12 -53.04 -29.30 25.22
CA SER K 12 -54.18 -29.72 24.41
C SER K 12 -54.80 -28.50 23.75
N ALA K 13 -55.15 -28.64 22.47
CA ALA K 13 -55.70 -27.54 21.70
C ALA K 13 -56.77 -28.07 20.77
N SER K 14 -57.54 -27.15 20.20
CA SER K 14 -58.59 -27.47 19.25
C SER K 14 -58.26 -26.86 17.90
N VAL K 15 -58.98 -27.31 16.86
CA VAL K 15 -58.71 -26.85 15.51
C VAL K 15 -59.07 -25.37 15.40
N GLY K 16 -58.12 -24.58 14.92
CA GLY K 16 -58.33 -23.15 14.76
C GLY K 16 -57.80 -22.29 15.87
N ASP K 17 -57.02 -22.85 16.80
CA ASP K 17 -56.49 -22.10 17.93
C ASP K 17 -55.09 -21.61 17.64
N ARG K 18 -54.55 -20.83 18.59
CA ARG K 18 -53.19 -20.34 18.54
C ARG K 18 -52.39 -21.01 19.64
N VAL K 19 -51.22 -21.55 19.29
CA VAL K 19 -50.39 -22.30 20.22
C VAL K 19 -49.00 -21.68 20.25
N THR K 20 -48.49 -21.43 21.45
CA THR K 20 -47.16 -20.86 21.64
C THR K 20 -46.32 -21.79 22.51
N ILE K 21 -45.06 -21.98 22.11
CA ILE K 21 -44.11 -22.79 22.86
C ILE K 21 -42.87 -21.94 23.11
N THR K 22 -42.42 -21.93 24.37
CA THR K 22 -41.30 -21.10 24.80
C THR K 22 -40.06 -21.96 24.97
N CYS K 23 -38.90 -21.40 24.62
CA CYS K 23 -37.65 -22.12 24.67
C CYS K 23 -36.61 -21.20 25.30
N ARG K 24 -35.82 -21.74 26.24
CA ARG K 24 -34.89 -20.96 27.03
C ARG K 24 -33.51 -21.61 27.02
N ALA K 25 -32.48 -20.79 26.82
CA ALA K 25 -31.11 -21.26 26.72
C ALA K 25 -30.34 -20.93 27.99
N SER K 26 -29.33 -21.76 28.28
CA SER K 26 -28.51 -21.56 29.47
C SER K 26 -27.44 -20.50 29.26
N ASP K 27 -27.28 -19.98 28.04
CA ASP K 27 -26.29 -18.96 27.74
C ASP K 27 -26.78 -18.15 26.55
N MET K 28 -26.07 -17.06 26.25
CA MET K 28 -26.38 -16.26 25.08
C MET K 28 -25.94 -17.01 23.82
N ILE K 29 -26.90 -17.27 22.93
CA ILE K 29 -26.60 -18.02 21.71
C ILE K 29 -27.06 -17.24 20.49
N SER K 30 -27.17 -15.92 20.62
CA SER K 30 -27.60 -15.05 19.52
C SER K 30 -28.92 -15.52 18.93
N ASN K 31 -28.94 -15.85 17.64
CA ASN K 31 -30.12 -16.38 16.98
C ASN K 31 -29.88 -17.77 16.41
N TYR K 32 -29.04 -18.56 17.07
CA TYR K 32 -28.67 -19.88 16.57
C TYR K 32 -29.61 -20.94 17.15
N LEU K 33 -30.89 -20.84 16.76
CA LEU K 33 -31.92 -21.76 17.22
C LEU K 33 -32.73 -22.26 16.04
N ASN K 34 -33.06 -23.55 16.06
CA ASN K 34 -33.87 -24.19 15.04
C ASN K 34 -34.98 -24.99 15.70
N TRP K 35 -36.09 -25.14 14.98
CA TRP K 35 -37.27 -25.85 15.47
C TRP K 35 -37.55 -27.05 14.57
N TYR K 36 -37.80 -28.20 15.19
CA TYR K 36 -38.03 -29.44 14.47
C TYR K 36 -39.38 -30.02 14.84
N GLN K 37 -40.04 -30.64 13.87
CA GLN K 37 -41.31 -31.32 14.05
C GLN K 37 -41.12 -32.81 13.82
N HIS K 38 -41.67 -33.62 14.72
CA HIS K 38 -41.53 -35.07 14.67
C HIS K 38 -42.88 -35.73 14.91
N LYS K 39 -43.24 -36.67 14.04
CA LYS K 39 -44.45 -37.47 14.13
C LYS K 39 -44.07 -38.93 14.31
N PRO K 40 -44.93 -39.73 14.94
CA PRO K 40 -44.63 -41.16 15.11
C PRO K 40 -44.50 -41.86 13.76
N GLY K 41 -43.47 -42.71 13.66
CA GLY K 41 -43.25 -43.49 12.47
C GLY K 41 -42.56 -42.78 11.34
N GLU K 42 -42.12 -41.53 11.54
CA GLU K 42 -41.46 -40.74 10.50
C GLU K 42 -40.21 -40.10 11.07
N ALA K 43 -39.41 -39.52 10.18
CA ALA K 43 -38.20 -38.82 10.55
C ALA K 43 -38.52 -37.38 10.97
N PRO K 44 -37.64 -36.76 11.78
CA PRO K 44 -37.85 -35.36 12.14
C PRO K 44 -37.77 -34.45 10.92
N LYS K 45 -38.48 -33.34 10.99
CA LYS K 45 -38.66 -32.44 9.85
C LYS K 45 -38.45 -31.00 10.30
N LEU K 46 -37.60 -30.27 9.59
CA LEU K 46 -37.23 -28.91 9.97
C LEU K 46 -38.31 -27.91 9.53
N LEU K 47 -38.62 -26.97 10.43
CA LEU K 47 -39.58 -25.90 10.17
C LEU K 47 -38.95 -24.52 10.14
N ILE K 48 -38.25 -24.14 11.22
CA ILE K 48 -37.70 -22.80 11.37
C ILE K 48 -36.20 -22.93 11.65
N TYR K 49 -35.40 -22.10 10.99
CA TYR K 49 -33.98 -22.03 11.26
C TYR K 49 -33.57 -20.58 11.48
N SER K 50 -32.53 -20.39 12.29
CA SER K 50 -32.05 -19.07 12.69
C SER K 50 -33.11 -18.26 13.45
N ALA K 51 -34.11 -18.95 14.00
CA ALA K 51 -35.10 -18.40 14.91
C ALA K 51 -36.11 -17.48 14.25
N SER K 52 -35.89 -17.13 12.98
CA SER K 52 -36.85 -16.28 12.29
C SER K 52 -37.20 -16.80 10.90
N SER K 53 -36.25 -17.45 10.24
CA SER K 53 -36.42 -17.84 8.85
C SER K 53 -37.33 -19.03 8.72
N LEU K 54 -38.11 -19.05 7.64
CA LEU K 54 -39.08 -20.10 7.39
C LEU K 54 -38.56 -21.02 6.28
N GLN K 55 -38.60 -22.32 6.54
CA GLN K 55 -38.12 -23.30 5.57
C GLN K 55 -39.07 -23.36 4.37
N THR K 56 -38.50 -23.61 3.20
CA THR K 56 -39.30 -23.68 1.98
C THR K 56 -40.29 -24.83 2.05
N GLY K 57 -41.51 -24.59 1.60
CA GLY K 57 -42.56 -25.58 1.64
C GLY K 57 -43.29 -25.71 2.95
N VAL K 58 -43.12 -24.77 3.86
CA VAL K 58 -43.75 -24.78 5.18
C VAL K 58 -44.85 -23.73 5.16
N PRO K 59 -46.05 -24.05 5.68
CA PRO K 59 -47.12 -23.05 5.71
C PRO K 59 -46.73 -21.83 6.52
N SER K 60 -47.23 -20.66 6.09
CA SER K 60 -46.90 -19.41 6.74
C SER K 60 -47.53 -19.27 8.12
N ARG K 61 -48.43 -20.17 8.51
CA ARG K 61 -49.03 -20.13 9.83
C ARG K 61 -48.01 -20.40 10.94
N PHE K 62 -46.86 -20.99 10.60
CA PHE K 62 -45.78 -21.15 11.56
C PHE K 62 -44.93 -19.89 11.61
N SER K 63 -44.53 -19.50 12.81
CA SER K 63 -43.62 -18.37 12.96
C SER K 63 -42.75 -18.59 14.19
N GLY K 64 -41.61 -17.92 14.22
CA GLY K 64 -40.72 -18.01 15.36
C GLY K 64 -40.02 -16.69 15.59
N SER K 65 -39.72 -16.40 16.85
CA SER K 65 -39.08 -15.13 17.17
C SER K 65 -38.33 -15.25 18.48
N GLY K 66 -37.25 -14.51 18.60
CA GLY K 66 -36.51 -14.47 19.85
C GLY K 66 -35.04 -14.17 19.58
N SER K 67 -34.30 -14.03 20.68
CA SER K 67 -32.88 -13.73 20.60
C SER K 67 -32.30 -13.75 22.02
N GLY K 68 -31.01 -14.02 22.11
CA GLY K 68 -30.33 -14.00 23.39
C GLY K 68 -30.47 -15.31 24.13
N THR K 69 -31.40 -15.35 25.09
CA THR K 69 -31.70 -16.55 25.84
C THR K 69 -33.15 -16.97 25.75
N ASP K 70 -34.02 -16.17 25.14
CA ASP K 70 -35.45 -16.46 25.07
C ASP K 70 -35.89 -16.54 23.61
N PHE K 71 -36.62 -17.60 23.27
CA PHE K 71 -37.15 -17.81 21.93
C PHE K 71 -38.55 -18.40 22.05
N THR K 72 -39.33 -18.28 20.97
CA THR K 72 -40.70 -18.78 21.00
C THR K 72 -41.14 -19.17 19.60
N LEU K 73 -42.01 -20.19 19.56
CA LEU K 73 -42.64 -20.69 18.35
C LEU K 73 -44.14 -20.46 18.45
N THR K 74 -44.74 -19.93 17.39
CA THR K 74 -46.16 -19.65 17.33
C THR K 74 -46.79 -20.37 16.14
N ILE K 75 -47.95 -20.98 16.38
CA ILE K 75 -48.74 -21.63 15.34
C ILE K 75 -50.14 -21.05 15.39
N ASN K 76 -50.56 -20.43 14.29
CA ASN K 76 -51.88 -19.82 14.19
C ASN K 76 -52.78 -20.69 13.31
N ASN K 77 -54.06 -20.75 13.65
CA ASN K 77 -55.06 -21.52 12.90
C ASN K 77 -54.62 -22.98 12.78
N LEU K 78 -54.56 -23.63 13.95
CA LEU K 78 -54.11 -25.00 14.02
C LEU K 78 -54.97 -25.91 13.14
N GLN K 79 -54.31 -26.78 12.38
CA GLN K 79 -54.95 -27.73 11.49
C GLN K 79 -54.77 -29.15 12.02
N PRO K 80 -55.56 -30.12 11.55
CA PRO K 80 -55.41 -31.49 12.05
C PRO K 80 -54.05 -32.11 11.80
N GLU K 81 -53.28 -31.59 10.84
CA GLU K 81 -51.96 -32.15 10.53
C GLU K 81 -50.84 -31.51 11.34
N ASP K 82 -51.16 -30.58 12.24
CA ASP K 82 -50.15 -29.91 13.05
C ASP K 82 -49.89 -30.58 14.39
N PHE K 83 -50.58 -31.68 14.68
CA PHE K 83 -50.49 -32.32 15.99
C PHE K 83 -49.29 -33.26 15.98
N ALA K 84 -48.20 -32.84 16.59
CA ALA K 84 -46.94 -33.60 16.58
C ALA K 84 -46.12 -33.16 17.80
N THR K 85 -44.85 -33.56 17.80
CA THR K 85 -43.91 -33.18 18.86
C THR K 85 -42.90 -32.18 18.29
N TYR K 86 -42.60 -31.13 19.06
CA TYR K 86 -41.76 -30.05 18.60
C TYR K 86 -40.54 -29.93 19.49
N TYR K 87 -39.37 -29.75 18.86
CA TYR K 87 -38.09 -29.73 19.56
C TYR K 87 -37.30 -28.46 19.22
N CYS K 88 -36.63 -27.91 20.23
CA CYS K 88 -35.60 -26.89 20.01
C CYS K 88 -34.30 -27.55 19.61
N GLN K 89 -33.41 -26.76 19.02
CA GLN K 89 -32.03 -27.18 18.84
C GLN K 89 -31.14 -25.95 18.73
N GLN K 90 -30.10 -25.90 19.55
CA GLN K 90 -29.08 -24.86 19.45
C GLN K 90 -27.96 -25.34 18.53
N SER K 91 -27.42 -24.40 17.75
CA SER K 91 -26.28 -24.66 16.89
C SER K 91 -25.22 -23.59 17.08
N TYR K 92 -25.15 -23.01 18.28
CA TYR K 92 -24.15 -22.00 18.58
C TYR K 92 -22.75 -22.60 18.59
N ILE K 93 -22.60 -23.81 19.13
CA ILE K 93 -21.34 -24.53 19.13
C ILE K 93 -21.55 -25.82 18.33
N THR K 94 -20.42 -26.45 17.96
CA THR K 94 -20.46 -27.68 17.19
C THR K 94 -20.87 -28.88 18.03
N ARG K 95 -21.09 -28.71 19.33
CA ARG K 95 -21.67 -29.75 20.17
C ARG K 95 -23.15 -29.42 20.36
N LEU K 96 -23.96 -29.83 19.39
CA LEU K 96 -25.37 -29.47 19.35
C LEU K 96 -26.15 -30.24 20.41
N SER K 97 -27.33 -29.73 20.72
CA SER K 97 -28.19 -30.33 21.74
C SER K 97 -29.65 -30.01 21.45
N PHE K 98 -30.53 -30.85 21.98
CA PHE K 98 -31.96 -30.75 21.79
C PHE K 98 -32.65 -30.35 23.08
N GLY K 99 -33.89 -29.88 22.95
CA GLY K 99 -34.74 -29.57 24.08
C GLY K 99 -35.52 -30.78 24.54
N GLY K 100 -36.40 -30.55 25.52
CA GLY K 100 -37.18 -31.64 26.08
C GLY K 100 -38.26 -32.15 25.14
N GLY K 101 -38.92 -31.25 24.43
CA GLY K 101 -39.99 -31.61 23.53
C GLY K 101 -41.37 -31.30 24.06
N THR K 102 -42.25 -30.81 23.20
CA THR K 102 -43.62 -30.47 23.57
C THR K 102 -44.58 -31.22 22.66
N LYS K 103 -45.51 -31.95 23.26
CA LYS K 103 -46.48 -32.77 22.53
C LYS K 103 -47.82 -32.04 22.49
N VAL K 104 -48.29 -31.75 21.28
CA VAL K 104 -49.60 -31.13 21.10
C VAL K 104 -50.65 -32.21 20.89
N GLU K 105 -51.76 -32.09 21.59
CA GLU K 105 -52.81 -33.11 21.57
C GLU K 105 -54.16 -32.46 21.27
N ILE K 106 -55.19 -33.30 21.11
CA ILE K 106 -56.53 -32.85 20.75
C ILE K 106 -57.33 -32.64 22.02
N LYS K 107 -58.02 -31.50 22.10
CA LYS K 107 -58.84 -31.19 23.27
C LYS K 107 -60.07 -32.11 23.33
N LYS L 1 42.71 -43.52 -9.13
CA LYS L 1 43.05 -42.14 -8.83
C LYS L 1 42.89 -41.26 -10.05
N VAL L 2 42.32 -40.07 -9.85
CA VAL L 2 42.05 -39.13 -10.93
C VAL L 2 43.10 -38.02 -10.88
N VAL L 3 43.71 -37.75 -12.02
CA VAL L 3 44.75 -36.74 -12.13
C VAL L 3 44.22 -35.58 -12.98
N SER L 4 44.86 -34.43 -12.82
CA SER L 4 44.45 -33.24 -13.57
C SER L 4 44.86 -33.37 -15.03
N THR L 5 44.12 -32.67 -15.90
CA THR L 5 44.44 -32.68 -17.32
C THR L 5 45.75 -31.96 -17.63
N ASP L 6 46.24 -31.12 -16.71
CA ASP L 6 47.47 -30.37 -16.96
C ASP L 6 48.68 -31.29 -17.06
N GLU L 7 48.57 -32.55 -16.64
CA GLU L 7 49.71 -33.44 -16.64
C GLU L 7 49.90 -34.12 -17.98
N TYR L 8 48.84 -34.62 -18.59
CA TYR L 8 48.93 -35.40 -19.82
C TYR L 8 48.42 -34.65 -21.05
N VAL L 9 48.18 -33.35 -20.94
CA VAL L 9 47.75 -32.52 -22.07
C VAL L 9 48.74 -31.38 -22.23
N ALA L 10 49.23 -31.19 -23.45
CA ALA L 10 50.17 -30.12 -23.77
C ALA L 10 49.46 -29.07 -24.60
N ARG L 11 49.63 -27.80 -24.22
CA ARG L 11 48.97 -26.68 -24.87
C ARG L 11 49.94 -25.96 -25.80
N THR L 12 49.49 -25.67 -27.02
CA THR L 12 50.27 -24.92 -27.98
C THR L 12 49.85 -23.45 -27.93
N ASN L 13 50.44 -22.64 -28.81
CA ASN L 13 50.21 -21.20 -28.84
C ASN L 13 49.36 -20.79 -30.04
N ILE L 14 48.40 -21.63 -30.41
CA ILE L 14 47.51 -21.37 -31.54
C ILE L 14 46.10 -21.16 -31.01
N TYR L 15 45.49 -20.04 -31.40
CA TYR L 15 44.16 -19.66 -30.93
C TYR L 15 43.23 -19.44 -32.10
N TYR L 16 41.96 -19.74 -31.89
CA TYR L 16 40.92 -19.56 -32.89
C TYR L 16 39.71 -18.90 -32.26
N HIS L 17 38.94 -18.21 -33.09
CA HIS L 17 37.73 -17.51 -32.68
C HIS L 17 36.52 -18.11 -33.36
N ALA L 18 35.44 -18.29 -32.61
CA ALA L 18 34.19 -18.80 -33.15
C ALA L 18 33.03 -17.97 -32.64
N GLY L 19 31.95 -17.94 -33.42
CA GLY L 19 30.79 -17.17 -33.03
C GLY L 19 29.58 -17.34 -33.90
N THR L 20 28.40 -17.28 -33.30
CA THR L 20 27.15 -17.28 -34.05
C THR L 20 26.78 -15.84 -34.40
N SER L 21 26.00 -15.69 -35.48
CA SER L 21 25.62 -14.36 -35.93
C SER L 21 24.54 -13.77 -35.03
N ARG L 22 23.37 -14.41 -34.99
CA ARG L 22 22.27 -13.97 -34.15
C ARG L 22 21.22 -15.07 -34.10
N LEU L 23 20.69 -15.32 -32.92
CA LEU L 23 19.66 -16.33 -32.73
C LEU L 23 18.39 -15.65 -32.25
N LEU L 24 17.27 -15.96 -32.89
CA LEU L 24 15.99 -15.35 -32.56
C LEU L 24 14.96 -16.42 -32.27
N ALA L 25 14.04 -16.12 -31.35
CA ALA L 25 12.93 -17.02 -31.04
C ALA L 25 11.71 -16.18 -30.70
N VAL L 26 10.62 -16.37 -31.44
CA VAL L 26 9.37 -15.67 -31.21
C VAL L 26 8.27 -16.70 -30.99
N GLY L 27 7.46 -16.50 -29.95
CA GLY L 27 6.40 -17.45 -29.68
C GLY L 27 5.44 -16.94 -28.62
N HIS L 28 4.53 -17.83 -28.22
CA HIS L 28 3.55 -17.52 -27.18
C HIS L 28 4.12 -17.81 -25.79
N PRO L 29 3.97 -16.88 -24.85
CA PRO L 29 4.63 -17.04 -23.54
C PRO L 29 4.02 -18.10 -22.63
N TYR L 30 2.80 -18.57 -22.87
CA TYR L 30 2.13 -19.46 -21.93
C TYR L 30 1.95 -20.88 -22.46
N PHE L 31 1.31 -21.04 -23.62
CA PHE L 31 1.04 -22.35 -24.17
C PHE L 31 1.30 -22.33 -25.66
N PRO L 32 1.63 -23.47 -26.26
CA PRO L 32 1.73 -23.55 -27.71
C PRO L 32 0.38 -23.35 -28.38
N ILE L 33 0.41 -22.85 -29.61
CA ILE L 33 -0.78 -22.69 -30.43
C ILE L 33 -0.82 -23.85 -31.42
N LYS L 34 -1.90 -24.63 -31.38
CA LYS L 34 -2.02 -25.82 -32.20
C LYS L 34 -3.33 -25.80 -32.98
N LYS L 35 -3.31 -26.42 -34.14
CA LYS L 35 -4.51 -26.53 -34.95
C LYS L 35 -5.53 -27.41 -34.24
N PRO L 36 -6.83 -27.10 -34.35
CA PRO L 36 -7.82 -27.92 -33.64
C PRO L 36 -7.89 -29.36 -34.13
N ASN L 37 -7.98 -29.58 -35.44
CA ASN L 37 -8.07 -30.95 -35.95
C ASN L 37 -6.73 -31.67 -35.88
N ASN L 38 -5.65 -30.98 -36.25
CA ASN L 38 -4.33 -31.59 -36.28
C ASN L 38 -3.68 -31.51 -34.90
N ASN L 39 -2.47 -32.07 -34.80
CA ASN L 39 -1.65 -31.96 -33.59
C ASN L 39 -0.31 -31.30 -33.86
N LYS L 40 -0.13 -30.73 -35.05
CA LYS L 40 1.12 -30.05 -35.39
C LYS L 40 1.09 -28.64 -34.82
N ILE L 41 2.24 -28.19 -34.34
CA ILE L 41 2.35 -26.91 -33.65
C ILE L 41 2.52 -25.79 -34.65
N LEU L 42 1.70 -24.75 -34.53
CA LEU L 42 1.83 -23.56 -35.36
C LEU L 42 2.76 -22.52 -34.74
N VAL L 43 2.49 -22.14 -33.50
CA VAL L 43 3.30 -21.17 -32.77
C VAL L 43 3.89 -21.90 -31.55
N PRO L 44 5.20 -22.01 -31.43
CA PRO L 44 5.79 -22.66 -30.25
C PRO L 44 5.63 -21.80 -29.00
N LYS L 45 6.07 -22.35 -27.87
CA LYS L 45 6.03 -21.66 -26.60
C LYS L 45 7.41 -21.09 -26.29
N VAL L 46 7.49 -19.77 -26.20
CA VAL L 46 8.74 -19.07 -25.91
C VAL L 46 8.48 -18.18 -24.70
N SER L 47 9.17 -18.48 -23.59
CA SER L 47 8.98 -17.78 -22.33
C SER L 47 10.32 -17.31 -21.80
N GLY L 48 10.27 -16.28 -20.96
CA GLY L 48 11.47 -15.77 -20.32
C GLY L 48 12.00 -16.60 -19.18
N LEU L 49 11.23 -17.60 -18.73
CA LEU L 49 11.63 -18.48 -17.64
C LEU L 49 11.81 -19.91 -18.12
N GLN L 50 12.46 -20.08 -19.26
CA GLN L 50 12.80 -21.39 -19.80
C GLN L 50 14.31 -21.57 -19.78
N TYR L 51 14.74 -22.81 -19.54
CA TYR L 51 16.15 -23.16 -19.65
C TYR L 51 16.56 -23.10 -21.12
N ARG L 52 17.69 -22.46 -21.40
CA ARG L 52 18.25 -22.44 -22.75
C ARG L 52 19.52 -23.27 -22.75
N VAL L 53 19.47 -24.45 -23.37
CA VAL L 53 20.60 -25.36 -23.43
C VAL L 53 21.09 -25.44 -24.87
N PHE L 54 22.28 -24.91 -25.11
CA PHE L 54 22.91 -24.93 -26.42
C PHE L 54 23.94 -26.04 -26.46
N ARG L 55 23.84 -26.90 -27.46
CA ARG L 55 24.80 -27.96 -27.73
C ARG L 55 25.62 -27.56 -28.95
N ILE L 56 26.90 -27.33 -28.76
CA ILE L 56 27.77 -26.72 -29.76
C ILE L 56 28.72 -27.79 -30.29
N HIS L 57 28.78 -27.90 -31.62
CA HIS L 57 29.60 -28.89 -32.30
C HIS L 57 30.83 -28.21 -32.92
N LEU L 58 31.99 -28.82 -32.73
CA LEU L 58 33.25 -28.26 -33.19
C LEU L 58 33.88 -29.16 -34.25
N PRO L 59 34.71 -28.61 -35.12
CA PRO L 59 35.44 -29.45 -36.08
C PRO L 59 36.41 -30.38 -35.39
N ASP L 60 36.67 -31.50 -36.03
CA ASP L 60 37.69 -32.43 -35.56
C ASP L 60 39.06 -31.87 -35.89
N PRO L 61 39.89 -31.51 -34.91
CA PRO L 61 41.20 -30.93 -35.23
C PRO L 61 42.13 -31.88 -35.94
N ASN L 62 41.90 -33.20 -35.83
CA ASN L 62 42.73 -34.15 -36.55
C ASN L 62 42.54 -34.04 -38.05
N LYS L 63 41.31 -33.80 -38.50
CA LYS L 63 41.01 -33.63 -39.91
C LYS L 63 40.95 -32.18 -40.34
N PHE L 64 41.11 -31.25 -39.40
CA PHE L 64 41.06 -29.83 -39.71
C PHE L 64 42.25 -29.42 -40.57
N GLY L 65 42.03 -28.43 -41.43
CA GLY L 65 43.07 -27.97 -42.32
C GLY L 65 43.90 -26.84 -41.75
N PHE L 66 45.10 -27.16 -41.27
CA PHE L 66 46.00 -26.16 -40.72
C PHE L 66 47.04 -25.75 -41.75
N PRO L 67 47.41 -24.46 -41.81
CA PRO L 67 48.50 -24.06 -42.72
C PRO L 67 49.82 -24.72 -42.38
N ASP L 68 50.08 -24.99 -41.11
CA ASP L 68 51.30 -25.65 -40.66
C ASP L 68 50.95 -26.94 -39.94
N THR L 69 51.82 -27.94 -40.09
CA THR L 69 51.59 -29.26 -39.52
C THR L 69 52.78 -29.76 -38.69
N SER L 70 53.96 -29.17 -38.84
CA SER L 70 55.17 -29.69 -38.23
C SER L 70 55.16 -29.59 -36.71
N PHE L 71 54.21 -28.88 -36.11
CA PHE L 71 54.19 -28.72 -34.66
C PHE L 71 53.79 -29.99 -33.92
N TYR L 72 53.31 -31.01 -34.62
CA TYR L 72 52.91 -32.26 -33.96
C TYR L 72 53.21 -33.43 -34.88
N ASN L 73 53.28 -34.62 -34.28
CA ASN L 73 53.58 -35.85 -35.01
C ASN L 73 52.33 -36.72 -35.05
N PRO L 74 51.66 -36.84 -36.21
CA PRO L 74 50.43 -37.64 -36.26
C PRO L 74 50.63 -39.10 -35.90
N ASP L 75 51.86 -39.61 -35.95
CA ASP L 75 52.10 -41.01 -35.64
C ASP L 75 51.90 -41.30 -34.16
N THR L 76 52.09 -40.30 -33.29
CA THR L 76 51.97 -40.53 -31.85
C THR L 76 51.26 -39.40 -31.11
N GLN L 77 50.74 -38.39 -31.81
CA GLN L 77 50.08 -37.26 -31.19
C GLN L 77 48.64 -37.21 -31.65
N ARG L 78 47.76 -36.71 -30.79
CA ARG L 78 46.38 -36.45 -31.13
C ARG L 78 45.98 -35.08 -30.60
N LEU L 79 45.06 -34.42 -31.30
CA LEU L 79 44.71 -33.04 -31.04
C LEU L 79 43.33 -32.93 -30.40
N VAL L 80 43.11 -31.84 -29.67
CA VAL L 80 41.84 -31.58 -29.02
C VAL L 80 41.73 -30.08 -28.79
N TRP L 81 40.50 -29.58 -28.66
CA TRP L 81 40.24 -28.17 -28.44
C TRP L 81 40.07 -27.88 -26.95
N ALA L 82 40.47 -26.68 -26.55
CA ALA L 82 40.28 -26.21 -25.18
C ALA L 82 39.65 -24.84 -25.20
N CYS L 83 38.75 -24.58 -24.26
CA CYS L 83 38.04 -23.31 -24.18
C CYS L 83 38.75 -22.39 -23.21
N VAL L 84 39.02 -21.16 -23.66
CA VAL L 84 39.75 -20.18 -22.86
C VAL L 84 39.01 -18.86 -22.70
N GLY L 85 37.82 -18.72 -23.28
CA GLY L 85 37.06 -17.48 -23.17
C GLY L 85 35.70 -17.53 -23.83
N VAL L 86 34.67 -17.06 -23.13
CA VAL L 86 33.29 -17.16 -23.60
C VAL L 86 32.58 -15.82 -23.34
N GLU L 87 31.78 -15.39 -24.30
CA GLU L 87 30.89 -14.25 -24.10
C GLU L 87 29.51 -14.57 -24.63
N VAL L 88 28.49 -14.23 -23.86
CA VAL L 88 27.09 -14.46 -24.19
C VAL L 88 26.44 -13.09 -24.38
N GLY L 89 26.30 -12.68 -25.64
CA GLY L 89 25.64 -11.42 -25.95
C GLY L 89 24.13 -11.56 -25.88
N ARG L 90 23.49 -10.55 -25.31
CA ARG L 90 22.09 -10.61 -24.93
C ARG L 90 21.41 -9.33 -25.37
N GLY L 91 20.52 -9.43 -26.35
CA GLY L 91 19.80 -8.27 -26.86
C GLY L 91 18.49 -8.02 -26.14
N GLN L 92 17.73 -7.03 -26.64
CA GLN L 92 16.42 -6.59 -26.18
C GLN L 92 16.56 -5.71 -24.93
N PRO L 93 15.58 -4.85 -24.66
CA PRO L 93 15.64 -4.05 -23.44
C PRO L 93 15.28 -4.86 -22.19
N LEU L 94 15.64 -4.30 -21.04
CA LEU L 94 15.29 -4.90 -19.76
C LEU L 94 13.80 -4.72 -19.48
N GLY L 95 13.18 -5.76 -18.94
CA GLY L 95 11.76 -5.72 -18.66
C GLY L 95 11.37 -6.83 -17.71
N VAL L 96 10.13 -6.75 -17.25
CA VAL L 96 9.56 -7.74 -16.33
C VAL L 96 8.25 -8.25 -16.92
N GLY L 97 8.07 -9.56 -16.93
CA GLY L 97 6.83 -10.16 -17.39
C GLY L 97 6.04 -10.78 -16.26
N ILE L 98 4.73 -10.93 -16.46
CA ILE L 98 3.83 -11.41 -15.42
C ILE L 98 3.02 -12.58 -15.98
N SER L 99 2.51 -13.40 -15.06
CA SER L 99 1.71 -14.56 -15.45
C SER L 99 0.68 -14.83 -14.38
N GLY L 100 -0.38 -15.53 -14.76
CA GLY L 100 -1.44 -15.83 -13.82
C GLY L 100 -2.35 -16.92 -14.30
N HIS L 101 -3.42 -17.13 -13.54
CA HIS L 101 -4.44 -18.13 -13.80
C HIS L 101 -5.82 -17.49 -13.73
N PRO L 102 -6.71 -17.81 -14.68
CA PRO L 102 -8.09 -17.31 -14.61
C PRO L 102 -8.94 -18.02 -13.57
N LEU L 103 -8.54 -19.18 -13.08
CA LEU L 103 -9.30 -19.97 -12.12
C LEU L 103 -8.37 -20.47 -11.00
N LEU L 104 -7.59 -19.57 -10.43
CA LEU L 104 -6.61 -19.94 -9.42
C LEU L 104 -7.29 -20.12 -8.06
N ASN L 105 -6.85 -21.13 -7.31
CA ASN L 105 -7.45 -21.51 -6.04
C ASN L 105 -6.98 -20.56 -4.95
N LYS L 106 -7.75 -19.49 -4.74
CA LYS L 106 -7.54 -18.55 -3.64
C LYS L 106 -8.83 -18.39 -2.88
N LEU L 107 -8.76 -18.51 -1.56
CA LEU L 107 -9.94 -18.37 -0.70
C LEU L 107 -10.09 -16.96 -0.14
N ASP L 108 -9.11 -16.50 0.65
CA ASP L 108 -9.21 -15.23 1.32
C ASP L 108 -7.83 -14.59 1.42
N ASP L 109 -7.82 -13.28 1.70
CA ASP L 109 -6.60 -12.54 1.98
C ASP L 109 -6.40 -12.50 3.49
N THR L 110 -5.36 -13.18 3.97
CA THR L 110 -5.12 -13.34 5.40
C THR L 110 -4.11 -12.36 5.97
N GLU L 111 -3.59 -11.44 5.16
CA GLU L 111 -2.66 -10.44 5.66
C GLU L 111 -3.35 -9.53 6.67
N ASN L 112 -4.58 -9.11 6.36
CA ASN L 112 -5.39 -8.29 7.25
C ASN L 112 -6.85 -8.68 7.05
N ALA L 113 -7.52 -9.03 8.13
CA ALA L 113 -8.88 -9.55 8.05
C ALA L 113 -9.73 -8.95 9.16
N SER L 114 -11.02 -8.75 8.87
CA SER L 114 -11.95 -8.17 9.82
C SER L 114 -13.23 -8.97 10.00
N ALA L 115 -13.49 -9.98 9.17
CA ALA L 115 -14.65 -10.83 9.31
C ALA L 115 -14.24 -12.27 9.09
N TYR L 116 -15.04 -13.20 9.61
CA TYR L 116 -14.71 -14.61 9.59
C TYR L 116 -15.53 -15.31 8.51
N ALA L 117 -14.89 -16.21 7.76
CA ALA L 117 -15.53 -16.92 6.67
C ALA L 117 -16.21 -18.17 7.23
N ALA L 118 -17.49 -18.03 7.56
CA ALA L 118 -18.23 -19.07 8.25
C ALA L 118 -19.04 -19.98 7.32
N ASN L 119 -19.02 -19.72 6.01
CA ASN L 119 -19.78 -20.51 5.06
C ASN L 119 -18.89 -20.95 3.91
N ALA L 120 -19.09 -22.19 3.46
CA ALA L 120 -18.34 -22.77 2.36
C ALA L 120 -19.19 -22.79 1.09
N GLY L 121 -18.51 -22.61 -0.04
CA GLY L 121 -19.17 -22.59 -1.33
C GLY L 121 -18.75 -23.78 -2.19
N VAL L 122 -19.20 -23.74 -3.44
CA VAL L 122 -18.88 -24.79 -4.40
C VAL L 122 -17.63 -24.46 -5.21
N ASP L 123 -17.47 -23.21 -5.62
CA ASP L 123 -16.34 -22.78 -6.43
C ASP L 123 -15.95 -21.37 -6.02
N ASN L 124 -14.75 -21.22 -5.45
CA ASN L 124 -14.27 -19.94 -4.96
C ASN L 124 -13.02 -19.48 -5.70
N ARG L 125 -12.85 -19.93 -6.94
CA ARG L 125 -11.63 -19.67 -7.68
C ARG L 125 -11.65 -18.27 -8.29
N GLU L 126 -10.47 -17.67 -8.43
CA GLU L 126 -10.33 -16.28 -8.83
C GLU L 126 -9.35 -16.16 -9.99
N CYS L 127 -9.33 -14.97 -10.59
CA CYS L 127 -8.41 -14.63 -11.68
C CYS L 127 -7.27 -13.82 -11.09
N ILE L 128 -6.11 -14.44 -10.91
CA ILE L 128 -5.00 -13.84 -10.17
C ILE L 128 -3.74 -13.91 -11.02
N SER L 129 -2.97 -12.82 -11.03
CA SER L 129 -1.68 -12.77 -11.69
C SER L 129 -0.62 -12.27 -10.73
N MET L 130 0.64 -12.59 -11.03
CA MET L 130 1.77 -12.08 -10.28
C MET L 130 3.01 -12.10 -11.16
N ASP L 131 4.08 -11.50 -10.64
CA ASP L 131 5.40 -11.56 -11.26
C ASP L 131 6.30 -12.45 -10.43
N TYR L 132 7.16 -13.21 -11.11
CA TYR L 132 7.94 -14.27 -10.50
C TYR L 132 9.20 -13.71 -9.84
N LYS L 133 10.03 -14.61 -9.31
CA LYS L 133 11.30 -14.20 -8.72
C LYS L 133 12.32 -13.91 -9.83
N GLN L 134 13.38 -13.22 -9.44
CA GLN L 134 14.42 -12.80 -10.36
C GLN L 134 15.58 -13.79 -10.32
N THR L 135 16.03 -14.23 -11.49
CA THR L 135 17.06 -15.25 -11.59
C THR L 135 17.90 -15.04 -12.84
N GLN L 136 19.22 -15.15 -12.69
CA GLN L 136 20.16 -15.24 -13.80
C GLN L 136 21.12 -16.37 -13.51
N LEU L 137 21.47 -17.15 -14.53
CA LEU L 137 22.48 -18.18 -14.33
C LEU L 137 23.09 -18.57 -15.67
N CYS L 138 24.38 -18.91 -15.62
CA CYS L 138 25.11 -19.42 -16.77
C CYS L 138 25.98 -20.58 -16.33
N LEU L 139 25.93 -21.70 -17.06
CA LEU L 139 26.75 -22.87 -16.81
C LEU L 139 27.45 -23.28 -18.10
N ILE L 140 28.72 -23.67 -17.99
CA ILE L 140 29.49 -24.10 -19.15
C ILE L 140 30.12 -25.46 -18.84
N GLY L 141 30.02 -26.40 -19.78
CA GLY L 141 30.61 -27.69 -19.57
C GLY L 141 30.77 -28.44 -20.89
N CYS L 142 31.21 -29.70 -20.77
CA CYS L 142 31.26 -30.59 -21.93
C CYS L 142 30.25 -31.73 -21.83
N LYS L 143 29.42 -31.75 -20.80
CA LYS L 143 28.33 -32.69 -20.66
C LYS L 143 27.06 -31.97 -20.25
N PRO L 144 25.89 -32.51 -20.59
CA PRO L 144 24.65 -31.80 -20.30
C PRO L 144 24.44 -31.66 -18.81
N PRO L 145 23.75 -30.60 -18.38
CA PRO L 145 23.61 -30.35 -16.94
C PRO L 145 22.66 -31.33 -16.26
N ILE L 146 22.66 -31.27 -14.94
CA ILE L 146 21.86 -32.16 -14.09
C ILE L 146 21.00 -31.29 -13.17
N GLY L 147 19.71 -31.63 -13.09
CA GLY L 147 18.77 -30.92 -12.24
C GLY L 147 18.06 -31.85 -11.28
N GLU L 148 17.38 -31.26 -10.31
CA GLU L 148 16.70 -32.00 -9.25
C GLU L 148 15.28 -31.46 -9.05
N HIS L 149 14.37 -32.35 -8.69
CA HIS L 149 13.01 -31.94 -8.36
C HIS L 149 12.36 -32.95 -7.43
N TRP L 150 11.19 -32.59 -6.92
CA TRP L 150 10.41 -33.46 -6.05
C TRP L 150 9.33 -34.16 -6.85
N GLY L 151 9.24 -35.48 -6.69
CA GLY L 151 8.24 -36.27 -7.39
C GLY L 151 7.64 -37.32 -6.48
N LYS L 152 6.74 -38.11 -7.05
CA LYS L 152 6.10 -39.19 -6.32
C LYS L 152 7.03 -40.39 -6.18
N GLY L 153 6.86 -41.13 -5.10
CA GLY L 153 7.61 -42.33 -4.83
C GLY L 153 6.74 -43.57 -4.88
N SER L 154 7.39 -44.71 -4.66
CA SER L 154 6.70 -45.99 -4.63
C SER L 154 6.27 -46.29 -3.21
N PRO L 155 4.97 -46.39 -2.92
CA PRO L 155 4.52 -46.65 -1.55
C PRO L 155 4.77 -48.10 -1.15
N CYS L 156 4.79 -48.31 0.16
CA CYS L 156 4.91 -49.67 0.69
C CYS L 156 3.62 -50.45 0.46
N THR L 157 3.76 -51.76 0.27
CA THR L 157 2.64 -52.63 -0.02
C THR L 157 2.03 -53.26 1.23
N ASN L 158 2.51 -52.88 2.42
CA ASN L 158 1.97 -53.46 3.64
C ASN L 158 0.50 -53.07 3.84
N VAL L 159 0.14 -51.83 3.54
CA VAL L 159 -1.21 -51.33 3.75
C VAL L 159 -1.71 -50.74 2.43
N ALA L 160 -3.03 -50.76 2.27
CA ALA L 160 -3.65 -50.23 1.06
C ALA L 160 -3.71 -48.71 1.10
N VAL L 161 -3.95 -48.11 -0.06
CA VAL L 161 -3.98 -46.66 -0.23
C VAL L 161 -5.37 -46.26 -0.69
N ASN L 162 -6.02 -45.36 0.06
CA ASN L 162 -7.35 -44.87 -0.28
C ASN L 162 -7.24 -43.60 -1.12
N PRO L 163 -8.23 -43.36 -1.98
CA PRO L 163 -8.27 -42.09 -2.72
C PRO L 163 -8.23 -40.89 -1.77
N GLY L 164 -7.50 -39.86 -2.19
CA GLY L 164 -7.38 -38.64 -1.41
C GLY L 164 -6.21 -38.60 -0.44
N ASP L 165 -5.39 -39.65 -0.40
CA ASP L 165 -4.26 -39.69 0.50
C ASP L 165 -3.11 -38.84 -0.03
N CYS L 166 -2.22 -38.47 0.88
CA CYS L 166 -1.07 -37.65 0.51
C CYS L 166 -0.09 -38.47 -0.31
N PRO L 167 0.31 -38.01 -1.50
CA PRO L 167 1.30 -38.76 -2.28
C PRO L 167 2.64 -38.77 -1.57
N PRO L 168 3.40 -39.85 -1.67
CA PRO L 168 4.76 -39.86 -1.11
C PRO L 168 5.71 -39.03 -1.95
N LEU L 169 6.76 -38.54 -1.31
CA LEU L 169 7.67 -37.58 -1.91
C LEU L 169 9.09 -38.14 -1.95
N GLU L 170 9.77 -37.92 -3.08
CA GLU L 170 11.18 -38.28 -3.21
C GLU L 170 11.86 -37.28 -4.11
N LEU L 171 13.19 -37.25 -4.04
CA LEU L 171 14.02 -36.31 -4.79
C LEU L 171 14.63 -37.02 -5.99
N ILE L 172 14.45 -36.44 -7.18
CA ILE L 172 14.78 -37.09 -8.44
C ILE L 172 15.75 -36.21 -9.20
N ASN L 173 16.81 -36.82 -9.74
CA ASN L 173 17.81 -36.15 -10.55
C ASN L 173 17.62 -36.53 -12.01
N THR L 174 17.60 -35.53 -12.88
CA THR L 174 17.39 -35.72 -14.32
C THR L 174 18.36 -34.82 -15.07
N VAL L 175 18.27 -34.87 -16.40
CA VAL L 175 19.09 -34.03 -17.29
C VAL L 175 18.25 -32.87 -17.76
N ILE L 176 18.78 -31.66 -17.63
CA ILE L 176 18.08 -30.45 -18.07
C ILE L 176 18.16 -30.36 -19.59
N GLN L 177 17.02 -30.13 -20.24
CA GLN L 177 16.94 -30.00 -21.68
C GLN L 177 16.42 -28.61 -22.06
N ASP L 178 16.53 -28.30 -23.34
CA ASP L 178 16.09 -26.99 -23.84
C ASP L 178 14.57 -26.89 -23.73
N GLY L 179 14.09 -25.81 -23.11
CA GLY L 179 12.67 -25.59 -22.94
C GLY L 179 12.10 -25.97 -21.59
N ASP L 180 12.92 -26.45 -20.67
CA ASP L 180 12.45 -26.77 -19.33
C ASP L 180 12.14 -25.48 -18.57
N MET L 181 11.42 -25.64 -17.46
CA MET L 181 11.00 -24.50 -16.65
C MET L 181 11.89 -24.37 -15.41
N VAL L 182 12.25 -23.13 -15.10
CA VAL L 182 13.04 -22.84 -13.92
C VAL L 182 12.09 -22.53 -12.76
N ASP L 183 12.62 -22.59 -11.54
CA ASP L 183 11.81 -22.28 -10.36
C ASP L 183 11.36 -20.83 -10.36
N THR L 184 10.11 -20.61 -9.97
CA THR L 184 9.48 -19.31 -10.03
C THR L 184 9.06 -18.78 -8.66
N GLY L 185 9.40 -19.47 -7.58
CA GLY L 185 8.97 -19.10 -6.25
C GLY L 185 7.97 -20.04 -5.61
N PHE L 186 7.69 -21.19 -6.22
CA PHE L 186 6.77 -22.16 -5.65
C PHE L 186 7.45 -23.49 -5.32
N GLY L 187 8.71 -23.66 -5.67
CA GLY L 187 9.44 -24.89 -5.39
C GLY L 187 9.77 -25.66 -6.66
N ALA L 188 10.61 -26.67 -6.49
CA ALA L 188 11.06 -27.54 -7.56
C ALA L 188 10.31 -28.86 -7.45
N MET L 189 9.13 -28.93 -8.05
CA MET L 189 8.28 -30.10 -7.96
C MET L 189 7.60 -30.36 -9.30
N ASP L 190 7.06 -31.56 -9.44
CA ASP L 190 6.26 -31.94 -10.59
C ASP L 190 4.82 -31.55 -10.30
N PHE L 191 4.34 -30.47 -10.94
CA PHE L 191 3.00 -29.98 -10.66
C PHE L 191 1.93 -30.83 -11.32
N THR L 192 2.28 -31.66 -12.30
CA THR L 192 1.29 -32.49 -12.96
C THR L 192 0.85 -33.66 -12.09
N THR L 193 1.79 -34.29 -11.39
CA THR L 193 1.50 -35.48 -10.62
C THR L 193 1.19 -35.21 -9.16
N LEU L 194 1.69 -34.11 -8.60
CA LEU L 194 1.49 -33.79 -7.19
C LEU L 194 0.31 -32.86 -6.95
N GLN L 195 -0.34 -32.38 -8.01
CA GLN L 195 -1.50 -31.50 -7.88
C GLN L 195 -2.56 -31.99 -8.86
N ALA L 196 -3.78 -32.20 -8.35
CA ALA L 196 -4.83 -32.81 -9.15
C ALA L 196 -5.92 -31.85 -9.60
N ASN L 197 -6.08 -30.71 -8.94
CA ASN L 197 -7.14 -29.77 -9.29
C ASN L 197 -6.76 -28.82 -10.42
N LYS L 198 -5.49 -28.78 -10.80
CA LYS L 198 -5.00 -28.00 -11.94
C LYS L 198 -5.21 -26.50 -11.77
N SER L 199 -5.34 -26.02 -10.53
CA SER L 199 -5.71 -24.63 -10.30
C SER L 199 -4.93 -24.00 -9.14
N GLU L 200 -3.69 -24.45 -8.92
CA GLU L 200 -2.90 -23.94 -7.80
C GLU L 200 -1.72 -23.08 -8.20
N VAL L 201 -1.24 -23.19 -9.45
CA VAL L 201 -0.13 -22.38 -9.94
C VAL L 201 -0.51 -21.86 -11.33
N PRO L 202 0.15 -20.79 -11.79
CA PRO L 202 -0.22 -20.19 -13.08
C PRO L 202 -0.11 -21.15 -14.25
N LEU L 203 -0.59 -20.65 -15.41
CA LEU L 203 -0.84 -21.50 -16.57
C LEU L 203 0.41 -22.04 -17.24
N ASP L 204 1.56 -21.38 -17.06
CA ASP L 204 2.78 -21.83 -17.74
C ASP L 204 3.59 -22.84 -16.93
N ILE L 205 3.17 -23.17 -15.71
CA ILE L 205 3.83 -24.19 -14.91
C ILE L 205 2.85 -25.20 -14.33
N CYS L 206 1.55 -25.07 -14.60
CA CYS L 206 0.57 -25.94 -13.97
C CYS L 206 0.62 -27.37 -14.47
N THR L 207 1.28 -27.62 -15.59
CA THR L 207 1.42 -28.97 -16.14
C THR L 207 2.86 -29.28 -16.51
N SER L 208 3.82 -28.69 -15.78
CA SER L 208 5.22 -28.81 -16.10
C SER L 208 6.01 -29.20 -14.84
N ILE L 209 7.30 -29.45 -15.03
CA ILE L 209 8.23 -29.72 -13.94
C ILE L 209 9.19 -28.54 -13.84
N CYS L 210 9.35 -28.01 -12.63
CA CYS L 210 10.35 -26.99 -12.35
C CYS L 210 11.57 -27.68 -11.74
N LYS L 211 12.74 -27.43 -12.32
CA LYS L 211 13.97 -28.08 -11.91
C LYS L 211 14.98 -27.05 -11.42
N TYR L 212 15.78 -27.45 -10.44
CA TYR L 212 16.87 -26.65 -9.92
C TYR L 212 18.20 -27.35 -10.18
N PRO L 213 19.23 -26.60 -10.57
CA PRO L 213 20.53 -27.24 -10.83
C PRO L 213 21.08 -27.92 -9.59
N ASP L 214 21.69 -29.09 -9.79
CA ASP L 214 22.28 -29.87 -8.70
C ASP L 214 23.76 -29.53 -8.61
N TYR L 215 24.06 -28.39 -7.98
CA TYR L 215 25.44 -27.93 -7.86
C TYR L 215 26.27 -28.90 -7.02
N ILE L 216 25.72 -29.38 -5.91
CA ILE L 216 26.49 -30.24 -5.00
C ILE L 216 26.90 -31.53 -5.69
N LYS L 217 25.98 -32.14 -6.46
CA LYS L 217 26.32 -33.36 -7.17
C LYS L 217 27.24 -33.09 -8.36
N MET L 218 27.07 -31.94 -9.02
CA MET L 218 27.92 -31.59 -10.15
C MET L 218 29.37 -31.34 -9.75
N VAL L 219 29.60 -30.67 -8.61
CA VAL L 219 30.98 -30.37 -8.21
C VAL L 219 31.66 -31.56 -7.55
N SER L 220 30.89 -32.56 -7.11
CA SER L 220 31.45 -33.75 -6.48
C SER L 220 31.79 -34.85 -7.48
N GLU L 221 31.57 -34.60 -8.77
CA GLU L 221 31.91 -35.59 -9.78
C GLU L 221 33.43 -35.78 -9.84
N PRO L 222 33.92 -37.02 -9.87
CA PRO L 222 35.38 -37.23 -9.83
C PRO L 222 36.14 -36.57 -10.97
N TYR L 223 35.57 -36.56 -12.18
CA TYR L 223 36.29 -36.02 -13.33
C TYR L 223 35.98 -34.56 -13.61
N GLY L 224 34.85 -34.05 -13.14
CA GLY L 224 34.51 -32.65 -13.32
C GLY L 224 34.29 -32.23 -14.77
N ASP L 225 33.65 -33.08 -15.56
CA ASP L 225 33.37 -32.78 -16.95
C ASP L 225 32.08 -31.98 -17.14
N SER L 226 31.14 -32.07 -16.21
CA SER L 226 29.84 -31.46 -16.37
C SER L 226 29.81 -29.99 -15.99
N LEU L 227 30.90 -29.44 -15.46
CA LEU L 227 30.89 -28.04 -15.01
C LEU L 227 32.32 -27.51 -15.01
N PHE L 228 32.63 -26.63 -15.96
CA PHE L 228 33.87 -25.87 -15.94
C PHE L 228 33.73 -24.52 -15.25
N PHE L 229 32.55 -23.90 -15.36
CA PHE L 229 32.35 -22.53 -14.92
C PHE L 229 30.86 -22.30 -14.73
N TYR L 230 30.50 -21.50 -13.72
CA TYR L 230 29.10 -21.22 -13.47
C TYR L 230 28.96 -19.91 -12.71
N LEU L 231 27.89 -19.17 -13.02
CA LEU L 231 27.48 -17.98 -12.29
C LEU L 231 25.99 -18.05 -12.02
N ARG L 232 25.58 -17.54 -10.86
CA ARG L 232 24.18 -17.54 -10.46
C ARG L 232 23.88 -16.28 -9.67
N ARG L 233 22.63 -15.83 -9.76
CA ARG L 233 22.17 -14.67 -8.98
C ARG L 233 20.65 -14.66 -8.95
N GLU L 234 20.06 -14.78 -7.77
CA GLU L 234 18.62 -14.87 -7.63
C GLU L 234 18.13 -14.09 -6.41
N GLN L 235 16.88 -13.62 -6.49
CA GLN L 235 16.30 -12.81 -5.43
C GLN L 235 14.78 -12.80 -5.55
N MET L 236 14.11 -12.62 -4.41
CA MET L 236 12.65 -12.57 -4.35
C MET L 236 12.21 -12.03 -3.00
N PHE L 237 10.94 -11.64 -2.93
CA PHE L 237 10.28 -11.31 -1.67
C PHE L 237 8.79 -11.64 -1.80
N VAL L 238 8.04 -11.36 -0.72
CA VAL L 238 6.64 -11.77 -0.59
C VAL L 238 5.75 -10.55 -0.74
N ARG L 239 4.74 -10.64 -1.60
CA ARG L 239 3.80 -9.55 -1.80
C ARG L 239 2.44 -9.78 -1.15
N HIS L 240 1.88 -10.98 -1.26
CA HIS L 240 0.53 -11.24 -0.77
C HIS L 240 0.50 -12.54 0.00
N LEU L 241 -0.46 -12.65 0.92
CA LEU L 241 -0.65 -13.82 1.76
C LEU L 241 -2.10 -14.25 1.66
N PHE L 242 -2.34 -15.49 1.20
CA PHE L 242 -3.68 -15.97 0.91
C PHE L 242 -3.93 -17.31 1.61
N ASN L 243 -5.15 -17.81 1.45
CA ASN L 243 -5.60 -19.14 1.84
C ASN L 243 -5.83 -20.00 0.60
N ARG L 244 -6.19 -21.25 0.85
CA ARG L 244 -6.61 -22.19 -0.18
C ARG L 244 -7.95 -22.80 0.22
N ALA L 245 -8.73 -23.20 -0.77
CA ALA L 245 -10.04 -23.78 -0.57
C ALA L 245 -10.03 -25.25 -0.94
N GLY L 246 -10.74 -26.05 -0.16
CA GLY L 246 -10.79 -27.48 -0.40
C GLY L 246 -11.14 -28.20 0.89
N ALA L 247 -10.99 -29.52 0.85
CA ALA L 247 -11.17 -30.33 2.04
C ALA L 247 -9.87 -30.41 2.82
N VAL L 248 -9.98 -30.57 4.13
CA VAL L 248 -8.82 -30.56 5.02
C VAL L 248 -8.24 -31.97 5.07
N GLY L 249 -7.01 -32.12 4.59
CA GLY L 249 -6.35 -33.42 4.62
C GLY L 249 -5.95 -33.84 6.02
N ASP L 250 -5.35 -32.92 6.78
CA ASP L 250 -4.88 -33.20 8.13
C ASP L 250 -5.47 -32.18 9.09
N ASN L 251 -6.12 -32.66 10.14
CA ASN L 251 -6.77 -31.79 11.12
C ASN L 251 -5.75 -31.19 12.07
N VAL L 252 -6.02 -29.95 12.49
CA VAL L 252 -5.21 -29.30 13.52
C VAL L 252 -5.41 -30.02 14.85
N PRO L 253 -4.34 -30.32 15.59
CA PRO L 253 -4.52 -30.97 16.90
C PRO L 253 -5.33 -30.11 17.85
N ASP L 254 -6.09 -30.79 18.71
CA ASP L 254 -7.03 -30.11 19.60
C ASP L 254 -6.33 -29.36 20.73
N ASP L 255 -5.04 -29.58 20.94
CA ASP L 255 -4.31 -28.94 22.03
C ASP L 255 -3.56 -27.70 21.61
N LEU L 256 -3.84 -27.17 20.42
CA LEU L 256 -3.19 -25.96 19.92
C LEU L 256 -4.11 -24.75 19.90
N TYR L 257 -5.38 -24.89 20.29
CA TYR L 257 -6.32 -23.79 20.22
C TYR L 257 -7.47 -24.07 21.18
N ILE L 258 -8.26 -23.03 21.43
CA ILE L 258 -9.48 -23.12 22.23
C ILE L 258 -10.67 -22.90 21.29
N LYS L 259 -11.65 -23.79 21.38
CA LYS L 259 -12.77 -23.77 20.45
C LYS L 259 -13.64 -22.53 20.63
N GLY L 260 -14.14 -22.01 19.52
CA GLY L 260 -15.01 -20.85 19.52
C GLY L 260 -16.47 -21.21 19.35
N SER L 261 -17.28 -20.18 19.13
CA SER L 261 -18.72 -20.33 19.01
C SER L 261 -19.26 -19.25 18.10
N GLY L 262 -20.42 -19.52 17.51
CA GLY L 262 -21.06 -18.58 16.60
C GLY L 262 -20.44 -18.57 15.23
N SER L 263 -19.78 -17.46 14.86
CA SER L 263 -19.10 -17.40 13.57
C SER L 263 -17.84 -18.26 13.57
N THR L 264 -17.20 -18.43 14.72
CA THR L 264 -15.96 -19.18 14.82
C THR L 264 -16.17 -20.60 15.34
N ALA L 265 -17.34 -21.18 15.08
CA ALA L 265 -17.60 -22.55 15.49
C ALA L 265 -16.70 -23.53 14.76
N ASN L 266 -16.46 -23.30 13.48
CA ASN L 266 -15.56 -24.10 12.68
C ASN L 266 -14.29 -23.31 12.37
N LEU L 267 -13.27 -24.01 11.89
CA LEU L 267 -11.96 -23.42 11.64
C LEU L 267 -11.79 -23.07 10.17
N ALA L 268 -11.09 -21.98 9.93
CA ALA L 268 -10.74 -21.57 8.57
C ALA L 268 -9.50 -22.32 8.09
N SER L 269 -9.19 -22.14 6.81
CA SER L 269 -8.10 -22.89 6.19
C SER L 269 -6.74 -22.48 6.77
N SER L 270 -5.89 -23.48 6.98
CA SER L 270 -4.52 -23.27 7.44
C SER L 270 -3.49 -23.60 6.36
N ASN L 271 -3.92 -23.68 5.10
CA ASN L 271 -3.01 -23.92 3.98
C ASN L 271 -2.63 -22.59 3.35
N TYR L 272 -1.79 -21.86 4.08
CA TYR L 272 -1.35 -20.54 3.64
C TYR L 272 -0.30 -20.67 2.54
N PHE L 273 -0.38 -19.79 1.54
CA PHE L 273 0.64 -19.71 0.52
C PHE L 273 0.93 -18.25 0.17
N PRO L 274 2.19 -17.90 -0.06
CA PRO L 274 2.54 -16.52 -0.40
C PRO L 274 2.58 -16.29 -1.92
N THR L 275 2.68 -15.02 -2.29
CA THR L 275 2.84 -14.60 -3.67
C THR L 275 4.25 -14.07 -3.88
N PRO L 276 5.04 -14.68 -4.75
CA PRO L 276 6.42 -14.23 -4.94
C PRO L 276 6.51 -12.94 -5.74
N SER L 277 7.66 -12.30 -5.64
CA SER L 277 7.91 -11.08 -6.42
C SER L 277 9.40 -10.86 -6.53
N GLY L 278 9.93 -10.90 -7.75
CA GLY L 278 11.23 -10.31 -8.00
C GLY L 278 11.15 -8.80 -7.87
N SER L 279 12.23 -8.20 -7.37
CA SER L 279 12.13 -6.80 -6.97
C SER L 279 12.25 -5.85 -8.15
N MET L 280 13.42 -5.84 -8.80
CA MET L 280 13.72 -4.73 -9.68
C MET L 280 14.95 -5.05 -10.50
N VAL L 281 14.89 -4.74 -11.80
CA VAL L 281 15.96 -5.04 -12.73
C VAL L 281 16.79 -3.78 -12.94
N THR L 282 18.12 -3.93 -12.89
CA THR L 282 19.03 -2.82 -13.07
C THR L 282 20.16 -3.25 -14.00
N SER L 283 20.79 -2.26 -14.64
CA SER L 283 21.92 -2.55 -15.52
C SER L 283 23.18 -2.92 -14.76
N ASP L 284 23.30 -2.50 -13.50
CA ASP L 284 24.52 -2.74 -12.73
C ASP L 284 24.60 -4.16 -12.20
N ALA L 285 23.49 -4.89 -12.18
CA ALA L 285 23.44 -6.24 -11.63
C ALA L 285 23.44 -7.31 -12.71
N GLN L 286 23.77 -6.95 -13.94
CA GLN L 286 23.74 -7.89 -15.06
C GLN L 286 25.03 -8.70 -15.13
N ILE L 287 24.89 -10.00 -15.37
CA ILE L 287 26.03 -10.89 -15.53
C ILE L 287 26.32 -11.20 -16.99
N PHE L 288 25.49 -10.72 -17.91
CA PHE L 288 25.66 -11.00 -19.34
C PHE L 288 26.32 -9.81 -20.03
N ASN L 289 26.65 -10.01 -21.30
CA ASN L 289 27.38 -9.03 -22.13
C ASN L 289 28.74 -8.71 -21.53
N LYS L 290 29.33 -9.67 -20.82
CA LYS L 290 30.65 -9.55 -20.23
C LYS L 290 31.48 -10.79 -20.58
N PRO L 291 32.75 -10.62 -20.90
CA PRO L 291 33.59 -11.78 -21.22
C PRO L 291 34.05 -12.51 -19.98
N TYR L 292 34.10 -13.83 -20.09
CA TYR L 292 34.58 -14.71 -19.03
C TYR L 292 35.86 -15.38 -19.48
N TRP L 293 36.89 -15.31 -18.65
CA TRP L 293 38.16 -15.95 -18.92
C TRP L 293 38.29 -17.19 -18.04
N LEU L 294 38.53 -18.34 -18.68
CA LEU L 294 38.61 -19.63 -17.98
C LEU L 294 40.09 -19.95 -17.74
N GLN L 295 40.63 -19.36 -16.69
CA GLN L 295 42.04 -19.57 -16.36
C GLN L 295 42.27 -20.92 -15.70
N ARG L 296 41.53 -21.22 -14.64
CA ARG L 296 41.72 -22.46 -13.89
C ARG L 296 40.38 -22.93 -13.37
N ALA L 297 39.91 -24.06 -13.87
CA ALA L 297 38.65 -24.63 -13.41
C ALA L 297 38.82 -25.24 -12.03
N GLN L 298 37.68 -25.42 -11.34
CA GLN L 298 37.72 -25.98 -9.99
C GLN L 298 38.04 -27.47 -10.01
N GLY L 299 37.43 -28.22 -10.92
CA GLY L 299 37.62 -29.65 -11.00
C GLY L 299 38.91 -30.01 -11.70
N HIS L 300 39.06 -31.32 -11.96
CA HIS L 300 40.28 -31.80 -12.60
C HIS L 300 40.31 -31.50 -14.09
N ASN L 301 39.15 -31.40 -14.74
CA ASN L 301 39.09 -31.01 -16.13
C ASN L 301 39.19 -29.50 -16.24
N ASN L 302 40.11 -29.02 -17.09
CA ASN L 302 40.44 -27.61 -17.18
C ASN L 302 40.07 -27.01 -18.53
N GLY L 303 38.87 -27.32 -19.01
CA GLY L 303 38.37 -26.74 -20.23
C GLY L 303 38.56 -27.55 -21.49
N ILE L 304 38.98 -28.81 -21.37
CA ILE L 304 39.17 -29.65 -22.54
C ILE L 304 37.82 -30.17 -23.01
N CYS L 305 37.53 -29.96 -24.29
CA CYS L 305 36.23 -30.33 -24.87
C CYS L 305 36.38 -31.69 -25.55
N TRP L 306 36.25 -32.75 -24.75
CA TRP L 306 36.35 -34.10 -25.26
C TRP L 306 35.20 -34.39 -26.21
N GLY L 307 35.52 -35.05 -27.32
CA GLY L 307 34.51 -35.39 -28.31
C GLY L 307 34.07 -34.26 -29.21
N ASN L 308 34.76 -33.11 -29.16
CA ASN L 308 34.42 -31.94 -29.98
C ASN L 308 32.98 -31.51 -29.72
N GLN L 309 32.73 -31.13 -28.48
CA GLN L 309 31.36 -30.92 -28.00
C GLN L 309 31.39 -29.96 -26.82
N LEU L 310 30.43 -29.02 -26.80
CA LEU L 310 30.32 -28.07 -25.72
C LEU L 310 28.86 -27.89 -25.34
N PHE L 311 28.61 -27.55 -24.08
CA PHE L 311 27.25 -27.33 -23.57
C PHE L 311 27.22 -26.01 -22.81
N VAL L 312 26.26 -25.16 -23.16
CA VAL L 312 26.08 -23.87 -22.50
C VAL L 312 24.63 -23.76 -22.05
N THR L 313 24.42 -23.53 -20.76
CA THR L 313 23.09 -23.39 -20.18
C THR L 313 22.90 -21.97 -19.70
N VAL L 314 21.80 -21.34 -20.10
CA VAL L 314 21.52 -19.94 -19.84
C VAL L 314 20.11 -19.79 -19.31
N VAL L 315 19.94 -19.02 -18.24
CA VAL L 315 18.65 -18.55 -17.75
C VAL L 315 18.76 -17.06 -17.46
N ASP L 316 17.80 -16.29 -17.97
CA ASP L 316 17.81 -14.84 -17.78
C ASP L 316 16.37 -14.34 -17.80
N THR L 317 15.83 -14.01 -16.63
CA THR L 317 14.47 -13.50 -16.51
C THR L 317 14.42 -11.98 -16.45
N THR L 318 15.53 -11.30 -16.71
CA THR L 318 15.58 -9.84 -16.64
C THR L 318 15.15 -9.17 -17.94
N ARG L 319 14.89 -9.95 -18.99
CA ARG L 319 14.31 -9.46 -20.24
C ARG L 319 13.14 -10.37 -20.57
N SER L 320 11.97 -10.06 -20.00
CA SER L 320 10.82 -10.94 -20.15
C SER L 320 9.55 -10.16 -20.46
N THR L 321 9.66 -9.08 -21.22
CA THR L 321 8.49 -8.28 -21.58
C THR L 321 7.67 -9.00 -22.65
N ASN L 322 6.37 -9.15 -22.39
CA ASN L 322 5.44 -9.72 -23.36
C ASN L 322 4.73 -8.59 -24.09
N MET L 323 4.66 -8.71 -25.41
CA MET L 323 4.08 -7.69 -26.27
C MET L 323 2.61 -8.02 -26.53
N SER L 324 1.76 -6.99 -26.43
CA SER L 324 0.34 -7.11 -26.71
C SER L 324 0.06 -6.64 -28.13
N LEU L 325 -0.66 -7.45 -28.89
CA LEU L 325 -1.00 -7.15 -30.28
C LEU L 325 -2.51 -7.12 -30.42
N CYS L 326 -3.00 -6.22 -31.27
CA CYS L 326 -4.44 -6.06 -31.48
C CYS L 326 -4.75 -6.02 -32.96
N ALA L 327 -5.77 -6.76 -33.38
CA ALA L 327 -6.18 -6.81 -34.77
C ALA L 327 -7.67 -6.46 -34.88
N ALA L 328 -8.00 -5.64 -35.88
CA ALA L 328 -9.35 -5.14 -36.06
C ALA L 328 -10.13 -6.04 -36.99
N ILE L 329 -11.30 -6.50 -36.54
CA ILE L 329 -12.13 -7.38 -37.36
C ILE L 329 -12.86 -6.57 -38.43
N SER L 330 -13.56 -5.51 -38.02
CA SER L 330 -14.25 -4.61 -38.94
C SER L 330 -13.85 -3.18 -38.63
N THR L 331 -13.51 -2.42 -39.65
CA THR L 331 -13.07 -1.04 -39.50
C THR L 331 -14.12 -0.03 -39.95
N SER L 332 -15.37 -0.47 -40.15
CA SER L 332 -16.44 0.39 -40.65
C SER L 332 -17.32 0.90 -39.53
N GLU L 333 -16.73 1.13 -38.35
CA GLU L 333 -17.47 1.63 -37.20
C GLU L 333 -16.68 2.79 -36.57
N THR L 334 -17.38 3.87 -36.26
CA THR L 334 -16.77 5.05 -35.66
C THR L 334 -16.89 5.08 -34.15
N THR L 335 -17.51 4.07 -33.54
CA THR L 335 -17.63 3.99 -32.09
C THR L 335 -17.01 2.68 -31.60
N TYR L 336 -16.30 2.76 -30.49
CA TYR L 336 -15.55 1.61 -29.99
C TYR L 336 -16.47 0.54 -29.43
N LYS L 337 -16.26 -0.71 -29.85
CA LYS L 337 -16.93 -1.88 -29.30
C LYS L 337 -15.90 -2.94 -28.96
N ASN L 338 -16.11 -3.63 -27.84
CA ASN L 338 -15.14 -4.64 -27.41
C ASN L 338 -15.04 -5.80 -28.41
N THR L 339 -16.13 -6.10 -29.12
CA THR L 339 -16.20 -7.26 -29.99
C THR L 339 -15.62 -7.02 -31.38
N ASN L 340 -15.10 -5.82 -31.65
CA ASN L 340 -14.54 -5.49 -32.95
C ASN L 340 -13.03 -5.65 -33.02
N PHE L 341 -12.39 -6.11 -31.94
CA PHE L 341 -10.94 -6.24 -31.88
C PHE L 341 -10.56 -7.57 -31.23
N LYS L 342 -9.41 -8.10 -31.63
CA LYS L 342 -8.87 -9.34 -31.09
C LYS L 342 -7.50 -9.07 -30.50
N GLU L 343 -7.20 -9.75 -29.38
CA GLU L 343 -6.00 -9.52 -28.59
C GLU L 343 -5.10 -10.74 -28.61
N TYR L 344 -3.79 -10.50 -28.71
CA TYR L 344 -2.80 -11.57 -28.76
C TYR L 344 -1.59 -11.18 -27.91
N LEU L 345 -0.84 -12.19 -27.48
CA LEU L 345 0.38 -12.01 -26.69
C LEU L 345 1.54 -12.69 -27.39
N ARG L 346 2.69 -12.02 -27.44
CA ARG L 346 3.89 -12.57 -28.08
C ARG L 346 5.11 -12.28 -27.22
N HIS L 347 6.14 -13.11 -27.39
CA HIS L 347 7.43 -12.91 -26.73
C HIS L 347 8.55 -13.23 -27.70
N GLY L 348 9.52 -12.34 -27.79
CA GLY L 348 10.68 -12.53 -28.64
C GLY L 348 11.97 -12.43 -27.86
N GLU L 349 12.94 -13.25 -28.25
CA GLU L 349 14.16 -13.41 -27.48
C GLU L 349 15.35 -13.55 -28.42
N GLU L 350 16.45 -12.86 -28.08
CA GLU L 350 17.60 -12.70 -28.95
C GLU L 350 18.89 -13.12 -28.25
N TYR L 351 19.76 -13.82 -28.97
CA TYR L 351 20.95 -14.41 -28.41
C TYR L 351 22.15 -14.23 -29.34
N ASP L 352 23.33 -14.24 -28.75
CA ASP L 352 24.60 -14.24 -29.47
C ASP L 352 25.63 -14.96 -28.61
N LEU L 353 26.52 -15.71 -29.24
CA LEU L 353 27.57 -16.42 -28.50
C LEU L 353 28.89 -16.28 -29.23
N GLN L 354 29.98 -16.11 -28.47
CA GLN L 354 31.30 -16.08 -29.08
C GLN L 354 32.34 -16.68 -28.13
N PHE L 355 33.31 -17.36 -28.73
CA PHE L 355 34.24 -18.24 -28.00
C PHE L 355 35.65 -18.07 -28.54
N ILE L 356 36.63 -18.25 -27.66
CA ILE L 356 38.04 -18.36 -28.01
C ILE L 356 38.50 -19.77 -27.64
N PHE L 357 39.13 -20.46 -28.59
CA PHE L 357 39.58 -21.82 -28.39
C PHE L 357 41.09 -21.92 -28.58
N GLN L 358 41.71 -22.83 -27.83
CA GLN L 358 43.14 -23.10 -27.94
C GLN L 358 43.35 -24.55 -28.36
N LEU L 359 44.38 -24.77 -29.18
CA LEU L 359 44.71 -26.10 -29.68
C LEU L 359 45.68 -26.79 -28.73
N CYS L 360 45.39 -28.04 -28.40
CA CYS L 360 46.21 -28.84 -27.51
C CYS L 360 46.54 -30.17 -28.18
N LYS L 361 47.58 -30.82 -27.67
CA LYS L 361 48.00 -32.11 -28.21
C LYS L 361 48.31 -33.06 -27.07
N ILE L 362 48.07 -34.35 -27.32
CA ILE L 362 48.21 -35.40 -26.31
C ILE L 362 49.10 -36.50 -26.87
N THR L 363 50.08 -36.94 -26.08
CA THR L 363 50.94 -38.06 -26.44
C THR L 363 50.33 -39.35 -25.90
N LEU L 364 50.08 -40.31 -26.79
CA LEU L 364 49.37 -41.53 -26.44
C LEU L 364 50.38 -42.62 -26.09
N THR L 365 50.75 -42.68 -24.81
CA THR L 365 51.56 -43.77 -24.29
C THR L 365 50.64 -44.83 -23.69
N ALA L 366 51.23 -45.95 -23.25
CA ALA L 366 50.43 -47.05 -22.73
C ALA L 366 49.66 -46.63 -21.47
N ASP L 367 50.33 -45.95 -20.55
CA ASP L 367 49.66 -45.49 -19.34
C ASP L 367 48.58 -44.47 -19.66
N VAL L 368 48.87 -43.53 -20.56
CA VAL L 368 47.89 -42.53 -20.96
C VAL L 368 46.71 -43.20 -21.65
N MET L 369 46.98 -44.16 -22.53
CA MET L 369 45.91 -44.88 -23.21
C MET L 369 45.02 -45.60 -22.20
N THR L 370 45.62 -46.28 -21.24
CA THR L 370 44.84 -46.99 -20.23
C THR L 370 44.00 -46.02 -19.40
N TYR L 371 44.58 -44.90 -18.98
CA TYR L 371 43.85 -43.93 -18.19
C TYR L 371 42.67 -43.34 -18.96
N ILE L 372 42.89 -42.97 -20.22
CA ILE L 372 41.81 -42.36 -21.00
C ILE L 372 40.72 -43.38 -21.30
N HIS L 373 41.11 -44.64 -21.57
CA HIS L 373 40.11 -45.67 -21.80
C HIS L 373 39.27 -45.91 -20.57
N SER L 374 39.89 -45.92 -19.39
CA SER L 374 39.13 -46.05 -18.15
C SER L 374 38.22 -44.84 -17.93
N MET L 375 38.69 -43.65 -18.31
CA MET L 375 37.88 -42.44 -18.15
C MET L 375 36.68 -42.44 -19.09
N ASN L 376 36.91 -42.74 -20.37
CA ASN L 376 35.85 -42.73 -21.37
C ASN L 376 36.29 -43.59 -22.54
N SER L 377 35.51 -44.63 -22.84
CA SER L 377 35.92 -45.57 -23.88
C SER L 377 35.75 -45.00 -25.28
N THR L 378 34.78 -44.11 -25.48
CA THR L 378 34.46 -43.63 -26.82
C THR L 378 35.53 -42.73 -27.40
N ILE L 379 36.38 -42.12 -26.55
CA ILE L 379 37.38 -41.19 -27.06
C ILE L 379 38.38 -41.89 -27.95
N LEU L 380 38.89 -43.04 -27.51
CA LEU L 380 39.85 -43.79 -28.32
C LEU L 380 39.23 -44.29 -29.61
N GLU L 381 37.97 -44.75 -29.54
CA GLU L 381 37.30 -45.25 -30.74
C GLU L 381 37.07 -44.14 -31.75
N ASP L 382 36.74 -42.93 -31.28
CA ASP L 382 36.54 -41.81 -32.20
C ASP L 382 37.84 -41.44 -32.92
N TRP L 383 38.97 -41.50 -32.23
CA TRP L 383 40.26 -41.17 -32.82
C TRP L 383 40.68 -42.24 -33.82
N PRO L 421 23.75 -41.76 -28.01
CA PRO L 421 23.72 -41.54 -26.56
C PRO L 421 22.72 -40.45 -26.17
N LEU L 422 23.01 -39.21 -26.57
CA LEU L 422 22.11 -38.08 -26.32
C LEU L 422 21.13 -37.89 -27.47
N LYS L 423 20.44 -38.95 -27.85
CA LYS L 423 19.48 -38.91 -28.95
C LYS L 423 18.04 -38.77 -28.49
N LYS L 424 17.77 -38.96 -27.21
CA LYS L 424 16.42 -38.80 -26.68
C LYS L 424 16.23 -37.49 -25.92
N TYR L 425 17.18 -36.56 -26.05
CA TYR L 425 17.09 -35.24 -25.45
C TYR L 425 17.03 -34.19 -26.56
N THR L 426 16.46 -33.03 -26.22
CA THR L 426 16.33 -31.92 -27.16
C THR L 426 17.17 -30.76 -26.68
N PHE L 427 18.10 -30.30 -27.52
CA PHE L 427 18.91 -29.13 -27.25
C PHE L 427 18.82 -28.19 -28.45
N TRP L 428 19.19 -26.93 -28.22
CA TRP L 428 19.37 -25.98 -29.30
C TRP L 428 20.73 -26.24 -29.94
N GLU L 429 20.74 -26.75 -31.17
CA GLU L 429 21.96 -27.18 -31.81
C GLU L 429 22.67 -26.01 -32.45
N VAL L 430 23.98 -25.91 -32.22
CA VAL L 430 24.82 -24.87 -32.80
C VAL L 430 25.95 -25.56 -33.56
N ASN L 431 26.12 -25.19 -34.82
CA ASN L 431 27.10 -25.81 -35.71
C ASN L 431 28.17 -24.78 -36.05
N LEU L 432 29.35 -24.93 -35.44
CA LEU L 432 30.47 -24.02 -35.67
C LEU L 432 31.58 -24.69 -36.48
N LYS L 433 31.23 -25.72 -37.25
CA LYS L 433 32.22 -26.43 -38.04
C LYS L 433 32.77 -25.59 -39.19
N GLU L 434 32.06 -24.52 -39.56
CA GLU L 434 32.48 -23.65 -40.67
C GLU L 434 32.70 -22.21 -40.22
N LYS L 435 32.80 -21.96 -38.90
CA LYS L 435 33.05 -20.61 -38.40
C LYS L 435 34.23 -20.64 -37.42
N PHE L 436 35.44 -20.71 -37.95
CA PHE L 436 36.70 -20.43 -37.26
C PHE L 436 37.54 -19.50 -38.11
N SER L 437 38.31 -18.63 -37.47
CA SER L 437 39.26 -17.78 -38.15
C SER L 437 40.43 -17.50 -37.22
N ALA L 438 41.64 -17.56 -37.77
CA ALA L 438 42.84 -17.27 -36.98
C ALA L 438 43.11 -15.78 -36.85
N ASP L 439 42.42 -14.95 -37.62
CA ASP L 439 42.52 -13.49 -37.51
C ASP L 439 41.77 -13.09 -36.25
N LEU L 440 42.50 -13.09 -35.13
CA LEU L 440 41.84 -12.95 -33.83
C LEU L 440 41.42 -11.51 -33.56
N ASP L 441 42.15 -10.53 -34.09
CA ASP L 441 41.85 -9.13 -33.79
C ASP L 441 40.79 -8.54 -34.71
N GLN L 442 40.17 -9.33 -35.57
CA GLN L 442 39.10 -8.87 -36.44
C GLN L 442 37.73 -8.93 -35.78
N PHE L 443 37.65 -9.33 -34.52
CA PHE L 443 36.40 -9.54 -33.82
C PHE L 443 36.43 -8.89 -32.45
N PRO L 444 35.27 -8.50 -31.92
CA PRO L 444 35.26 -7.78 -30.63
C PRO L 444 35.88 -8.56 -29.47
N LEU L 445 35.64 -9.87 -29.39
CA LEU L 445 36.17 -10.66 -28.28
C LEU L 445 37.66 -10.92 -28.43
N GLY L 446 38.14 -11.09 -29.65
CA GLY L 446 39.56 -11.28 -29.87
C GLY L 446 40.39 -10.08 -29.49
N ARG L 447 39.86 -8.87 -29.71
CA ARG L 447 40.56 -7.67 -29.28
C ARG L 447 40.73 -7.63 -27.77
N LYS L 448 39.68 -7.97 -27.02
CA LYS L 448 39.78 -8.03 -25.57
C LYS L 448 40.75 -9.11 -25.12
N PHE L 449 40.71 -10.28 -25.78
CA PHE L 449 41.63 -11.36 -25.44
C PHE L 449 43.08 -10.95 -25.65
N LEU L 450 43.37 -10.27 -26.77
CA LEU L 450 44.74 -9.81 -27.00
C LEU L 450 45.11 -8.67 -26.08
N LEU L 451 44.12 -7.88 -25.63
CA LEU L 451 44.39 -6.76 -24.75
C LEU L 451 44.74 -7.23 -23.34
N GLN L 452 44.07 -8.27 -22.84
CA GLN L 452 44.34 -8.73 -21.48
C GLN L 452 45.71 -9.39 -21.37
N ALA L 453 46.33 -9.75 -22.48
CA ALA L 453 47.64 -10.39 -22.46
C ALA L 453 48.58 -9.76 -23.48
N GLN M 1 -37.61 -3.87 -35.91
CA GLN M 1 -36.30 -4.01 -35.29
C GLN M 1 -35.43 -4.99 -36.07
N VAL M 2 -34.57 -5.71 -35.36
CA VAL M 2 -33.65 -6.66 -35.98
C VAL M 2 -34.37 -7.98 -36.20
N GLN M 3 -34.12 -8.60 -37.36
CA GLN M 3 -34.70 -9.87 -37.71
C GLN M 3 -33.61 -10.82 -38.19
N LEU M 4 -33.68 -12.07 -37.74
CA LEU M 4 -32.73 -13.10 -38.15
C LEU M 4 -33.35 -13.92 -39.29
N VAL M 5 -32.59 -14.07 -40.36
CA VAL M 5 -33.04 -14.77 -41.56
C VAL M 5 -32.16 -15.99 -41.76
N GLN M 6 -32.78 -17.14 -41.98
CA GLN M 6 -32.09 -18.41 -42.16
C GLN M 6 -32.18 -18.87 -43.60
N SER M 7 -31.32 -19.81 -43.96
CA SER M 7 -31.27 -20.33 -45.32
C SER M 7 -32.45 -21.27 -45.57
N GLY M 8 -32.51 -21.83 -46.78
CA GLY M 8 -33.64 -22.62 -47.19
C GLY M 8 -33.55 -24.08 -46.76
N ALA M 9 -34.58 -24.83 -47.11
CA ALA M 9 -34.67 -26.24 -46.75
C ALA M 9 -33.59 -27.05 -47.48
N GLU M 10 -33.09 -28.08 -46.80
CA GLU M 10 -32.02 -28.91 -47.32
C GLU M 10 -32.46 -30.36 -47.42
N VAL M 11 -32.07 -31.01 -48.52
CA VAL M 11 -32.27 -32.43 -48.72
C VAL M 11 -30.90 -33.06 -48.97
N LYS M 12 -30.48 -33.95 -48.08
CA LYS M 12 -29.16 -34.55 -48.15
C LYS M 12 -29.27 -36.07 -48.06
N LYS M 13 -28.23 -36.74 -48.54
CA LYS M 13 -28.09 -38.18 -48.46
C LYS M 13 -27.23 -38.55 -47.25
N PRO M 14 -27.41 -39.76 -46.70
CA PRO M 14 -26.62 -40.15 -45.54
C PRO M 14 -25.12 -40.15 -45.83
N GLY M 15 -24.34 -39.74 -44.84
CA GLY M 15 -22.90 -39.65 -44.96
C GLY M 15 -22.39 -38.31 -45.43
N SER M 16 -23.25 -37.38 -45.81
CA SER M 16 -22.83 -36.07 -46.27
C SER M 16 -22.84 -35.08 -45.12
N SER M 17 -22.40 -33.85 -45.42
CA SER M 17 -22.34 -32.77 -44.45
C SER M 17 -23.23 -31.62 -44.90
N VAL M 18 -23.80 -30.90 -43.93
CA VAL M 18 -24.70 -29.79 -44.22
C VAL M 18 -24.24 -28.57 -43.45
N LYS M 19 -24.56 -27.39 -43.98
CA LYS M 19 -24.17 -26.13 -43.37
C LYS M 19 -25.34 -25.15 -43.49
N VAL M 20 -25.69 -24.52 -42.37
CA VAL M 20 -26.84 -23.63 -42.28
C VAL M 20 -26.37 -22.26 -41.81
N SER M 21 -26.99 -21.21 -42.35
CA SER M 21 -26.61 -19.83 -42.07
C SER M 21 -27.72 -19.09 -41.34
N CYS M 22 -27.34 -17.98 -40.71
CA CYS M 22 -28.23 -17.19 -39.86
C CYS M 22 -27.73 -15.75 -39.89
N LYS M 23 -28.43 -14.87 -40.60
CA LYS M 23 -27.97 -13.51 -40.81
C LYS M 23 -28.88 -12.51 -40.10
N ALA M 24 -28.27 -11.55 -39.41
CA ALA M 24 -29.01 -10.45 -38.80
C ALA M 24 -29.11 -9.29 -39.78
N SER M 25 -30.32 -8.78 -39.99
CA SER M 25 -30.60 -7.85 -41.07
C SER M 25 -30.76 -6.41 -40.58
N GLY M 26 -31.69 -6.16 -39.65
CA GLY M 26 -31.93 -4.80 -39.22
C GLY M 26 -30.85 -4.27 -38.28
N GLY M 27 -30.69 -2.95 -38.30
CA GLY M 27 -29.81 -2.25 -37.38
C GLY M 27 -28.39 -2.78 -37.29
N THR M 28 -27.71 -2.45 -36.19
CA THR M 28 -26.40 -2.99 -35.87
C THR M 28 -26.53 -3.90 -34.65
N PHE M 29 -26.04 -5.13 -34.77
CA PHE M 29 -26.32 -6.13 -33.74
C PHE M 29 -25.25 -6.17 -32.65
N ASN M 30 -24.00 -6.44 -33.02
CA ASN M 30 -22.93 -6.67 -32.05
C ASN M 30 -23.27 -7.84 -31.12
N SER M 31 -23.30 -9.02 -31.73
CA SER M 31 -23.73 -10.24 -31.07
C SER M 31 -22.88 -10.54 -29.82
N TYR M 32 -23.48 -11.32 -28.92
CA TYR M 32 -22.89 -11.68 -27.64
C TYR M 32 -22.66 -13.17 -27.50
N ALA M 33 -23.68 -13.99 -27.72
CA ALA M 33 -23.56 -15.43 -27.65
C ALA M 33 -24.45 -16.05 -28.71
N THR M 34 -23.99 -17.13 -29.34
CA THR M 34 -24.71 -17.79 -30.41
C THR M 34 -24.92 -19.25 -30.05
N GLY M 35 -26.10 -19.78 -30.36
CA GLY M 35 -26.40 -21.16 -30.05
C GLY M 35 -27.37 -21.73 -31.06
N TRP M 36 -27.39 -23.06 -31.13
CA TRP M 36 -28.28 -23.73 -32.08
C TRP M 36 -29.14 -24.77 -31.38
N VAL M 37 -30.40 -24.87 -31.82
CA VAL M 37 -31.38 -25.78 -31.26
C VAL M 37 -32.00 -26.56 -32.42
N ARG M 38 -32.59 -27.71 -32.10
CA ARG M 38 -33.30 -28.46 -33.13
C ARG M 38 -34.51 -29.14 -32.53
N GLN M 39 -35.46 -29.48 -33.40
CA GLN M 39 -36.64 -30.23 -33.02
C GLN M 39 -36.90 -31.30 -34.08
N ALA M 40 -36.95 -32.55 -33.65
CA ALA M 40 -37.29 -33.69 -34.49
C ALA M 40 -38.79 -33.88 -34.57
N PRO M 41 -39.29 -34.52 -35.61
CA PRO M 41 -40.74 -34.77 -35.72
C PRO M 41 -41.26 -35.57 -34.53
N GLY M 42 -42.15 -34.96 -33.76
CA GLY M 42 -42.76 -35.60 -32.62
C GLY M 42 -41.95 -35.59 -31.35
N GLN M 43 -40.88 -34.79 -31.28
CA GLN M 43 -40.02 -34.73 -30.11
C GLN M 43 -39.97 -33.29 -29.59
N GLY M 44 -39.14 -33.08 -28.57
CA GLY M 44 -38.98 -31.77 -27.97
C GLY M 44 -37.81 -31.01 -28.57
N LEU M 45 -37.30 -30.06 -27.79
CA LEU M 45 -36.17 -29.24 -28.20
C LEU M 45 -34.87 -29.84 -27.68
N GLU M 46 -33.83 -29.79 -28.50
CA GLU M 46 -32.51 -30.29 -28.13
C GLU M 46 -31.47 -29.20 -28.37
N TRP M 47 -30.74 -28.84 -27.33
CA TRP M 47 -29.60 -27.94 -27.48
C TRP M 47 -28.47 -28.66 -28.19
N MET M 48 -27.86 -27.99 -29.17
CA MET M 48 -26.80 -28.61 -29.97
C MET M 48 -25.44 -27.94 -29.84
N GLY M 49 -25.36 -26.73 -29.28
CA GLY M 49 -24.06 -26.10 -29.15
C GLY M 49 -24.13 -24.60 -28.96
N VAL M 50 -23.12 -24.06 -28.27
CA VAL M 50 -23.02 -22.63 -28.01
C VAL M 50 -21.58 -22.16 -28.22
N ILE M 51 -21.45 -20.95 -28.73
CA ILE M 51 -20.18 -20.24 -28.79
C ILE M 51 -20.38 -18.85 -28.21
N VAL M 52 -19.42 -18.41 -27.40
CA VAL M 52 -19.36 -17.05 -26.89
C VAL M 52 -17.98 -16.51 -27.23
N PRO M 53 -17.86 -15.78 -28.36
CA PRO M 53 -16.52 -15.36 -28.81
C PRO M 53 -15.76 -14.50 -27.80
N ILE M 54 -16.46 -13.67 -27.04
CA ILE M 54 -15.85 -13.06 -25.86
C ILE M 54 -15.84 -14.10 -24.75
N PHE M 55 -14.78 -14.08 -23.93
CA PHE M 55 -14.44 -15.14 -22.98
C PHE M 55 -13.90 -16.38 -23.69
N GLY M 56 -13.94 -16.40 -25.02
CA GLY M 56 -13.42 -17.51 -25.79
C GLY M 56 -14.05 -18.86 -25.51
N THR M 57 -15.38 -18.92 -25.48
CA THR M 57 -16.09 -20.14 -25.12
C THR M 57 -16.64 -20.84 -26.37
N GLU M 58 -16.52 -22.17 -26.40
CA GLU M 58 -17.05 -22.98 -27.49
C GLU M 58 -17.35 -24.36 -26.90
N ASP M 59 -18.64 -24.68 -26.74
CA ASP M 59 -19.01 -25.92 -26.06
C ASP M 59 -20.18 -26.60 -26.75
N TYR M 60 -20.07 -27.93 -26.87
CA TYR M 60 -21.05 -28.81 -27.49
C TYR M 60 -21.39 -29.95 -26.55
N PRO M 61 -22.58 -30.53 -26.69
CA PRO M 61 -22.93 -31.69 -25.88
C PRO M 61 -22.09 -32.92 -26.23
N GLN M 62 -22.04 -33.86 -25.29
CA GLN M 62 -21.21 -35.04 -25.46
C GLN M 62 -21.66 -35.88 -26.65
N ARG M 63 -22.97 -36.04 -26.83
CA ARG M 63 -23.49 -36.83 -27.94
C ARG M 63 -23.25 -36.18 -29.30
N PHE M 64 -22.84 -34.92 -29.34
CA PHE M 64 -22.65 -34.20 -30.58
C PHE M 64 -21.21 -33.81 -30.87
N GLN M 65 -20.29 -34.04 -29.93
CA GLN M 65 -18.90 -33.64 -30.15
C GLN M 65 -18.28 -34.43 -31.30
N GLY M 66 -17.59 -33.71 -32.19
CA GLY M 66 -16.93 -34.29 -33.34
C GLY M 66 -17.70 -34.14 -34.63
N ARG M 67 -18.99 -33.83 -34.56
CA ARG M 67 -19.82 -33.70 -35.75
C ARG M 67 -20.42 -32.30 -35.91
N VAL M 68 -20.37 -31.46 -34.90
CA VAL M 68 -21.02 -30.14 -34.92
C VAL M 68 -19.95 -29.08 -34.82
N THR M 69 -20.05 -28.05 -35.66
CA THR M 69 -19.16 -26.90 -35.61
C THR M 69 -20.00 -25.63 -35.73
N ILE M 70 -19.79 -24.68 -34.82
CA ILE M 70 -20.53 -23.43 -34.81
C ILE M 70 -19.54 -22.29 -34.99
N THR M 71 -19.82 -21.40 -35.96
CA THR M 71 -18.92 -20.31 -36.30
C THR M 71 -19.72 -19.02 -36.40
N ALA M 72 -19.07 -17.89 -36.13
CA ALA M 72 -19.69 -16.58 -36.27
C ALA M 72 -18.75 -15.64 -36.98
N ASP M 73 -19.31 -14.81 -37.87
CA ASP M 73 -18.57 -13.79 -38.60
C ASP M 73 -19.13 -12.43 -38.21
N GLU M 74 -18.29 -11.60 -37.58
CA GLU M 74 -18.73 -10.32 -37.06
C GLU M 74 -18.74 -9.22 -38.12
N SER M 75 -17.95 -9.35 -39.19
CA SER M 75 -17.95 -8.34 -40.24
C SER M 75 -19.30 -8.28 -40.95
N THR M 76 -19.91 -9.43 -41.22
CA THR M 76 -21.22 -9.51 -41.85
C THR M 76 -22.31 -9.89 -40.87
N ALA M 77 -21.96 -10.21 -39.62
CA ALA M 77 -22.91 -10.62 -38.59
C ALA M 77 -23.73 -11.83 -39.06
N THR M 78 -23.01 -12.93 -39.32
CA THR M 78 -23.63 -14.15 -39.83
C THR M 78 -23.12 -15.34 -39.05
N ALA M 79 -24.02 -16.21 -38.62
CA ALA M 79 -23.68 -17.42 -37.90
C ALA M 79 -23.84 -18.63 -38.81
N TYR M 80 -22.98 -19.63 -38.61
CA TYR M 80 -22.94 -20.83 -39.43
C TYR M 80 -22.91 -22.06 -38.53
N MET M 81 -23.63 -23.10 -38.93
CA MET M 81 -23.64 -24.37 -38.22
C MET M 81 -23.34 -25.48 -39.22
N GLU M 82 -22.40 -26.36 -38.85
CA GLU M 82 -21.88 -27.43 -39.70
C GLU M 82 -22.16 -28.77 -39.03
N LEU M 83 -22.84 -29.66 -39.76
CA LEU M 83 -23.05 -31.04 -39.33
C LEU M 83 -22.34 -31.99 -40.29
N ARG M 84 -21.58 -32.92 -39.73
CA ARG M 84 -20.85 -33.93 -40.49
C ARG M 84 -21.40 -35.31 -40.19
N SER M 85 -21.28 -36.20 -41.17
CA SER M 85 -21.73 -37.59 -41.05
C SER M 85 -23.22 -37.66 -40.71
N LEU M 86 -24.03 -37.16 -41.63
CA LEU M 86 -25.47 -37.09 -41.42
C LEU M 86 -26.09 -38.48 -41.35
N ARG M 87 -27.09 -38.62 -40.50
CA ARG M 87 -27.83 -39.86 -40.33
C ARG M 87 -29.31 -39.61 -40.54
N SER M 88 -30.08 -40.70 -40.63
CA SER M 88 -31.51 -40.59 -40.88
C SER M 88 -32.27 -40.01 -39.69
N ASP M 89 -31.67 -39.92 -38.51
CA ASP M 89 -32.31 -39.31 -37.35
C ASP M 89 -31.99 -37.83 -37.22
N ASP M 90 -31.29 -37.25 -38.18
CA ASP M 90 -30.99 -35.82 -38.19
C ASP M 90 -32.02 -35.01 -38.97
N THR M 91 -33.04 -35.66 -39.53
CA THR M 91 -34.13 -34.96 -40.21
C THR M 91 -34.92 -34.18 -39.17
N ALA M 92 -34.82 -32.85 -39.21
CA ALA M 92 -35.40 -32.04 -38.14
C ALA M 92 -35.45 -30.58 -38.59
N VAL M 93 -35.99 -29.74 -37.72
CA VAL M 93 -36.06 -28.29 -37.93
C VAL M 93 -35.07 -27.63 -36.99
N TYR M 94 -34.19 -26.79 -37.53
CA TYR M 94 -33.10 -26.19 -36.79
C TYR M 94 -33.37 -24.70 -36.58
N TYR M 95 -33.09 -24.24 -35.36
CA TYR M 95 -33.33 -22.86 -34.94
C TYR M 95 -32.03 -22.22 -34.47
N CYS M 96 -31.87 -20.94 -34.83
CA CYS M 96 -30.72 -20.13 -34.49
C CYS M 96 -31.09 -19.17 -33.38
N ALA M 97 -30.39 -19.25 -32.24
CA ALA M 97 -30.66 -18.38 -31.10
C ALA M 97 -29.45 -17.51 -30.86
N ARG M 98 -29.68 -16.22 -30.62
CA ARG M 98 -28.58 -15.29 -30.46
C ARG M 98 -28.90 -14.28 -29.36
N SER M 99 -27.84 -13.80 -28.71
CA SER M 99 -27.93 -12.80 -27.65
C SER M 99 -27.11 -11.58 -28.05
N ARG M 100 -27.55 -10.41 -27.60
CA ARG M 100 -26.96 -9.15 -28.02
C ARG M 100 -26.13 -8.55 -26.90
N LEU M 101 -24.98 -7.96 -27.27
CA LEU M 101 -24.11 -7.33 -26.29
C LEU M 101 -24.78 -6.10 -25.68
N GLY M 102 -24.61 -5.94 -24.38
CA GLY M 102 -25.30 -4.91 -23.62
C GLY M 102 -26.41 -5.43 -22.74
N SER M 103 -26.77 -6.70 -22.87
CA SER M 103 -27.76 -7.31 -22.01
C SER M 103 -27.13 -7.73 -20.69
N SER M 104 -27.98 -8.18 -19.75
CA SER M 104 -27.54 -8.47 -18.40
C SER M 104 -26.90 -9.84 -18.25
N SER M 105 -27.02 -10.72 -19.23
CA SER M 105 -26.41 -12.04 -19.14
C SER M 105 -26.16 -12.56 -20.56
N TRP M 106 -25.31 -13.58 -20.65
CA TRP M 106 -25.01 -14.19 -21.94
C TRP M 106 -26.10 -15.16 -22.39
N PHE M 107 -27.02 -15.55 -21.50
CA PHE M 107 -28.05 -16.54 -21.83
C PHE M 107 -29.42 -15.89 -21.97
N LEU M 108 -29.48 -14.62 -22.36
CA LEU M 108 -30.74 -13.96 -22.70
C LEU M 108 -30.95 -14.07 -24.21
N PHE M 109 -31.37 -15.26 -24.63
CA PHE M 109 -31.58 -15.55 -26.04
C PHE M 109 -32.96 -15.00 -26.44
N GLU M 110 -32.97 -13.71 -26.78
CA GLU M 110 -34.19 -13.02 -27.18
C GLU M 110 -34.41 -12.97 -28.68
N TYR M 111 -33.44 -13.42 -29.48
CA TYR M 111 -33.53 -13.35 -30.94
C TYR M 111 -33.44 -14.75 -31.51
N TRP M 112 -34.44 -15.12 -32.31
CA TRP M 112 -34.56 -16.47 -32.83
C TRP M 112 -34.82 -16.42 -34.34
N GLY M 113 -34.29 -17.42 -35.05
CA GLY M 113 -34.56 -17.56 -36.47
C GLY M 113 -35.88 -18.27 -36.73
N GLN M 114 -36.27 -18.27 -38.00
CA GLN M 114 -37.55 -18.88 -38.37
C GLN M 114 -37.47 -20.40 -38.42
N GLY M 115 -36.29 -20.97 -38.56
CA GLY M 115 -36.13 -22.41 -38.60
C GLY M 115 -35.90 -22.92 -40.02
N THR M 116 -35.06 -23.95 -40.13
CA THR M 116 -34.71 -24.54 -41.41
C THR M 116 -34.95 -26.04 -41.35
N LEU M 117 -35.66 -26.58 -42.33
CA LEU M 117 -35.96 -28.01 -42.39
C LEU M 117 -34.84 -28.74 -43.12
N VAL M 118 -34.33 -29.80 -42.49
CA VAL M 118 -33.27 -30.63 -43.06
C VAL M 118 -33.78 -32.07 -43.11
N THR M 119 -33.76 -32.66 -44.30
CA THR M 119 -34.22 -34.02 -44.52
C THR M 119 -33.05 -34.86 -45.03
N VAL M 120 -32.71 -35.91 -44.29
CA VAL M 120 -31.62 -36.81 -44.64
C VAL M 120 -32.25 -38.14 -45.03
N SER M 121 -32.31 -38.42 -46.33
CA SER M 121 -32.91 -39.65 -46.81
C SER M 121 -32.38 -39.94 -48.21
N SER M 122 -32.58 -41.17 -48.65
CA SER M 122 -32.16 -41.60 -49.98
C SER M 122 -33.35 -41.92 -50.87
N ASP N 1 -23.13 -33.38 -17.45
CA ASP N 1 -24.24 -32.46 -17.69
C ASP N 1 -25.30 -32.60 -16.60
N ILE N 2 -26.37 -31.84 -16.71
CA ILE N 2 -27.46 -31.81 -15.74
C ILE N 2 -28.75 -32.20 -16.44
N GLN N 3 -29.46 -33.18 -15.87
CA GLN N 3 -30.74 -33.62 -16.38
C GLN N 3 -31.85 -32.90 -15.65
N MET N 4 -32.90 -32.53 -16.37
CA MET N 4 -34.02 -31.78 -15.82
C MET N 4 -35.32 -32.52 -16.07
N THR N 5 -36.22 -32.50 -15.08
CA THR N 5 -37.49 -33.20 -15.15
C THR N 5 -38.63 -32.19 -14.99
N GLN N 6 -39.59 -32.23 -15.93
CA GLN N 6 -40.70 -31.29 -15.96
C GLN N 6 -42.01 -32.02 -15.75
N SER N 7 -42.85 -31.49 -14.87
CA SER N 7 -44.13 -32.13 -14.56
C SER N 7 -45.25 -31.11 -14.54
N PRO N 8 -46.45 -31.48 -15.01
CA PRO N 8 -46.72 -32.76 -15.68
C PRO N 8 -46.37 -32.69 -17.17
N SER N 9 -46.59 -33.76 -17.91
CA SER N 9 -46.30 -33.78 -19.34
C SER N 9 -47.45 -33.28 -20.19
N SER N 10 -48.64 -33.11 -19.62
CA SER N 10 -49.81 -32.63 -20.35
C SER N 10 -50.90 -32.32 -19.34
N LEU N 11 -51.67 -31.27 -19.62
CA LEU N 11 -52.78 -30.89 -18.76
C LEU N 11 -53.81 -30.13 -19.56
N SER N 12 -55.07 -30.19 -19.11
CA SER N 12 -56.18 -29.50 -19.73
C SER N 12 -56.73 -28.46 -18.77
N ALA N 13 -57.02 -27.27 -19.28
CA ALA N 13 -57.50 -26.17 -18.47
C ALA N 13 -58.55 -25.38 -19.25
N SER N 14 -59.26 -24.53 -18.53
CA SER N 14 -60.28 -23.66 -19.12
C SER N 14 -59.86 -22.20 -18.95
N VAL N 15 -60.54 -21.33 -19.70
CA VAL N 15 -60.21 -19.92 -19.69
C VAL N 15 -60.51 -19.34 -18.31
N GLY N 16 -59.53 -18.68 -17.72
CA GLY N 16 -59.67 -18.07 -16.41
C GLY N 16 -59.16 -18.89 -15.26
N ASP N 17 -58.45 -19.99 -15.51
CA ASP N 17 -57.95 -20.86 -14.46
C ASP N 17 -56.51 -20.51 -14.11
N ARG N 18 -56.00 -21.19 -13.08
CA ARG N 18 -54.61 -21.07 -12.65
C ARG N 18 -53.88 -22.36 -12.97
N VAL N 19 -52.72 -22.26 -13.61
CA VAL N 19 -51.96 -23.43 -14.05
C VAL N 19 -50.55 -23.32 -13.48
N THR N 20 -50.09 -24.42 -12.86
CA THR N 20 -48.74 -24.49 -12.29
C THR N 20 -47.98 -25.65 -12.91
N ILE N 21 -46.72 -25.40 -13.24
CA ILE N 21 -45.82 -26.40 -13.81
C ILE N 21 -44.57 -26.46 -12.95
N THR N 22 -44.17 -27.67 -12.54
CA THR N 22 -43.06 -27.87 -11.64
C THR N 22 -41.85 -28.37 -12.44
N CYS N 23 -40.66 -27.92 -12.03
CA CYS N 23 -39.43 -28.27 -12.73
C CYS N 23 -38.38 -28.64 -11.68
N ARG N 24 -37.67 -29.73 -11.91
CA ARG N 24 -36.74 -30.29 -10.93
C ARG N 24 -35.39 -30.55 -11.58
N ALA N 25 -34.32 -30.17 -10.87
CA ALA N 25 -32.97 -30.29 -11.37
C ALA N 25 -32.24 -31.44 -10.68
N SER N 26 -31.28 -32.03 -11.40
CA SER N 26 -30.49 -33.13 -10.86
C SER N 26 -29.38 -32.66 -9.93
N ASP N 27 -29.16 -31.35 -9.82
CA ASP N 27 -28.12 -30.80 -8.97
C ASP N 27 -28.53 -29.39 -8.56
N MET N 28 -27.78 -28.82 -7.61
CA MET N 28 -27.99 -27.43 -7.21
C MET N 28 -27.53 -26.49 -8.32
N ILE N 29 -28.45 -25.68 -8.84
CA ILE N 29 -28.14 -24.77 -9.94
C ILE N 29 -28.51 -23.33 -9.57
N SER N 30 -28.58 -23.04 -8.27
CA SER N 30 -28.93 -21.71 -7.77
C SER N 30 -30.24 -21.23 -8.38
N ASN N 31 -30.21 -20.11 -9.10
CA ASN N 31 -31.38 -19.58 -9.78
C ASN N 31 -31.16 -19.48 -11.28
N TYR N 32 -30.37 -20.40 -11.85
CA TYR N 32 -30.03 -20.36 -13.27
C TYR N 32 -31.04 -21.19 -14.07
N LEU N 33 -32.28 -20.71 -14.07
CA LEU N 33 -33.36 -21.37 -14.79
C LEU N 33 -34.14 -20.36 -15.62
N ASN N 34 -34.51 -20.78 -16.84
CA ASN N 34 -35.30 -19.96 -17.74
C ASN N 34 -36.47 -20.77 -18.28
N TRP N 35 -37.54 -20.08 -18.63
CA TRP N 35 -38.76 -20.69 -19.13
C TRP N 35 -39.04 -20.20 -20.53
N TYR N 36 -39.35 -21.13 -21.43
CA TYR N 36 -39.59 -20.82 -22.83
C TYR N 36 -40.98 -21.28 -23.25
N GLN N 37 -41.61 -20.50 -24.13
CA GLN N 37 -42.92 -20.83 -24.69
C GLN N 37 -42.77 -21.08 -26.19
N HIS N 38 -43.39 -22.16 -26.67
CA HIS N 38 -43.29 -22.57 -28.06
C HIS N 38 -44.67 -22.93 -28.59
N LYS N 39 -45.01 -22.37 -29.75
CA LYS N 39 -46.25 -22.64 -30.47
C LYS N 39 -45.94 -23.29 -31.80
N PRO N 40 -46.85 -24.08 -32.35
CA PRO N 40 -46.59 -24.70 -33.66
C PRO N 40 -46.43 -23.66 -34.75
N GLY N 41 -45.44 -23.87 -35.61
CA GLY N 41 -45.18 -22.98 -36.73
C GLY N 41 -44.41 -21.72 -36.40
N GLU N 42 -43.95 -21.56 -35.16
CA GLU N 42 -43.22 -20.37 -34.75
C GLU N 42 -41.97 -20.78 -33.98
N ALA N 43 -41.12 -19.78 -33.72
CA ALA N 43 -39.90 -19.99 -32.95
C ALA N 43 -40.19 -19.94 -31.46
N PRO N 44 -39.34 -20.55 -30.64
CA PRO N 44 -39.50 -20.44 -29.19
C PRO N 44 -39.34 -19.01 -28.70
N LYS N 45 -40.02 -18.69 -27.61
CA LYS N 45 -40.12 -17.33 -27.10
C LYS N 45 -39.89 -17.32 -25.61
N LEU N 46 -38.98 -16.47 -25.15
CA LEU N 46 -38.59 -16.41 -23.74
C LEU N 46 -39.60 -15.65 -22.91
N LEU N 47 -39.92 -16.18 -21.72
CA LEU N 47 -40.83 -15.55 -20.78
C LEU N 47 -40.15 -15.13 -19.49
N ILE N 48 -39.50 -16.08 -18.80
CA ILE N 48 -38.90 -15.85 -17.49
C ILE N 48 -37.43 -16.23 -17.56
N TYR N 49 -36.57 -15.38 -16.99
CA TYR N 49 -35.16 -15.69 -16.86
C TYR N 49 -34.72 -15.47 -15.42
N SER N 50 -33.71 -16.24 -15.00
CA SER N 50 -33.20 -16.24 -13.63
C SER N 50 -34.27 -16.64 -12.61
N ALA N 51 -35.31 -17.34 -13.08
CA ALA N 51 -36.33 -17.99 -12.26
C ALA N 51 -37.27 -17.01 -11.57
N SER N 52 -36.99 -15.71 -11.63
CA SER N 52 -37.89 -14.73 -11.02
C SER N 52 -38.19 -13.56 -11.94
N SER N 53 -37.23 -13.19 -12.78
CA SER N 53 -37.35 -11.97 -13.57
C SER N 53 -38.30 -12.17 -14.75
N LEU N 54 -39.03 -11.12 -15.08
CA LEU N 54 -40.02 -11.15 -16.14
C LEU N 54 -39.48 -10.42 -17.36
N GLN N 55 -39.57 -11.06 -18.52
CA GLN N 55 -39.09 -10.46 -19.76
C GLN N 55 -39.98 -9.30 -20.17
N THR N 56 -39.37 -8.28 -20.78
CA THR N 56 -40.12 -7.11 -21.22
C THR N 56 -41.14 -7.48 -22.28
N GLY N 57 -42.34 -6.92 -22.16
CA GLY N 57 -43.42 -7.20 -23.08
C GLY N 57 -44.21 -8.45 -22.77
N VAL N 58 -44.05 -9.03 -21.59
CA VAL N 58 -44.74 -10.25 -21.19
C VAL N 58 -45.82 -9.86 -20.18
N PRO N 59 -47.03 -10.38 -20.29
CA PRO N 59 -48.07 -10.05 -19.32
C PRO N 59 -47.68 -10.45 -17.91
N SER N 60 -48.12 -9.66 -16.93
CA SER N 60 -47.78 -9.91 -15.54
C SER N 60 -48.46 -11.15 -14.97
N ARG N 61 -49.42 -11.74 -15.70
CA ARG N 61 -50.06 -12.95 -15.23
C ARG N 61 -49.11 -14.15 -15.17
N PHE N 62 -47.96 -14.07 -15.84
CA PHE N 62 -46.93 -15.08 -15.72
C PHE N 62 -46.04 -14.78 -14.53
N SER N 63 -45.68 -15.83 -13.78
CA SER N 63 -44.74 -15.66 -12.69
C SER N 63 -43.94 -16.95 -12.52
N GLY N 64 -42.79 -16.84 -11.89
CA GLY N 64 -41.94 -17.98 -11.64
C GLY N 64 -41.22 -17.83 -10.33
N SER N 65 -40.96 -18.96 -9.67
CA SER N 65 -40.29 -18.91 -8.38
C SER N 65 -39.61 -20.23 -8.10
N GLY N 66 -38.51 -20.17 -7.37
CA GLY N 66 -37.82 -21.37 -6.97
C GLY N 66 -36.34 -21.11 -6.80
N SER N 67 -35.65 -22.14 -6.33
CA SER N 67 -34.20 -22.06 -6.10
C SER N 67 -33.71 -23.44 -5.69
N GLY N 68 -32.42 -23.67 -5.93
CA GLY N 68 -31.80 -24.92 -5.54
C GLY N 68 -32.02 -26.02 -6.54
N THR N 69 -32.98 -26.89 -6.26
CA THR N 69 -33.36 -27.97 -7.16
C THR N 69 -34.82 -27.93 -7.58
N ASP N 70 -35.64 -27.05 -6.98
CA ASP N 70 -37.07 -27.00 -7.25
C ASP N 70 -37.44 -25.62 -7.77
N PHE N 71 -38.19 -25.59 -8.88
CA PHE N 71 -38.67 -24.36 -9.48
C PHE N 71 -40.09 -24.58 -9.97
N THR N 72 -40.82 -23.48 -10.18
CA THR N 72 -42.20 -23.58 -10.62
C THR N 72 -42.60 -22.35 -11.43
N LEU N 73 -43.49 -22.58 -12.39
CA LEU N 73 -44.09 -21.55 -13.24
C LEU N 73 -45.59 -21.50 -12.95
N THR N 74 -46.11 -20.29 -12.78
CA THR N 74 -47.53 -20.08 -12.51
C THR N 74 -48.12 -19.14 -13.55
N ILE N 75 -49.30 -19.50 -14.03
CA ILE N 75 -50.07 -18.67 -14.96
C ILE N 75 -51.45 -18.46 -14.36
N ASN N 76 -51.80 -17.21 -14.10
CA ASN N 76 -53.11 -16.85 -13.54
C ASN N 76 -53.98 -16.23 -14.62
N ASN N 77 -55.29 -16.51 -14.54
CA ASN N 77 -56.27 -15.98 -15.49
C ASN N 77 -55.88 -16.35 -16.93
N LEU N 78 -55.89 -17.65 -17.18
CA LEU N 78 -55.49 -18.17 -18.47
C LEU N 78 -56.34 -17.58 -19.60
N GLN N 79 -55.68 -17.16 -20.67
CA GLN N 79 -56.31 -16.57 -21.84
C GLN N 79 -56.18 -17.52 -23.03
N PRO N 80 -56.99 -17.33 -24.08
CA PRO N 80 -56.91 -18.24 -25.23
C PRO N 80 -55.55 -18.26 -25.91
N GLU N 81 -54.73 -17.24 -25.74
CA GLU N 81 -53.43 -17.18 -26.38
C GLU N 81 -52.32 -17.81 -25.54
N ASP N 82 -52.64 -18.36 -24.38
CA ASP N 82 -51.65 -18.97 -23.51
C ASP N 82 -51.48 -20.46 -23.73
N PHE N 83 -52.20 -21.05 -24.68
CA PHE N 83 -52.20 -22.49 -24.88
C PHE N 83 -51.04 -22.84 -25.81
N ALA N 84 -49.96 -23.35 -25.23
CA ALA N 84 -48.73 -23.64 -25.97
C ALA N 84 -47.94 -24.69 -25.20
N THR N 85 -46.69 -24.90 -25.60
CA THR N 85 -45.80 -25.82 -24.93
C THR N 85 -44.72 -25.04 -24.17
N TYR N 86 -44.43 -25.45 -22.94
CA TYR N 86 -43.52 -24.72 -22.07
C TYR N 86 -42.33 -25.60 -21.70
N TYR N 87 -41.14 -25.02 -21.73
CA TYR N 87 -39.89 -25.74 -21.52
C TYR N 87 -39.06 -25.07 -20.45
N CYS N 88 -38.41 -25.88 -19.61
CA CYS N 88 -37.34 -25.42 -18.73
C CYS N 88 -36.03 -25.31 -19.52
N GLN N 89 -35.10 -24.55 -18.95
CA GLN N 89 -33.73 -24.58 -19.44
C GLN N 89 -32.80 -24.15 -18.31
N GLN N 90 -31.79 -24.97 -18.03
CA GLN N 90 -30.74 -24.60 -17.10
C GLN N 90 -29.59 -23.93 -17.84
N SER N 91 -28.99 -22.94 -17.22
CA SER N 91 -27.81 -22.25 -17.75
C SER N 91 -26.72 -22.17 -16.69
N TYR N 92 -26.70 -23.13 -15.77
CA TYR N 92 -25.68 -23.15 -14.73
C TYR N 92 -24.30 -23.42 -15.32
N ILE N 93 -24.22 -24.32 -16.30
CA ILE N 93 -22.99 -24.60 -17.02
C ILE N 93 -23.19 -24.24 -18.49
N THR N 94 -22.08 -24.14 -19.21
CA THR N 94 -22.13 -23.79 -20.62
C THR N 94 -22.61 -24.93 -21.50
N ARG N 95 -22.88 -26.10 -20.93
CA ARG N 95 -23.53 -27.20 -21.65
C ARG N 95 -25.01 -27.19 -21.25
N LEU N 96 -25.78 -26.35 -21.92
CA LEU N 96 -27.17 -26.12 -21.58
C LEU N 96 -28.02 -27.33 -21.97
N SER N 97 -29.21 -27.41 -21.36
CA SER N 97 -30.12 -28.51 -21.60
C SER N 97 -31.55 -28.06 -21.36
N PHE N 98 -32.49 -28.79 -21.98
CA PHE N 98 -33.91 -28.49 -21.91
C PHE N 98 -34.65 -29.56 -21.12
N GLY N 99 -35.86 -29.22 -20.70
CA GLY N 99 -36.74 -30.16 -20.03
C GLY N 99 -37.58 -30.94 -21.03
N GLY N 100 -38.49 -31.75 -20.48
CA GLY N 100 -39.34 -32.57 -21.34
C GLY N 100 -40.39 -31.78 -22.09
N GLY N 101 -40.98 -30.78 -21.44
CA GLY N 101 -42.03 -29.99 -22.06
C GLY N 101 -43.42 -30.33 -21.57
N THR N 102 -44.24 -29.30 -21.35
CA THR N 102 -45.62 -29.48 -20.88
C THR N 102 -46.56 -28.81 -21.87
N LYS N 103 -47.54 -29.55 -22.36
CA LYS N 103 -48.50 -29.05 -23.35
C LYS N 103 -49.81 -28.73 -22.65
N VAL N 104 -50.23 -27.46 -22.74
CA VAL N 104 -51.50 -27.02 -22.17
C VAL N 104 -52.57 -27.11 -23.26
N GLU N 105 -53.72 -27.67 -22.90
CA GLU N 105 -54.80 -27.91 -23.85
C GLU N 105 -56.11 -27.35 -23.31
N ILE N 106 -57.14 -27.40 -24.14
CA ILE N 106 -58.45 -26.85 -23.80
C ILE N 106 -59.31 -27.95 -23.19
N LYS N 107 -59.96 -27.65 -22.08
CA LYS N 107 -60.83 -28.61 -21.41
C LYS N 107 -62.08 -28.90 -22.24
N LYS O 1 41.61 -7.02 -44.97
CA LYS O 1 41.98 -6.90 -43.56
C LYS O 1 41.91 -5.46 -43.10
N VAL O 2 41.36 -5.24 -41.90
CA VAL O 2 41.18 -3.92 -41.33
C VAL O 2 42.26 -3.68 -40.29
N VAL O 3 42.93 -2.54 -40.39
CA VAL O 3 44.01 -2.18 -39.48
C VAL O 3 43.55 -0.99 -38.64
N SER O 4 44.21 -0.82 -37.50
CA SER O 4 43.88 0.28 -36.60
C SER O 4 44.35 1.61 -37.18
N THR O 5 43.68 2.69 -36.77
CA THR O 5 44.06 4.01 -37.22
C THR O 5 45.40 4.47 -36.66
N ASP O 6 45.88 3.83 -35.59
CA ASP O 6 47.14 4.22 -34.98
C ASP O 6 48.33 3.98 -35.90
N GLU O 7 48.15 3.19 -36.96
CA GLU O 7 49.27 2.85 -37.84
C GLU O 7 49.50 3.91 -38.91
N TYR O 8 48.44 4.40 -39.55
CA TYR O 8 48.57 5.31 -40.67
C TYR O 8 48.13 6.74 -40.33
N VAL O 9 47.93 7.05 -39.06
CA VAL O 9 47.58 8.40 -38.61
C VAL O 9 48.61 8.85 -37.60
N ALA O 10 49.16 10.04 -37.80
CA ALA O 10 50.15 10.64 -36.91
C ALA O 10 49.52 11.78 -36.14
N ARG O 11 49.72 11.80 -34.83
CA ARG O 11 49.12 12.81 -33.95
C ARG O 11 50.16 13.85 -33.57
N THR O 12 49.77 15.12 -33.67
CA THR O 12 50.61 16.23 -33.27
C THR O 12 50.24 16.67 -31.85
N ASN O 13 50.90 17.71 -31.36
CA ASN O 13 50.72 18.21 -29.99
C ASN O 13 49.94 19.51 -29.96
N ILE O 14 48.96 19.66 -30.86
CA ILE O 14 48.13 20.85 -30.95
C ILE O 14 46.71 20.48 -30.55
N TYR O 15 46.15 21.24 -29.61
CA TYR O 15 44.82 20.97 -29.07
C TYR O 15 43.95 22.21 -29.21
N TYR O 16 42.66 21.98 -29.41
CA TYR O 16 41.68 23.05 -29.53
C TYR O 16 40.46 22.72 -28.69
N HIS O 17 39.74 23.77 -28.28
CA HIS O 17 38.55 23.65 -27.46
C HIS O 17 37.35 24.17 -28.23
N ALA O 18 36.23 23.46 -28.15
CA ALA O 18 35.00 23.88 -28.78
C ALA O 18 33.84 23.72 -27.81
N GLY O 19 32.80 24.52 -28.00
CA GLY O 19 31.64 24.44 -27.13
C GLY O 19 30.47 25.29 -27.55
N THR O 20 29.26 24.79 -27.27
CA THR O 20 28.05 25.57 -27.48
C THR O 20 27.75 26.38 -26.22
N SER O 21 27.02 27.49 -26.40
CA SER O 21 26.71 28.34 -25.26
C SER O 21 25.61 27.73 -24.41
N ARG O 22 24.42 27.56 -24.98
CA ARG O 22 23.29 26.94 -24.28
C ARG O 22 22.21 26.63 -25.29
N LEU O 23 21.62 25.44 -25.16
CA LEU O 23 20.54 25.00 -26.04
C LEU O 23 19.27 24.83 -25.23
N LEU O 24 18.18 25.41 -25.69
CA LEU O 24 16.91 25.35 -24.99
C LEU O 24 15.82 24.79 -25.90
N ALA O 25 14.88 24.06 -25.31
CA ALA O 25 13.73 23.55 -26.05
C ALA O 25 12.52 23.54 -25.13
N VAL O 26 11.46 24.25 -25.52
CA VAL O 26 10.21 24.31 -24.76
C VAL O 26 9.08 23.85 -25.65
N GLY O 27 8.24 22.97 -25.13
CA GLY O 27 7.13 22.48 -25.92
C GLY O 27 6.15 21.67 -25.10
N HIS O 28 5.19 21.06 -25.79
CA HIS O 28 4.17 20.22 -25.17
C HIS O 28 4.68 18.78 -25.03
N PRO O 29 4.51 18.18 -23.85
CA PRO O 29 5.10 16.86 -23.60
C PRO O 29 4.43 15.70 -24.32
N TYR O 30 3.19 15.85 -24.82
CA TYR O 30 2.46 14.71 -25.36
C TYR O 30 2.26 14.79 -26.86
N PHE O 31 1.67 15.87 -27.37
CA PHE O 31 1.38 16.01 -28.78
C PHE O 31 1.71 17.42 -29.22
N PRO O 32 2.01 17.61 -30.51
CA PRO O 32 2.18 18.97 -31.03
C PRO O 32 0.87 19.73 -31.03
N ILE O 33 0.97 21.04 -30.93
CA ILE O 33 -0.18 21.94 -31.02
C ILE O 33 -0.22 22.53 -32.42
N LYS O 34 -1.31 22.30 -33.13
CA LYS O 34 -1.44 22.71 -34.52
C LYS O 34 -2.71 23.53 -34.71
N LYS O 35 -2.66 24.45 -35.67
CA LYS O 35 -3.82 25.24 -36.00
C LYS O 35 -4.90 24.35 -36.60
N PRO O 36 -6.19 24.63 -36.32
CA PRO O 36 -7.25 23.75 -36.85
C PRO O 36 -7.33 23.76 -38.38
N ASN O 37 -7.36 24.95 -38.99
CA ASN O 37 -7.49 25.01 -40.44
C ASN O 37 -6.16 24.65 -41.13
N ASN O 38 -5.05 25.16 -40.61
CA ASN O 38 -3.75 24.93 -41.22
C ASN O 38 -3.16 23.60 -40.73
N ASN O 39 -1.97 23.27 -41.25
CA ASN O 39 -1.22 22.11 -40.79
C ASN O 39 0.16 22.51 -40.27
N LYS O 40 0.42 23.80 -40.11
CA LYS O 40 1.69 24.27 -39.58
C LYS O 40 1.69 24.18 -38.06
N ILE O 41 2.84 23.80 -37.51
CA ILE O 41 2.96 23.52 -36.07
C ILE O 41 3.21 24.81 -35.32
N LEU O 42 2.42 25.06 -34.28
CA LEU O 42 2.63 26.22 -33.41
C LEU O 42 3.55 25.90 -32.25
N VAL O 43 3.24 24.85 -31.49
CA VAL O 43 4.06 24.40 -30.37
C VAL O 43 4.55 23.00 -30.69
N PRO O 44 5.87 22.78 -30.78
CA PRO O 44 6.37 21.43 -31.05
C PRO O 44 6.18 20.52 -29.83
N LYS O 45 6.55 19.25 -30.02
CA LYS O 45 6.49 18.25 -28.97
C LYS O 45 7.86 18.08 -28.36
N VAL O 46 7.98 18.39 -27.07
CA VAL O 46 9.24 18.26 -26.33
C VAL O 46 8.97 17.40 -25.11
N SER O 47 9.60 16.22 -25.06
CA SER O 47 9.37 15.25 -24.01
C SER O 47 10.70 14.82 -23.41
N GLY O 48 10.64 14.34 -22.17
CA GLY O 48 11.82 13.83 -21.51
C GLY O 48 12.27 12.46 -21.96
N LEU O 49 11.46 11.77 -22.75
CA LEU O 49 11.78 10.44 -23.25
C LEU O 49 11.94 10.43 -24.77
N GLN O 50 12.64 11.44 -25.29
CA GLN O 50 12.95 11.53 -26.71
C GLN O 50 14.45 11.38 -26.91
N TYR O 51 14.83 10.73 -28.02
CA TYR O 51 16.23 10.67 -28.40
C TYR O 51 16.72 12.05 -28.82
N ARG O 52 17.88 12.46 -28.32
CA ARG O 52 18.49 13.72 -28.73
C ARG O 52 19.74 13.39 -29.55
N VAL O 53 19.67 13.64 -30.84
CA VAL O 53 20.78 13.33 -31.76
C VAL O 53 21.31 14.66 -32.28
N PHE O 54 22.54 14.99 -31.88
CA PHE O 54 23.23 16.20 -32.32
C PHE O 54 24.22 15.83 -33.40
N ARG O 55 24.13 16.52 -34.52
CA ARG O 55 25.07 16.40 -35.63
C ARG O 55 25.95 17.63 -35.66
N ILE O 56 27.24 17.46 -35.40
CA ILE O 56 28.17 18.55 -35.14
C ILE O 56 29.11 18.68 -36.33
N HIS O 57 29.21 19.90 -36.86
CA HIS O 57 30.04 20.20 -38.01
C HIS O 57 31.30 20.93 -37.59
N LEU O 58 32.45 20.49 -38.13
CA LEU O 58 33.74 21.03 -37.77
C LEU O 58 34.38 21.74 -38.96
N PRO O 59 35.27 22.69 -38.72
CA PRO O 59 36.01 23.30 -39.83
C PRO O 59 36.93 22.30 -40.51
N ASP O 60 37.18 22.55 -41.79
CA ASP O 60 38.14 21.76 -42.54
C ASP O 60 39.55 22.19 -42.13
N PRO O 61 40.33 21.32 -41.50
CA PRO O 61 41.68 21.73 -41.07
C PRO O 61 42.62 22.06 -42.22
N ASN O 62 42.33 21.57 -43.43
CA ASN O 62 43.17 21.91 -44.57
C ASN O 62 43.04 23.39 -44.93
N LYS O 63 41.83 23.94 -44.82
CA LYS O 63 41.60 25.36 -45.10
C LYS O 63 41.62 26.21 -43.84
N PHE O 64 41.76 25.60 -42.67
CA PHE O 64 41.78 26.34 -41.41
C PHE O 64 43.02 27.22 -41.32
N GLY O 65 42.88 28.35 -40.64
CA GLY O 65 43.97 29.29 -40.49
C GLY O 65 44.81 29.05 -39.25
N PHE O 66 45.97 28.43 -39.43
CA PHE O 66 46.87 28.17 -38.33
C PHE O 66 47.98 29.22 -38.28
N PRO O 67 48.38 29.65 -37.08
CA PRO O 67 49.53 30.58 -36.99
C PRO O 67 50.82 29.99 -37.54
N ASP O 68 51.00 28.68 -37.40
CA ASP O 68 52.18 27.99 -37.92
C ASP O 68 51.76 26.92 -38.91
N THR O 69 52.60 26.71 -39.92
CA THR O 69 52.30 25.77 -40.99
C THR O 69 53.43 24.78 -41.23
N SER O 70 54.65 25.04 -40.74
CA SER O 70 55.81 24.23 -41.07
C SER O 70 55.74 22.82 -40.50
N PHE O 71 54.78 22.51 -39.62
CA PHE O 71 54.70 21.19 -39.02
C PHE O 71 54.22 20.11 -39.99
N TYR O 72 53.73 20.48 -41.17
CA TYR O 72 53.27 19.50 -42.15
C TYR O 72 53.57 20.00 -43.55
N ASN O 73 53.58 19.05 -44.49
CA ASN O 73 53.86 19.34 -45.89
C ASN O 73 52.59 19.19 -46.72
N PRO O 74 51.98 20.28 -47.18
CA PRO O 74 50.71 20.15 -47.93
C PRO O 74 50.85 19.35 -49.22
N ASP O 75 52.07 19.18 -49.73
CA ASP O 75 52.24 18.43 -50.97
C ASP O 75 51.97 16.94 -50.79
N THR O 76 52.16 16.42 -49.57
CA THR O 76 51.97 14.99 -49.33
C THR O 76 51.26 14.68 -48.02
N GLN O 77 50.82 15.69 -47.27
CA GLN O 77 50.15 15.47 -45.99
C GLN O 77 48.73 16.01 -46.06
N ARG O 78 47.84 15.38 -45.30
CA ARG O 78 46.48 15.87 -45.13
C ARG O 78 46.12 15.80 -43.66
N LEU O 79 45.24 16.71 -43.24
CA LEU O 79 44.93 16.92 -41.84
C LEU O 79 43.53 16.42 -41.51
N VAL O 80 43.31 16.07 -40.24
CA VAL O 80 42.02 15.60 -39.76
C VAL O 80 41.95 15.85 -38.27
N TRP O 81 40.74 15.96 -37.74
CA TRP O 81 40.51 16.19 -36.32
C TRP O 81 40.29 14.87 -35.59
N ALA O 82 40.70 14.85 -34.32
CA ALA O 82 40.48 13.69 -33.46
C ALA O 82 39.88 14.18 -32.14
N CYS O 83 38.96 13.40 -31.60
CA CYS O 83 38.29 13.77 -30.35
C CYS O 83 38.98 13.09 -29.17
N VAL O 84 39.32 13.88 -28.15
CA VAL O 84 40.04 13.38 -26.99
C VAL O 84 39.34 13.68 -25.67
N GLY O 85 38.17 14.34 -25.69
CA GLY O 85 37.46 14.65 -24.48
C GLY O 85 36.13 15.34 -24.71
N VAL O 86 35.08 14.89 -24.01
CA VAL O 86 33.72 15.36 -24.23
C VAL O 86 33.05 15.57 -22.87
N GLU O 87 32.30 16.66 -22.74
CA GLU O 87 31.45 16.87 -21.58
C GLU O 87 30.08 17.35 -22.03
N VAL O 88 29.04 16.76 -21.44
CA VAL O 88 27.65 17.08 -21.74
C VAL O 88 27.05 17.73 -20.49
N GLY O 89 26.98 19.06 -20.49
CA GLY O 89 26.38 19.77 -19.37
C GLY O 89 24.86 19.75 -19.46
N ARG O 90 24.23 19.55 -18.31
CA ARG O 90 22.81 19.24 -18.22
C ARG O 90 22.20 20.10 -17.13
N GLY O 91 21.34 21.05 -17.51
CA GLY O 91 20.69 21.93 -16.57
C GLY O 91 19.36 21.38 -16.07
N GLN O 92 18.66 22.22 -15.28
CA GLN O 92 17.34 21.97 -14.69
C GLN O 92 17.45 21.06 -13.47
N PRO O 93 16.49 21.11 -12.55
CA PRO O 93 16.52 20.19 -11.41
C PRO O 93 16.09 18.79 -11.78
N LEU O 94 16.41 17.84 -10.90
CA LEU O 94 15.98 16.47 -11.07
C LEU O 94 14.49 16.33 -10.79
N GLY O 95 13.81 15.52 -11.60
CA GLY O 95 12.38 15.35 -11.45
C GLY O 95 11.92 14.13 -12.20
N VAL O 96 10.65 13.77 -11.96
CA VAL O 96 10.01 12.62 -12.61
C VAL O 96 8.71 13.10 -13.24
N GLY O 97 8.49 12.71 -14.49
CA GLY O 97 7.26 13.03 -15.19
C GLY O 97 6.40 11.80 -15.41
N ILE O 98 5.10 12.02 -15.59
CA ILE O 98 4.13 10.93 -15.72
C ILE O 98 3.31 11.15 -16.97
N SER O 99 2.73 10.05 -17.47
CA SER O 99 1.92 10.10 -18.67
C SER O 99 0.82 9.05 -18.58
N GLY O 100 -0.25 9.26 -19.35
CA GLY O 100 -1.35 8.32 -19.32
C GLY O 100 -2.28 8.49 -20.50
N HIS O 101 -3.39 7.76 -20.43
CA HIS O 101 -4.43 7.75 -21.45
C HIS O 101 -5.79 7.96 -20.79
N PRO O 102 -6.64 8.80 -21.39
CA PRO O 102 -8.01 8.96 -20.87
C PRO O 102 -8.93 7.80 -21.18
N LEU O 103 -8.59 6.95 -22.16
CA LEU O 103 -9.40 5.84 -22.59
C LEU O 103 -8.56 4.58 -22.74
N LEU O 104 -7.76 4.27 -21.72
CA LEU O 104 -6.85 3.15 -21.78
C LEU O 104 -7.59 1.84 -21.52
N ASN O 105 -7.21 0.79 -22.25
CA ASN O 105 -7.88 -0.50 -22.21
C ASN O 105 -7.44 -1.27 -20.96
N LYS O 106 -8.18 -1.10 -19.88
CA LYS O 106 -7.98 -1.86 -18.64
C LYS O 106 -9.30 -2.47 -18.23
N LEU O 107 -9.30 -3.77 -17.94
CA LEU O 107 -10.51 -4.47 -17.51
C LEU O 107 -10.63 -4.56 -16.00
N ASP O 108 -9.67 -5.22 -15.34
CA ASP O 108 -9.76 -5.46 -13.91
C ASP O 108 -8.37 -5.42 -13.30
N ASP O 109 -8.33 -5.30 -11.98
CA ASP O 109 -7.10 -5.39 -11.20
C ASP O 109 -6.96 -6.82 -10.70
N THR O 110 -5.97 -7.54 -11.21
CA THR O 110 -5.80 -8.97 -10.93
C THR O 110 -4.79 -9.25 -9.83
N GLU O 111 -4.20 -8.22 -9.23
CA GLU O 111 -3.26 -8.45 -8.13
C GLU O 111 -3.97 -9.09 -6.94
N ASN O 112 -5.16 -8.60 -6.62
CA ASN O 112 -5.99 -9.14 -5.55
C ASN O 112 -7.43 -9.00 -5.95
N ALA O 113 -8.18 -10.10 -5.94
CA ALA O 113 -9.55 -10.11 -6.43
C ALA O 113 -10.42 -10.94 -5.50
N SER O 114 -11.69 -10.52 -5.38
CA SER O 114 -12.65 -11.21 -4.52
C SER O 114 -13.96 -11.55 -5.20
N ALA O 115 -14.21 -11.06 -6.42
CA ALA O 115 -15.42 -11.39 -7.16
C ALA O 115 -15.04 -11.66 -8.61
N TYR O 116 -15.89 -12.40 -9.30
CA TYR O 116 -15.61 -12.83 -10.67
C TYR O 116 -16.40 -11.98 -11.65
N ALA O 117 -15.75 -11.58 -12.74
CA ALA O 117 -16.37 -10.73 -13.76
C ALA O 117 -17.12 -11.61 -14.76
N ALA O 118 -18.40 -11.82 -14.49
CA ALA O 118 -19.21 -12.75 -15.26
C ALA O 118 -20.00 -12.10 -16.39
N ASN O 119 -19.92 -10.78 -16.55
CA ASN O 119 -20.65 -10.07 -17.58
C ASN O 119 -19.74 -9.17 -18.38
N ALA O 120 -19.96 -9.12 -19.69
CA ALA O 120 -19.17 -8.30 -20.60
C ALA O 120 -19.96 -7.06 -21.00
N GLY O 121 -19.24 -5.96 -21.20
CA GLY O 121 -19.84 -4.69 -21.57
C GLY O 121 -19.41 -4.26 -22.97
N VAL O 122 -19.80 -3.04 -23.31
CA VAL O 122 -19.48 -2.48 -24.61
C VAL O 122 -18.19 -1.68 -24.57
N ASP O 123 -17.96 -0.91 -23.51
CA ASP O 123 -16.79 -0.06 -23.38
C ASP O 123 -16.37 -0.03 -21.91
N ASN O 124 -15.20 -0.59 -21.62
CA ASN O 124 -14.69 -0.69 -20.25
C ASN O 124 -13.39 0.09 -20.07
N ARG O 125 -13.19 1.12 -20.88
CA ARG O 125 -11.92 1.85 -20.88
C ARG O 125 -11.88 2.86 -19.74
N GLU O 126 -10.67 3.11 -19.24
CA GLU O 126 -10.46 3.91 -18.05
C GLU O 126 -9.43 5.00 -18.30
N CYS O 127 -9.34 5.94 -17.36
CA CYS O 127 -8.36 7.03 -17.40
C CYS O 127 -7.22 6.66 -16.45
N ILE O 128 -6.09 6.23 -17.02
CA ILE O 128 -5.00 5.66 -16.23
C ILE O 128 -3.71 6.37 -16.59
N SER O 129 -2.91 6.68 -15.57
CA SER O 129 -1.58 7.26 -15.75
C SER O 129 -0.55 6.43 -14.99
N MET O 130 0.71 6.57 -15.41
CA MET O 130 1.83 5.94 -14.72
C MET O 130 3.10 6.71 -15.04
N ASP O 131 4.16 6.35 -14.33
CA ASP O 131 5.51 6.85 -14.59
C ASP O 131 6.35 5.74 -15.20
N TYR O 132 7.20 6.11 -16.15
CA TYR O 132 7.92 5.15 -16.97
C TYR O 132 9.17 4.63 -16.25
N LYS O 133 9.93 3.81 -16.96
CA LYS O 133 11.19 3.32 -16.42
C LYS O 133 12.27 4.39 -16.50
N GLN O 134 13.34 4.19 -15.75
CA GLN O 134 14.44 5.14 -15.64
C GLN O 134 15.55 4.72 -16.60
N THR O 135 16.04 5.68 -17.39
CA THR O 135 17.05 5.41 -18.41
C THR O 135 17.94 6.62 -18.61
N GLN O 136 19.24 6.37 -18.69
CA GLN O 136 20.24 7.35 -19.13
C GLN O 136 21.15 6.66 -20.14
N LEU O 137 21.51 7.38 -21.20
CA LEU O 137 22.48 6.82 -22.14
C LEU O 137 23.14 7.94 -22.94
N CYS O 138 24.40 7.72 -23.26
CA CYS O 138 25.18 8.62 -24.13
C CYS O 138 25.99 7.78 -25.11
N LEU O 139 25.93 8.15 -26.39
CA LEU O 139 26.69 7.50 -27.44
C LEU O 139 27.43 8.55 -28.25
N ILE O 140 28.70 8.27 -28.60
CA ILE O 140 29.50 9.20 -29.39
C ILE O 140 30.06 8.44 -30.59
N GLY O 141 29.98 9.05 -31.77
CA GLY O 141 30.52 8.43 -32.95
C GLY O 141 30.71 9.42 -34.07
N CYS O 142 31.10 8.91 -35.24
CA CYS O 142 31.17 9.73 -36.45
C CYS O 142 30.12 9.35 -37.48
N LYS O 143 29.24 8.40 -37.16
CA LYS O 143 28.12 8.04 -38.01
C LYS O 143 26.86 7.94 -37.15
N PRO O 144 25.69 8.16 -37.76
CA PRO O 144 24.46 8.16 -36.97
C PRO O 144 24.19 6.80 -36.37
N PRO O 145 23.51 6.75 -35.23
CA PRO O 145 23.32 5.47 -34.53
C PRO O 145 22.31 4.57 -35.24
N ILE O 146 22.25 3.33 -34.77
CA ILE O 146 21.39 2.30 -35.34
C ILE O 146 20.51 1.75 -34.21
N GLY O 147 19.21 1.62 -34.48
CA GLY O 147 18.26 1.10 -33.53
C GLY O 147 17.48 -0.07 -34.11
N GLU O 148 16.78 -0.78 -33.22
CA GLU O 148 16.02 -1.97 -33.59
C GLU O 148 14.62 -1.93 -32.99
N HIS O 149 13.66 -2.50 -33.72
CA HIS O 149 12.30 -2.60 -33.19
C HIS O 149 11.58 -3.76 -33.85
N TRP O 150 10.40 -4.08 -33.33
CA TRP O 150 9.55 -5.14 -33.87
C TRP O 150 8.48 -4.53 -34.77
N GLY O 151 8.34 -5.09 -35.98
CA GLY O 151 7.36 -4.62 -36.92
C GLY O 151 6.68 -5.77 -37.63
N LYS O 152 5.78 -5.42 -38.54
CA LYS O 152 5.07 -6.42 -39.33
C LYS O 152 5.95 -6.97 -40.44
N GLY O 153 5.71 -8.23 -40.81
CA GLY O 153 6.41 -8.88 -41.88
C GLY O 153 5.50 -9.18 -43.06
N SER O 154 6.11 -9.76 -44.09
CA SER O 154 5.37 -10.16 -45.28
C SER O 154 4.87 -11.58 -45.12
N PRO O 155 3.55 -11.81 -45.09
CA PRO O 155 3.04 -13.18 -44.91
C PRO O 155 3.22 -14.01 -46.17
N CYS O 156 3.16 -15.33 -45.97
CA CYS O 156 3.22 -16.26 -47.09
C CYS O 156 1.92 -16.22 -47.89
N THR O 157 2.03 -16.44 -49.19
CA THR O 157 0.89 -16.38 -50.09
C THR O 157 0.20 -17.72 -50.29
N ASN O 158 0.64 -18.76 -49.56
CA ASN O 158 0.02 -20.08 -49.72
C ASN O 158 -1.43 -20.07 -49.27
N VAL O 159 -1.73 -19.38 -48.18
CA VAL O 159 -3.07 -19.34 -47.62
C VAL O 159 -3.51 -17.89 -47.45
N ALA O 160 -4.82 -17.66 -47.50
CA ALA O 160 -5.36 -16.33 -47.35
C ALA O 160 -5.36 -15.89 -45.90
N VAL O 161 -5.54 -14.59 -45.69
CA VAL O 161 -5.50 -13.98 -44.36
C VAL O 161 -6.87 -13.35 -44.10
N ASN O 162 -7.52 -13.75 -43.00
CA ASN O 162 -8.81 -13.21 -42.62
C ASN O 162 -8.63 -12.02 -41.67
N PRO O 163 -9.57 -11.08 -41.68
CA PRO O 163 -9.54 -9.99 -40.71
C PRO O 163 -9.49 -10.51 -39.28
N GLY O 164 -8.71 -9.83 -38.45
CA GLY O 164 -8.59 -10.20 -37.05
C GLY O 164 -7.48 -11.17 -36.74
N ASP O 165 -6.68 -11.57 -37.72
CA ASP O 165 -5.60 -12.51 -37.50
C ASP O 165 -4.39 -11.81 -36.88
N CYS O 166 -3.53 -12.60 -36.26
CA CYS O 166 -2.34 -12.05 -35.62
C CYS O 166 -1.35 -11.57 -36.67
N PRO O 167 -0.88 -10.33 -36.61
CA PRO O 167 0.11 -9.88 -37.58
C PRO O 167 1.42 -10.62 -37.39
N PRO O 168 2.15 -10.89 -38.47
CA PRO O 168 3.47 -11.51 -38.33
C PRO O 168 4.49 -10.50 -37.81
N LEU O 169 5.52 -11.01 -37.17
CA LEU O 169 6.50 -10.19 -36.46
C LEU O 169 7.89 -10.40 -37.03
N GLU O 170 8.63 -9.30 -37.18
CA GLU O 170 10.03 -9.36 -37.60
C GLU O 170 10.79 -8.23 -36.93
N LEU O 171 12.12 -8.36 -36.91
CA LEU O 171 13.00 -7.40 -36.26
C LEU O 171 13.65 -6.51 -37.31
N ILE O 172 13.53 -5.21 -37.14
CA ILE O 172 13.90 -4.22 -38.15
C ILE O 172 14.93 -3.27 -37.56
N ASN O 173 16.00 -3.01 -38.33
CA ASN O 173 17.06 -2.08 -37.96
C ASN O 173 16.92 -0.79 -38.77
N THR O 174 16.95 0.35 -38.08
CA THR O 174 16.82 1.65 -38.72
C THR O 174 17.85 2.60 -38.11
N VAL O 175 17.81 3.85 -38.56
CA VAL O 175 18.70 4.90 -38.06
C VAL O 175 17.92 5.76 -37.09
N ILE O 176 18.48 5.99 -35.90
CA ILE O 176 17.84 6.82 -34.89
C ILE O 176 18.00 8.28 -35.27
N GLN O 177 16.90 9.03 -35.22
CA GLN O 177 16.89 10.44 -35.55
C GLN O 177 16.44 11.24 -34.34
N ASP O 178 16.60 12.57 -34.44
CA ASP O 178 16.22 13.45 -33.36
C ASP O 178 14.71 13.47 -33.20
N GLY O 179 14.24 13.24 -31.97
CA GLY O 179 12.82 13.23 -31.67
C GLY O 179 12.18 11.85 -31.60
N ASP O 180 12.95 10.78 -31.79
CA ASP O 180 12.41 9.45 -31.68
C ASP O 180 12.10 9.13 -30.21
N MET O 181 11.32 8.07 -30.01
CA MET O 181 10.90 7.68 -28.67
C MET O 181 11.74 6.50 -28.17
N VAL O 182 12.13 6.55 -26.90
CA VAL O 182 12.88 5.48 -26.27
C VAL O 182 11.89 4.53 -25.61
N ASP O 183 12.36 3.33 -25.29
CA ASP O 183 11.51 2.34 -24.61
C ASP O 183 11.11 2.81 -23.22
N THR O 184 9.85 2.58 -22.89
CA THR O 184 9.27 3.06 -21.65
C THR O 184 8.81 1.96 -20.71
N GLY O 185 9.08 0.69 -21.04
CA GLY O 185 8.59 -0.43 -20.26
C GLY O 185 7.54 -1.27 -20.94
N PHE O 186 7.25 -1.03 -22.22
CA PHE O 186 6.27 -1.82 -22.96
C PHE O 186 6.89 -2.58 -24.12
N GLY O 187 8.16 -2.38 -24.42
CA GLY O 187 8.83 -3.06 -25.50
C GLY O 187 9.19 -2.11 -26.64
N ALA O 188 10.00 -2.63 -27.55
CA ALA O 188 10.47 -1.89 -28.73
C ALA O 188 9.66 -2.37 -29.94
N MET O 189 8.51 -1.76 -30.16
CA MET O 189 7.63 -2.17 -31.25
C MET O 189 6.99 -0.94 -31.88
N ASP O 190 6.42 -1.15 -33.06
CA ASP O 190 5.66 -0.12 -33.77
C ASP O 190 4.22 -0.20 -33.29
N PHE O 191 3.81 0.74 -32.45
CA PHE O 191 2.47 0.72 -31.87
C PHE O 191 1.40 1.13 -32.87
N THR O 192 1.78 1.79 -33.96
CA THR O 192 0.78 2.22 -34.94
C THR O 192 0.27 1.04 -35.77
N THR O 193 1.16 0.14 -36.17
CA THR O 193 0.79 -0.95 -37.07
C THR O 193 0.43 -2.24 -36.34
N LEU O 194 0.94 -2.45 -35.13
CA LEU O 194 0.69 -3.68 -34.39
C LEU O 194 -0.47 -3.56 -33.40
N GLN O 195 -1.06 -2.37 -33.26
CA GLN O 195 -2.20 -2.15 -32.38
C GLN O 195 -3.23 -1.32 -33.12
N ALA O 196 -4.47 -1.80 -33.15
CA ALA O 196 -5.51 -1.18 -33.96
C ALA O 196 -6.53 -0.39 -33.16
N ASN O 197 -6.70 -0.66 -31.86
CA ASN O 197 -7.70 0.01 -31.07
C ASN O 197 -7.24 1.36 -30.52
N LYS O 198 -5.95 1.67 -30.62
CA LYS O 198 -5.39 2.96 -30.24
C LYS O 198 -5.56 3.27 -28.76
N SER O 199 -5.73 2.25 -27.92
CA SER O 199 -6.06 2.48 -26.51
C SER O 199 -5.31 1.54 -25.58
N GLU O 200 -4.09 1.12 -25.95
CA GLU O 200 -3.34 0.17 -25.14
C GLU O 200 -2.12 0.76 -24.47
N VAL O 201 -1.60 1.88 -24.97
CA VAL O 201 -0.44 2.54 -24.38
C VAL O 201 -0.73 4.04 -24.30
N PRO O 202 -0.02 4.78 -23.44
CA PRO O 202 -0.31 6.21 -23.26
C PRO O 202 -0.18 7.02 -24.54
N LEU O 203 -0.58 8.29 -24.42
CA LEU O 203 -0.82 9.16 -25.57
C LEU O 203 0.45 9.55 -26.32
N ASP O 204 1.62 9.52 -25.66
CA ASP O 204 2.84 9.96 -26.32
C ASP O 204 3.58 8.84 -27.04
N ILE O 205 3.10 7.60 -26.96
CA ILE O 205 3.68 6.50 -27.70
C ILE O 205 2.65 5.67 -28.46
N CYS O 206 1.37 6.05 -28.40
CA CYS O 206 0.32 5.24 -29.01
C CYS O 206 0.35 5.26 -30.54
N THR O 207 1.05 6.22 -31.14
CA THR O 207 1.17 6.31 -32.59
C THR O 207 2.62 6.50 -33.01
N SER O 208 3.56 5.93 -32.26
CA SER O 208 4.98 6.12 -32.49
C SER O 208 5.69 4.77 -32.48
N ILE O 209 6.98 4.80 -32.80
CA ILE O 209 7.85 3.63 -32.73
C ILE O 209 8.85 3.85 -31.60
N CYS O 210 8.96 2.87 -30.73
CA CYS O 210 9.99 2.85 -29.69
C CYS O 210 11.16 2.00 -30.18
N LYS O 211 12.36 2.57 -30.14
CA LYS O 211 13.55 1.91 -30.65
C LYS O 211 14.57 1.71 -29.53
N TYR O 212 15.31 0.62 -29.63
CA TYR O 212 16.39 0.31 -28.72
C TYR O 212 17.71 0.27 -29.49
N PRO O 213 18.78 0.81 -28.92
CA PRO O 213 20.07 0.79 -29.63
C PRO O 213 20.54 -0.62 -29.90
N ASP O 214 21.13 -0.82 -31.08
CA ASP O 214 21.64 -2.13 -31.49
C ASP O 214 23.13 -2.19 -31.17
N TYR O 215 23.43 -2.45 -29.90
CA TYR O 215 24.82 -2.50 -29.45
C TYR O 215 25.59 -3.64 -30.11
N ILE O 216 24.96 -4.81 -30.24
CA ILE O 216 25.66 -5.97 -30.77
C ILE O 216 26.06 -5.74 -32.22
N LYS O 217 25.16 -5.16 -33.01
CA LYS O 217 25.50 -4.87 -34.41
C LYS O 217 26.47 -3.71 -34.53
N MET O 218 26.37 -2.72 -33.65
CA MET O 218 27.28 -1.58 -33.67
C MET O 218 28.72 -1.96 -33.34
N VAL O 219 28.92 -2.84 -32.36
CA VAL O 219 30.27 -3.20 -31.98
C VAL O 219 30.90 -4.23 -32.91
N SER O 220 30.08 -4.93 -33.71
CA SER O 220 30.56 -5.92 -34.65
C SER O 220 30.91 -5.32 -36.02
N GLU O 221 30.76 -4.02 -36.19
CA GLU O 221 31.12 -3.39 -37.44
C GLU O 221 32.63 -3.47 -37.65
N PRO O 222 33.08 -3.84 -38.86
CA PRO O 222 34.53 -4.03 -39.08
C PRO O 222 35.36 -2.78 -38.81
N TYR O 223 34.85 -1.59 -39.17
CA TYR O 223 35.63 -0.38 -39.03
C TYR O 223 35.38 0.36 -37.72
N GLY O 224 34.25 0.13 -37.07
CA GLY O 224 33.97 0.76 -35.79
C GLY O 224 33.82 2.26 -35.84
N ASP O 225 33.19 2.78 -36.89
CA ASP O 225 32.99 4.23 -37.01
C ASP O 225 31.73 4.72 -36.30
N SER O 226 30.76 3.85 -36.08
CA SER O 226 29.48 4.27 -35.52
C SER O 226 29.48 4.36 -33.99
N LEU O 227 30.56 3.97 -33.33
CA LEU O 227 30.58 3.97 -31.87
C LEU O 227 32.02 4.06 -31.40
N PHE O 228 32.41 5.22 -30.85
CA PHE O 228 33.67 5.37 -30.15
C PHE O 228 33.53 5.14 -28.65
N PHE O 229 32.39 5.49 -28.07
CA PHE O 229 32.21 5.50 -26.63
C PHE O 229 30.72 5.48 -26.33
N TYR O 230 30.35 4.79 -25.25
CA TYR O 230 28.95 4.72 -24.87
C TYR O 230 28.81 4.40 -23.38
N LEU O 231 27.80 4.98 -22.76
CA LEU O 231 27.40 4.69 -21.40
C LEU O 231 25.88 4.48 -21.35
N ARG O 232 25.45 3.56 -20.50
CA ARG O 232 24.03 3.26 -20.36
C ARG O 232 23.73 2.90 -18.91
N ARG O 233 22.50 3.20 -18.48
CA ARG O 233 22.06 2.84 -17.14
C ARG O 233 20.54 2.90 -17.10
N GLU O 234 19.88 1.76 -16.83
CA GLU O 234 18.43 1.69 -16.85
C GLU O 234 17.92 0.80 -15.72
N GLN O 235 16.70 1.08 -15.27
CA GLN O 235 16.09 0.35 -14.16
C GLN O 235 14.58 0.55 -14.16
N MET O 236 13.87 -0.44 -13.62
CA MET O 236 12.40 -0.40 -13.53
C MET O 236 11.92 -1.51 -12.59
N PHE O 237 10.66 -1.38 -12.17
CA PHE O 237 9.95 -2.44 -11.46
C PHE O 237 8.47 -2.34 -11.78
N VAL O 238 7.68 -3.23 -11.18
CA VAL O 238 6.26 -3.41 -11.50
C VAL O 238 5.42 -2.85 -10.37
N ARG O 239 4.45 -2.00 -10.71
CA ARG O 239 3.55 -1.43 -9.71
C ARG O 239 2.16 -2.04 -9.70
N HIS O 240 1.56 -2.28 -10.87
CA HIS O 240 0.19 -2.75 -10.94
C HIS O 240 0.08 -3.89 -11.94
N LEU O 241 -0.93 -4.74 -11.74
CA LEU O 241 -1.19 -5.89 -12.59
C LEU O 241 -2.65 -5.85 -13.02
N PHE O 242 -2.91 -5.79 -14.32
CA PHE O 242 -4.25 -5.59 -14.86
C PHE O 242 -4.57 -6.65 -15.89
N ASN O 243 -5.81 -6.58 -16.40
CA ASN O 243 -6.31 -7.35 -17.54
C ASN O 243 -6.52 -6.43 -18.74
N ARG O 244 -6.93 -7.04 -19.84
CA ARG O 244 -7.33 -6.32 -21.04
C ARG O 244 -8.71 -6.82 -21.47
N ALA O 245 -9.46 -5.96 -22.15
CA ALA O 245 -10.80 -6.26 -22.61
C ALA O 245 -10.82 -6.36 -24.13
N GLY O 246 -11.58 -7.31 -24.65
CA GLY O 246 -11.67 -7.53 -26.07
C GLY O 246 -12.10 -8.96 -26.35
N ALA O 247 -11.99 -9.33 -27.61
CA ALA O 247 -12.25 -10.71 -28.02
C ALA O 247 -10.99 -11.54 -27.87
N VAL O 248 -11.16 -12.83 -27.62
CA VAL O 248 -10.05 -13.73 -27.36
C VAL O 248 -9.51 -14.25 -28.68
N GLY O 249 -8.27 -13.89 -29.00
CA GLY O 249 -7.66 -14.37 -30.23
C GLY O 249 -7.33 -15.85 -30.20
N ASP O 250 -6.75 -16.32 -29.11
CA ASP O 250 -6.34 -17.71 -28.95
C ASP O 250 -6.94 -18.27 -27.68
N ASN O 251 -7.65 -19.39 -27.81
CA ASN O 251 -8.31 -20.00 -26.66
C ASN O 251 -7.32 -20.78 -25.80
N VAL O 252 -7.57 -20.79 -24.50
CA VAL O 252 -6.77 -21.60 -23.57
C VAL O 252 -7.05 -23.08 -23.84
N PRO O 253 -6.04 -23.94 -23.91
CA PRO O 253 -6.29 -25.36 -24.12
C PRO O 253 -7.12 -25.97 -23.00
N ASP O 254 -7.95 -26.95 -23.35
CA ASP O 254 -8.90 -27.53 -22.41
C ASP O 254 -8.23 -28.42 -21.38
N ASP O 255 -6.95 -28.74 -21.53
CA ASP O 255 -6.25 -29.63 -20.61
C ASP O 255 -5.44 -28.88 -19.57
N LEU O 256 -5.65 -27.57 -19.43
CA LEU O 256 -4.94 -26.76 -18.45
C LEU O 256 -5.81 -26.31 -17.28
N TYR O 257 -7.10 -26.67 -17.28
CA TYR O 257 -8.01 -26.21 -16.24
C TYR O 257 -9.21 -27.14 -16.18
N ILE O 258 -9.98 -27.01 -15.10
CA ILE O 258 -11.24 -27.73 -14.92
C ILE O 258 -12.38 -26.72 -14.98
N LYS O 259 -13.39 -27.03 -15.78
CA LYS O 259 -14.46 -26.07 -16.04
C LYS O 259 -15.30 -25.82 -14.79
N GLY O 260 -15.73 -24.58 -14.63
CA GLY O 260 -16.55 -24.17 -13.51
C GLY O 260 -18.02 -24.05 -13.88
N SER O 261 -18.79 -23.47 -12.95
CA SER O 261 -20.22 -23.33 -13.11
C SER O 261 -20.69 -22.11 -12.35
N GLY O 262 -21.82 -21.56 -12.78
CA GLY O 262 -22.39 -20.38 -12.15
C GLY O 262 -21.71 -19.10 -12.58
N SER O 263 -21.01 -18.45 -11.66
CA SER O 263 -20.26 -17.25 -12.00
C SER O 263 -19.04 -17.57 -12.84
N THR O 264 -18.44 -18.75 -12.66
CA THR O 264 -17.23 -19.15 -13.35
C THR O 264 -17.52 -20.06 -14.55
N ALA O 265 -18.70 -19.94 -15.16
CA ALA O 265 -19.02 -20.75 -16.33
C ALA O 265 -18.11 -20.40 -17.51
N ASN O 266 -17.81 -19.12 -17.68
CA ASN O 266 -16.90 -18.65 -18.71
C ASN O 266 -15.61 -18.18 -18.08
N LEU O 267 -14.59 -18.00 -18.91
CA LEU O 267 -13.25 -17.65 -18.45
C LEU O 267 -13.01 -16.15 -18.58
N ALA O 268 -12.25 -15.62 -17.63
CA ALA O 268 -11.84 -14.22 -17.67
C ALA O 268 -10.60 -14.06 -18.55
N SER O 269 -10.22 -12.82 -18.78
CA SER O 269 -9.13 -12.51 -19.70
C SER O 269 -7.79 -13.00 -19.16
N SER O 270 -6.97 -13.57 -20.05
CA SER O 270 -5.62 -14.00 -19.74
C SER O 270 -4.56 -13.13 -20.40
N ASN O 271 -4.94 -11.94 -20.87
CA ASN O 271 -3.99 -11.00 -21.46
C ASN O 271 -3.53 -10.02 -20.40
N TYR O 272 -2.70 -10.52 -19.49
CA TYR O 272 -2.20 -9.72 -18.39
C TYR O 272 -1.10 -8.77 -18.86
N PHE O 273 -1.11 -7.55 -18.33
CA PHE O 273 -0.04 -6.60 -18.59
C PHE O 273 0.31 -5.85 -17.32
N PRO O 274 1.59 -5.57 -17.08
CA PRO O 274 2.00 -4.84 -15.89
C PRO O 274 2.11 -3.34 -16.14
N THR O 275 2.27 -2.60 -15.04
CA THR O 275 2.52 -1.17 -15.09
C THR O 275 3.94 -0.88 -14.67
N PRO O 276 4.76 -0.28 -15.54
CA PRO O 276 6.16 -0.02 -15.19
C PRO O 276 6.31 1.13 -14.22
N SER O 277 7.48 1.17 -13.59
CA SER O 277 7.81 2.27 -12.68
C SER O 277 9.32 2.36 -12.53
N GLY O 278 9.90 3.49 -12.96
CA GLY O 278 11.23 3.83 -12.50
C GLY O 278 11.20 4.18 -11.03
N SER O 279 12.25 3.83 -10.31
CA SER O 279 12.19 3.89 -8.86
C SER O 279 12.41 5.31 -8.32
N MET O 280 13.58 5.86 -8.53
CA MET O 280 13.97 7.03 -7.75
C MET O 280 15.22 7.65 -8.34
N VAL O 281 15.22 8.97 -8.44
CA VAL O 281 16.33 9.71 -9.03
C VAL O 281 17.22 10.25 -7.92
N THR O 282 18.52 10.08 -8.07
CA THR O 282 19.49 10.55 -7.08
C THR O 282 20.64 11.24 -7.80
N SER O 283 21.34 12.12 -7.07
CA SER O 283 22.49 12.81 -7.65
C SER O 283 23.71 11.90 -7.77
N ASP O 284 23.79 10.84 -6.98
CA ASP O 284 24.95 9.97 -7.01
C ASP O 284 24.97 9.02 -8.19
N ALA O 285 23.82 8.83 -8.86
CA ALA O 285 23.71 7.90 -9.97
C ALA O 285 23.72 8.59 -11.32
N GLN O 286 24.13 9.86 -11.37
CA GLN O 286 24.11 10.63 -12.61
C GLN O 286 25.37 10.37 -13.41
N ILE O 287 25.19 10.21 -14.73
CA ILE O 287 26.32 10.03 -15.64
C ILE O 287 26.66 11.31 -16.40
N PHE O 288 25.90 12.38 -16.21
CA PHE O 288 26.11 13.63 -16.91
C PHE O 288 26.85 14.62 -16.01
N ASN O 289 27.23 15.75 -16.62
CA ASN O 289 28.01 16.78 -15.94
C ASN O 289 29.37 16.25 -15.48
N LYS O 290 29.89 15.25 -16.19
CA LYS O 290 31.19 14.65 -15.91
C LYS O 290 31.98 14.56 -17.21
N PRO O 291 33.28 14.85 -17.17
CA PRO O 291 34.09 14.76 -18.38
C PRO O 291 34.48 13.32 -18.70
N TYR O 292 34.48 13.02 -20.00
CA TYR O 292 34.87 11.72 -20.51
C TYR O 292 36.16 11.87 -21.31
N TRP O 293 37.16 11.05 -21.00
CA TRP O 293 38.41 11.04 -21.72
C TRP O 293 38.46 9.82 -22.63
N LEU O 294 38.69 10.05 -23.92
CA LEU O 294 38.70 8.99 -24.92
C LEU O 294 40.15 8.58 -25.19
N GLN O 295 40.67 7.73 -24.31
CA GLN O 295 42.05 7.28 -24.43
C GLN O 295 42.21 6.24 -25.52
N ARG O 296 41.41 5.18 -25.46
CA ARG O 296 41.53 4.07 -26.41
C ARG O 296 40.15 3.50 -26.66
N ALA O 297 39.66 3.65 -27.89
CA ALA O 297 38.37 3.10 -28.27
C ALA O 297 38.45 1.58 -28.42
N GLN O 298 37.29 0.94 -28.35
CA GLN O 298 37.25 -0.52 -28.47
C GLN O 298 37.52 -0.97 -29.89
N GLY O 299 36.92 -0.30 -30.88
CA GLY O 299 37.06 -0.68 -32.26
C GLY O 299 38.38 -0.20 -32.86
N HIS O 300 38.49 -0.37 -34.17
CA HIS O 300 39.72 0.03 -34.86
C HIS O 300 39.82 1.53 -35.03
N ASN O 301 38.70 2.24 -35.12
CA ASN O 301 38.72 3.69 -35.18
C ASN O 301 38.87 4.26 -33.78
N ASN O 302 39.84 5.15 -33.61
CA ASN O 302 40.24 5.66 -32.30
C ASN O 302 39.93 7.15 -32.14
N GLY O 303 38.75 7.57 -32.56
CA GLY O 303 38.32 8.94 -32.39
C GLY O 303 38.55 9.87 -33.55
N ILE O 304 38.91 9.35 -34.71
CA ILE O 304 39.14 10.18 -35.88
C ILE O 304 37.79 10.55 -36.50
N CYS O 305 37.55 11.85 -36.69
CA CYS O 305 36.29 12.35 -37.20
C CYS O 305 36.42 12.56 -38.70
N TRP O 306 36.21 11.48 -39.46
CA TRP O 306 36.29 11.55 -40.90
C TRP O 306 35.17 12.42 -41.46
N GLY O 307 35.51 13.26 -42.43
CA GLY O 307 34.55 14.13 -43.04
C GLY O 307 34.19 15.37 -42.24
N ASN O 308 34.90 15.64 -41.16
CA ASN O 308 34.65 16.79 -40.28
C ASN O 308 33.21 16.76 -39.76
N GLN O 309 32.91 15.71 -39.01
CA GLN O 309 31.54 15.40 -38.65
C GLN O 309 31.53 14.57 -37.37
N LEU O 310 30.62 14.89 -36.46
CA LEU O 310 30.49 14.16 -35.21
C LEU O 310 29.02 13.94 -34.90
N PHE O 311 28.72 12.86 -34.17
CA PHE O 311 27.36 12.51 -33.79
C PHE O 311 27.33 12.20 -32.30
N VAL O 312 26.41 12.85 -31.58
CA VAL O 312 26.25 12.63 -30.14
C VAL O 312 24.78 12.32 -29.88
N THR O 313 24.53 11.16 -29.26
CA THR O 313 23.18 10.74 -28.92
C THR O 313 23.01 10.72 -27.41
N VAL O 314 21.95 11.36 -26.92
CA VAL O 314 21.71 11.55 -25.50
C VAL O 314 20.27 11.17 -25.17
N VAL O 315 20.09 10.40 -24.10
CA VAL O 315 18.79 10.15 -23.49
C VAL O 315 18.94 10.33 -21.99
N ASP O 316 18.04 11.11 -21.39
CA ASP O 316 18.08 11.37 -19.95
C ASP O 316 16.65 11.61 -19.46
N THR O 317 16.08 10.64 -18.77
CA THR O 317 14.73 10.76 -18.23
C THR O 317 14.72 11.17 -16.76
N THR O 318 15.86 11.57 -16.21
CA THR O 318 15.97 11.95 -14.82
C THR O 318 15.62 13.42 -14.57
N ARG O 319 15.38 14.19 -15.63
CA ARG O 319 14.88 15.56 -15.53
C ARG O 319 13.69 15.65 -16.48
N SER O 320 12.51 15.27 -15.99
CA SER O 320 11.34 15.21 -16.86
C SER O 320 10.11 15.80 -16.19
N THR O 321 10.29 16.85 -15.40
CA THR O 321 9.17 17.51 -14.74
C THR O 321 8.37 18.34 -15.74
N ASN O 322 7.06 18.11 -15.77
CA ASN O 322 6.15 18.90 -16.60
C ASN O 322 5.51 19.99 -15.74
N MET O 323 5.50 21.21 -16.26
CA MET O 323 4.98 22.36 -15.54
C MET O 323 3.52 22.60 -15.92
N SER O 324 2.70 22.86 -14.90
CA SER O 324 1.28 23.17 -15.07
C SER O 324 1.10 24.68 -15.06
N LEU O 325 0.38 25.18 -16.06
CA LEU O 325 0.11 26.60 -16.19
C LEU O 325 -1.39 26.84 -16.18
N CYS O 326 -1.82 27.95 -15.59
CA CYS O 326 -3.24 28.27 -15.47
C CYS O 326 -3.47 29.71 -15.88
N ALA O 327 -4.50 29.92 -16.70
CA ALA O 327 -4.85 31.26 -17.17
C ALA O 327 -6.32 31.56 -16.84
N ALA O 328 -6.58 32.77 -16.37
CA ALA O 328 -7.90 33.17 -15.92
C ALA O 328 -8.67 33.81 -17.07
N ILE O 329 -9.88 33.30 -17.34
CA ILE O 329 -10.70 33.86 -18.41
C ILE O 329 -11.35 35.16 -17.96
N SER O 330 -12.03 35.14 -16.82
CA SER O 330 -12.64 36.33 -16.24
C SER O 330 -12.21 36.44 -14.78
N THR O 331 -11.80 37.63 -14.39
CA THR O 331 -11.32 37.89 -13.03
C THR O 331 -12.32 38.69 -12.20
N SER O 332 -13.56 38.81 -12.65
CA SER O 332 -14.58 39.61 -11.97
C SER O 332 -15.51 38.74 -11.12
N GLU O 333 -14.97 37.66 -10.55
CA GLU O 333 -15.72 36.76 -9.70
C GLU O 333 -14.94 36.49 -8.44
N THR O 334 -15.62 36.56 -7.29
CA THR O 334 -14.99 36.32 -6.00
C THR O 334 -15.18 34.90 -5.49
N THR O 335 -15.85 34.04 -6.24
CA THR O 335 -16.05 32.65 -5.88
C THR O 335 -15.49 31.75 -6.98
N TYR O 336 -14.83 30.67 -6.58
CA TYR O 336 -14.13 29.82 -7.53
C TYR O 336 -15.12 28.99 -8.34
N LYS O 337 -14.93 28.99 -9.67
CA LYS O 337 -15.66 28.16 -10.60
C LYS O 337 -14.68 27.45 -11.51
N ASN O 338 -14.97 26.18 -11.83
CA ASN O 338 -14.05 25.41 -12.67
C ASN O 338 -13.95 25.99 -14.08
N THR O 339 -15.01 26.63 -14.56
CA THR O 339 -15.08 27.11 -15.93
C THR O 339 -14.44 28.47 -16.14
N ASN O 340 -13.86 29.07 -15.10
CA ASN O 340 -13.24 30.38 -15.21
C ASN O 340 -11.73 30.30 -15.41
N PHE O 341 -11.16 29.11 -15.52
CA PHE O 341 -9.71 28.93 -15.65
C PHE O 341 -9.41 27.89 -16.71
N LYS O 342 -8.26 28.04 -17.37
CA LYS O 342 -7.78 27.12 -18.38
C LYS O 342 -6.43 26.57 -17.97
N GLU O 343 -6.21 25.29 -18.27
CA GLU O 343 -5.04 24.53 -17.83
C GLU O 343 -4.18 24.12 -19.02
N TYR O 344 -2.86 24.23 -18.85
CA TYR O 344 -1.90 23.89 -19.89
C TYR O 344 -0.72 23.15 -19.28
N LEU O 345 -0.02 22.38 -20.11
CA LEU O 345 1.17 21.64 -19.72
C LEU O 345 2.34 22.02 -20.61
N ARG O 346 3.51 22.22 -20.00
CA ARG O 346 4.70 22.58 -20.75
C ARG O 346 5.91 21.80 -20.23
N HIS O 347 6.92 21.66 -21.08
CA HIS O 347 8.18 21.02 -20.71
C HIS O 347 9.33 21.79 -21.34
N GLY O 348 10.33 22.08 -20.53
CA GLY O 348 11.52 22.78 -21.00
C GLY O 348 12.77 21.99 -20.69
N GLU O 349 13.74 22.06 -21.60
CA GLU O 349 14.92 21.21 -21.55
C GLU O 349 16.14 22.01 -21.99
N GLU O 350 17.25 21.84 -21.25
CA GLU O 350 18.44 22.66 -21.38
C GLU O 350 19.67 21.79 -21.59
N TYR O 351 20.56 22.21 -22.49
CA TYR O 351 21.71 21.42 -22.90
C TYR O 351 22.95 22.31 -23.03
N ASP O 352 24.11 21.68 -22.88
CA ASP O 352 25.41 22.30 -23.12
C ASP O 352 26.37 21.21 -23.56
N LEU O 353 27.27 21.52 -24.49
CA LEU O 353 28.24 20.56 -24.96
C LEU O 353 29.61 21.22 -25.08
N GLN O 354 30.67 20.49 -24.70
CA GLN O 354 32.02 21.01 -24.88
C GLN O 354 32.99 19.87 -25.17
N PHE O 355 33.97 20.17 -26.02
CA PHE O 355 34.82 19.17 -26.64
C PHE O 355 36.27 19.65 -26.68
N ILE O 356 37.20 18.70 -26.58
CA ILE O 356 38.63 18.93 -26.84
C ILE O 356 39.02 18.12 -28.06
N PHE O 357 39.67 18.77 -29.02
CA PHE O 357 40.06 18.14 -30.27
C PHE O 357 41.57 18.21 -30.45
N GLN O 358 42.14 17.19 -31.08
CA GLN O 358 43.54 17.13 -31.40
C GLN O 358 43.72 17.07 -32.92
N LEU O 359 44.78 17.72 -33.40
CA LEU O 359 45.10 17.77 -34.82
C LEU O 359 46.01 16.61 -35.19
N CYS O 360 45.65 15.92 -36.28
CA CYS O 360 46.41 14.78 -36.78
C CYS O 360 46.72 14.98 -38.25
N LYS O 361 47.73 14.26 -38.74
CA LYS O 361 48.13 14.35 -40.14
C LYS O 361 48.34 12.95 -40.69
N ILE O 362 48.08 12.79 -41.99
CA ILE O 362 48.14 11.51 -42.68
C ILE O 362 49.01 11.66 -43.91
N THR O 363 49.94 10.72 -44.10
CA THR O 363 50.78 10.68 -45.30
C THR O 363 50.10 9.79 -46.34
N LEU O 364 49.87 10.35 -47.52
CA LEU O 364 49.09 9.68 -48.56
C LEU O 364 50.05 8.95 -49.51
N THR O 365 50.36 7.70 -49.17
CA THR O 365 51.11 6.83 -50.06
C THR O 365 50.13 5.98 -50.87
N ALA O 366 50.67 5.19 -51.81
CA ALA O 366 49.80 4.39 -52.68
C ALA O 366 48.99 3.37 -51.88
N ASP O 367 49.65 2.67 -50.95
CA ASP O 367 48.94 1.70 -50.12
C ASP O 367 47.91 2.38 -49.23
N VAL O 368 48.28 3.51 -48.63
CA VAL O 368 47.34 4.25 -47.79
C VAL O 368 46.17 4.76 -48.61
N MET O 369 46.45 5.28 -49.81
CA MET O 369 45.39 5.76 -50.67
C MET O 369 44.43 4.64 -51.04
N THR O 370 44.96 3.47 -51.40
CA THR O 370 44.11 2.34 -51.74
C THR O 370 43.26 1.90 -50.55
N TYR O 371 43.87 1.82 -49.36
CA TYR O 371 43.14 1.38 -48.18
C TYR O 371 42.01 2.36 -47.85
N ILE O 372 42.30 3.67 -47.88
CA ILE O 372 41.28 4.64 -47.53
C ILE O 372 40.18 4.68 -48.58
N HIS O 373 40.53 4.54 -49.86
CA HIS O 373 39.51 4.49 -50.90
C HIS O 373 38.60 3.28 -50.72
N SER O 374 39.17 2.13 -50.37
CA SER O 374 38.35 0.95 -50.10
C SER O 374 37.48 1.16 -48.87
N MET O 375 38.00 1.87 -47.87
CA MET O 375 37.23 2.13 -46.65
C MET O 375 36.07 3.09 -46.92
N ASN O 376 36.34 4.20 -47.61
CA ASN O 376 35.32 5.20 -47.89
C ASN O 376 35.79 6.03 -49.08
N SER O 377 34.99 6.04 -50.14
CA SER O 377 35.42 6.70 -51.37
C SER O 377 35.33 8.22 -51.27
N THR O 378 34.40 8.74 -50.45
CA THR O 378 34.16 10.17 -50.41
C THR O 378 35.29 10.95 -49.76
N ILE O 379 36.11 10.29 -48.94
CA ILE O 379 37.16 11.00 -48.21
C ILE O 379 38.19 11.59 -49.18
N LEU O 380 38.64 10.78 -50.15
CA LEU O 380 39.60 11.26 -51.12
C LEU O 380 39.02 12.37 -51.99
N GLU O 381 37.74 12.23 -52.38
CA GLU O 381 37.12 13.24 -53.22
C GLU O 381 36.97 14.57 -52.47
N ASP O 382 36.65 14.51 -51.17
CA ASP O 382 36.54 15.74 -50.39
C ASP O 382 37.88 16.47 -50.29
N TRP O 383 38.97 15.72 -50.14
CA TRP O 383 40.29 16.33 -50.04
C TRP O 383 40.72 16.92 -51.38
N PRO O 421 23.57 12.45 -48.82
CA PRO O 421 23.48 11.14 -48.15
C PRO O 421 22.52 11.16 -46.98
N LEU O 422 22.85 11.92 -45.93
CA LEU O 422 21.99 12.07 -44.77
C LEU O 422 21.07 13.27 -44.92
N LYS O 423 20.36 13.33 -46.05
CA LYS O 423 19.46 14.45 -46.33
C LYS O 423 18.00 14.14 -46.02
N LYS O 424 17.66 12.88 -45.80
CA LYS O 424 16.30 12.48 -45.46
C LYS O 424 16.12 12.19 -43.97
N TYR O 425 17.10 12.54 -43.15
CA TYR O 425 17.02 12.39 -41.70
C TYR O 425 17.05 13.77 -41.05
N THR O 426 16.51 13.84 -39.83
CA THR O 426 16.45 15.08 -39.07
C THR O 426 17.31 14.93 -37.83
N PHE O 427 18.28 15.83 -37.68
CA PHE O 427 19.13 15.90 -36.49
C PHE O 427 19.12 17.32 -35.97
N TRP O 428 19.53 17.47 -34.71
CA TRP O 428 19.79 18.80 -34.15
C TRP O 428 21.16 19.24 -34.61
N GLU O 429 21.20 20.24 -35.48
CA GLU O 429 22.45 20.66 -36.11
C GLU O 429 23.22 21.60 -35.20
N VAL O 430 24.52 21.33 -35.06
CA VAL O 430 25.42 22.16 -34.27
C VAL O 430 26.56 22.61 -35.18
N ASN O 431 26.80 23.92 -35.22
CA ASN O 431 27.80 24.52 -36.11
C ASN O 431 28.92 25.10 -35.26
N LEU O 432 30.06 24.42 -35.22
CA LEU O 432 31.22 24.85 -34.45
C LEU O 432 32.34 25.36 -35.36
N LYS O 433 31.99 25.79 -36.57
CA LYS O 433 33.00 26.27 -37.51
C LYS O 433 33.60 27.59 -37.07
N GLU O 434 32.97 28.32 -36.16
CA GLU O 434 33.46 29.60 -35.69
C GLU O 434 33.69 29.62 -34.18
N LYS O 435 33.76 28.45 -33.54
CA LYS O 435 34.03 28.37 -32.11
C LYS O 435 35.16 27.36 -31.85
N PHE O 436 36.39 27.79 -32.10
CA PHE O 436 37.63 27.15 -31.64
C PHE O 436 38.53 28.20 -31.04
N SER O 437 39.29 27.81 -30.02
CA SER O 437 40.31 28.67 -29.45
C SER O 437 41.44 27.82 -28.91
N ALA O 438 42.68 28.26 -29.16
CA ALA O 438 43.84 27.54 -28.67
C ALA O 438 44.15 27.86 -27.21
N ASP O 439 43.53 28.88 -26.65
CA ASP O 439 43.69 29.22 -25.23
C ASP O 439 42.89 28.20 -24.45
N LEU O 440 43.56 27.09 -24.11
CA LEU O 440 42.86 25.93 -23.56
C LEU O 440 42.47 26.13 -22.10
N ASP O 441 43.25 26.91 -21.34
CA ASP O 441 42.99 27.08 -19.92
C ASP O 441 41.99 28.19 -19.62
N GLN O 442 41.38 28.78 -20.63
CA GLN O 442 40.37 29.82 -20.45
C GLN O 442 38.97 29.25 -20.28
N PHE O 443 38.82 27.92 -20.26
CA PHE O 443 37.53 27.26 -20.22
C PHE O 443 37.52 26.16 -19.17
N PRO O 444 36.35 25.84 -18.61
CA PRO O 444 36.31 24.83 -17.54
C PRO O 444 36.85 23.46 -17.92
N LEU O 445 36.57 22.99 -19.15
CA LEU O 445 37.02 21.67 -19.56
C LEU O 445 38.51 21.65 -19.88
N GLY O 446 39.04 22.74 -20.43
CA GLY O 446 40.46 22.81 -20.70
C GLY O 446 41.31 22.78 -19.45
N ARG O 447 40.82 23.39 -18.36
CA ARG O 447 41.55 23.32 -17.10
C ARG O 447 41.65 21.88 -16.61
N LYS O 448 40.55 21.12 -16.68
CA LYS O 448 40.59 19.72 -16.28
C LYS O 448 41.50 18.91 -17.20
N PHE O 449 41.46 19.18 -18.50
CA PHE O 449 42.32 18.47 -19.43
C PHE O 449 43.79 18.72 -19.13
N LEU O 450 44.16 19.97 -18.85
CA LEU O 450 45.54 20.27 -18.51
C LEU O 450 45.91 19.72 -17.13
N LEU O 451 44.93 19.58 -16.23
CA LEU O 451 45.20 19.09 -14.90
C LEU O 451 45.47 17.58 -14.92
N GLN O 452 44.73 16.83 -15.74
CA GLN O 452 44.94 15.38 -15.77
C GLN O 452 46.28 15.00 -16.38
N ALA O 453 46.94 15.91 -17.08
CA ALA O 453 48.22 15.62 -17.70
C ALA O 453 49.22 16.74 -17.42
#